data_6ED3
#
_entry.id   6ED3
#
_entity_poly.entity_id   1
_entity_poly.type   'polypeptide(L)'
_entity_poly.pdbx_seq_one_letter_code
;MDSFNPTTKTQAALTAALQAASTAGNPEIRPAHLLMALLTQNDGIAAPLLEAVGVEPATVRAETQRLLDRLPQATGASTQ
PQLSRESLAAITTAQQLATELDDEYVSTEHVMVGLATGDSDVAKLLTGHGASPQALREAFVKVRGSARVTSPEPEATYQA
LQKYSTDLTARAREGKLDPVIGRDNEIRRVVQVLSRRTKNNPVLIGEPGVGKTAIVEGLAQRIVAGDVPESLRDKTIVAL
DLGSMVAGSKYRGEFEERLKAVLDDIKNSAGQIITFIDELHTIVGAGATGEGAMDAGNMIKPMLARGELRLVGATTLDEY
RKHIEKDAALERRFQQVYVGEPSVEDTIGILRGLKDRYEVHHGVRITDSALVAAATLSDRYITARFLPDKAIDLVDEAAS
RLRMEIDSRPVEIDEVERLVRRLEIEEMALSKEEDEASAERLAKLRSELADQKEKLAELTTRWQNEKNAIEIVRDLKEQL
EALRGESERAERDGDLAKAAELRYGRIPEVEKKLDAALPQAQAREQVMLKEEVGPDDIADVVSAWTGIPAGRLLEGETAK
LLRMEDELGKRVIGQKAAVTAVSDAVRRSRAGVSDPNRPTGAFMFLGPTGVGKTELAKALADFLFDDERAMVRIDMSEYG
EKHTVARLIGAPPGYVGYEAGGQLTEAVRRRPYTVVLFDEIEKAHPDVFDVLLQVLDEGRLTDGHGRTVDFRNTILILTS
NLGSGGSAEQVLAAVRATFKPEFINRLDDVLIFEGLNPEELVRIVDIQLAQLGKRLAQRRLQLQVSLPAKRWLAQRGFDP
VYGARPLRRLVQQAIGDQLAKMLLAGQVHDGDTVPVNVSPDADSLILG
;
_entity_poly.pdbx_strand_id   A,B,C,D,E,F
#
# COMPACT_ATOMS: atom_id res chain seq x y z
N GLN A 159 -18.56 -42.09 15.90
CA GLN A 159 -19.20 -41.43 17.04
C GLN A 159 -18.94 -39.93 17.03
N ALA A 160 -17.84 -39.52 16.39
CA ALA A 160 -17.48 -38.10 16.36
C ALA A 160 -18.41 -37.29 15.49
N LEU A 161 -19.13 -37.93 14.56
CA LEU A 161 -20.08 -37.23 13.73
C LEU A 161 -21.33 -36.81 14.49
N GLN A 162 -21.51 -37.27 15.72
CA GLN A 162 -22.61 -36.80 16.54
C GLN A 162 -22.45 -35.33 16.91
N LYS A 163 -21.22 -34.85 16.97
CA LYS A 163 -20.92 -33.55 17.53
C LYS A 163 -20.76 -32.46 16.48
N TYR A 164 -20.49 -32.82 15.22
CA TYR A 164 -20.32 -31.82 14.17
C TYR A 164 -21.27 -32.04 13.00
N SER A 165 -22.52 -32.44 13.25
CA SER A 165 -23.44 -32.70 12.17
C SER A 165 -24.87 -32.68 12.68
N THR A 166 -25.80 -32.48 11.73
CA THR A 166 -27.20 -32.76 11.94
C THR A 166 -27.48 -34.18 11.46
N ASP A 167 -28.75 -34.53 11.31
CA ASP A 167 -29.12 -35.86 10.85
C ASP A 167 -30.48 -35.74 10.17
N LEU A 168 -30.48 -35.65 8.84
CA LEU A 168 -31.73 -35.47 8.12
C LEU A 168 -32.61 -36.70 8.17
N THR A 169 -32.02 -37.89 8.30
CA THR A 169 -32.82 -39.08 8.36
C THR A 169 -33.60 -39.14 9.68
N ALA A 170 -32.97 -38.70 10.76
CA ALA A 170 -33.64 -38.67 12.06
C ALA A 170 -34.75 -37.63 12.09
N ARG A 171 -34.63 -36.55 11.33
CA ARG A 171 -35.74 -35.60 11.23
C ARG A 171 -36.79 -36.08 10.24
N ALA A 172 -36.40 -36.89 9.26
CA ALA A 172 -37.37 -37.42 8.32
C ALA A 172 -38.22 -38.51 8.95
N ARG A 173 -37.69 -39.20 9.95
CA ARG A 173 -38.43 -40.29 10.58
C ARG A 173 -39.51 -39.83 11.54
N GLU A 174 -39.79 -38.53 11.62
CA GLU A 174 -40.96 -38.05 12.35
C GLU A 174 -41.80 -37.11 11.49
N GLY A 175 -41.60 -37.14 10.17
CA GLY A 175 -42.44 -36.38 9.27
C GLY A 175 -42.25 -34.88 9.31
N LYS A 176 -41.03 -34.42 9.61
CA LYS A 176 -40.75 -33.00 9.77
C LYS A 176 -40.15 -32.37 8.52
N LEU A 177 -40.49 -32.89 7.35
CA LEU A 177 -40.00 -32.36 6.08
C LEU A 177 -41.17 -32.10 5.17
N ASP A 178 -41.09 -31.01 4.40
CA ASP A 178 -42.16 -30.66 3.49
C ASP A 178 -42.19 -31.63 2.31
N PRO A 179 -43.37 -32.09 1.90
CA PRO A 179 -43.43 -33.15 0.88
C PRO A 179 -42.97 -32.68 -0.48
N VAL A 180 -42.20 -33.54 -1.13
CA VAL A 180 -41.54 -33.24 -2.39
C VAL A 180 -42.32 -33.91 -3.50
N ILE A 181 -42.92 -33.10 -4.37
CA ILE A 181 -43.80 -33.60 -5.41
C ILE A 181 -43.26 -33.19 -6.76
N GLY A 182 -43.13 -34.17 -7.64
CA GLY A 182 -42.56 -33.97 -8.96
C GLY A 182 -41.17 -34.55 -9.06
N ARG A 183 -40.60 -34.37 -10.26
CA ARG A 183 -39.18 -34.56 -10.54
C ARG A 183 -38.71 -35.99 -10.28
N ASP A 184 -39.23 -36.92 -11.06
CA ASP A 184 -38.72 -38.28 -10.96
C ASP A 184 -37.37 -38.43 -11.64
N ASN A 185 -37.12 -37.63 -12.67
CA ASN A 185 -35.91 -37.78 -13.49
C ASN A 185 -34.66 -37.45 -12.70
N GLU A 186 -34.69 -36.38 -11.91
CA GLU A 186 -33.52 -36.01 -11.14
C GLU A 186 -33.26 -36.99 -10.00
N ILE A 187 -34.31 -37.53 -9.39
CA ILE A 187 -34.11 -38.53 -8.34
C ILE A 187 -33.49 -39.80 -8.91
N ARG A 188 -34.00 -40.26 -10.07
CA ARG A 188 -33.42 -41.44 -10.71
C ARG A 188 -31.98 -41.18 -11.15
N ARG A 189 -31.68 -39.96 -11.58
CA ARG A 189 -30.32 -39.63 -11.99
C ARG A 189 -29.37 -39.59 -10.79
N VAL A 190 -29.83 -39.10 -9.65
CA VAL A 190 -28.98 -39.10 -8.45
C VAL A 190 -28.73 -40.52 -7.96
N VAL A 191 -29.76 -41.37 -8.00
CA VAL A 191 -29.57 -42.78 -7.61
C VAL A 191 -28.65 -43.50 -8.58
N GLN A 192 -28.72 -43.16 -9.88
CA GLN A 192 -27.82 -43.75 -10.87
C GLN A 192 -26.37 -43.35 -10.61
N VAL A 193 -26.12 -42.07 -10.33
CA VAL A 193 -24.74 -41.62 -10.18
C VAL A 193 -24.17 -42.06 -8.83
N LEU A 194 -24.97 -42.10 -7.79
CA LEU A 194 -24.45 -42.34 -6.45
C LEU A 194 -24.10 -43.80 -6.21
N SER A 195 -24.44 -44.71 -7.12
CA SER A 195 -24.22 -46.14 -6.91
C SER A 195 -23.23 -46.74 -7.89
N ARG A 196 -22.45 -45.93 -8.59
CA ARG A 196 -21.37 -46.47 -9.41
C ARG A 196 -20.19 -46.86 -8.54
N ARG A 197 -19.12 -47.35 -9.16
CA ARG A 197 -18.04 -47.95 -8.37
C ARG A 197 -17.11 -46.89 -7.81
N THR A 198 -16.44 -46.14 -8.67
CA THR A 198 -15.54 -45.09 -8.23
C THR A 198 -16.00 -43.74 -8.75
N LYS A 199 -15.52 -42.69 -8.06
CA LYS A 199 -15.87 -41.29 -8.33
C LYS A 199 -17.38 -41.09 -8.23
N ASN A 200 -17.96 -41.59 -7.14
CA ASN A 200 -19.41 -41.59 -6.98
C ASN A 200 -19.86 -40.45 -6.07
N ASN A 201 -19.94 -39.25 -6.63
CA ASN A 201 -20.39 -38.09 -5.86
C ASN A 201 -20.95 -36.99 -6.74
N PRO A 202 -22.28 -36.86 -6.84
CA PRO A 202 -22.86 -35.88 -7.75
C PRO A 202 -22.80 -34.48 -7.16
N VAL A 203 -23.16 -33.50 -7.99
CA VAL A 203 -23.30 -32.10 -7.61
C VAL A 203 -24.55 -31.56 -8.30
N LEU A 204 -25.48 -31.04 -7.52
CA LEU A 204 -26.67 -30.42 -8.09
C LEU A 204 -26.35 -28.98 -8.46
N ILE A 205 -26.75 -28.57 -9.67
CA ILE A 205 -26.39 -27.27 -10.22
C ILE A 205 -27.60 -26.69 -10.94
N GLY A 206 -27.98 -25.48 -10.58
CA GLY A 206 -29.04 -24.79 -11.28
C GLY A 206 -29.14 -23.36 -10.79
N GLU A 207 -29.90 -22.56 -11.52
CA GLU A 207 -30.17 -21.20 -11.10
C GLU A 207 -31.00 -21.22 -9.82
N PRO A 208 -30.82 -20.24 -8.93
CA PRO A 208 -31.33 -20.41 -7.56
C PRO A 208 -32.84 -20.25 -7.46
N GLY A 209 -33.42 -21.04 -6.58
CA GLY A 209 -34.85 -21.02 -6.34
C GLY A 209 -35.60 -22.13 -7.03
N VAL A 210 -34.96 -22.90 -7.91
CA VAL A 210 -35.70 -23.92 -8.65
C VAL A 210 -35.90 -25.19 -7.86
N GLY A 211 -35.29 -25.32 -6.70
CA GLY A 211 -35.44 -26.51 -5.90
C GLY A 211 -34.23 -27.41 -6.06
N LYS A 212 -33.31 -27.32 -5.16
CA LYS A 212 -32.17 -28.23 -5.14
C LYS A 212 -32.02 -28.91 -3.79
N THR A 213 -32.34 -28.21 -2.70
CA THR A 213 -32.46 -28.86 -1.41
C THR A 213 -33.66 -29.79 -1.40
N ALA A 214 -34.70 -29.45 -2.16
CA ALA A 214 -35.91 -30.26 -2.22
C ALA A 214 -35.65 -31.62 -2.81
N ILE A 215 -34.69 -31.74 -3.72
CA ILE A 215 -34.36 -33.04 -4.30
C ILE A 215 -33.70 -33.95 -3.26
N VAL A 216 -32.81 -33.39 -2.44
CA VAL A 216 -32.14 -34.21 -1.43
C VAL A 216 -33.10 -34.59 -0.32
N GLU A 217 -34.02 -33.68 0.02
CA GLU A 217 -35.06 -34.05 0.99
C GLU A 217 -36.02 -35.08 0.42
N GLY A 218 -36.30 -35.02 -0.90
CA GLY A 218 -37.09 -36.07 -1.52
C GLY A 218 -36.37 -37.40 -1.56
N LEU A 219 -35.05 -37.38 -1.73
CA LEU A 219 -34.26 -38.60 -1.66
C LEU A 219 -34.31 -39.20 -0.27
N ALA A 220 -34.27 -38.36 0.76
CA ALA A 220 -34.38 -38.87 2.13
C ALA A 220 -35.76 -39.46 2.38
N GLN A 221 -36.82 -38.81 1.86
CA GLN A 221 -38.16 -39.36 1.97
C GLN A 221 -38.27 -40.71 1.26
N ARG A 222 -37.64 -40.83 0.10
CA ARG A 222 -37.76 -42.06 -0.67
C ARG A 222 -36.91 -43.17 -0.07
N ILE A 223 -35.83 -42.83 0.64
CA ILE A 223 -35.06 -43.85 1.35
C ILE A 223 -35.82 -44.35 2.56
N VAL A 224 -36.38 -43.44 3.35
CA VAL A 224 -37.10 -43.86 4.55
C VAL A 224 -38.39 -44.60 4.18
N ALA A 225 -39.00 -44.25 3.05
CA ALA A 225 -40.10 -45.05 2.54
C ALA A 225 -39.60 -46.40 2.04
N GLY A 226 -38.64 -46.39 1.11
CA GLY A 226 -38.03 -47.62 0.66
C GLY A 226 -38.22 -47.98 -0.80
N ASP A 227 -38.31 -46.98 -1.68
CA ASP A 227 -38.49 -47.22 -3.10
C ASP A 227 -37.17 -47.35 -3.86
N VAL A 228 -36.06 -47.42 -3.15
CA VAL A 228 -34.72 -47.40 -3.72
C VAL A 228 -34.35 -48.81 -4.18
N PRO A 229 -33.23 -49.02 -4.90
CA PRO A 229 -32.76 -50.40 -5.12
C PRO A 229 -32.17 -51.03 -3.88
N GLU A 230 -31.59 -52.22 -4.06
CA GLU A 230 -31.18 -53.05 -2.92
C GLU A 230 -30.00 -52.45 -2.18
N SER A 231 -28.94 -52.11 -2.89
CA SER A 231 -27.75 -51.54 -2.24
C SER A 231 -27.82 -50.03 -2.13
N LEU A 232 -28.96 -49.55 -1.63
CA LEU A 232 -29.07 -48.17 -1.17
C LEU A 232 -29.97 -48.11 0.06
N ARG A 233 -30.48 -49.26 0.50
CA ARG A 233 -31.44 -49.30 1.59
C ARG A 233 -30.75 -49.08 2.93
N ASP A 234 -31.35 -48.22 3.75
CA ASP A 234 -30.95 -47.96 5.14
C ASP A 234 -29.50 -47.48 5.24
N LYS A 235 -29.26 -46.33 4.61
CA LYS A 235 -27.96 -45.66 4.63
C LYS A 235 -28.26 -44.21 4.97
N THR A 236 -28.04 -43.81 6.22
CA THR A 236 -28.50 -42.51 6.68
C THR A 236 -27.68 -41.38 6.08
N ILE A 237 -28.34 -40.26 5.81
CA ILE A 237 -27.71 -39.11 5.20
C ILE A 237 -27.32 -38.14 6.30
N VAL A 238 -26.04 -38.12 6.62
CA VAL A 238 -25.52 -37.29 7.70
C VAL A 238 -25.00 -36.00 7.07
N ALA A 239 -25.71 -34.90 7.29
CA ALA A 239 -25.34 -33.62 6.71
C ALA A 239 -24.20 -33.00 7.51
N LEU A 240 -23.06 -32.81 6.86
CA LEU A 240 -21.90 -32.24 7.51
C LEU A 240 -22.01 -30.73 7.60
N ASP A 241 -20.98 -30.12 8.18
CA ASP A 241 -20.84 -28.68 8.27
C ASP A 241 -19.38 -28.32 8.07
N LEU A 242 -19.15 -27.05 7.75
CA LEU A 242 -17.81 -26.47 7.80
C LEU A 242 -17.78 -25.18 8.59
N GLY A 243 -18.92 -24.68 9.03
CA GLY A 243 -18.96 -23.51 9.87
C GLY A 243 -18.71 -23.88 11.31
N SER A 244 -19.39 -24.93 11.77
CA SER A 244 -19.26 -25.36 13.15
C SER A 244 -17.93 -26.05 13.41
N MET A 245 -17.24 -26.48 12.38
CA MET A 245 -16.01 -27.23 12.59
C MET A 245 -14.81 -26.32 12.82
N GLU A 254 -7.87 -25.44 15.51
CA GLU A 254 -9.06 -26.14 15.99
C GLU A 254 -9.94 -26.61 14.84
N PHE A 255 -10.06 -25.78 13.80
CA PHE A 255 -10.92 -26.12 12.66
C PHE A 255 -10.45 -27.36 11.92
N GLU A 256 -9.14 -27.42 11.65
CA GLU A 256 -8.60 -28.54 10.91
C GLU A 256 -8.65 -29.82 11.73
N GLU A 257 -8.48 -29.71 13.06
CA GLU A 257 -8.68 -30.84 13.96
C GLU A 257 -10.11 -31.35 13.92
N ARG A 258 -11.07 -30.43 13.92
CA ARG A 258 -12.48 -30.81 13.91
C ARG A 258 -12.84 -31.50 12.60
N LEU A 259 -12.35 -30.97 11.48
CA LEU A 259 -12.63 -31.57 10.19
C LEU A 259 -11.95 -32.93 10.05
N LYS A 260 -10.74 -33.08 10.59
CA LYS A 260 -10.08 -34.38 10.52
C LYS A 260 -10.77 -35.39 11.41
N ALA A 261 -11.35 -34.95 12.53
CA ALA A 261 -12.16 -35.85 13.35
C ALA A 261 -13.40 -36.32 12.60
N VAL A 262 -14.04 -35.41 11.86
CA VAL A 262 -15.22 -35.78 11.07
C VAL A 262 -14.85 -36.77 9.98
N LEU A 263 -13.75 -36.52 9.28
CA LEU A 263 -13.35 -37.41 8.17
C LEU A 263 -12.89 -38.76 8.70
N ASP A 264 -12.21 -38.78 9.84
CA ASP A 264 -11.80 -40.03 10.47
C ASP A 264 -13.01 -40.83 10.91
N ASP A 265 -14.05 -40.15 11.41
CA ASP A 265 -15.24 -40.85 11.84
C ASP A 265 -16.01 -41.41 10.66
N ILE A 266 -15.99 -40.72 9.51
CA ILE A 266 -16.63 -41.26 8.32
C ILE A 266 -15.86 -42.48 7.80
N LYS A 267 -14.54 -42.34 7.65
CA LYS A 267 -13.70 -43.41 7.10
C LYS A 267 -13.63 -44.62 8.04
N ASN A 268 -13.84 -44.40 9.33
CA ASN A 268 -13.81 -45.49 10.30
C ASN A 268 -15.07 -46.34 10.18
N SER A 269 -15.65 -46.37 8.99
CA SER A 269 -16.86 -47.15 8.74
C SER A 269 -17.08 -47.32 7.23
N ALA A 270 -17.76 -48.40 6.86
CA ALA A 270 -18.04 -48.68 5.45
C ALA A 270 -19.43 -49.27 5.27
N GLY A 271 -20.08 -48.92 4.17
CA GLY A 271 -21.41 -49.41 3.87
C GLY A 271 -22.49 -48.57 4.53
N GLN A 272 -22.80 -47.42 3.94
CA GLN A 272 -23.82 -46.53 4.47
C GLN A 272 -23.20 -45.24 4.99
N ILE A 273 -23.17 -44.22 4.14
CA ILE A 273 -22.61 -42.93 4.52
C ILE A 273 -23.56 -41.79 4.19
N ILE A 274 -23.10 -40.56 4.36
CA ILE A 274 -23.91 -39.39 4.08
C ILE A 274 -23.22 -38.45 3.09
N THR A 275 -22.40 -37.55 3.63
CA THR A 275 -21.68 -36.59 2.79
C THR A 275 -22.63 -35.70 2.01
N PHE A 276 -23.33 -34.82 2.73
CA PHE A 276 -24.29 -33.91 2.10
C PHE A 276 -23.90 -32.45 2.36
N ILE A 277 -22.66 -32.12 2.03
CA ILE A 277 -22.17 -30.76 2.23
C ILE A 277 -22.99 -29.86 1.33
N ASP A 278 -23.88 -29.08 1.94
CA ASP A 278 -24.65 -28.10 1.21
C ASP A 278 -23.84 -26.82 1.06
N GLU A 279 -23.92 -26.20 -0.12
CA GLU A 279 -23.16 -25.02 -0.52
C GLU A 279 -21.65 -25.28 -0.39
N LEU A 280 -21.18 -26.20 -1.22
CA LEU A 280 -19.80 -26.65 -1.13
C LEU A 280 -18.82 -25.73 -1.83
N HIS A 281 -19.22 -24.54 -2.24
CA HIS A 281 -18.23 -23.63 -2.81
C HIS A 281 -17.36 -22.97 -1.75
N THR A 282 -17.63 -23.21 -0.46
CA THR A 282 -16.78 -22.77 0.63
C THR A 282 -15.72 -23.80 0.99
N ILE A 283 -15.68 -24.94 0.30
CA ILE A 283 -14.80 -26.02 0.71
C ILE A 283 -13.36 -25.78 0.28
N VAL A 284 -13.13 -24.80 -0.60
CA VAL A 284 -11.77 -24.49 -1.04
C VAL A 284 -10.99 -23.82 0.07
N GLY A 285 -11.60 -22.87 0.78
CA GLY A 285 -10.87 -22.07 1.74
C GLY A 285 -10.63 -22.71 3.10
N MET A 299 -6.62 -32.12 1.84
CA MET A 299 -6.45 -33.48 2.35
C MET A 299 -7.68 -34.35 2.08
N ILE A 300 -8.78 -33.76 1.61
CA ILE A 300 -9.93 -34.53 1.20
C ILE A 300 -9.79 -34.98 -0.25
N LYS A 301 -8.80 -34.46 -0.97
CA LYS A 301 -8.64 -34.79 -2.38
C LYS A 301 -8.33 -36.25 -2.69
N PRO A 302 -7.46 -36.99 -1.97
CA PRO A 302 -7.31 -38.41 -2.30
C PRO A 302 -8.51 -39.26 -1.90
N MET A 303 -9.28 -38.82 -0.91
CA MET A 303 -10.42 -39.62 -0.47
C MET A 303 -11.56 -39.59 -1.47
N LEU A 304 -11.66 -38.51 -2.25
CA LEU A 304 -12.78 -38.37 -3.18
C LEU A 304 -12.65 -39.33 -4.35
N ALA A 305 -11.45 -39.42 -4.93
CA ALA A 305 -11.27 -40.18 -6.16
C ALA A 305 -11.26 -41.67 -5.94
N ARG A 306 -10.92 -42.14 -4.74
CA ARG A 306 -10.92 -43.57 -4.49
C ARG A 306 -12.33 -44.12 -4.41
N GLY A 307 -13.26 -43.34 -3.88
CA GLY A 307 -14.66 -43.71 -3.88
C GLY A 307 -15.26 -44.06 -2.54
N GLU A 308 -14.64 -43.64 -1.44
CA GLU A 308 -15.12 -44.06 -0.13
C GLU A 308 -16.30 -43.21 0.33
N LEU A 309 -16.07 -41.92 0.50
CA LEU A 309 -17.08 -41.04 1.08
C LEU A 309 -18.01 -40.54 -0.02
N ARG A 310 -19.29 -40.81 0.14
CA ARG A 310 -20.29 -40.37 -0.81
C ARG A 310 -20.72 -38.96 -0.46
N LEU A 311 -20.73 -38.08 -1.45
CA LEU A 311 -20.90 -36.66 -1.20
C LEU A 311 -21.92 -36.08 -2.17
N VAL A 312 -22.92 -35.40 -1.64
CA VAL A 312 -23.95 -34.75 -2.44
C VAL A 312 -23.93 -33.26 -2.11
N GLY A 313 -23.97 -32.42 -3.15
CA GLY A 313 -23.84 -30.99 -2.94
C GLY A 313 -24.89 -30.20 -3.70
N ALA A 314 -24.79 -28.89 -3.58
CA ALA A 314 -25.73 -27.98 -4.24
C ALA A 314 -25.08 -26.61 -4.32
N THR A 315 -24.81 -26.16 -5.54
CA THR A 315 -24.27 -24.82 -5.75
C THR A 315 -25.22 -24.03 -6.63
N THR A 316 -25.07 -22.71 -6.59
CA THR A 316 -25.66 -21.93 -7.65
C THR A 316 -24.80 -22.07 -8.89
N LEU A 317 -25.37 -21.69 -10.03
CA LEU A 317 -24.67 -21.89 -11.28
C LEU A 317 -23.52 -20.90 -11.45
N ASP A 318 -23.56 -19.76 -10.77
CA ASP A 318 -22.60 -18.70 -10.99
C ASP A 318 -21.64 -18.47 -9.83
N GLU A 319 -21.81 -19.16 -8.70
CA GLU A 319 -20.72 -19.23 -7.74
C GLU A 319 -19.80 -20.40 -8.06
N TYR A 320 -20.31 -21.36 -8.82
CA TYR A 320 -19.55 -22.53 -9.23
C TYR A 320 -18.35 -22.14 -10.08
N ARG A 321 -18.59 -21.36 -11.13
CA ARG A 321 -17.52 -20.98 -12.05
C ARG A 321 -16.57 -19.95 -11.44
N LYS A 322 -16.89 -19.38 -10.29
CA LYS A 322 -15.97 -18.49 -9.62
C LYS A 322 -15.13 -19.18 -8.56
N HIS A 323 -15.70 -20.12 -7.81
CA HIS A 323 -14.92 -20.72 -6.73
C HIS A 323 -14.35 -22.09 -7.04
N ILE A 324 -14.97 -22.89 -7.90
CA ILE A 324 -14.58 -24.28 -8.10
C ILE A 324 -13.85 -24.49 -9.42
N GLU A 325 -14.37 -23.92 -10.50
CA GLU A 325 -13.75 -24.04 -11.82
C GLU A 325 -12.41 -23.31 -11.94
N LYS A 326 -12.05 -22.50 -10.95
CA LYS A 326 -10.71 -21.94 -10.83
C LYS A 326 -9.70 -22.99 -10.40
N ASP A 327 -10.16 -24.13 -9.87
CA ASP A 327 -9.33 -25.10 -9.16
C ASP A 327 -9.50 -26.48 -9.79
N ALA A 328 -9.23 -26.56 -11.11
CA ALA A 328 -9.59 -27.67 -11.99
C ALA A 328 -9.11 -29.06 -11.56
N ALA A 329 -8.24 -29.17 -10.56
CA ALA A 329 -7.94 -30.48 -10.03
C ALA A 329 -9.12 -31.07 -9.27
N LEU A 330 -9.90 -30.22 -8.58
CA LEU A 330 -11.03 -30.72 -7.82
C LEU A 330 -12.18 -31.13 -8.72
N GLU A 331 -12.57 -30.25 -9.65
CA GLU A 331 -13.82 -30.38 -10.38
C GLU A 331 -13.84 -31.55 -11.35
N ARG A 332 -12.72 -32.25 -11.53
CA ARG A 332 -12.75 -33.47 -12.32
C ARG A 332 -13.40 -34.60 -11.57
N ARG A 333 -13.40 -34.53 -10.24
CA ARG A 333 -13.97 -35.58 -9.40
C ARG A 333 -15.44 -35.41 -9.05
N PHE A 334 -16.20 -34.74 -9.91
CA PHE A 334 -17.62 -34.56 -9.63
C PHE A 334 -18.44 -34.96 -10.85
N GLN A 335 -19.75 -34.88 -10.71
CA GLN A 335 -20.69 -35.17 -11.79
C GLN A 335 -21.76 -34.10 -11.77
N GLN A 336 -21.75 -33.22 -12.76
CA GLN A 336 -22.68 -32.10 -12.80
C GLN A 336 -24.06 -32.60 -13.19
N VAL A 337 -25.04 -32.40 -12.32
CA VAL A 337 -26.42 -32.77 -12.57
C VAL A 337 -27.20 -31.47 -12.69
N TYR A 338 -27.50 -31.08 -13.92
CA TYR A 338 -28.19 -29.82 -14.14
C TYR A 338 -29.64 -29.95 -13.73
N VAL A 339 -30.19 -28.89 -13.15
CA VAL A 339 -31.59 -28.83 -12.77
C VAL A 339 -32.16 -27.56 -13.37
N GLY A 340 -33.15 -27.69 -14.24
CA GLY A 340 -33.80 -26.56 -14.84
C GLY A 340 -35.13 -26.26 -14.20
N GLU A 341 -35.59 -25.02 -14.36
CA GLU A 341 -36.86 -24.61 -13.79
C GLU A 341 -38.00 -25.27 -14.56
N PRO A 342 -39.13 -25.52 -13.92
CA PRO A 342 -40.28 -26.07 -14.62
C PRO A 342 -41.05 -24.98 -15.35
N SER A 343 -42.11 -25.40 -16.04
CA SER A 343 -43.06 -24.47 -16.63
C SER A 343 -44.21 -24.25 -15.64
N VAL A 344 -45.30 -23.65 -16.12
CA VAL A 344 -46.45 -23.39 -15.25
C VAL A 344 -47.19 -24.67 -14.93
N GLU A 345 -47.24 -25.60 -15.90
CA GLU A 345 -48.09 -26.78 -15.82
C GLU A 345 -47.67 -27.72 -14.70
N ASP A 346 -46.39 -27.77 -14.37
CA ASP A 346 -45.97 -28.57 -13.21
C ASP A 346 -46.10 -27.78 -11.91
N THR A 347 -46.00 -26.44 -11.99
CA THR A 347 -46.11 -25.62 -10.79
C THR A 347 -47.52 -25.65 -10.23
N ILE A 348 -48.52 -25.80 -11.11
CA ILE A 348 -49.90 -25.95 -10.63
C ILE A 348 -50.03 -27.23 -9.82
N GLY A 349 -49.34 -28.29 -10.23
CA GLY A 349 -49.35 -29.52 -9.46
C GLY A 349 -48.61 -29.40 -8.15
N ILE A 350 -47.49 -28.66 -8.15
CA ILE A 350 -46.74 -28.43 -6.92
C ILE A 350 -47.58 -27.64 -5.91
N LEU A 351 -48.28 -26.61 -6.39
CA LEU A 351 -49.11 -25.80 -5.52
C LEU A 351 -50.32 -26.56 -5.03
N ARG A 352 -50.88 -27.47 -5.84
CA ARG A 352 -51.94 -28.33 -5.31
C ARG A 352 -51.40 -29.31 -4.29
N GLY A 353 -50.13 -29.67 -4.39
CA GLY A 353 -49.56 -30.57 -3.42
C GLY A 353 -49.32 -29.90 -2.06
N LEU A 354 -48.73 -28.71 -2.08
CA LEU A 354 -48.35 -28.05 -0.84
C LEU A 354 -49.45 -27.19 -0.25
N LYS A 355 -50.69 -27.39 -0.68
CA LYS A 355 -51.78 -26.56 -0.20
C LYS A 355 -52.10 -26.82 1.27
N ASP A 356 -51.94 -28.06 1.72
CA ASP A 356 -52.39 -28.43 3.04
C ASP A 356 -51.49 -27.91 4.15
N ARG A 357 -50.22 -27.61 3.84
CA ARG A 357 -49.29 -27.27 4.90
C ARG A 357 -49.52 -25.87 5.43
N TYR A 358 -49.92 -24.94 4.59
CA TYR A 358 -50.12 -23.56 5.04
C TYR A 358 -51.50 -23.36 5.66
N GLU A 359 -52.46 -24.23 5.34
CA GLU A 359 -53.76 -24.19 5.96
C GLU A 359 -53.71 -24.61 7.43
N VAL A 360 -52.66 -25.29 7.85
CA VAL A 360 -52.53 -25.75 9.23
C VAL A 360 -51.80 -24.72 10.08
N HIS A 361 -50.73 -24.13 9.53
CA HIS A 361 -49.99 -23.12 10.28
C HIS A 361 -50.79 -21.84 10.44
N HIS A 362 -51.32 -21.31 9.33
CA HIS A 362 -52.31 -20.26 9.38
C HIS A 362 -53.67 -20.91 9.28
N GLY A 363 -54.49 -20.77 10.30
CA GLY A 363 -55.77 -21.47 10.34
C GLY A 363 -56.81 -20.89 9.39
N VAL A 364 -56.56 -21.04 8.08
CA VAL A 364 -57.44 -20.52 7.04
C VAL A 364 -57.52 -21.55 5.93
N ARG A 365 -58.61 -21.50 5.18
CA ARG A 365 -58.78 -22.37 4.03
C ARG A 365 -58.31 -21.66 2.77
N ILE A 366 -57.78 -22.44 1.83
CA ILE A 366 -57.29 -21.91 0.56
C ILE A 366 -58.06 -22.58 -0.56
N THR A 367 -58.60 -21.79 -1.47
CA THR A 367 -59.44 -22.26 -2.56
C THR A 367 -58.58 -22.50 -3.80
N ASP A 368 -58.77 -23.65 -4.44
CA ASP A 368 -58.04 -24.03 -5.65
C ASP A 368 -58.41 -23.17 -6.86
N SER A 369 -59.47 -22.36 -6.77
CA SER A 369 -59.72 -21.38 -7.82
C SER A 369 -58.64 -20.31 -7.83
N ALA A 370 -58.22 -19.86 -6.65
CA ALA A 370 -57.15 -18.88 -6.55
C ALA A 370 -55.79 -19.48 -6.83
N LEU A 371 -55.67 -20.79 -6.70
CA LEU A 371 -54.39 -21.44 -6.81
C LEU A 371 -53.93 -21.56 -8.25
N VAL A 372 -54.86 -21.44 -9.20
CA VAL A 372 -54.47 -21.31 -10.60
C VAL A 372 -53.94 -19.91 -10.87
N ALA A 373 -54.61 -18.90 -10.32
CA ALA A 373 -54.25 -17.52 -10.61
C ALA A 373 -52.93 -17.12 -9.97
N ALA A 374 -52.63 -17.66 -8.78
CA ALA A 374 -51.38 -17.33 -8.10
C ALA A 374 -50.14 -17.84 -8.82
N ALA A 375 -50.29 -18.75 -9.78
CA ALA A 375 -49.18 -19.14 -10.63
C ALA A 375 -49.28 -18.57 -12.04
N THR A 376 -50.49 -18.34 -12.55
CA THR A 376 -50.63 -17.73 -13.87
C THR A 376 -50.21 -16.27 -13.86
N LEU A 377 -50.77 -15.50 -12.94
CA LEU A 377 -50.54 -14.07 -12.82
C LEU A 377 -49.16 -13.73 -12.30
N SER A 378 -48.43 -14.69 -11.75
CA SER A 378 -47.07 -14.44 -11.26
C SER A 378 -46.03 -14.72 -12.29
N ASP A 379 -46.34 -14.56 -13.57
CA ASP A 379 -45.34 -14.81 -14.59
C ASP A 379 -45.27 -13.61 -15.52
N ARG A 380 -46.40 -12.95 -15.72
CA ARG A 380 -46.40 -11.76 -16.55
C ARG A 380 -46.12 -10.48 -15.76
N TYR A 381 -46.03 -10.55 -14.44
CA TYR A 381 -45.82 -9.36 -13.62
C TYR A 381 -44.50 -9.40 -12.89
N ILE A 382 -44.21 -10.45 -12.12
CA ILE A 382 -42.99 -10.51 -11.34
C ILE A 382 -41.96 -11.27 -12.17
N THR A 383 -41.07 -10.54 -12.81
CA THR A 383 -40.08 -11.10 -13.70
C THR A 383 -38.68 -10.74 -13.25
N ALA A 384 -38.41 -10.93 -11.97
CA ALA A 384 -37.07 -10.78 -11.45
C ALA A 384 -36.51 -12.05 -10.83
N ARG A 385 -37.31 -12.82 -10.10
CA ARG A 385 -36.87 -14.07 -9.51
C ARG A 385 -37.18 -15.21 -10.47
N PHE A 386 -36.82 -16.42 -10.06
CA PHE A 386 -37.18 -17.60 -10.83
C PHE A 386 -38.44 -18.23 -10.29
N LEU A 387 -38.80 -19.40 -10.78
CA LEU A 387 -40.10 -20.05 -10.59
C LEU A 387 -39.99 -20.91 -9.33
N PRO A 388 -40.76 -22.02 -9.14
CA PRO A 388 -41.73 -22.16 -8.04
C PRO A 388 -41.62 -21.37 -6.74
N ASP A 389 -40.48 -21.00 -6.20
CA ASP A 389 -40.48 -20.29 -4.92
C ASP A 389 -41.15 -18.92 -4.97
N LYS A 390 -41.16 -18.28 -6.13
CA LYS A 390 -41.85 -17.03 -6.29
C LYS A 390 -43.36 -17.19 -6.22
N ALA A 391 -43.90 -18.32 -6.66
CA ALA A 391 -45.33 -18.55 -6.61
C ALA A 391 -45.77 -19.24 -5.33
N ILE A 392 -45.01 -19.08 -4.24
CA ILE A 392 -45.41 -19.61 -2.94
C ILE A 392 -45.47 -18.43 -1.97
N ASP A 393 -44.66 -17.41 -2.25
CA ASP A 393 -44.68 -16.19 -1.45
C ASP A 393 -46.01 -15.46 -1.57
N LEU A 394 -46.68 -15.57 -2.71
CA LEU A 394 -47.97 -14.90 -2.88
C LEU A 394 -49.04 -15.55 -2.03
N VAL A 395 -49.08 -16.89 -2.02
CA VAL A 395 -50.03 -17.62 -1.19
C VAL A 395 -49.76 -17.36 0.29
N ASP A 396 -48.48 -17.31 0.66
CA ASP A 396 -48.10 -17.08 2.05
C ASP A 396 -48.49 -15.67 2.51
N GLU A 397 -48.16 -14.65 1.71
CA GLU A 397 -48.47 -13.30 2.16
C GLU A 397 -49.97 -13.00 2.07
N ALA A 398 -50.69 -13.69 1.17
CA ALA A 398 -52.14 -13.52 1.14
C ALA A 398 -52.79 -14.14 2.36
N ALA A 399 -52.31 -15.31 2.79
CA ALA A 399 -52.82 -15.91 4.02
C ALA A 399 -52.51 -15.05 5.23
N SER A 400 -51.35 -14.39 5.24
CA SER A 400 -51.00 -13.51 6.36
C SER A 400 -51.88 -12.27 6.41
N ARG A 401 -52.14 -11.65 5.25
CA ARG A 401 -53.04 -10.50 5.20
C ARG A 401 -54.45 -10.89 5.60
N LEU A 402 -54.88 -12.12 5.27
CA LEU A 402 -56.21 -12.54 5.66
C LEU A 402 -56.29 -12.80 7.16
N ARG A 403 -55.22 -13.34 7.76
CA ARG A 403 -55.17 -13.46 9.22
C ARG A 403 -55.21 -12.09 9.89
N MET A 404 -54.56 -11.10 9.29
CA MET A 404 -54.64 -9.73 9.81
C MET A 404 -56.06 -9.18 9.75
N GLU A 405 -56.78 -9.45 8.66
CA GLU A 405 -58.16 -8.98 8.59
C GLU A 405 -59.10 -9.76 9.49
N ILE A 406 -58.81 -11.04 9.77
CA ILE A 406 -59.63 -11.81 10.69
C ILE A 406 -59.18 -11.60 12.13
N ASP A 407 -58.17 -10.77 12.36
CA ASP A 407 -57.86 -10.30 13.70
C ASP A 407 -58.91 -9.28 14.17
N LYS A 530 -64.99 -14.29 3.04
CA LYS A 530 -63.73 -13.73 3.54
C LYS A 530 -63.08 -14.70 4.52
N GLU A 531 -63.74 -15.82 4.80
CA GLU A 531 -63.12 -16.85 5.63
C GLU A 531 -62.14 -17.72 4.87
N GLU A 532 -61.96 -17.48 3.57
CA GLU A 532 -60.95 -18.15 2.79
C GLU A 532 -60.34 -17.14 1.83
N VAL A 533 -59.14 -17.45 1.35
CA VAL A 533 -58.52 -16.61 0.34
C VAL A 533 -59.18 -16.87 -1.01
N GLY A 534 -58.98 -15.93 -1.93
CA GLY A 534 -59.56 -16.02 -3.24
C GLY A 534 -58.73 -15.28 -4.27
N PRO A 535 -59.22 -15.20 -5.50
CA PRO A 535 -58.42 -14.60 -6.59
C PRO A 535 -58.25 -13.10 -6.50
N ASP A 536 -58.91 -12.43 -5.56
CA ASP A 536 -58.77 -10.99 -5.40
C ASP A 536 -57.57 -10.61 -4.55
N ASP A 537 -57.32 -11.33 -3.45
CA ASP A 537 -56.26 -10.93 -2.54
C ASP A 537 -54.88 -11.24 -3.13
N ILE A 538 -54.81 -12.21 -4.04
CA ILE A 538 -53.59 -12.44 -4.80
C ILE A 538 -53.25 -11.22 -5.63
N ALA A 539 -54.26 -10.63 -6.28
CA ALA A 539 -54.08 -9.41 -7.03
C ALA A 539 -53.76 -8.23 -6.12
N ASP A 540 -54.30 -8.24 -4.90
CA ASP A 540 -53.99 -7.20 -3.93
C ASP A 540 -52.51 -7.24 -3.54
N VAL A 541 -51.97 -8.45 -3.36
CA VAL A 541 -50.56 -8.59 -3.01
C VAL A 541 -49.68 -8.15 -4.17
N VAL A 542 -50.00 -8.59 -5.40
CA VAL A 542 -49.18 -8.20 -6.53
C VAL A 542 -49.41 -6.76 -6.97
N SER A 543 -50.41 -6.09 -6.40
CA SER A 543 -50.48 -4.65 -6.54
C SER A 543 -49.57 -3.96 -5.54
N ALA A 544 -49.77 -4.27 -4.25
CA ALA A 544 -49.08 -3.55 -3.17
C ALA A 544 -47.59 -3.78 -3.19
N TRP A 545 -47.15 -4.96 -3.60
CA TRP A 545 -45.77 -5.13 -4.00
C TRP A 545 -45.70 -4.93 -5.49
N THR A 546 -44.62 -4.29 -5.94
CA THR A 546 -44.27 -3.88 -7.31
C THR A 546 -45.13 -2.76 -7.88
N GLY A 547 -46.15 -2.35 -7.14
CA GLY A 547 -47.04 -1.28 -7.61
C GLY A 547 -47.51 -1.53 -9.02
N ILE A 548 -47.87 -2.78 -9.31
CA ILE A 548 -48.35 -3.15 -10.63
C ILE A 548 -49.83 -2.84 -10.84
N PRO A 549 -50.52 -2.53 -9.74
CA PRO A 549 -51.94 -2.20 -9.80
C PRO A 549 -52.24 -1.14 -10.84
N ALA A 550 -51.48 -0.05 -10.80
CA ALA A 550 -51.67 1.05 -11.74
C ALA A 550 -51.17 0.68 -13.13
N GLY A 551 -50.19 -0.21 -13.18
CA GLY A 551 -49.63 -0.66 -14.44
C GLY A 551 -50.45 -1.76 -15.09
N ARG A 552 -51.62 -1.39 -15.61
CA ARG A 552 -52.51 -2.35 -16.26
C ARG A 552 -53.09 -3.34 -15.25
N LEU A 553 -54.09 -2.88 -14.50
CA LEU A 553 -54.73 -3.72 -13.50
C LEU A 553 -55.23 -5.03 -14.11
N LEU A 554 -54.37 -6.04 -14.10
CA LEU A 554 -54.69 -7.34 -14.68
C LEU A 554 -54.99 -7.19 -16.17
N GLU A 555 -54.62 -8.20 -16.96
CA GLU A 555 -54.86 -8.15 -18.40
C GLU A 555 -53.94 -9.07 -19.22
N GLY A 556 -54.45 -9.53 -20.37
CA GLY A 556 -53.71 -10.39 -21.26
C GLY A 556 -54.53 -11.54 -21.81
N GLU A 557 -55.83 -11.32 -21.99
CA GLU A 557 -56.76 -12.33 -22.49
C GLU A 557 -56.96 -12.29 -24.01
N THR A 558 -58.20 -12.09 -24.45
CA THR A 558 -58.48 -12.03 -25.88
C THR A 558 -59.30 -10.79 -26.21
N ALA A 559 -60.04 -10.27 -25.23
CA ALA A 559 -60.69 -8.99 -25.37
C ALA A 559 -59.68 -7.86 -25.55
N LYS A 560 -58.49 -7.98 -24.95
CA LYS A 560 -57.46 -6.98 -25.18
C LYS A 560 -56.88 -7.11 -26.58
N LEU A 561 -56.37 -8.31 -26.91
CA LEU A 561 -55.67 -8.52 -28.18
C LEU A 561 -56.58 -8.44 -29.39
N LEU A 562 -57.90 -8.47 -29.19
CA LEU A 562 -58.80 -8.14 -30.29
C LEU A 562 -58.68 -6.68 -30.67
N ARG A 563 -58.50 -5.79 -29.70
CA ARG A 563 -58.38 -4.36 -29.93
C ARG A 563 -56.94 -3.92 -29.63
N MET A 564 -56.08 -4.04 -30.63
CA MET A 564 -54.69 -3.66 -30.40
C MET A 564 -54.22 -2.74 -31.52
N GLU A 565 -54.79 -2.89 -32.71
CA GLU A 565 -54.56 -1.92 -33.76
C GLU A 565 -55.24 -0.59 -33.45
N ASP A 566 -56.29 -0.60 -32.63
CA ASP A 566 -57.01 0.61 -32.27
C ASP A 566 -56.71 1.11 -30.86
N GLU A 567 -56.28 0.23 -29.95
CA GLU A 567 -55.89 0.69 -28.63
C GLU A 567 -54.56 1.44 -28.68
N LEU A 568 -53.67 1.02 -29.58
CA LEU A 568 -52.36 1.64 -29.67
C LEU A 568 -52.44 3.01 -30.34
N GLY A 569 -53.54 3.30 -31.03
CA GLY A 569 -53.71 4.56 -31.72
C GLY A 569 -53.95 5.76 -30.82
N LYS A 570 -54.09 5.55 -29.50
CA LYS A 570 -54.27 6.66 -28.59
C LYS A 570 -52.98 7.40 -28.30
N ARG A 571 -51.84 6.87 -28.73
CA ARG A 571 -50.55 7.52 -28.53
C ARG A 571 -49.75 7.65 -29.82
N VAL A 572 -50.04 6.85 -30.83
CA VAL A 572 -49.43 7.00 -32.15
C VAL A 572 -50.53 7.25 -33.16
N ILE A 573 -50.40 8.32 -33.92
CA ILE A 573 -51.39 8.71 -34.92
C ILE A 573 -50.87 8.37 -36.30
N GLY A 574 -51.72 7.77 -37.12
CA GLY A 574 -51.32 7.43 -38.46
C GLY A 574 -50.41 6.21 -38.45
N GLN A 575 -49.53 6.14 -39.46
CA GLN A 575 -48.54 5.08 -39.64
C GLN A 575 -49.21 3.71 -39.69
N LYS A 576 -50.37 3.66 -40.34
CA LYS A 576 -51.32 2.57 -40.15
C LYS A 576 -50.81 1.26 -40.74
N ALA A 577 -50.04 1.33 -41.82
CA ALA A 577 -49.49 0.12 -42.43
C ALA A 577 -48.32 -0.44 -41.66
N ALA A 578 -47.82 0.25 -40.64
CA ALA A 578 -46.72 -0.25 -39.84
C ALA A 578 -47.12 -0.36 -38.37
N VAL A 579 -48.43 -0.35 -38.12
CA VAL A 579 -48.97 -0.87 -36.88
C VAL A 579 -49.71 -2.18 -37.11
N THR A 580 -50.25 -2.40 -38.31
CA THR A 580 -50.87 -3.67 -38.64
C THR A 580 -49.88 -4.80 -38.85
N ALA A 581 -48.58 -4.52 -38.83
CA ALA A 581 -47.58 -5.58 -38.82
C ALA A 581 -46.97 -5.80 -37.45
N VAL A 582 -46.79 -4.74 -36.66
CA VAL A 582 -46.31 -4.90 -35.29
C VAL A 582 -47.41 -5.55 -34.44
N SER A 583 -48.65 -5.25 -34.74
CA SER A 583 -49.82 -5.83 -34.10
C SER A 583 -50.12 -7.23 -34.59
N ASP A 584 -49.24 -7.83 -35.37
CA ASP A 584 -49.43 -9.17 -35.90
C ASP A 584 -48.42 -10.16 -35.36
N ALA A 585 -47.20 -9.73 -35.06
CA ALA A 585 -46.25 -10.61 -34.41
C ALA A 585 -46.56 -10.83 -32.95
N VAL A 586 -47.52 -10.11 -32.40
CA VAL A 586 -47.99 -10.38 -31.04
C VAL A 586 -49.17 -11.33 -31.06
N ARG A 587 -50.07 -11.18 -32.03
CA ARG A 587 -51.23 -12.07 -32.08
C ARG A 587 -50.84 -13.47 -32.56
N ARG A 588 -49.91 -13.56 -33.51
CA ARG A 588 -49.53 -14.89 -33.94
C ARG A 588 -48.62 -15.60 -32.96
N SER A 589 -48.03 -14.88 -32.01
CA SER A 589 -47.22 -15.51 -31.00
C SER A 589 -48.04 -15.90 -29.78
N ARG A 590 -49.23 -15.33 -29.61
CA ARG A 590 -50.14 -15.76 -28.56
C ARG A 590 -51.16 -16.77 -29.06
N ALA A 591 -51.18 -17.09 -30.34
CA ALA A 591 -52.04 -18.16 -30.81
C ALA A 591 -51.32 -19.49 -30.85
N GLY A 592 -50.00 -19.49 -30.96
CA GLY A 592 -49.25 -20.72 -30.99
C GLY A 592 -48.84 -21.15 -32.37
N VAL A 593 -48.76 -20.21 -33.31
CA VAL A 593 -48.38 -20.53 -34.68
C VAL A 593 -46.92 -20.18 -34.92
N SER A 594 -46.27 -19.50 -33.97
CA SER A 594 -44.93 -18.97 -34.15
C SER A 594 -43.89 -20.07 -34.28
N ASP A 595 -42.77 -19.71 -34.87
CA ASP A 595 -41.69 -20.66 -35.08
C ASP A 595 -40.94 -20.83 -33.76
N PRO A 596 -40.87 -22.05 -33.21
CA PRO A 596 -40.40 -22.20 -31.82
C PRO A 596 -38.90 -22.02 -31.63
N ASN A 597 -38.12 -21.82 -32.69
CA ASN A 597 -36.73 -21.42 -32.55
C ASN A 597 -36.44 -20.25 -33.50
N ARG A 598 -36.83 -19.07 -33.04
CA ARG A 598 -36.69 -17.77 -33.68
C ARG A 598 -37.22 -16.78 -32.66
N PRO A 599 -36.73 -15.54 -32.59
CA PRO A 599 -37.44 -14.52 -31.83
C PRO A 599 -38.82 -14.27 -32.43
N THR A 600 -39.76 -13.90 -31.56
CA THR A 600 -41.16 -13.82 -31.96
C THR A 600 -41.39 -12.72 -32.98
N GLY A 601 -40.59 -11.66 -32.93
CA GLY A 601 -40.59 -10.69 -34.00
C GLY A 601 -39.30 -9.90 -34.01
N ALA A 602 -38.63 -9.84 -35.16
CA ALA A 602 -37.37 -9.13 -35.29
C ALA A 602 -37.42 -8.33 -36.57
N PHE A 603 -37.95 -7.11 -36.48
CA PHE A 603 -38.19 -6.29 -37.65
C PHE A 603 -37.58 -4.91 -37.47
N MET A 604 -37.22 -4.31 -38.59
CA MET A 604 -36.48 -3.05 -38.62
C MET A 604 -37.30 -2.02 -39.35
N PHE A 605 -37.61 -0.90 -38.68
CA PHE A 605 -38.27 0.20 -39.34
C PHE A 605 -37.44 1.47 -39.31
N LEU A 606 -37.50 2.19 -40.42
CA LEU A 606 -36.68 3.37 -40.69
C LEU A 606 -37.49 4.36 -41.49
N GLY A 607 -36.87 5.48 -41.86
CA GLY A 607 -37.56 6.55 -42.54
C GLY A 607 -36.92 7.89 -42.23
N PRO A 608 -37.65 8.98 -42.43
CA PRO A 608 -37.14 10.31 -42.09
C PRO A 608 -37.22 10.53 -40.58
N THR A 609 -36.75 11.68 -40.15
CA THR A 609 -36.73 11.97 -38.72
C THR A 609 -38.04 12.62 -38.27
N GLY A 610 -38.26 12.58 -36.96
CA GLY A 610 -39.42 13.23 -36.36
C GLY A 610 -40.74 12.63 -36.77
N VAL A 611 -40.83 11.31 -36.84
CA VAL A 611 -42.01 10.66 -37.36
C VAL A 611 -42.78 9.90 -36.28
N GLY A 612 -42.09 9.28 -35.33
CA GLY A 612 -42.75 8.50 -34.31
C GLY A 612 -42.20 7.09 -34.23
N LYS A 613 -40.95 6.92 -34.66
CA LYS A 613 -40.37 5.59 -34.71
C LYS A 613 -39.73 5.15 -33.41
N THR A 614 -39.52 6.08 -32.48
CA THR A 614 -39.14 5.72 -31.12
C THR A 614 -40.34 5.73 -30.19
N GLU A 615 -41.32 6.59 -30.47
CA GLU A 615 -42.56 6.63 -29.70
C GLU A 615 -43.38 5.36 -29.87
N LEU A 616 -43.28 4.72 -31.03
CA LEU A 616 -43.98 3.45 -31.22
C LEU A 616 -43.34 2.35 -30.42
N ALA A 617 -42.02 2.28 -30.39
CA ALA A 617 -41.35 1.21 -29.67
C ALA A 617 -41.37 1.41 -28.17
N LYS A 618 -41.87 2.52 -27.67
CA LYS A 618 -42.14 2.69 -26.25
C LYS A 618 -43.63 2.58 -25.94
N ALA A 619 -44.48 2.51 -26.95
CA ALA A 619 -45.90 2.37 -26.75
C ALA A 619 -46.39 0.94 -26.79
N LEU A 620 -45.67 0.06 -27.47
CA LEU A 620 -45.98 -1.35 -27.44
C LEU A 620 -45.26 -2.05 -26.31
N ALA A 621 -44.42 -1.33 -25.57
CA ALA A 621 -43.91 -1.78 -24.29
C ALA A 621 -44.71 -1.21 -23.15
N ASP A 622 -45.92 -0.74 -23.40
CA ASP A 622 -46.72 -0.09 -22.38
C ASP A 622 -47.85 -0.96 -21.89
N PHE A 623 -48.54 -1.68 -22.77
CA PHE A 623 -49.60 -2.55 -22.30
C PHE A 623 -49.13 -3.98 -22.08
N LEU A 624 -47.94 -4.32 -22.55
CA LEU A 624 -47.41 -5.64 -22.22
C LEU A 624 -46.86 -5.68 -20.81
N PHE A 625 -46.37 -4.54 -20.30
CA PHE A 625 -45.67 -4.50 -19.03
C PHE A 625 -46.30 -3.61 -17.98
N ASP A 626 -47.32 -2.82 -18.34
CA ASP A 626 -47.99 -1.82 -17.51
C ASP A 626 -47.07 -0.67 -17.08
N ASP A 627 -45.85 -0.60 -17.61
CA ASP A 627 -44.89 0.48 -17.34
C ASP A 627 -44.27 0.90 -18.66
N GLU A 628 -43.20 1.69 -18.60
CA GLU A 628 -42.49 2.05 -19.81
C GLU A 628 -40.98 2.06 -19.62
N ARG A 629 -40.49 1.59 -18.48
CA ARG A 629 -39.08 1.61 -18.17
C ARG A 629 -38.51 0.23 -17.94
N ALA A 630 -39.30 -0.83 -18.16
CA ALA A 630 -38.85 -2.19 -17.96
C ALA A 630 -38.33 -2.83 -19.24
N MET A 631 -37.79 -2.05 -20.16
CA MET A 631 -37.27 -2.57 -21.41
C MET A 631 -35.76 -2.38 -21.47
N VAL A 632 -35.12 -3.24 -22.27
CA VAL A 632 -33.67 -3.20 -22.43
C VAL A 632 -33.39 -2.16 -23.51
N ARG A 633 -33.03 -0.96 -23.09
CA ARG A 633 -32.76 0.14 -24.00
C ARG A 633 -31.25 0.36 -24.04
N ILE A 634 -30.60 -0.26 -25.01
CA ILE A 634 -29.21 0.02 -25.26
C ILE A 634 -29.16 0.92 -26.47
N ASP A 635 -28.08 1.68 -26.58
CA ASP A 635 -27.93 2.66 -27.66
C ASP A 635 -26.61 2.37 -28.36
N MET A 636 -26.71 1.99 -29.62
CA MET A 636 -25.51 1.69 -30.40
C MET A 636 -25.01 2.90 -31.16
N SER A 637 -25.23 4.10 -30.65
CA SER A 637 -24.66 5.29 -31.22
C SER A 637 -23.24 5.56 -30.71
N GLU A 638 -22.68 4.64 -29.95
CA GLU A 638 -21.40 4.84 -29.29
C GLU A 638 -20.35 3.84 -29.73
N TYR A 639 -20.70 2.87 -30.55
CA TYR A 639 -19.81 1.75 -30.86
C TYR A 639 -19.11 2.01 -32.19
N GLY A 640 -18.37 3.11 -32.24
CA GLY A 640 -17.71 3.48 -33.48
C GLY A 640 -16.51 2.60 -33.79
N GLU A 641 -15.86 2.07 -32.76
CA GLU A 641 -14.67 1.25 -32.93
C GLU A 641 -14.97 -0.21 -32.64
N LYS A 642 -13.95 -1.03 -32.90
CA LYS A 642 -14.11 -2.47 -33.02
C LYS A 642 -14.01 -3.20 -31.69
N HIS A 643 -13.81 -2.50 -30.59
CA HIS A 643 -13.60 -3.17 -29.30
C HIS A 643 -14.56 -2.68 -28.23
N THR A 644 -15.72 -2.16 -28.61
CA THR A 644 -16.79 -1.97 -27.64
C THR A 644 -17.79 -3.10 -27.70
N VAL A 645 -17.43 -4.20 -28.37
CA VAL A 645 -18.19 -5.44 -28.30
C VAL A 645 -18.24 -5.94 -26.86
N ALA A 646 -17.12 -5.80 -26.14
CA ALA A 646 -16.96 -6.44 -24.84
C ALA A 646 -17.86 -5.87 -23.76
N ARG A 647 -18.47 -4.71 -23.95
CA ARG A 647 -19.35 -4.24 -22.90
C ARG A 647 -20.72 -4.90 -22.95
N LEU A 648 -21.04 -5.63 -24.01
CA LEU A 648 -22.31 -6.34 -24.12
C LEU A 648 -22.14 -7.84 -24.27
N ILE A 649 -20.92 -8.35 -24.15
CA ILE A 649 -20.69 -9.76 -24.38
C ILE A 649 -19.80 -10.29 -23.27
N GLY A 662 -22.04 -9.23 -19.28
CA GLY A 662 -22.25 -8.20 -20.26
C GLY A 662 -23.47 -7.36 -19.87
N GLN A 663 -23.58 -6.23 -20.55
CA GLN A 663 -24.72 -5.36 -20.29
C GLN A 663 -25.97 -5.83 -21.03
N LEU A 664 -25.80 -6.44 -22.20
CA LEU A 664 -26.92 -7.04 -22.91
C LEU A 664 -27.31 -8.38 -22.31
N THR A 665 -26.36 -9.10 -21.74
CA THR A 665 -26.59 -10.49 -21.39
C THR A 665 -27.27 -10.62 -20.03
N GLU A 666 -26.75 -9.96 -19.01
CA GLU A 666 -27.27 -10.12 -17.66
C GLU A 666 -28.44 -9.21 -17.36
N ALA A 667 -29.11 -8.69 -18.37
CA ALA A 667 -30.39 -8.04 -18.20
C ALA A 667 -31.52 -8.84 -18.82
N VAL A 668 -31.22 -9.93 -19.51
CA VAL A 668 -32.21 -10.81 -20.10
C VAL A 668 -32.41 -12.06 -19.26
N ARG A 669 -31.31 -12.62 -18.75
CA ARG A 669 -31.31 -13.90 -18.04
C ARG A 669 -32.13 -13.85 -16.75
N ARG A 670 -32.41 -12.66 -16.25
CA ARG A 670 -33.24 -12.51 -15.06
C ARG A 670 -34.71 -12.67 -15.42
N ARG A 671 -35.20 -11.84 -16.35
CA ARG A 671 -36.57 -11.94 -16.84
C ARG A 671 -36.53 -12.00 -18.36
N PRO A 672 -36.71 -13.18 -18.95
CA PRO A 672 -36.47 -13.35 -20.39
C PRO A 672 -37.67 -12.99 -21.26
N TYR A 673 -38.23 -11.81 -21.05
CA TYR A 673 -39.41 -11.42 -21.80
C TYR A 673 -39.39 -9.96 -22.25
N THR A 674 -38.37 -9.21 -21.90
CA THR A 674 -38.35 -7.78 -22.19
C THR A 674 -38.11 -7.50 -23.68
N VAL A 675 -38.78 -6.47 -24.19
CA VAL A 675 -38.52 -5.95 -25.52
C VAL A 675 -37.20 -5.19 -25.53
N VAL A 676 -36.45 -5.29 -26.63
CA VAL A 676 -35.10 -4.74 -26.73
C VAL A 676 -35.05 -3.70 -27.83
N LEU A 677 -34.53 -2.52 -27.52
CA LEU A 677 -34.27 -1.49 -28.53
C LEU A 677 -32.85 -1.58 -29.07
N PHE A 678 -32.64 -0.92 -30.21
CA PHE A 678 -31.32 -0.71 -30.79
C PHE A 678 -31.39 0.62 -31.54
N ASP A 679 -30.95 1.69 -30.91
CA ASP A 679 -31.16 3.02 -31.46
C ASP A 679 -29.97 3.46 -32.31
N GLU A 680 -30.26 3.86 -33.55
CA GLU A 680 -29.28 4.40 -34.51
C GLU A 680 -28.15 3.40 -34.78
N ILE A 681 -28.54 2.31 -35.45
CA ILE A 681 -27.61 1.24 -35.75
C ILE A 681 -26.66 1.57 -36.89
N GLU A 682 -26.82 2.74 -37.52
CA GLU A 682 -25.94 3.16 -38.61
C GLU A 682 -24.51 3.38 -38.13
N LYS A 683 -24.35 4.00 -36.96
CA LYS A 683 -23.05 4.46 -36.51
C LYS A 683 -22.17 3.36 -35.97
N ALA A 684 -22.70 2.15 -35.78
CA ALA A 684 -21.86 1.06 -35.34
C ALA A 684 -20.94 0.63 -36.46
N HIS A 685 -19.70 0.33 -36.12
CA HIS A 685 -18.79 -0.26 -37.07
C HIS A 685 -19.30 -1.64 -37.46
N PRO A 686 -19.14 -2.07 -38.72
CA PRO A 686 -19.62 -3.40 -39.12
C PRO A 686 -18.83 -4.56 -38.52
N ASP A 687 -18.85 -4.65 -37.20
CA ASP A 687 -18.32 -5.75 -36.43
C ASP A 687 -19.37 -6.08 -35.37
N VAL A 688 -20.15 -5.07 -35.01
CA VAL A 688 -21.25 -5.26 -34.06
C VAL A 688 -22.38 -6.04 -34.71
N PHE A 689 -22.52 -5.91 -36.02
CA PHE A 689 -23.49 -6.67 -36.78
C PHE A 689 -23.15 -8.15 -36.75
N ASP A 690 -21.87 -8.48 -36.65
CA ASP A 690 -21.44 -9.87 -36.59
C ASP A 690 -21.85 -10.51 -35.26
N VAL A 691 -21.78 -9.74 -34.18
CA VAL A 691 -22.32 -10.20 -32.90
C VAL A 691 -23.82 -10.39 -33.01
N LEU A 692 -24.49 -9.45 -33.69
CA LEU A 692 -25.94 -9.49 -33.80
C LEU A 692 -26.44 -10.58 -34.73
N LEU A 693 -25.55 -11.27 -35.45
CA LEU A 693 -25.97 -12.15 -36.52
C LEU A 693 -26.50 -13.49 -36.00
N GLN A 694 -26.00 -13.97 -34.86
CA GLN A 694 -26.53 -15.19 -34.28
C GLN A 694 -27.60 -14.93 -33.23
N VAL A 695 -27.79 -13.67 -32.85
CA VAL A 695 -28.99 -13.29 -32.12
C VAL A 695 -30.22 -13.61 -32.93
N LEU A 696 -30.23 -13.16 -34.18
CA LEU A 696 -31.29 -13.52 -35.11
C LEU A 696 -31.10 -14.95 -35.55
N ASP A 697 -32.22 -15.66 -35.74
CA ASP A 697 -32.34 -16.94 -36.44
C ASP A 697 -31.77 -18.12 -35.64
N GLU A 698 -31.14 -17.86 -34.50
CA GLU A 698 -30.83 -18.92 -33.54
C GLU A 698 -31.34 -18.60 -32.16
N GLY A 699 -31.05 -17.41 -31.66
CA GLY A 699 -31.55 -16.98 -30.38
C GLY A 699 -30.58 -17.07 -29.24
N ARG A 700 -29.34 -17.51 -29.46
CA ARG A 700 -28.45 -17.66 -28.33
C ARG A 700 -27.06 -17.11 -28.66
N LEU A 701 -26.43 -16.58 -27.62
CA LEU A 701 -25.06 -16.10 -27.66
C LEU A 701 -24.39 -16.55 -26.37
N THR A 702 -23.09 -16.28 -26.24
CA THR A 702 -22.37 -16.71 -25.04
C THR A 702 -21.70 -15.52 -24.37
N ASP A 703 -21.02 -15.81 -23.27
CA ASP A 703 -20.24 -14.84 -22.54
C ASP A 703 -19.05 -15.57 -21.91
N GLY A 704 -18.40 -14.93 -20.95
CA GLY A 704 -17.21 -15.54 -20.36
C GLY A 704 -17.52 -16.76 -19.51
N HIS A 705 -18.63 -16.73 -18.79
CA HIS A 705 -18.96 -17.81 -17.88
C HIS A 705 -19.40 -19.09 -18.59
N GLY A 706 -19.72 -19.01 -19.88
CA GLY A 706 -20.06 -20.19 -20.65
C GLY A 706 -21.51 -20.59 -20.66
N ARG A 707 -22.43 -19.63 -20.56
CA ARG A 707 -23.85 -19.93 -20.60
C ARG A 707 -24.45 -19.36 -21.88
N THR A 708 -25.42 -20.09 -22.44
CA THR A 708 -26.04 -19.71 -23.71
C THR A 708 -27.41 -19.13 -23.44
N VAL A 709 -27.47 -17.80 -23.37
CA VAL A 709 -28.69 -17.10 -23.04
C VAL A 709 -29.63 -17.08 -24.24
N ASP A 710 -30.87 -17.49 -24.02
CA ASP A 710 -31.82 -17.74 -25.11
C ASP A 710 -32.71 -16.54 -25.37
N PHE A 711 -32.61 -15.99 -26.58
CA PHE A 711 -33.51 -14.92 -27.03
C PHE A 711 -34.65 -15.50 -27.86
N ARG A 712 -35.39 -16.44 -27.32
CA ARG A 712 -36.35 -17.09 -28.18
C ARG A 712 -37.72 -16.46 -28.14
N ASN A 713 -37.99 -15.57 -27.19
CA ASN A 713 -39.33 -15.03 -27.06
C ASN A 713 -39.32 -13.55 -26.67
N THR A 714 -38.33 -12.80 -27.13
CA THR A 714 -38.33 -11.35 -27.01
C THR A 714 -38.57 -10.72 -28.38
N ILE A 715 -38.96 -9.45 -28.37
CA ILE A 715 -39.32 -8.74 -29.57
C ILE A 715 -38.22 -7.74 -29.87
N LEU A 716 -37.32 -8.08 -30.79
CA LEU A 716 -36.26 -7.17 -31.16
C LEU A 716 -36.80 -6.07 -32.04
N ILE A 717 -36.25 -4.87 -31.87
CA ILE A 717 -36.69 -3.67 -32.59
C ILE A 717 -35.47 -2.86 -32.99
N LEU A 718 -35.36 -2.51 -34.27
CA LEU A 718 -34.22 -1.80 -34.82
C LEU A 718 -34.69 -0.50 -35.42
N THR A 719 -34.02 0.60 -35.09
CA THR A 719 -34.35 1.90 -35.65
C THR A 719 -33.21 2.40 -36.52
N SER A 720 -33.52 3.32 -37.43
CA SER A 720 -32.54 3.86 -38.36
C SER A 720 -33.08 5.16 -38.94
N ASN A 721 -32.22 5.86 -39.69
CA ASN A 721 -32.59 7.09 -40.36
C ASN A 721 -31.98 7.19 -41.75
N LEU A 722 -31.73 6.05 -42.38
CA LEU A 722 -31.00 6.02 -43.64
C LEU A 722 -31.77 6.69 -44.76
N GLY A 723 -31.05 7.43 -45.61
CA GLY A 723 -31.67 8.12 -46.72
C GLY A 723 -32.44 9.36 -46.29
N SER A 724 -33.54 9.14 -45.56
CA SER A 724 -34.40 10.17 -44.99
C SER A 724 -34.98 11.09 -46.09
N GLY A 725 -35.81 10.47 -46.92
CA GLY A 725 -36.45 11.20 -47.99
C GLY A 725 -36.28 10.56 -49.35
N GLY A 726 -35.93 9.27 -49.36
CA GLY A 726 -35.88 8.55 -50.62
C GLY A 726 -37.25 8.33 -51.21
N SER A 727 -37.30 8.38 -52.55
CA SER A 727 -38.57 8.38 -53.27
C SER A 727 -39.35 7.07 -53.10
N ALA A 728 -38.88 6.02 -53.72
CA ALA A 728 -39.38 4.67 -53.51
C ALA A 728 -38.26 3.67 -53.32
N GLU A 729 -37.16 3.83 -54.03
CA GLU A 729 -36.04 2.91 -53.97
C GLU A 729 -34.74 3.61 -53.64
N GLN A 730 -34.74 4.95 -53.58
CA GLN A 730 -33.56 5.68 -53.12
C GLN A 730 -33.27 5.38 -51.66
N VAL A 731 -34.32 5.26 -50.84
CA VAL A 731 -34.12 4.92 -49.44
C VAL A 731 -33.84 3.43 -49.27
N LEU A 732 -34.37 2.59 -50.16
CA LEU A 732 -34.22 1.16 -49.97
C LEU A 732 -32.88 0.66 -50.45
N ALA A 733 -32.35 1.21 -51.55
CA ALA A 733 -31.06 0.79 -52.04
C ALA A 733 -29.90 1.37 -51.23
N ALA A 734 -30.16 2.34 -50.37
CA ALA A 734 -29.11 2.84 -49.48
C ALA A 734 -28.86 1.88 -48.33
N VAL A 735 -29.86 1.07 -47.97
CA VAL A 735 -29.69 0.04 -46.95
C VAL A 735 -28.69 -1.00 -47.41
N ARG A 736 -28.74 -1.34 -48.69
CA ARG A 736 -27.88 -2.34 -49.30
C ARG A 736 -26.41 -1.91 -49.34
N ALA A 737 -26.13 -0.62 -49.14
CA ALA A 737 -24.75 -0.15 -49.09
C ALA A 737 -24.04 -0.66 -47.85
N THR A 738 -24.54 -0.31 -46.67
CA THR A 738 -23.81 -0.63 -45.45
C THR A 738 -24.04 -2.06 -45.00
N PHE A 739 -25.28 -2.55 -45.12
CA PHE A 739 -25.60 -3.88 -44.63
C PHE A 739 -25.21 -4.94 -45.65
N LYS A 740 -24.46 -5.94 -45.21
CA LYS A 740 -24.17 -7.08 -46.05
C LYS A 740 -25.45 -7.91 -46.24
N PRO A 741 -25.59 -8.59 -47.38
CA PRO A 741 -26.84 -9.33 -47.64
C PRO A 741 -27.10 -10.52 -46.73
N GLU A 742 -26.10 -10.98 -45.98
CA GLU A 742 -26.36 -11.99 -44.96
C GLU A 742 -27.05 -11.42 -43.72
N PHE A 743 -27.16 -10.10 -43.62
CA PHE A 743 -27.88 -9.48 -42.51
C PHE A 743 -29.26 -8.96 -42.89
N ILE A 744 -29.45 -8.56 -44.15
CA ILE A 744 -30.77 -8.12 -44.59
C ILE A 744 -31.71 -9.33 -44.70
N ASN A 745 -31.15 -10.50 -44.97
CA ASN A 745 -31.96 -11.69 -45.17
C ASN A 745 -32.58 -12.18 -43.87
N ARG A 746 -31.83 -12.08 -42.78
CA ARG A 746 -32.28 -12.56 -41.47
C ARG A 746 -33.35 -11.73 -40.78
N LEU A 747 -33.67 -10.56 -41.33
CA LEU A 747 -34.68 -9.71 -40.72
C LEU A 747 -36.08 -10.11 -41.18
N ASP A 748 -37.07 -9.54 -40.52
CA ASP A 748 -38.46 -9.62 -40.94
C ASP A 748 -38.74 -8.48 -41.91
N ASP A 749 -40.02 -8.18 -42.14
CA ASP A 749 -40.45 -7.15 -43.07
C ASP A 749 -39.91 -5.77 -42.72
N VAL A 750 -39.05 -5.24 -43.57
CA VAL A 750 -38.48 -3.92 -43.38
C VAL A 750 -39.58 -2.89 -43.59
N LEU A 751 -39.91 -2.14 -42.55
CA LEU A 751 -40.99 -1.18 -42.60
C LEU A 751 -40.47 0.22 -42.89
N ILE A 752 -41.19 0.94 -43.75
CA ILE A 752 -40.88 2.32 -44.08
C ILE A 752 -41.94 3.19 -43.44
N PHE A 753 -41.52 4.17 -42.66
CA PHE A 753 -42.48 5.18 -42.22
C PHE A 753 -42.55 6.27 -43.27
N GLU A 754 -43.73 6.89 -43.37
CA GLU A 754 -43.92 8.02 -44.27
C GLU A 754 -43.62 9.31 -43.51
N GLY A 755 -43.99 10.45 -44.09
CA GLY A 755 -43.85 11.70 -43.38
C GLY A 755 -45.05 11.97 -42.49
N LEU A 756 -45.53 13.21 -42.49
CA LEU A 756 -46.77 13.54 -41.80
C LEU A 756 -47.61 14.45 -42.68
N ASN A 757 -48.90 14.24 -42.62
CA ASN A 757 -49.90 15.00 -43.34
C ASN A 757 -50.44 16.10 -42.45
N PRO A 758 -50.66 17.31 -42.97
CA PRO A 758 -51.30 18.36 -42.16
C PRO A 758 -52.76 18.09 -41.86
N GLU A 759 -53.38 17.13 -42.52
CA GLU A 759 -54.69 16.65 -42.09
C GLU A 759 -54.58 15.83 -40.81
N GLU A 760 -53.54 15.01 -40.70
CA GLU A 760 -53.30 14.19 -39.51
C GLU A 760 -52.31 14.84 -38.55
N LEU A 761 -52.31 16.16 -38.46
CA LEU A 761 -51.41 16.88 -37.58
C LEU A 761 -52.17 17.72 -36.56
N VAL A 762 -53.48 17.82 -36.67
CA VAL A 762 -54.27 18.54 -35.69
C VAL A 762 -54.29 17.79 -34.37
N ARG A 763 -54.47 16.47 -34.43
CA ARG A 763 -54.74 15.69 -33.24
C ARG A 763 -53.51 15.54 -32.35
N ILE A 764 -52.31 15.73 -32.91
CA ILE A 764 -51.10 15.76 -32.10
C ILE A 764 -51.13 16.94 -31.14
N VAL A 765 -51.73 18.07 -31.55
CA VAL A 765 -51.87 19.21 -30.66
C VAL A 765 -52.83 18.87 -29.51
N ASP A 766 -53.86 18.09 -29.79
CA ASP A 766 -54.76 17.62 -28.74
C ASP A 766 -54.02 16.75 -27.72
N ILE A 767 -53.16 15.86 -28.22
CA ILE A 767 -52.37 14.99 -27.34
C ILE A 767 -51.39 15.81 -26.49
N GLN A 768 -50.73 16.79 -27.10
CA GLN A 768 -49.76 17.61 -26.39
C GLN A 768 -50.42 18.46 -25.32
N LEU A 769 -51.60 19.02 -25.62
CA LEU A 769 -52.26 19.84 -24.61
C LEU A 769 -52.88 18.99 -23.52
N ALA A 770 -53.28 17.76 -23.84
CA ALA A 770 -53.72 16.84 -22.79
C ALA A 770 -52.55 16.44 -21.89
N GLN A 771 -51.36 16.31 -22.49
CA GLN A 771 -50.16 16.02 -21.71
C GLN A 771 -49.83 17.17 -20.77
N LEU A 772 -49.90 18.40 -21.27
CA LEU A 772 -49.60 19.55 -20.42
C LEU A 772 -50.68 19.77 -19.37
N GLY A 773 -51.92 19.35 -19.66
CA GLY A 773 -52.94 19.35 -18.64
C GLY A 773 -52.67 18.35 -17.54
N LYS A 774 -52.20 17.15 -17.90
CA LYS A 774 -51.84 16.19 -16.88
C LYS A 774 -50.56 16.54 -16.15
N ARG A 775 -49.73 17.42 -16.71
CA ARG A 775 -48.56 17.87 -15.96
C ARG A 775 -48.95 18.81 -14.83
N LEU A 776 -50.00 19.61 -15.02
CA LEU A 776 -50.42 20.57 -14.01
C LEU A 776 -51.42 20.00 -13.02
N ALA A 777 -51.37 18.69 -12.78
CA ALA A 777 -52.29 18.06 -11.83
C ALA A 777 -51.94 18.37 -10.38
N GLN A 778 -50.72 18.86 -10.11
CA GLN A 778 -50.39 19.25 -8.75
C GLN A 778 -51.14 20.51 -8.34
N ARG A 779 -51.32 21.43 -9.28
CA ARG A 779 -51.92 22.71 -8.97
C ARG A 779 -53.43 22.72 -9.16
N ARG A 780 -53.99 21.63 -9.70
CA ARG A 780 -55.41 21.53 -10.08
C ARG A 780 -55.78 22.66 -11.02
N LEU A 781 -54.88 22.97 -11.95
CA LEU A 781 -54.96 24.19 -12.73
C LEU A 781 -55.44 23.83 -14.12
N GLN A 782 -56.75 23.77 -14.27
CA GLN A 782 -57.35 23.57 -15.58
C GLN A 782 -57.11 24.78 -16.45
N LEU A 783 -56.91 24.53 -17.75
CA LEU A 783 -56.71 25.61 -18.70
C LEU A 783 -57.58 25.39 -19.92
N GLN A 784 -58.13 26.48 -20.44
CA GLN A 784 -59.15 26.45 -21.47
C GLN A 784 -58.54 26.87 -22.79
N VAL A 785 -58.64 26.00 -23.80
CA VAL A 785 -58.08 26.25 -25.11
C VAL A 785 -59.20 26.26 -26.13
N SER A 786 -59.36 27.38 -26.84
CA SER A 786 -60.43 27.48 -27.82
C SER A 786 -60.02 26.84 -29.13
N LEU A 787 -61.02 26.52 -29.95
CA LEU A 787 -60.77 25.91 -31.25
C LEU A 787 -60.04 26.80 -32.26
N PRO A 788 -60.24 28.13 -32.33
CA PRO A 788 -59.36 28.91 -33.23
C PRO A 788 -57.89 28.90 -32.84
N ALA A 789 -57.56 28.92 -31.55
CA ALA A 789 -56.16 28.73 -31.16
C ALA A 789 -55.70 27.31 -31.41
N LYS A 790 -56.60 26.34 -31.23
CA LYS A 790 -56.25 24.94 -31.40
C LYS A 790 -55.96 24.62 -32.86
N ARG A 791 -56.57 25.35 -33.80
CA ARG A 791 -56.16 25.23 -35.18
C ARG A 791 -55.09 26.26 -35.57
N TRP A 792 -54.88 27.29 -34.74
CA TRP A 792 -53.78 28.20 -34.98
C TRP A 792 -52.44 27.52 -34.75
N LEU A 793 -52.39 26.60 -33.78
CA LEU A 793 -51.15 25.86 -33.53
C LEU A 793 -50.79 24.91 -34.66
N ALA A 794 -51.76 24.51 -35.48
CA ALA A 794 -51.46 23.56 -36.54
C ALA A 794 -50.72 24.23 -37.68
N GLN A 795 -51.03 25.48 -37.98
CA GLN A 795 -50.48 26.13 -39.17
C GLN A 795 -49.03 26.55 -39.00
N ARG A 796 -48.57 26.74 -37.78
CA ARG A 796 -47.14 26.91 -37.58
C ARG A 796 -46.42 25.57 -37.61
N GLY A 797 -47.13 24.46 -37.41
CA GLY A 797 -46.60 23.15 -37.69
C GLY A 797 -46.44 22.99 -39.18
N PHE A 798 -45.21 23.03 -39.66
CA PHE A 798 -44.93 23.37 -41.04
C PHE A 798 -43.77 22.50 -41.48
N ASP A 799 -43.18 22.83 -42.65
CA ASP A 799 -41.92 22.42 -43.29
C ASP A 799 -41.53 20.97 -43.04
N PRO A 800 -42.20 20.00 -43.72
CA PRO A 800 -41.98 18.58 -43.38
C PRO A 800 -40.59 18.04 -43.69
N VAL A 801 -39.62 18.65 -43.02
CA VAL A 801 -38.28 18.12 -42.88
C VAL A 801 -37.99 17.73 -41.44
N TYR A 802 -38.53 18.46 -40.48
CA TYR A 802 -38.20 18.29 -39.08
C TYR A 802 -39.32 17.61 -38.31
N GLY A 803 -40.39 17.18 -38.98
CA GLY A 803 -41.42 16.38 -38.36
C GLY A 803 -42.28 17.17 -37.38
N ALA A 804 -42.84 16.44 -36.42
CA ALA A 804 -43.70 17.03 -35.41
C ALA A 804 -42.92 17.50 -34.20
N ARG A 805 -41.61 17.44 -34.24
CA ARG A 805 -40.78 17.93 -33.14
C ARG A 805 -40.79 19.46 -32.97
N PRO A 806 -40.80 20.32 -34.01
CA PRO A 806 -40.90 21.76 -33.72
C PRO A 806 -42.23 22.20 -33.16
N LEU A 807 -43.28 21.39 -33.26
CA LEU A 807 -44.53 21.73 -32.60
C LEU A 807 -44.40 21.68 -31.09
N ARG A 808 -43.58 20.77 -30.59
CA ARG A 808 -43.37 20.62 -29.16
C ARG A 808 -42.39 21.63 -28.61
N ARG A 809 -41.79 22.46 -29.47
CA ARG A 809 -41.16 23.69 -29.04
C ARG A 809 -42.07 24.89 -29.23
N LEU A 810 -42.97 24.82 -30.21
CA LEU A 810 -43.94 25.88 -30.42
C LEU A 810 -44.87 26.03 -29.22
N VAL A 811 -45.30 24.92 -28.64
CA VAL A 811 -46.19 24.97 -27.48
C VAL A 811 -45.48 25.59 -26.28
N GLN A 812 -44.21 25.28 -26.09
CA GLN A 812 -43.50 25.87 -24.97
C GLN A 812 -43.02 27.28 -25.24
N GLN A 813 -43.01 27.74 -26.49
CA GLN A 813 -42.74 29.15 -26.74
C GLN A 813 -44.00 30.00 -26.68
N ALA A 814 -45.16 29.44 -26.99
CA ALA A 814 -46.39 30.23 -26.99
C ALA A 814 -47.04 30.25 -25.60
N ILE A 815 -47.40 29.08 -25.08
CA ILE A 815 -48.14 29.01 -23.84
C ILE A 815 -47.21 29.12 -22.64
N GLY A 816 -46.13 28.32 -22.65
CA GLY A 816 -45.36 28.09 -21.44
C GLY A 816 -44.60 29.29 -20.92
N ASP A 817 -44.24 30.22 -21.80
CA ASP A 817 -43.44 31.38 -21.39
C ASP A 817 -44.26 32.35 -20.57
N GLN A 818 -45.36 32.85 -21.15
CA GLN A 818 -46.18 33.81 -20.45
C GLN A 818 -46.91 33.16 -19.28
N LEU A 819 -47.19 31.86 -19.35
CA LEU A 819 -47.77 31.17 -18.21
C LEU A 819 -46.77 31.06 -17.07
N ALA A 820 -45.51 30.76 -17.39
CA ALA A 820 -44.49 30.68 -16.36
C ALA A 820 -44.14 32.04 -15.80
N LYS A 821 -44.38 33.10 -16.54
CA LYS A 821 -44.20 34.43 -15.95
C LYS A 821 -45.40 34.80 -15.09
N MET A 822 -46.61 34.50 -15.53
CA MET A 822 -47.80 34.82 -14.76
C MET A 822 -48.10 33.83 -13.65
N LEU A 823 -47.28 32.80 -13.48
CA LEU A 823 -47.51 31.82 -12.43
C LEU A 823 -46.81 32.17 -11.13
N LEU A 824 -45.63 32.81 -11.22
CA LEU A 824 -44.81 33.06 -10.05
C LEU A 824 -44.74 34.54 -9.67
N ALA A 825 -45.71 35.34 -10.10
CA ALA A 825 -45.76 36.74 -9.72
C ALA A 825 -47.12 37.15 -9.18
N GLY A 826 -48.01 36.20 -8.96
CA GLY A 826 -49.38 36.48 -8.56
C GLY A 826 -50.35 36.11 -9.68
N GLN A 827 -51.61 36.47 -9.44
CA GLN A 827 -52.77 36.44 -10.34
C GLN A 827 -53.06 35.08 -10.98
N VAL A 828 -52.37 34.01 -10.59
CA VAL A 828 -52.71 32.64 -10.94
C VAL A 828 -52.50 31.81 -9.68
N HIS A 829 -53.53 31.13 -9.22
CA HIS A 829 -53.43 30.34 -8.01
C HIS A 829 -54.05 28.97 -8.25
N ASP A 830 -54.05 28.16 -7.20
CA ASP A 830 -54.55 26.79 -7.32
C ASP A 830 -56.06 26.76 -7.52
N GLY A 831 -56.50 25.84 -8.37
CA GLY A 831 -57.91 25.68 -8.68
C GLY A 831 -58.45 26.65 -9.70
N ASP A 832 -57.68 27.65 -10.11
CA ASP A 832 -58.16 28.65 -11.05
C ASP A 832 -58.20 28.06 -12.47
N THR A 833 -58.87 28.78 -13.37
CA THR A 833 -58.92 28.40 -14.77
C THR A 833 -58.22 29.48 -15.57
N VAL A 834 -57.30 29.07 -16.43
CA VAL A 834 -56.52 30.02 -17.22
C VAL A 834 -56.87 29.82 -18.69
N PRO A 835 -57.77 30.59 -19.25
CA PRO A 835 -58.11 30.43 -20.67
C PRO A 835 -57.11 31.16 -21.56
N VAL A 836 -56.92 30.60 -22.75
CA VAL A 836 -56.08 31.24 -23.76
C VAL A 836 -57.00 31.74 -24.87
N ASN A 837 -56.62 32.88 -25.45
CA ASN A 837 -57.45 33.54 -26.43
C ASN A 837 -56.54 34.13 -27.50
N VAL A 838 -57.04 34.11 -28.74
CA VAL A 838 -56.22 34.47 -29.89
C VAL A 838 -56.12 35.99 -29.94
N SER A 839 -55.02 36.52 -29.42
CA SER A 839 -54.56 37.85 -29.79
C SER A 839 -54.22 37.84 -31.28
N PRO A 840 -54.36 38.99 -32.00
CA PRO A 840 -54.17 39.00 -33.47
C PRO A 840 -52.86 38.44 -34.02
N ASP A 841 -51.81 38.36 -33.21
CA ASP A 841 -50.63 37.59 -33.60
C ASP A 841 -50.34 36.42 -32.65
N ALA A 842 -50.15 36.67 -31.36
CA ALA A 842 -49.73 35.64 -30.43
C ALA A 842 -50.93 35.09 -29.66
N ASP A 843 -50.67 34.30 -28.62
CA ASP A 843 -51.72 33.78 -27.77
C ASP A 843 -51.73 34.57 -26.47
N SER A 844 -52.91 35.06 -26.11
CA SER A 844 -53.07 35.87 -24.91
C SER A 844 -53.42 35.00 -23.72
N LEU A 845 -53.83 35.62 -22.63
CA LEU A 845 -54.20 34.89 -21.42
C LEU A 845 -55.55 35.35 -20.88
N GLN B 159 -34.76 -15.68 33.50
CA GLN B 159 -34.34 -14.84 34.61
C GLN B 159 -33.03 -14.12 34.31
N ALA B 160 -32.23 -14.70 33.41
CA ALA B 160 -30.92 -14.12 33.09
C ALA B 160 -31.06 -12.84 32.29
N LEU B 161 -32.20 -12.62 31.63
CA LEU B 161 -32.42 -11.38 30.91
C LEU B 161 -32.63 -10.18 31.81
N GLN B 162 -32.79 -10.40 33.12
CA GLN B 162 -32.87 -9.28 34.05
C GLN B 162 -31.55 -8.53 34.13
N LYS B 163 -30.44 -9.21 33.87
CA LYS B 163 -29.13 -8.69 34.15
C LYS B 163 -28.45 -8.09 32.92
N TYR B 164 -28.87 -8.44 31.71
CA TYR B 164 -28.26 -7.90 30.50
C TYR B 164 -29.28 -7.23 29.59
N SER B 165 -30.24 -6.51 30.14
CA SER B 165 -31.26 -5.88 29.31
C SER B 165 -31.95 -4.76 30.07
N THR B 166 -32.56 -3.86 29.31
CA THR B 166 -33.55 -2.93 29.83
C THR B 166 -34.93 -3.56 29.64
N ASP B 167 -35.98 -2.76 29.80
CA ASP B 167 -37.34 -3.26 29.64
C ASP B 167 -38.20 -2.07 29.23
N LEU B 168 -38.46 -1.94 27.93
CA LEU B 168 -39.23 -0.80 27.44
C LEU B 168 -40.69 -0.87 27.87
N THR B 169 -41.22 -2.07 28.06
CA THR B 169 -42.61 -2.18 28.48
C THR B 169 -42.78 -1.67 29.91
N ALA B 170 -41.80 -1.96 30.76
CA ALA B 170 -41.85 -1.48 32.14
C ALA B 170 -41.69 0.03 32.22
N ARG B 171 -40.97 0.65 31.28
CA ARG B 171 -40.90 2.09 31.24
C ARG B 171 -42.13 2.69 30.58
N ALA B 172 -42.77 1.95 29.68
CA ALA B 172 -43.98 2.43 29.04
C ALA B 172 -45.16 2.41 29.99
N ARG B 173 -45.14 1.51 30.97
CA ARG B 173 -46.26 1.38 31.89
C ARG B 173 -46.31 2.47 32.96
N GLU B 174 -45.44 3.48 32.89
CA GLU B 174 -45.58 4.66 33.74
C GLU B 174 -45.55 5.94 32.92
N GLY B 175 -45.77 5.85 31.61
CA GLY B 175 -45.90 7.02 30.76
C GLY B 175 -44.61 7.78 30.54
N LYS B 176 -43.48 7.09 30.52
CA LYS B 176 -42.17 7.73 30.39
C LYS B 176 -41.64 7.70 28.96
N LEU B 177 -42.53 7.72 27.97
CA LEU B 177 -42.14 7.73 26.58
C LEU B 177 -42.85 8.86 25.87
N ASP B 178 -42.15 9.51 24.94
CA ASP B 178 -42.73 10.63 24.21
C ASP B 178 -43.78 10.11 23.23
N PRO B 179 -44.93 10.79 23.13
CA PRO B 179 -46.04 10.24 22.34
C PRO B 179 -45.75 10.24 20.85
N VAL B 180 -46.13 9.14 20.22
CA VAL B 180 -45.82 8.88 18.81
C VAL B 180 -47.07 9.15 18.00
N ILE B 181 -47.00 10.16 17.15
CA ILE B 181 -48.15 10.62 16.39
C ILE B 181 -47.86 10.51 14.91
N GLY B 182 -48.75 9.85 14.19
CA GLY B 182 -48.58 9.60 12.78
C GLY B 182 -48.25 8.16 12.49
N ARG B 183 -48.07 7.89 11.20
CA ARG B 183 -47.46 6.66 10.68
C ARG B 183 -48.22 5.40 11.07
N ASP B 184 -49.45 5.29 10.58
CA ASP B 184 -50.18 4.05 10.79
C ASP B 184 -49.68 2.93 9.89
N ASN B 185 -49.16 3.27 8.72
CA ASN B 185 -48.78 2.28 7.72
C ASN B 185 -47.60 1.44 8.19
N GLU B 186 -46.59 2.08 8.78
CA GLU B 186 -45.43 1.35 9.24
C GLU B 186 -45.75 0.48 10.45
N ILE B 187 -46.65 0.94 11.34
CA ILE B 187 -47.03 0.11 12.47
C ILE B 187 -47.80 -1.12 12.01
N ARG B 188 -48.73 -0.94 11.06
CA ARG B 188 -49.46 -2.08 10.52
C ARG B 188 -48.54 -3.04 9.77
N ARG B 189 -47.53 -2.51 9.09
CA ARG B 189 -46.57 -3.35 8.39
C ARG B 189 -45.70 -4.15 9.35
N VAL B 190 -45.30 -3.55 10.47
CA VAL B 190 -44.52 -4.27 11.46
C VAL B 190 -45.35 -5.36 12.13
N VAL B 191 -46.62 -5.08 12.42
CA VAL B 191 -47.49 -6.10 12.99
C VAL B 191 -47.77 -7.23 11.98
N GLN B 192 -47.87 -6.89 10.70
CA GLN B 192 -48.03 -7.90 9.65
C GLN B 192 -46.82 -8.81 9.55
N VAL B 193 -45.61 -8.25 9.57
CA VAL B 193 -44.42 -9.07 9.38
C VAL B 193 -44.10 -9.87 10.64
N LEU B 194 -44.34 -9.30 11.82
CA LEU B 194 -43.89 -9.94 13.05
C LEU B 194 -44.76 -11.14 13.45
N SER B 195 -45.88 -11.37 12.78
CA SER B 195 -46.80 -12.42 13.17
C SER B 195 -46.94 -13.53 12.13
N ARG B 196 -46.03 -13.61 11.17
CA ARG B 196 -46.01 -14.73 10.25
C ARG B 196 -45.41 -15.96 10.93
N ARG B 197 -45.33 -17.07 10.21
CA ARG B 197 -44.97 -18.32 10.85
C ARG B 197 -43.47 -18.44 11.05
N THR B 198 -42.70 -18.46 9.97
CA THR B 198 -41.25 -18.57 10.04
C THR B 198 -40.61 -17.34 9.42
N LYS B 199 -39.35 -17.12 9.81
CA LYS B 199 -38.53 -15.97 9.39
C LYS B 199 -39.23 -14.66 9.76
N ASN B 200 -39.70 -14.56 11.00
CA ASN B 200 -40.50 -13.43 11.43
C ASN B 200 -39.66 -12.43 12.23
N ASN B 201 -38.91 -11.60 11.50
CA ASN B 201 -38.08 -10.59 12.15
C ASN B 201 -37.78 -9.41 11.23
N PRO B 202 -38.47 -8.29 11.37
CA PRO B 202 -38.28 -7.17 10.44
C PRO B 202 -37.01 -6.39 10.77
N VAL B 203 -36.68 -5.47 9.87
CA VAL B 203 -35.58 -4.52 10.05
C VAL B 203 -36.05 -3.17 9.53
N LEU B 204 -36.01 -2.15 10.38
CA LEU B 204 -36.36 -0.81 9.96
C LEU B 204 -35.15 -0.15 9.31
N ILE B 205 -35.36 0.47 8.15
CA ILE B 205 -34.28 1.02 7.33
C ILE B 205 -34.72 2.37 6.79
N GLY B 206 -33.91 3.39 7.00
CA GLY B 206 -34.17 4.69 6.42
C GLY B 206 -33.00 5.60 6.69
N GLU B 207 -33.01 6.73 5.99
CA GLU B 207 -32.00 7.76 6.23
C GLU B 207 -32.19 8.33 7.64
N PRO B 208 -31.11 8.74 8.31
CA PRO B 208 -31.20 8.97 9.76
C PRO B 208 -31.93 10.25 10.12
N GLY B 209 -32.66 10.18 11.22
CA GLY B 209 -33.43 11.30 11.71
C GLY B 209 -34.89 11.26 11.38
N VAL B 210 -35.33 10.32 10.53
CA VAL B 210 -36.72 10.33 10.12
C VAL B 210 -37.64 9.66 11.12
N GLY B 211 -37.10 9.04 12.16
CA GLY B 211 -37.91 8.38 13.15
C GLY B 211 -37.94 6.89 12.90
N LYS B 212 -37.11 6.16 13.59
CA LYS B 212 -37.15 4.71 13.54
C LYS B 212 -37.25 4.10 14.91
N THR B 213 -36.63 4.71 15.91
CA THR B 213 -36.89 4.35 17.30
C THR B 213 -38.31 4.72 17.69
N ALA B 214 -38.83 5.79 17.10
CA ALA B 214 -40.18 6.26 17.41
C ALA B 214 -41.23 5.24 17.01
N ILE B 215 -40.98 4.46 15.96
CA ILE B 215 -41.95 3.44 15.55
C ILE B 215 -42.00 2.30 16.56
N VAL B 216 -40.84 1.90 17.10
CA VAL B 216 -40.84 0.82 18.08
C VAL B 216 -41.43 1.29 19.40
N GLU B 217 -41.18 2.55 19.76
CA GLU B 217 -41.83 3.08 20.96
C GLU B 217 -43.33 3.25 20.76
N GLY B 218 -43.77 3.57 19.53
CA GLY B 218 -45.19 3.58 19.25
C GLY B 218 -45.82 2.22 19.28
N LEU B 219 -45.08 1.19 18.86
CA LEU B 219 -45.54 -0.18 18.97
C LEU B 219 -45.69 -0.59 20.43
N ALA B 220 -44.76 -0.16 21.28
CA ALA B 220 -44.88 -0.46 22.71
C ALA B 220 -46.08 0.25 23.32
N GLN B 221 -46.32 1.50 22.91
CA GLN B 221 -47.51 2.23 23.37
C GLN B 221 -48.78 1.52 22.93
N ARG B 222 -48.81 1.02 21.70
CA ARG B 222 -50.02 0.40 21.18
C ARG B 222 -50.23 -0.98 21.76
N ILE B 223 -49.15 -1.66 22.19
CA ILE B 223 -49.32 -2.93 22.88
C ILE B 223 -49.86 -2.71 24.30
N VAL B 224 -49.29 -1.75 25.03
CA VAL B 224 -49.74 -1.51 26.40
C VAL B 224 -51.15 -0.93 26.40
N ALA B 225 -51.51 -0.16 25.38
CA ALA B 225 -52.90 0.24 25.22
C ALA B 225 -53.78 -0.96 24.86
N GLY B 226 -53.44 -1.65 23.77
CA GLY B 226 -54.15 -2.87 23.41
C GLY B 226 -54.89 -2.85 22.09
N ASP B 227 -54.38 -2.13 21.10
CA ASP B 227 -55.03 -2.05 19.79
C ASP B 227 -54.55 -3.13 18.83
N VAL B 228 -53.78 -4.09 19.32
CA VAL B 228 -53.12 -5.10 18.50
C VAL B 228 -54.11 -6.22 18.21
N PRO B 229 -53.80 -7.20 17.32
CA PRO B 229 -54.65 -8.40 17.25
C PRO B 229 -54.49 -9.33 18.44
N GLU B 230 -55.11 -10.49 18.35
CA GLU B 230 -55.24 -11.39 19.50
C GLU B 230 -53.90 -11.99 19.89
N SER B 231 -53.18 -12.59 18.94
CA SER B 231 -51.91 -13.21 19.25
C SER B 231 -50.75 -12.23 19.13
N LEU B 232 -50.91 -11.06 19.75
CA LEU B 232 -49.80 -10.16 20.00
C LEU B 232 -49.97 -9.48 21.35
N ARG B 233 -51.05 -9.81 22.07
CA ARG B 233 -51.37 -9.14 23.31
C ARG B 233 -50.47 -9.63 24.43
N ASP B 234 -49.94 -8.68 25.20
CA ASP B 234 -49.17 -8.91 26.43
C ASP B 234 -47.94 -9.76 26.16
N LYS B 235 -47.06 -9.21 25.34
CA LYS B 235 -45.78 -9.83 24.99
C LYS B 235 -44.75 -8.71 25.13
N THR B 236 -44.00 -8.72 26.23
CA THR B 236 -43.15 -7.59 26.56
C THR B 236 -41.94 -7.51 25.64
N ILE B 237 -41.53 -6.29 25.33
CA ILE B 237 -40.42 -6.04 24.42
C ILE B 237 -39.17 -5.82 25.26
N VAL B 238 -38.33 -6.84 25.33
CA VAL B 238 -37.12 -6.79 26.13
C VAL B 238 -35.97 -6.38 25.21
N ALA B 239 -35.48 -5.16 25.39
CA ALA B 239 -34.42 -4.64 24.54
C ALA B 239 -33.07 -5.19 25.00
N LEU B 240 -32.43 -5.94 24.11
CA LEU B 240 -31.15 -6.55 24.43
C LEU B 240 -30.01 -5.54 24.29
N ASP B 241 -28.80 -6.02 24.56
CA ASP B 241 -27.58 -5.25 24.39
C ASP B 241 -26.51 -6.17 23.85
N LEU B 242 -25.47 -5.57 23.29
CA LEU B 242 -24.23 -6.26 22.98
C LEU B 242 -23.01 -5.53 23.54
N GLY B 243 -23.19 -4.35 24.10
CA GLY B 243 -22.10 -3.66 24.73
C GLY B 243 -21.88 -4.16 26.13
N SER B 244 -22.98 -4.29 26.88
CA SER B 244 -22.89 -4.74 28.26
C SER B 244 -22.59 -6.22 28.37
N MET B 245 -22.77 -6.98 27.31
CA MET B 245 -22.58 -8.42 27.39
C MET B 245 -21.12 -8.81 27.24
N GLU B 254 -16.08 -17.57 27.86
CA GLU B 254 -17.10 -16.95 28.69
C GLU B 254 -18.18 -16.25 27.87
N PHE B 255 -17.77 -15.60 26.77
CA PHE B 255 -18.72 -14.87 25.94
C PHE B 255 -19.75 -15.77 25.30
N GLU B 256 -19.31 -16.89 24.75
CA GLU B 256 -20.21 -17.81 24.07
C GLU B 256 -21.13 -18.50 25.08
N GLU B 257 -20.64 -18.76 26.28
CA GLU B 257 -21.48 -19.26 27.38
C GLU B 257 -22.56 -18.27 27.75
N ARG B 258 -22.20 -16.99 27.83
CA ARG B 258 -23.15 -15.96 28.21
C ARG B 258 -24.23 -15.79 27.15
N LEU B 259 -23.82 -15.81 25.88
CA LEU B 259 -24.78 -15.68 24.79
C LEU B 259 -25.69 -16.90 24.71
N LYS B 260 -25.14 -18.10 24.97
CA LYS B 260 -25.99 -19.29 24.94
C LYS B 260 -26.95 -19.30 26.11
N ALA B 261 -26.55 -18.74 27.26
CA ALA B 261 -27.48 -18.59 28.37
C ALA B 261 -28.62 -17.64 28.02
N VAL B 262 -28.30 -16.54 27.32
CA VAL B 262 -29.33 -15.59 26.89
C VAL B 262 -30.30 -16.24 25.91
N LEU B 263 -29.77 -16.98 24.93
CA LEU B 263 -30.63 -17.60 23.92
C LEU B 263 -31.46 -18.72 24.51
N ASP B 264 -30.91 -19.47 25.46
CA ASP B 264 -31.65 -20.52 26.14
C ASP B 264 -32.76 -19.92 26.99
N ASP B 265 -32.51 -18.76 27.60
CA ASP B 265 -33.54 -18.12 28.41
C ASP B 265 -34.65 -17.57 27.54
N ILE B 266 -34.32 -17.10 26.33
CA ILE B 266 -35.37 -16.64 25.41
C ILE B 266 -36.20 -17.82 24.92
N LYS B 267 -35.54 -18.88 24.44
CA LYS B 267 -36.22 -20.03 23.88
C LYS B 267 -37.00 -20.82 24.94
N ASN B 268 -36.63 -20.70 26.22
CA ASN B 268 -37.32 -21.40 27.29
C ASN B 268 -38.74 -20.87 27.47
N SER B 269 -38.98 -19.62 27.12
CA SER B 269 -40.33 -19.07 27.18
C SER B 269 -41.16 -19.60 26.01
N ALA B 270 -42.41 -19.15 25.93
CA ALA B 270 -43.34 -19.59 24.89
C ALA B 270 -43.51 -18.53 23.82
N GLY B 271 -42.44 -17.84 23.44
CA GLY B 271 -42.56 -16.73 22.52
C GLY B 271 -43.16 -15.50 23.13
N GLN B 272 -43.15 -15.39 24.45
CA GLN B 272 -43.74 -14.27 25.16
C GLN B 272 -42.88 -13.01 25.13
N ILE B 273 -41.70 -13.07 24.52
CA ILE B 273 -40.73 -11.98 24.55
C ILE B 273 -40.40 -11.59 23.13
N ILE B 274 -40.42 -10.29 22.85
CA ILE B 274 -39.97 -9.73 21.58
C ILE B 274 -38.64 -9.05 21.84
N THR B 275 -37.57 -9.62 21.32
CA THR B 275 -36.26 -8.99 21.50
C THR B 275 -36.15 -7.77 20.60
N PHE B 276 -35.22 -6.89 20.96
CA PHE B 276 -35.06 -5.62 20.25
C PHE B 276 -33.58 -5.22 20.30
N ILE B 277 -32.84 -5.58 19.26
CA ILE B 277 -31.46 -5.15 19.13
C ILE B 277 -31.46 -3.89 18.27
N ASP B 278 -31.22 -2.75 18.91
CA ASP B 278 -31.10 -1.49 18.19
C ASP B 278 -29.67 -1.35 17.70
N GLU B 279 -29.53 -0.84 16.46
CA GLU B 279 -28.27 -0.70 15.73
C GLU B 279 -27.56 -2.05 15.61
N LEU B 280 -28.21 -2.95 14.86
CA LEU B 280 -27.71 -4.30 14.76
C LEU B 280 -26.61 -4.48 13.74
N HIS B 281 -26.02 -3.41 13.22
CA HIS B 281 -24.88 -3.60 12.34
C HIS B 281 -23.60 -3.94 13.09
N THR B 282 -23.63 -3.95 14.43
CA THR B 282 -22.52 -4.42 15.25
C THR B 282 -22.61 -5.90 15.56
N ILE B 283 -23.65 -6.59 15.08
CA ILE B 283 -23.87 -7.98 15.47
C ILE B 283 -22.94 -8.93 14.73
N VAL B 284 -22.26 -8.46 13.68
CA VAL B 284 -21.35 -9.32 12.94
C VAL B 284 -20.09 -9.59 13.75
N GLY B 285 -19.54 -8.57 14.40
CA GLY B 285 -18.26 -8.71 15.06
C GLY B 285 -18.28 -9.36 16.43
N MET B 299 -23.53 -18.22 15.97
CA MET B 299 -24.37 -19.20 16.64
C MET B 299 -25.81 -18.76 16.76
N ILE B 300 -26.11 -17.51 16.43
CA ILE B 300 -27.49 -17.04 16.37
C ILE B 300 -28.12 -17.35 15.02
N LYS B 301 -27.31 -17.77 14.04
CA LYS B 301 -27.82 -18.02 12.70
C LYS B 301 -28.86 -19.15 12.58
N PRO B 302 -28.73 -20.32 13.23
CA PRO B 302 -29.83 -21.29 13.11
C PRO B 302 -31.08 -20.88 13.85
N MET B 303 -30.95 -20.06 14.90
CA MET B 303 -32.13 -19.69 15.68
C MET B 303 -33.01 -18.70 14.93
N LEU B 304 -32.43 -17.93 14.01
CA LEU B 304 -33.20 -16.90 13.31
C LEU B 304 -34.16 -17.53 12.31
N ALA B 305 -33.67 -18.50 11.53
CA ALA B 305 -34.46 -19.03 10.43
C ALA B 305 -35.56 -19.98 10.87
N ARG B 306 -35.41 -20.60 12.05
CA ARG B 306 -36.47 -21.49 12.53
C ARG B 306 -37.70 -20.71 12.96
N GLY B 307 -37.51 -19.53 13.54
CA GLY B 307 -38.60 -18.64 13.86
C GLY B 307 -38.89 -18.46 15.33
N GLU B 308 -37.94 -18.76 16.21
CA GLU B 308 -38.22 -18.71 17.64
C GLU B 308 -38.14 -17.29 18.17
N LEU B 309 -36.96 -16.68 18.08
CA LEU B 309 -36.73 -15.39 18.70
C LEU B 309 -37.15 -14.29 17.73
N ARG B 310 -38.07 -13.44 18.18
CA ARG B 310 -38.55 -12.34 17.37
C ARG B 310 -37.62 -11.16 17.58
N LEU B 311 -37.20 -10.54 16.48
CA LEU B 311 -36.12 -9.56 16.52
C LEU B 311 -36.51 -8.35 15.69
N VAL B 312 -36.43 -7.17 16.29
CA VAL B 312 -36.73 -5.91 15.61
C VAL B 312 -35.49 -5.05 15.67
N GLY B 313 -35.11 -4.45 14.54
CA GLY B 313 -33.88 -3.67 14.49
C GLY B 313 -34.08 -2.33 13.83
N ALA B 314 -32.97 -1.60 13.71
CA ALA B 314 -32.98 -0.27 13.11
C ALA B 314 -31.56 0.07 12.68
N THR B 315 -31.35 0.19 11.39
CA THR B 315 -30.05 0.60 10.86
C THR B 315 -30.20 1.88 10.07
N THR B 316 -29.09 2.57 9.86
CA THR B 316 -29.08 3.57 8.83
C THR B 316 -29.00 2.88 7.48
N LEU B 317 -29.31 3.62 6.43
CA LEU B 317 -29.37 3.02 5.11
C LEU B 317 -27.98 2.72 4.56
N ASP B 318 -26.96 3.41 5.05
CA ASP B 318 -25.62 3.31 4.47
C ASP B 318 -24.60 2.64 5.37
N GLU B 319 -24.96 2.29 6.60
CA GLU B 319 -24.15 1.32 7.35
C GLU B 319 -24.59 -0.10 7.04
N TYR B 320 -25.81 -0.24 6.55
CA TYR B 320 -26.37 -1.53 6.20
C TYR B 320 -25.58 -2.19 5.08
N ARG B 321 -25.39 -1.47 3.99
CA ARG B 321 -24.68 -2.02 2.83
C ARG B 321 -23.19 -2.19 3.06
N LYS B 322 -22.66 -1.65 4.16
CA LYS B 322 -21.26 -1.86 4.48
C LYS B 322 -21.05 -3.01 5.45
N HIS B 323 -21.92 -3.18 6.44
CA HIS B 323 -21.66 -4.21 7.43
C HIS B 323 -22.47 -5.48 7.25
N ILE B 324 -23.66 -5.44 6.65
CA ILE B 324 -24.56 -6.58 6.62
C ILE B 324 -24.62 -7.22 5.24
N GLU B 325 -24.74 -6.39 4.19
CA GLU B 325 -24.79 -6.88 2.82
C GLU B 325 -23.49 -7.49 2.33
N LYS B 326 -22.40 -7.33 3.08
CA LYS B 326 -21.16 -8.05 2.85
C LYS B 326 -21.28 -9.52 3.24
N ASP B 327 -22.30 -9.87 4.02
CA ASP B 327 -22.40 -11.17 4.71
C ASP B 327 -23.72 -11.86 4.35
N ALA B 328 -23.94 -12.04 3.05
CA ALA B 328 -25.23 -12.38 2.44
C ALA B 328 -25.91 -13.64 2.98
N ALA B 329 -25.24 -14.44 3.80
CA ALA B 329 -25.96 -15.52 4.48
C ALA B 329 -26.91 -14.98 5.53
N LEU B 330 -26.55 -13.90 6.21
CA LEU B 330 -27.40 -13.33 7.24
C LEU B 330 -28.61 -12.64 6.67
N GLU B 331 -28.39 -11.74 5.70
CA GLU B 331 -29.40 -10.79 5.26
C GLU B 331 -30.55 -11.45 4.51
N ARG B 332 -30.49 -12.74 4.22
CA ARG B 332 -31.64 -13.42 3.66
C ARG B 332 -32.71 -13.64 4.70
N ARG B 333 -32.32 -13.66 5.98
CA ARG B 333 -33.26 -13.92 7.06
C ARG B 333 -33.91 -12.67 7.67
N PHE B 334 -34.04 -11.60 6.88
CA PHE B 334 -34.66 -10.40 7.38
C PHE B 334 -35.75 -9.93 6.43
N GLN B 335 -36.42 -8.84 6.82
CA GLN B 335 -37.46 -8.23 5.99
C GLN B 335 -37.24 -6.73 6.05
N GLN B 336 -36.80 -6.14 4.95
CA GLN B 336 -36.49 -4.72 4.90
C GLN B 336 -37.78 -3.91 4.87
N VAL B 337 -37.97 -3.07 5.87
CA VAL B 337 -39.13 -2.20 5.96
C VAL B 337 -38.62 -0.78 5.78
N TYR B 338 -38.78 -0.23 4.59
CA TYR B 338 -38.27 1.09 4.32
C TYR B 338 -39.12 2.14 5.01
N VAL B 339 -38.47 3.18 5.51
CA VAL B 339 -39.15 4.31 6.13
C VAL B 339 -38.65 5.57 5.46
N GLY B 340 -39.54 6.31 4.82
CA GLY B 340 -39.18 7.56 4.18
C GLY B 340 -39.58 8.75 5.01
N GLU B 341 -38.92 9.88 4.74
CA GLU B 341 -39.21 11.10 5.48
C GLU B 341 -40.57 11.64 5.06
N PRO B 342 -41.27 12.35 5.94
CA PRO B 342 -42.54 12.96 5.58
C PRO B 342 -42.32 14.27 4.84
N SER B 343 -43.43 14.88 4.45
CA SER B 343 -43.41 16.24 3.91
C SER B 343 -43.67 17.22 5.05
N VAL B 344 -43.97 18.47 4.71
CA VAL B 344 -44.21 19.49 5.72
C VAL B 344 -45.57 19.27 6.39
N GLU B 345 -46.55 18.81 5.61
CA GLU B 345 -47.94 18.74 6.04
C GLU B 345 -48.15 17.78 7.20
N ASP B 346 -47.35 16.71 7.28
CA ASP B 346 -47.44 15.84 8.44
C ASP B 346 -46.58 16.34 9.60
N THR B 347 -45.51 17.09 9.30
CA THR B 347 -44.65 17.62 10.34
C THR B 347 -45.35 18.69 11.15
N ILE B 348 -46.27 19.42 10.53
CA ILE B 348 -47.08 20.38 11.28
C ILE B 348 -47.95 19.67 12.30
N GLY B 349 -48.47 18.50 11.93
CA GLY B 349 -49.24 17.71 12.88
C GLY B 349 -48.38 17.12 13.99
N ILE B 350 -47.16 16.70 13.65
CA ILE B 350 -46.23 16.18 14.66
C ILE B 350 -45.86 17.26 15.67
N LEU B 351 -45.59 18.47 15.17
CA LEU B 351 -45.24 19.59 16.04
C LEU B 351 -46.41 20.04 16.89
N ARG B 352 -47.64 19.97 16.35
CA ARG B 352 -48.80 20.25 17.21
C ARG B 352 -48.99 19.17 18.25
N GLY B 353 -48.55 17.95 17.96
CA GLY B 353 -48.67 16.89 18.94
C GLY B 353 -47.69 17.04 20.09
N LEU B 354 -46.43 17.31 19.77
CA LEU B 354 -45.39 17.33 20.80
C LEU B 354 -45.21 18.70 21.44
N LYS B 355 -46.20 19.59 21.30
CA LYS B 355 -46.08 20.93 21.83
C LYS B 355 -46.10 20.93 23.36
N ASP B 356 -46.85 20.03 23.96
CA ASP B 356 -47.08 20.08 25.40
C ASP B 356 -45.87 19.63 26.21
N ARG B 357 -44.98 18.83 25.62
CA ARG B 357 -43.92 18.24 26.41
C ARG B 357 -42.83 19.25 26.75
N TYR B 358 -42.56 20.19 25.85
CA TYR B 358 -41.50 21.16 26.10
C TYR B 358 -41.99 22.33 26.94
N GLU B 359 -43.30 22.57 26.95
CA GLU B 359 -43.88 23.59 27.81
C GLU B 359 -43.82 23.22 29.27
N VAL B 360 -43.62 21.94 29.59
CA VAL B 360 -43.57 21.49 30.97
C VAL B 360 -42.14 21.49 31.48
N HIS B 361 -41.19 21.05 30.65
CA HIS B 361 -39.79 21.03 31.07
C HIS B 361 -39.23 22.44 31.17
N HIS B 362 -39.40 23.24 30.13
CA HIS B 362 -39.14 24.67 30.19
C HIS B 362 -40.48 25.34 30.45
N GLY B 363 -40.59 26.02 31.59
CA GLY B 363 -41.86 26.60 31.98
C GLY B 363 -42.26 27.82 31.17
N VAL B 364 -42.55 27.62 29.89
CA VAL B 364 -42.92 28.68 28.96
C VAL B 364 -44.05 28.18 28.07
N ARG B 365 -44.82 29.12 27.55
CA ARG B 365 -45.88 28.77 26.60
C ARG B 365 -45.37 28.91 25.18
N ILE B 366 -45.89 28.07 24.29
CA ILE B 366 -45.51 28.07 22.89
C ILE B 366 -46.76 28.33 22.06
N THR B 367 -46.67 29.30 21.16
CA THR B 367 -47.80 29.73 20.34
C THR B 367 -47.78 28.98 19.01
N ASP B 368 -48.96 28.46 18.62
CA ASP B 368 -49.11 27.72 17.37
C ASP B 368 -48.96 28.60 16.13
N SER B 369 -48.93 29.92 16.29
CA SER B 369 -48.57 30.79 15.16
C SER B 369 -47.12 30.59 14.77
N ALA B 370 -46.23 30.47 15.76
CA ALA B 370 -44.83 30.22 15.49
C ALA B 370 -44.57 28.79 15.06
N LEU B 371 -45.48 27.89 15.37
CA LEU B 371 -45.26 26.48 15.12
C LEU B 371 -45.45 26.13 13.65
N VAL B 372 -46.13 26.99 12.89
CA VAL B 372 -46.14 26.84 11.44
C VAL B 372 -44.81 27.29 10.85
N ALA B 373 -44.28 28.41 11.35
CA ALA B 373 -43.08 28.99 10.78
C ALA B 373 -41.85 28.16 11.08
N ALA B 374 -41.80 27.52 12.26
CA ALA B 374 -40.65 26.70 12.63
C ALA B 374 -40.49 25.45 11.77
N ALA B 375 -41.52 25.06 11.02
CA ALA B 375 -41.39 24.00 10.03
C ALA B 375 -41.34 24.50 8.61
N THR B 376 -42.00 25.62 8.30
CA THR B 376 -41.94 26.18 6.95
C THR B 376 -40.56 26.74 6.65
N LEU B 377 -40.06 27.60 7.54
CA LEU B 377 -38.80 28.30 7.37
C LEU B 377 -37.59 27.39 7.54
N SER B 378 -37.77 26.19 8.09
CA SER B 378 -36.67 25.25 8.27
C SER B 378 -36.52 24.30 7.11
N ASP B 379 -36.90 24.72 5.91
CA ASP B 379 -36.78 23.84 4.76
C ASP B 379 -36.02 24.57 3.66
N ARG B 380 -36.22 25.88 3.57
CA ARG B 380 -35.50 26.65 2.57
C ARG B 380 -34.16 27.17 3.07
N TYR B 381 -33.84 26.99 4.36
CA TYR B 381 -32.59 27.49 4.91
C TYR B 381 -31.66 26.39 5.37
N ILE B 382 -32.12 25.48 6.22
CA ILE B 382 -31.27 24.43 6.76
C ILE B 382 -31.47 23.20 5.88
N THR B 383 -30.53 22.98 4.97
CA THR B 383 -30.62 21.90 4.00
C THR B 383 -29.40 21.00 4.11
N ALA B 384 -29.08 20.60 5.33
CA ALA B 384 -28.05 19.60 5.54
C ALA B 384 -28.55 18.35 6.24
N ARG B 385 -29.44 18.47 7.23
CA ARG B 385 -30.00 17.33 7.92
C ARG B 385 -31.31 16.92 7.23
N PHE B 386 -31.93 15.87 7.75
CA PHE B 386 -33.24 15.49 7.27
C PHE B 386 -34.33 16.06 8.15
N LEU B 387 -35.57 15.65 7.93
CA LEU B 387 -36.78 16.26 8.46
C LEU B 387 -37.07 15.59 9.81
N PRO B 388 -38.33 15.49 10.32
CA PRO B 388 -38.74 16.12 11.60
C PRO B 388 -37.74 16.45 12.70
N ASP B 389 -36.66 15.75 12.94
CA ASP B 389 -35.80 16.11 14.06
C ASP B 389 -35.14 17.47 13.93
N LYS B 390 -34.94 17.94 12.71
CA LYS B 390 -34.40 19.27 12.47
C LYS B 390 -35.39 20.36 12.87
N ALA B 391 -36.69 20.11 12.73
CA ALA B 391 -37.69 21.09 13.09
C ALA B 391 -38.16 20.96 14.53
N ILE B 392 -37.33 20.39 15.40
CA ILE B 392 -37.65 20.30 16.82
C ILE B 392 -36.54 21.03 17.59
N ASP B 393 -35.34 21.02 16.99
CA ASP B 393 -34.22 21.75 17.57
C ASP B 393 -34.45 23.24 17.59
N LEU B 394 -35.21 23.77 16.64
CA LEU B 394 -35.49 25.20 16.61
C LEU B 394 -36.41 25.60 17.76
N VAL B 395 -37.46 24.81 17.99
CA VAL B 395 -38.39 25.08 19.10
C VAL B 395 -37.66 24.93 20.43
N ASP B 396 -36.78 23.93 20.53
CA ASP B 396 -36.04 23.70 21.77
C ASP B 396 -35.07 24.85 22.06
N GLU B 397 -34.28 25.26 21.07
CA GLU B 397 -33.30 26.30 21.33
C GLU B 397 -33.97 27.66 21.48
N ALA B 398 -35.14 27.87 20.87
CA ALA B 398 -35.87 29.11 21.09
C ALA B 398 -36.42 29.18 22.50
N ALA B 399 -36.94 28.07 23.01
CA ALA B 399 -37.40 28.02 24.40
C ALA B 399 -36.25 28.25 25.37
N SER B 400 -35.06 27.72 25.05
CA SER B 400 -33.91 27.93 25.93
C SER B 400 -33.45 29.38 25.94
N ARG B 401 -33.40 30.03 24.76
CA ARG B 401 -33.06 31.44 24.70
C ARG B 401 -34.09 32.30 25.43
N LEU B 402 -35.36 31.91 25.38
CA LEU B 402 -36.37 32.68 26.10
C LEU B 402 -36.25 32.49 27.61
N ARG B 403 -35.90 31.28 28.06
CA ARG B 403 -35.60 31.08 29.49
C ARG B 403 -34.40 31.93 29.93
N MET B 404 -33.39 32.06 29.06
CA MET B 404 -32.25 32.92 29.35
C MET B 404 -32.67 34.38 29.48
N GLU B 405 -33.57 34.84 28.61
CA GLU B 405 -34.02 36.23 28.73
C GLU B 405 -34.96 36.44 29.92
N ILE B 406 -35.71 35.42 30.33
CA ILE B 406 -36.56 35.54 31.52
C ILE B 406 -35.77 35.23 32.78
N ASP B 407 -34.49 34.93 32.66
CA ASP B 407 -33.61 34.90 33.84
C ASP B 407 -33.33 36.32 34.33
N LYS B 530 -43.48 38.67 25.55
CA LYS B 530 -42.20 38.00 25.69
C LYS B 530 -42.32 36.83 26.67
N GLU B 531 -43.51 36.65 27.25
CA GLU B 531 -43.74 35.49 28.10
C GLU B 531 -44.03 34.24 27.32
N GLU B 532 -44.06 34.30 25.99
CA GLU B 532 -44.18 33.13 25.15
C GLU B 532 -43.27 33.32 23.94
N VAL B 533 -42.94 32.22 23.28
CA VAL B 533 -42.17 32.31 22.05
C VAL B 533 -43.09 32.74 20.91
N GLY B 534 -42.47 33.20 19.83
CA GLY B 534 -43.20 33.68 18.69
C GLY B 534 -42.40 33.53 17.42
N PRO B 535 -42.93 34.04 16.31
CA PRO B 535 -42.27 33.84 15.01
C PRO B 535 -40.98 34.61 14.82
N ASP B 536 -40.62 35.50 15.75
CA ASP B 536 -39.38 36.25 15.64
C ASP B 536 -38.18 35.49 16.17
N ASP B 537 -38.32 34.80 17.31
CA ASP B 537 -37.17 34.15 17.91
C ASP B 537 -36.75 32.92 17.13
N ILE B 538 -37.69 32.31 16.38
CA ILE B 538 -37.34 31.24 15.45
C ILE B 538 -36.39 31.77 14.38
N ALA B 539 -36.70 32.97 13.87
CA ALA B 539 -35.82 33.62 12.90
C ALA B 539 -34.51 34.03 13.53
N ASP B 540 -34.53 34.38 14.82
CA ASP B 540 -33.29 34.72 15.52
C ASP B 540 -32.37 33.51 15.61
N VAL B 541 -32.94 32.34 15.89
CA VAL B 541 -32.15 31.12 15.97
C VAL B 541 -31.58 30.75 14.61
N VAL B 542 -32.40 30.81 13.56
CA VAL B 542 -31.90 30.46 12.23
C VAL B 542 -31.03 31.55 11.63
N SER B 543 -30.95 32.72 12.26
CA SER B 543 -29.91 33.66 11.90
C SER B 543 -28.60 33.31 12.59
N ALA B 544 -28.63 33.21 13.92
CA ALA B 544 -27.42 33.05 14.71
C ALA B 544 -26.73 31.72 14.44
N TRP B 545 -27.49 30.69 14.15
CA TRP B 545 -26.92 29.50 13.53
C TRP B 545 -27.10 29.66 12.04
N THR B 546 -26.07 29.22 11.28
CA THR B 546 -25.89 29.27 9.83
C THR B 546 -25.66 30.68 9.27
N GLY B 547 -25.75 31.69 10.11
CA GLY B 547 -25.56 33.06 9.67
C GLY B 547 -26.37 33.39 8.42
N ILE B 548 -27.65 33.02 8.45
CA ILE B 548 -28.53 33.28 7.31
C ILE B 548 -29.25 34.61 7.44
N PRO B 549 -29.24 35.19 8.64
CA PRO B 549 -29.91 36.47 8.88
C PRO B 549 -29.46 37.54 7.89
N ALA B 550 -28.16 37.65 7.68
CA ALA B 550 -27.62 38.64 6.75
C ALA B 550 -27.85 38.23 5.29
N GLY B 551 -27.97 36.92 5.07
CA GLY B 551 -28.18 36.39 3.74
C GLY B 551 -29.65 36.30 3.39
N ARG B 552 -30.24 37.44 3.00
CA ARG B 552 -31.65 37.49 2.64
C ARG B 552 -32.54 37.25 3.84
N LEU B 553 -32.67 38.27 4.70
CA LEU B 553 -33.50 38.17 5.89
C LEU B 553 -34.94 37.87 5.53
N LEU B 554 -35.29 36.57 5.55
CA LEU B 554 -36.65 36.15 5.22
C LEU B 554 -37.02 36.56 3.80
N GLU B 555 -37.25 35.58 2.94
CA GLU B 555 -37.61 35.85 1.56
C GLU B 555 -38.25 34.64 0.87
N GLY B 556 -38.75 34.86 -0.34
CA GLY B 556 -39.39 33.80 -1.10
C GLY B 556 -40.85 34.10 -1.37
N GLU B 557 -41.19 35.39 -1.42
CA GLU B 557 -42.56 35.82 -1.67
C GLU B 557 -42.81 36.11 -3.14
N THR B 558 -44.02 36.57 -3.45
CA THR B 558 -44.38 36.90 -4.83
C THR B 558 -43.95 38.32 -5.17
N ALA B 559 -43.83 39.17 -4.15
CA ALA B 559 -43.22 40.48 -4.32
C ALA B 559 -41.77 40.38 -4.75
N LYS B 560 -41.06 39.34 -4.32
CA LYS B 560 -39.69 39.14 -4.80
C LYS B 560 -39.68 38.67 -6.25
N LEU B 561 -40.37 37.56 -6.53
CA LEU B 561 -40.34 36.94 -7.85
C LEU B 561 -41.01 37.78 -8.92
N LEU B 562 -41.80 38.79 -8.54
CA LEU B 562 -42.27 39.76 -9.52
C LEU B 562 -41.11 40.59 -10.05
N ARG B 563 -40.14 40.93 -9.21
CA ARG B 563 -38.98 41.72 -9.60
C ARG B 563 -37.73 40.84 -9.56
N MET B 564 -37.48 40.13 -10.66
CA MET B 564 -36.30 39.26 -10.67
C MET B 564 -35.49 39.51 -11.92
N GLU B 565 -36.16 39.92 -13.00
CA GLU B 565 -35.42 40.39 -14.17
C GLU B 565 -34.73 41.72 -13.90
N ASP B 566 -35.23 42.50 -12.95
CA ASP B 566 -34.65 43.80 -12.61
C ASP B 566 -33.86 43.79 -11.32
N GLU B 567 -34.12 42.86 -10.41
CA GLU B 567 -33.31 42.78 -9.19
C GLU B 567 -31.94 42.19 -9.51
N LEU B 568 -31.90 41.28 -10.48
CA LEU B 568 -30.64 40.63 -10.82
C LEU B 568 -29.72 41.55 -11.60
N GLY B 569 -30.27 42.64 -12.16
CA GLY B 569 -29.49 43.59 -12.94
C GLY B 569 -28.54 44.45 -12.14
N LYS B 570 -28.57 44.38 -10.81
CA LYS B 570 -27.66 45.15 -9.99
C LYS B 570 -26.26 44.56 -9.96
N ARG B 571 -26.06 43.37 -10.50
CA ARG B 571 -24.76 42.74 -10.55
C ARG B 571 -24.39 42.24 -11.95
N VAL B 572 -25.36 42.03 -12.83
CA VAL B 572 -25.09 41.71 -14.22
C VAL B 572 -25.73 42.79 -15.09
N ILE B 573 -24.93 43.38 -15.96
CA ILE B 573 -25.40 44.45 -16.84
C ILE B 573 -25.57 43.91 -18.24
N GLY B 574 -26.70 44.25 -18.87
CA GLY B 574 -26.95 43.78 -20.22
C GLY B 574 -27.36 42.33 -20.20
N GLN B 575 -27.06 41.65 -21.32
CA GLN B 575 -27.33 40.21 -21.53
C GLN B 575 -28.81 39.91 -21.35
N LYS B 576 -29.65 40.84 -21.81
CA LYS B 576 -31.04 40.91 -21.38
C LYS B 576 -31.86 39.74 -21.90
N ALA B 577 -31.53 39.23 -23.09
CA ALA B 577 -32.25 38.10 -23.64
C ALA B 577 -31.88 36.78 -22.99
N ALA B 578 -30.86 36.75 -22.13
CA ALA B 578 -30.46 35.54 -21.44
C ALA B 578 -30.53 35.72 -19.94
N VAL B 579 -31.26 36.74 -19.50
CA VAL B 579 -31.79 36.79 -18.15
C VAL B 579 -33.29 36.57 -18.14
N THR B 580 -33.99 36.92 -19.22
CA THR B 580 -35.42 36.67 -19.33
C THR B 580 -35.74 35.20 -19.57
N ALA B 581 -34.75 34.33 -19.75
CA ALA B 581 -34.97 32.90 -19.78
C ALA B 581 -34.56 32.21 -18.50
N VAL B 582 -33.50 32.69 -17.85
CA VAL B 582 -33.10 32.14 -16.55
C VAL B 582 -34.12 32.56 -15.50
N SER B 583 -34.68 33.75 -15.64
CA SER B 583 -35.73 34.28 -14.79
C SER B 583 -37.09 33.68 -15.09
N ASP B 584 -37.16 32.66 -15.91
CA ASP B 584 -38.41 32.02 -16.27
C ASP B 584 -38.50 30.59 -15.79
N ALA B 585 -37.38 29.88 -15.71
CA ALA B 585 -37.39 28.55 -15.13
C ALA B 585 -37.52 28.58 -13.61
N VAL B 586 -37.42 29.76 -13.00
CA VAL B 586 -37.68 29.89 -11.58
C VAL B 586 -39.15 30.24 -11.33
N ARG B 587 -39.72 31.10 -12.17
CA ARG B 587 -41.12 31.47 -11.97
C ARG B 587 -42.07 30.34 -12.36
N ARG B 588 -41.75 29.59 -13.41
CA ARG B 588 -42.64 28.50 -13.76
C ARG B 588 -42.48 27.30 -12.85
N SER B 589 -41.41 27.23 -12.08
CA SER B 589 -41.26 26.15 -11.12
C SER B 589 -41.84 26.49 -9.77
N ARG B 590 -42.07 27.77 -9.49
CA ARG B 590 -42.78 28.17 -8.28
C ARG B 590 -44.27 28.38 -8.52
N ALA B 591 -44.74 28.27 -9.76
CA ALA B 591 -46.18 28.32 -9.99
C ALA B 591 -46.81 26.94 -9.99
N GLY B 592 -46.03 25.90 -10.28
CA GLY B 592 -46.55 24.56 -10.30
C GLY B 592 -46.87 24.04 -11.68
N VAL B 593 -46.25 24.60 -12.70
CA VAL B 593 -46.50 24.17 -14.08
C VAL B 593 -45.39 23.26 -14.56
N SER B 594 -44.32 23.11 -13.79
CA SER B 594 -43.12 22.39 -14.21
C SER B 594 -43.40 20.89 -14.37
N ASP B 595 -42.54 20.26 -15.14
CA ASP B 595 -42.67 18.84 -15.41
C ASP B 595 -42.14 18.07 -14.21
N PRO B 596 -42.96 17.25 -13.54
CA PRO B 596 -42.57 16.72 -12.24
C PRO B 596 -41.50 15.64 -12.28
N ASN B 597 -41.06 15.19 -13.45
CA ASN B 597 -39.89 14.32 -13.56
C ASN B 597 -38.96 14.86 -14.65
N ARG B 598 -38.18 15.87 -14.27
CA ARG B 598 -37.18 16.59 -15.04
C ARG B 598 -36.56 17.56 -14.06
N PRO B 599 -35.28 17.92 -14.19
CA PRO B 599 -34.77 19.07 -13.44
C PRO B 599 -35.51 20.34 -13.85
N THR B 600 -35.63 21.27 -12.90
CA THR B 600 -36.47 22.44 -13.11
C THR B 600 -35.92 23.35 -14.19
N GLY B 601 -34.60 23.37 -14.37
CA GLY B 601 -34.02 24.02 -15.52
C GLY B 601 -32.63 23.48 -15.79
N ALA B 602 -32.37 23.05 -17.03
CA ALA B 602 -31.08 22.49 -17.41
C ALA B 602 -30.71 23.09 -18.74
N PHE B 603 -30.04 24.24 -18.71
CA PHE B 603 -29.75 25.00 -19.90
C PHE B 603 -28.27 25.35 -19.95
N MET B 604 -27.77 25.50 -21.17
CA MET B 604 -26.34 25.67 -21.42
C MET B 604 -26.13 26.99 -22.14
N PHE B 605 -25.34 27.88 -21.54
CA PHE B 605 -24.97 29.12 -22.21
C PHE B 605 -23.48 29.23 -22.43
N LEU B 606 -23.13 29.79 -23.59
CA LEU B 606 -21.77 29.87 -24.09
C LEU B 606 -21.61 31.16 -24.86
N GLY B 607 -20.43 31.37 -25.43
CA GLY B 607 -20.11 32.60 -26.11
C GLY B 607 -18.62 32.90 -26.03
N PRO B 608 -18.23 34.16 -26.23
CA PRO B 608 -16.82 34.54 -26.11
C PRO B 608 -16.45 34.67 -24.63
N THR B 609 -15.19 34.98 -24.38
CA THR B 609 -14.72 35.07 -23.01
C THR B 609 -14.91 36.46 -22.45
N GLY B 610 -14.86 36.55 -21.13
CA GLY B 610 -14.94 37.84 -20.44
C GLY B 610 -16.27 38.54 -20.58
N VAL B 611 -17.37 37.80 -20.51
CA VAL B 611 -18.68 38.36 -20.78
C VAL B 611 -19.54 38.45 -19.53
N GLY B 612 -19.45 37.48 -18.63
CA GLY B 612 -20.30 37.47 -17.46
C GLY B 612 -21.05 36.17 -17.32
N LYS B 613 -20.52 35.10 -17.90
CA LYS B 613 -21.23 33.83 -17.89
C LYS B 613 -20.97 32.99 -16.66
N THR B 614 -19.96 33.34 -15.87
CA THR B 614 -19.79 32.76 -14.55
C THR B 614 -20.34 33.65 -13.46
N GLU B 615 -20.31 34.97 -13.70
CA GLU B 615 -20.87 35.92 -12.76
C GLU B 615 -22.38 35.81 -12.69
N LEU B 616 -23.03 35.40 -13.78
CA LEU B 616 -24.47 35.19 -13.74
C LEU B 616 -24.83 33.97 -12.91
N ALA B 617 -24.08 32.89 -13.08
CA ALA B 617 -24.40 31.67 -12.35
C ALA B 617 -24.01 31.73 -10.89
N LYS B 618 -23.34 32.77 -10.43
CA LYS B 618 -23.14 33.03 -9.02
C LYS B 618 -24.06 34.11 -8.49
N ALA B 619 -24.80 34.78 -9.36
CA ALA B 619 -25.72 35.82 -8.93
C ALA B 619 -27.14 35.32 -8.76
N LEU B 620 -27.51 34.26 -9.45
CA LEU B 620 -28.81 33.64 -9.23
C LEU B 620 -28.74 32.58 -8.16
N ALA B 621 -27.54 32.33 -7.62
CA ALA B 621 -27.38 31.59 -6.39
C ALA B 621 -27.22 32.50 -5.20
N ASP B 622 -27.61 33.75 -5.33
CA ASP B 622 -27.41 34.73 -4.28
C ASP B 622 -28.68 35.07 -3.54
N PHE B 623 -29.80 35.22 -4.24
CA PHE B 623 -31.04 35.50 -3.54
C PHE B 623 -31.85 34.25 -3.25
N LEU B 624 -31.49 33.12 -3.85
CA LEU B 624 -32.15 31.87 -3.46
C LEU B 624 -31.61 31.35 -2.14
N PHE B 625 -30.34 31.63 -1.83
CA PHE B 625 -29.67 31.03 -0.68
C PHE B 625 -29.18 32.02 0.35
N ASP B 626 -29.22 33.32 0.07
CA ASP B 626 -28.70 34.43 0.87
C ASP B 626 -27.18 34.37 1.06
N ASP B 627 -26.49 33.49 0.35
CA ASP B 627 -25.03 33.38 0.37
C ASP B 627 -24.54 33.21 -1.06
N GLU B 628 -23.27 32.85 -1.24
CA GLU B 628 -22.78 32.57 -2.57
C GLU B 628 -21.83 31.38 -2.60
N ARG B 629 -21.72 30.65 -1.49
CA ARG B 629 -20.80 29.52 -1.39
C ARG B 629 -21.51 28.21 -1.11
N ALA B 630 -22.85 28.20 -1.11
CA ALA B 630 -23.62 27.00 -0.84
C ALA B 630 -24.02 26.27 -2.11
N MET B 631 -23.24 26.37 -3.17
CA MET B 631 -23.55 25.70 -4.42
C MET B 631 -22.51 24.63 -4.72
N VAL B 632 -22.93 23.65 -5.51
CA VAL B 632 -22.06 22.53 -5.88
C VAL B 632 -21.27 23.00 -7.08
N ARG B 633 -20.04 23.43 -6.84
CA ARG B 633 -19.17 23.93 -7.89
C ARG B 633 -18.10 22.89 -8.17
N ILE B 634 -18.37 22.04 -9.14
CA ILE B 634 -17.36 21.12 -9.62
C ILE B 634 -16.82 21.70 -10.92
N ASP B 635 -15.59 21.32 -11.25
CA ASP B 635 -14.92 21.85 -12.43
C ASP B 635 -14.47 20.68 -13.28
N MET B 636 -15.05 20.58 -14.47
CA MET B 636 -14.70 19.49 -15.39
C MET B 636 -13.57 19.87 -16.33
N SER B 637 -12.68 20.75 -15.90
CA SER B 637 -11.50 21.06 -16.67
C SER B 637 -10.36 20.08 -16.40
N GLU B 638 -10.61 19.03 -15.64
CA GLU B 638 -9.58 18.11 -15.20
C GLU B 638 -9.82 16.69 -15.68
N TYR B 639 -10.93 16.42 -16.34
CA TYR B 639 -11.32 15.06 -16.66
C TYR B 639 -10.93 14.72 -18.09
N GLY B 640 -9.63 14.82 -18.36
CA GLY B 640 -9.16 14.58 -19.70
C GLY B 640 -9.18 13.12 -20.09
N GLU B 641 -9.04 12.23 -19.13
CA GLU B 641 -8.99 10.80 -19.37
C GLU B 641 -10.27 10.12 -18.91
N LYS B 642 -10.36 8.82 -19.22
CA LYS B 642 -11.59 8.08 -19.17
C LYS B 642 -11.89 7.49 -17.80
N HIS B 643 -11.03 7.70 -16.81
CA HIS B 643 -11.22 7.07 -15.52
C HIS B 643 -11.23 8.06 -14.37
N THR B 644 -11.57 9.31 -14.62
CA THR B 644 -11.90 10.22 -13.55
C THR B 644 -13.40 10.32 -13.35
N VAL B 645 -14.16 9.41 -13.94
CA VAL B 645 -15.57 9.24 -13.63
C VAL B 645 -15.75 8.90 -12.16
N ALA B 646 -14.85 8.07 -11.63
CA ALA B 646 -15.04 7.48 -10.31
C ALA B 646 -14.95 8.48 -9.17
N ARG B 647 -14.44 9.68 -9.40
CA ARG B 647 -14.42 10.61 -8.28
C ARG B 647 -15.75 11.30 -8.07
N LEU B 648 -16.71 11.15 -8.99
CA LEU B 648 -18.04 11.73 -8.84
C LEU B 648 -19.14 10.68 -8.87
N ILE B 649 -18.78 9.40 -8.87
CA ILE B 649 -19.79 8.37 -8.99
C ILE B 649 -19.50 7.28 -7.96
N GLY B 662 -19.33 9.49 -3.82
CA GLY B 662 -18.82 10.36 -4.86
C GLY B 662 -18.82 11.80 -4.40
N GLN B 663 -18.11 12.62 -5.16
CA GLN B 663 -18.06 14.04 -4.84
C GLN B 663 -19.30 14.76 -5.33
N LEU B 664 -19.88 14.32 -6.46
CA LEU B 664 -21.14 14.88 -6.92
C LEU B 664 -22.32 14.33 -6.13
N THR B 665 -22.22 13.11 -5.64
CA THR B 665 -23.39 12.42 -5.12
C THR B 665 -23.68 12.82 -3.67
N GLU B 666 -22.67 12.75 -2.81
CA GLU B 666 -22.89 12.99 -1.39
C GLU B 666 -22.81 14.46 -1.02
N ALA B 667 -22.97 15.37 -1.98
CA ALA B 667 -23.21 16.76 -1.68
C ALA B 667 -24.62 17.20 -2.06
N VAL B 668 -25.39 16.33 -2.68
CA VAL B 668 -26.78 16.61 -3.01
C VAL B 668 -27.74 15.95 -2.03
N ARG B 669 -27.45 14.71 -1.64
CA ARG B 669 -28.32 13.90 -0.80
C ARG B 669 -28.56 14.51 0.58
N ARG B 670 -27.71 15.43 0.99
CA ARG B 670 -27.89 16.12 2.27
C ARG B 670 -28.95 17.20 2.13
N ARG B 671 -28.74 18.13 1.21
CA ARG B 671 -29.72 19.19 0.92
C ARG B 671 -30.00 19.19 -0.57
N PRO B 672 -31.12 18.64 -1.01
CA PRO B 672 -31.37 18.43 -2.44
C PRO B 672 -31.94 19.65 -3.15
N TYR B 673 -31.31 20.80 -2.99
CA TYR B 673 -31.84 22.00 -3.60
C TYR B 673 -30.76 22.89 -4.20
N THR B 674 -29.49 22.54 -4.08
CA THR B 674 -28.42 23.41 -4.51
C THR B 674 -28.30 23.47 -6.03
N VAL B 675 -27.98 24.65 -6.54
CA VAL B 675 -27.65 24.84 -7.95
C VAL B 675 -26.25 24.26 -8.22
N VAL B 676 -26.07 23.67 -9.40
CA VAL B 676 -24.85 22.95 -9.74
C VAL B 676 -24.19 23.60 -10.94
N LEU B 677 -22.90 23.90 -10.83
CA LEU B 677 -22.11 24.37 -11.96
C LEU B 677 -21.43 23.22 -12.69
N PHE B 678 -20.97 23.52 -13.91
CA PHE B 678 -20.10 22.63 -14.69
C PHE B 678 -19.24 23.54 -15.55
N ASP B 679 -18.02 23.81 -15.11
CA ASP B 679 -17.20 24.82 -15.76
C ASP B 679 -16.29 24.19 -16.81
N GLU B 680 -16.35 24.74 -18.03
CA GLU B 680 -15.51 24.34 -19.16
C GLU B 680 -15.67 22.85 -19.49
N ILE B 681 -16.86 22.52 -19.98
CA ILE B 681 -17.20 21.14 -20.31
C ILE B 681 -16.57 20.66 -21.60
N GLU B 682 -15.85 21.53 -22.31
CA GLU B 682 -15.17 21.14 -23.55
C GLU B 682 -14.06 20.13 -23.31
N LYS B 683 -13.30 20.33 -22.24
CA LYS B 683 -12.08 19.55 -22.03
C LYS B 683 -12.33 18.16 -21.51
N ALA B 684 -13.56 17.84 -21.13
CA ALA B 684 -13.84 16.49 -20.70
C ALA B 684 -13.82 15.55 -21.90
N HIS B 685 -13.27 14.37 -21.70
CA HIS B 685 -13.33 13.33 -22.72
C HIS B 685 -14.79 12.91 -22.88
N PRO B 686 -15.24 12.59 -24.10
CA PRO B 686 -16.64 12.18 -24.30
C PRO B 686 -16.97 10.81 -23.70
N ASP B 687 -16.83 10.70 -22.39
CA ASP B 687 -17.26 9.58 -21.59
C ASP B 687 -17.96 10.15 -20.37
N VAL B 688 -17.58 11.36 -19.99
CA VAL B 688 -18.22 12.05 -18.89
C VAL B 688 -19.62 12.52 -19.28
N PHE B 689 -19.81 12.77 -20.58
CA PHE B 689 -21.12 13.11 -21.11
C PHE B 689 -22.08 11.94 -20.98
N ASP B 690 -21.55 10.72 -21.03
CA ASP B 690 -22.37 9.53 -20.89
C ASP B 690 -22.90 9.40 -19.46
N VAL B 691 -22.07 9.76 -18.48
CA VAL B 691 -22.54 9.83 -17.10
C VAL B 691 -23.60 10.91 -16.96
N LEU B 692 -23.38 12.04 -17.64
CA LEU B 692 -24.29 13.17 -17.54
C LEU B 692 -25.61 12.94 -18.27
N LEU B 693 -25.73 11.87 -19.04
CA LEU B 693 -26.86 11.71 -19.94
C LEU B 693 -28.14 11.27 -19.22
N GLN B 694 -28.03 10.53 -18.12
CA GLN B 694 -29.21 10.17 -17.34
C GLN B 694 -29.46 11.13 -16.18
N VAL B 695 -28.52 12.02 -15.91
CA VAL B 695 -28.81 13.17 -15.06
C VAL B 695 -29.93 13.98 -15.65
N LEU B 696 -29.80 14.33 -16.92
CA LEU B 696 -30.86 14.99 -17.65
C LEU B 696 -31.96 13.99 -17.97
N ASP B 697 -33.21 14.46 -17.92
CA ASP B 697 -34.41 13.80 -18.46
C ASP B 697 -34.85 12.59 -17.65
N GLU B 698 -34.08 12.19 -16.64
CA GLU B 698 -34.56 11.25 -15.64
C GLU B 698 -34.39 11.78 -14.23
N GLY B 699 -33.20 12.25 -13.90
CA GLY B 699 -32.95 12.85 -12.61
C GLY B 699 -32.25 11.96 -11.61
N ARG B 700 -31.89 10.74 -11.96
CA ARG B 700 -31.28 9.87 -10.97
C ARG B 700 -30.09 9.13 -11.53
N LEU B 701 -29.11 8.90 -10.66
CA LEU B 701 -27.93 8.11 -10.95
C LEU B 701 -27.67 7.24 -9.73
N THR B 702 -26.67 6.38 -9.81
CA THR B 702 -26.36 5.48 -8.70
C THR B 702 -24.92 5.64 -8.25
N ASP B 703 -24.56 4.87 -7.23
CA ASP B 703 -23.20 4.82 -6.72
C ASP B 703 -22.97 3.40 -6.20
N GLY B 704 -21.92 3.22 -5.40
CA GLY B 704 -21.58 1.89 -4.93
C GLY B 704 -22.57 1.34 -3.94
N HIS B 705 -23.10 2.20 -3.07
CA HIS B 705 -24.00 1.75 -2.01
C HIS B 705 -25.37 1.35 -2.52
N GLY B 706 -25.72 1.72 -3.75
CA GLY B 706 -26.98 1.29 -4.34
C GLY B 706 -28.16 2.21 -4.11
N ARG B 707 -27.94 3.51 -3.98
CA ARG B 707 -29.03 4.46 -3.78
C ARG B 707 -29.16 5.34 -5.01
N THR B 708 -30.40 5.68 -5.35
CA THR B 708 -30.68 6.47 -6.56
C THR B 708 -31.00 7.90 -6.15
N VAL B 709 -29.98 8.75 -6.21
CA VAL B 709 -30.11 10.13 -5.78
C VAL B 709 -30.86 10.95 -6.83
N ASP B 710 -31.88 11.66 -6.40
CA ASP B 710 -32.83 12.31 -7.31
C ASP B 710 -32.45 13.76 -7.56
N PHE B 711 -32.17 14.09 -8.82
CA PHE B 711 -31.94 15.47 -9.23
C PHE B 711 -33.21 16.06 -9.83
N ARG B 712 -34.30 16.05 -9.10
CA ARG B 712 -35.54 16.45 -9.74
C ARG B 712 -35.85 17.91 -9.58
N ASN B 713 -35.15 18.61 -8.70
CA ASN B 713 -35.50 20.01 -8.42
C ASN B 713 -34.27 20.87 -8.19
N THR B 714 -33.17 20.59 -8.86
CA THR B 714 -32.02 21.47 -8.89
C THR B 714 -31.89 22.11 -10.26
N ILE B 715 -31.13 23.19 -10.33
CA ILE B 715 -30.99 23.98 -11.54
C ILE B 715 -29.59 23.72 -12.08
N LEU B 716 -29.48 22.85 -13.08
CA LEU B 716 -28.18 22.60 -13.69
C LEU B 716 -27.79 23.74 -14.61
N ILE B 717 -26.50 24.04 -14.64
CA ILE B 717 -25.94 25.16 -15.40
C ILE B 717 -24.64 24.71 -16.04
N LEU B 718 -24.53 24.90 -17.35
CA LEU B 718 -23.38 24.46 -18.14
C LEU B 718 -22.73 25.67 -18.79
N THR B 719 -21.41 25.79 -18.68
CA THR B 719 -20.68 26.87 -19.31
C THR B 719 -19.77 26.32 -20.39
N SER B 720 -19.38 27.18 -21.32
CA SER B 720 -18.51 26.78 -22.43
C SER B 720 -17.92 28.03 -23.06
N ASN B 721 -16.99 27.82 -23.99
CA ASN B 721 -16.35 28.90 -24.72
C ASN B 721 -16.14 28.54 -26.19
N LEU B 722 -17.00 27.69 -26.74
CA LEU B 722 -16.79 27.16 -28.08
C LEU B 722 -16.91 28.24 -29.14
N GLY B 723 -16.06 28.16 -30.15
CA GLY B 723 -16.06 29.13 -31.22
C GLY B 723 -15.47 30.47 -30.82
N SER B 724 -16.18 31.16 -29.92
CA SER B 724 -15.78 32.45 -29.34
C SER B 724 -15.59 33.52 -30.43
N GLY B 725 -16.71 33.85 -31.06
CA GLY B 725 -16.71 34.85 -32.10
C GLY B 725 -17.33 34.40 -33.40
N GLY B 726 -18.14 33.34 -33.33
CA GLY B 726 -18.89 32.90 -34.50
C GLY B 726 -19.98 33.90 -34.87
N SER B 727 -20.20 34.03 -36.18
CA SER B 727 -21.08 35.07 -36.70
C SER B 727 -22.53 34.89 -36.30
N ALA B 728 -23.18 33.89 -36.87
CA ALA B 728 -24.50 33.45 -36.46
C ALA B 728 -24.59 31.95 -36.31
N GLU B 729 -23.92 31.21 -37.20
CA GLU B 729 -23.97 29.76 -37.21
C GLU B 729 -22.58 29.15 -37.14
N GLN B 730 -21.53 29.97 -37.22
CA GLN B 730 -20.18 29.46 -37.00
C GLN B 730 -19.99 28.98 -35.58
N VAL B 731 -20.57 29.68 -34.61
CA VAL B 731 -20.48 29.24 -33.23
C VAL B 731 -21.46 28.11 -32.95
N LEU B 732 -22.58 28.06 -33.66
CA LEU B 732 -23.59 27.06 -33.36
C LEU B 732 -23.26 25.71 -33.96
N ALA B 733 -22.70 25.69 -35.17
CA ALA B 733 -22.33 24.43 -35.80
C ALA B 733 -21.06 23.84 -35.23
N ALA B 734 -20.30 24.59 -34.44
CA ALA B 734 -19.14 24.02 -33.77
C ALA B 734 -19.55 23.18 -32.57
N VAL B 735 -20.73 23.45 -32.00
CA VAL B 735 -21.25 22.64 -30.91
C VAL B 735 -21.55 21.24 -31.40
N ARG B 736 -22.06 21.14 -32.63
CA ARG B 736 -22.44 19.87 -33.25
C ARG B 736 -21.23 18.98 -33.54
N ALA B 737 -20.02 19.53 -33.51
CA ALA B 737 -18.82 18.73 -33.70
C ALA B 737 -18.58 17.79 -32.53
N THR B 738 -18.41 18.34 -31.34
CA THR B 738 -18.01 17.51 -30.20
C THR B 738 -19.21 16.80 -29.58
N PHE B 739 -20.35 17.47 -29.47
CA PHE B 739 -21.52 16.89 -28.82
C PHE B 739 -22.27 15.99 -29.76
N LYS B 740 -22.53 14.76 -29.34
CA LYS B 740 -23.41 13.88 -30.10
C LYS B 740 -24.84 14.38 -30.01
N PRO B 741 -25.66 14.14 -31.05
CA PRO B 741 -27.03 14.69 -31.05
C PRO B 741 -27.96 14.12 -29.99
N GLU B 742 -27.60 13.01 -29.35
CA GLU B 742 -28.38 12.55 -28.21
C GLU B 742 -28.13 13.37 -26.96
N PHE B 743 -27.16 14.27 -26.96
CA PHE B 743 -26.90 15.16 -25.84
C PHE B 743 -27.38 16.58 -26.07
N ILE B 744 -27.39 17.05 -27.32
CA ILE B 744 -27.91 18.38 -27.61
C ILE B 744 -29.42 18.38 -27.47
N ASN B 745 -30.07 17.24 -27.68
CA ASN B 745 -31.52 17.17 -27.65
C ASN B 745 -32.05 17.29 -26.23
N ARG B 746 -31.34 16.70 -25.28
CA ARG B 746 -31.77 16.69 -23.87
C ARG B 746 -31.64 18.02 -23.13
N LEU B 747 -31.00 19.01 -23.74
CA LEU B 747 -30.84 20.30 -23.08
C LEU B 747 -32.07 21.18 -23.29
N ASP B 748 -32.10 22.27 -22.55
CA ASP B 748 -33.06 23.34 -22.77
C ASP B 748 -32.50 24.31 -23.79
N ASP B 749 -33.06 25.52 -23.86
CA ASP B 749 -32.68 26.53 -24.83
C ASP B 749 -31.21 26.94 -24.68
N VAL B 750 -30.41 26.62 -25.71
CA VAL B 750 -29.01 26.98 -25.74
C VAL B 750 -28.89 28.49 -25.90
N LEU B 751 -28.32 29.15 -24.89
CA LEU B 751 -28.23 30.60 -24.89
C LEU B 751 -26.87 31.04 -25.40
N ILE B 752 -26.88 32.10 -26.20
CA ILE B 752 -25.66 32.71 -26.72
C ILE B 752 -25.51 34.05 -26.02
N PHE B 753 -24.36 34.28 -25.41
CA PHE B 753 -24.06 35.63 -24.95
C PHE B 753 -23.43 36.42 -26.09
N GLU B 754 -23.66 37.72 -26.07
CA GLU B 754 -23.04 38.61 -27.04
C GLU B 754 -21.72 39.14 -26.47
N GLY B 755 -21.15 40.14 -27.10
CA GLY B 755 -19.95 40.76 -26.55
C GLY B 755 -20.31 41.83 -25.53
N LEU B 756 -19.63 42.97 -25.59
CA LEU B 756 -19.99 44.11 -24.77
C LEU B 756 -19.92 45.38 -25.60
N ASN B 757 -20.85 46.26 -25.34
CA ASN B 757 -20.97 47.56 -25.99
C ASN B 757 -20.29 48.61 -25.15
N PRO B 758 -19.55 49.54 -25.76
CA PRO B 758 -18.97 50.65 -24.97
C PRO B 758 -20.01 51.63 -24.43
N GLU B 759 -21.25 51.56 -24.90
CA GLU B 759 -22.34 52.28 -24.24
C GLU B 759 -22.69 51.63 -22.91
N GLU B 760 -22.70 50.29 -22.86
CA GLU B 760 -22.99 49.55 -21.64
C GLU B 760 -21.74 49.11 -20.91
N LEU B 761 -20.68 49.91 -20.96
CA LEU B 761 -19.43 49.60 -20.29
C LEU B 761 -19.06 50.65 -19.25
N VAL B 762 -19.79 51.76 -19.20
CA VAL B 762 -19.52 52.77 -18.20
C VAL B 762 -19.90 52.27 -16.81
N ARG B 763 -21.05 51.60 -16.71
CA ARG B 763 -21.64 51.27 -15.42
C ARG B 763 -20.86 50.16 -14.69
N ILE B 764 -20.09 49.37 -15.44
CA ILE B 764 -19.21 48.39 -14.83
C ILE B 764 -18.14 49.08 -13.99
N VAL B 765 -17.69 50.26 -14.42
CA VAL B 765 -16.72 51.03 -13.64
C VAL B 765 -17.35 51.52 -12.35
N ASP B 766 -18.65 51.86 -12.39
CA ASP B 766 -19.37 52.24 -11.18
C ASP B 766 -19.45 51.07 -10.20
N ILE B 767 -19.72 49.88 -10.71
CA ILE B 767 -19.77 48.68 -9.88
C ILE B 767 -18.41 48.36 -9.27
N GLN B 768 -17.35 48.46 -10.07
CA GLN B 768 -16.00 48.15 -9.57
C GLN B 768 -15.56 49.16 -8.51
N LEU B 769 -15.85 50.44 -8.70
CA LEU B 769 -15.45 51.41 -7.70
C LEU B 769 -16.31 51.32 -6.45
N ALA B 770 -17.57 50.91 -6.58
CA ALA B 770 -18.37 50.63 -5.39
C ALA B 770 -17.84 49.42 -4.64
N GLN B 771 -17.33 48.43 -5.37
CA GLN B 771 -16.71 47.27 -4.75
C GLN B 771 -15.44 47.65 -4.00
N LEU B 772 -14.60 48.49 -4.60
CA LEU B 772 -13.39 48.91 -3.92
C LEU B 772 -13.68 49.85 -2.76
N GLY B 773 -14.80 50.58 -2.83
CA GLY B 773 -15.23 51.35 -1.67
C GLY B 773 -15.67 50.45 -0.52
N LYS B 774 -16.39 49.38 -0.83
CA LYS B 774 -16.77 48.44 0.22
C LYS B 774 -15.60 47.60 0.72
N ARG B 775 -14.51 47.52 -0.04
CA ARG B 775 -13.34 46.83 0.49
C ARG B 775 -12.64 47.66 1.56
N LEU B 776 -12.68 48.99 1.44
CA LEU B 776 -12.00 49.86 2.40
C LEU B 776 -12.88 50.25 3.58
N ALA B 777 -13.85 49.40 3.94
CA ALA B 777 -14.72 49.68 5.07
C ALA B 777 -14.02 49.51 6.41
N GLN B 778 -12.87 48.85 6.45
CA GLN B 778 -12.15 48.75 7.71
C GLN B 778 -11.54 50.09 8.09
N ARG B 779 -11.08 50.85 7.10
CA ARG B 779 -10.38 52.08 7.36
C ARG B 779 -11.30 53.29 7.39
N ARG B 780 -12.58 53.10 7.05
CA ARG B 780 -13.57 54.17 6.88
C ARG B 780 -13.06 55.22 5.91
N LEU B 781 -12.44 54.74 4.83
CA LEU B 781 -11.65 55.58 3.95
C LEU B 781 -12.46 55.82 2.67
N GLN B 782 -13.31 56.83 2.72
CA GLN B 782 -14.05 57.23 1.55
C GLN B 782 -13.10 57.84 0.52
N LEU B 783 -13.39 57.59 -0.75
CA LEU B 783 -12.58 58.14 -1.83
C LEU B 783 -13.48 58.76 -2.88
N GLN B 784 -13.04 59.89 -3.43
CA GLN B 784 -13.85 60.73 -4.29
C GLN B 784 -13.37 60.57 -5.73
N VAL B 785 -14.28 60.18 -6.61
CA VAL B 785 -13.97 59.94 -8.01
C VAL B 785 -14.81 60.89 -8.85
N SER B 786 -14.15 61.74 -9.64
CA SER B 786 -14.86 62.70 -10.46
C SER B 786 -15.35 62.04 -11.75
N LEU B 787 -16.33 62.69 -12.37
CA LEU B 787 -16.87 62.19 -13.63
C LEU B 787 -15.91 62.20 -14.82
N PRO B 788 -15.00 63.18 -15.01
CA PRO B 788 -14.01 63.01 -16.09
C PRO B 788 -13.08 61.82 -15.91
N ALA B 789 -12.65 61.50 -14.70
CA ALA B 789 -11.90 60.27 -14.49
C ALA B 789 -12.78 59.05 -14.66
N LYS B 790 -14.05 59.15 -14.26
CA LYS B 790 -14.96 58.03 -14.34
C LYS B 790 -15.29 57.68 -15.78
N ARG B 791 -15.23 58.66 -16.68
CA ARG B 791 -15.31 58.33 -18.10
C ARG B 791 -13.94 58.14 -18.74
N TRP B 792 -12.86 58.55 -18.06
CA TRP B 792 -11.52 58.25 -18.53
C TRP B 792 -11.23 56.77 -18.43
N LEU B 793 -11.75 56.12 -17.39
CA LEU B 793 -11.55 54.68 -17.25
C LEU B 793 -12.28 53.87 -18.31
N ALA B 794 -13.31 54.43 -18.94
CA ALA B 794 -14.05 53.67 -19.94
C ALA B 794 -13.27 53.54 -21.23
N GLN B 795 -12.53 54.57 -21.61
CA GLN B 795 -11.90 54.61 -22.92
C GLN B 795 -10.67 53.71 -23.01
N ARG B 796 -10.04 53.40 -21.89
CA ARG B 796 -9.01 52.37 -21.91
C ARG B 796 -9.64 50.97 -21.91
N GLY B 797 -10.90 50.85 -21.50
CA GLY B 797 -11.66 49.64 -21.72
C GLY B 797 -11.95 49.49 -23.20
N PHE B 798 -11.25 48.57 -23.84
CA PHE B 798 -11.04 48.63 -25.27
C PHE B 798 -11.12 47.21 -25.80
N ASP B 799 -10.70 47.00 -27.06
CA ASP B 799 -10.37 45.80 -27.83
C ASP B 799 -11.25 44.58 -27.50
N PRO B 800 -12.52 44.55 -27.97
CA PRO B 800 -13.45 43.50 -27.52
C PRO B 800 -13.09 42.08 -27.96
N VAL B 801 -11.91 41.65 -27.51
CA VAL B 801 -11.51 40.27 -27.51
C VAL B 801 -11.41 39.73 -26.09
N TYR B 802 -10.99 40.54 -25.14
CA TYR B 802 -10.71 40.11 -23.80
C TYR B 802 -11.78 40.53 -22.81
N GLY B 803 -12.85 41.15 -23.28
CA GLY B 803 -13.99 41.44 -22.43
C GLY B 803 -13.73 42.54 -21.43
N ALA B 804 -14.47 42.50 -20.32
CA ALA B 804 -14.36 43.48 -19.26
C ALA B 804 -13.31 43.11 -18.23
N ARG B 805 -12.59 42.03 -18.45
CA ARG B 805 -11.52 41.63 -17.55
C ARG B 805 -10.30 42.56 -17.52
N PRO B 806 -9.81 43.14 -18.64
CA PRO B 806 -8.69 44.09 -18.49
C PRO B 806 -9.04 45.38 -17.78
N LEU B 807 -10.33 45.71 -17.66
CA LEU B 807 -10.69 46.88 -16.87
C LEU B 807 -10.39 46.66 -15.39
N ARG B 808 -10.54 45.42 -14.92
CA ARG B 808 -10.29 45.09 -13.53
C ARG B 808 -8.82 44.91 -13.23
N ARG B 809 -7.96 44.99 -14.24
CA ARG B 809 -6.54 45.23 -14.04
C ARG B 809 -6.17 46.69 -14.21
N LEU B 810 -6.94 47.41 -15.03
CA LEU B 810 -6.72 48.83 -15.22
C LEU B 810 -6.95 49.60 -13.92
N VAL B 811 -7.99 49.22 -13.18
CA VAL B 811 -8.28 49.90 -11.91
C VAL B 811 -7.17 49.66 -10.90
N GLN B 812 -6.62 48.46 -10.86
CA GLN B 812 -5.55 48.20 -9.91
C GLN B 812 -4.20 48.70 -10.40
N GLN B 813 -4.05 49.03 -11.67
CA GLN B 813 -2.82 49.70 -12.10
C GLN B 813 -2.89 51.21 -11.94
N ALA B 814 -4.08 51.80 -12.02
CA ALA B 814 -4.19 53.25 -11.92
C ALA B 814 -4.32 53.71 -10.47
N ILE B 815 -5.38 53.25 -9.80
CA ILE B 815 -5.66 53.73 -8.46
C ILE B 815 -4.82 52.99 -7.42
N GLY B 816 -4.80 51.66 -7.50
CA GLY B 816 -4.33 50.84 -6.40
C GLY B 816 -2.84 50.95 -6.12
N ASP B 817 -2.05 51.28 -7.13
CA ASP B 817 -0.60 51.33 -6.96
C ASP B 817 -0.17 52.54 -6.13
N GLN B 818 -0.54 53.73 -6.60
CA GLN B 818 -0.16 54.94 -5.88
C GLN B 818 -0.91 55.06 -4.56
N LEU B 819 -2.11 54.49 -4.47
CA LEU B 819 -2.81 54.46 -3.18
C LEU B 819 -2.11 53.54 -2.19
N ALA B 820 -1.64 52.38 -2.66
CA ALA B 820 -0.93 51.47 -1.78
C ALA B 820 0.45 52.00 -1.41
N LYS B 821 1.02 52.87 -2.23
CA LYS B 821 2.25 53.52 -1.80
C LYS B 821 1.99 54.65 -0.83
N MET B 822 0.94 55.44 -1.04
CA MET B 822 0.61 56.54 -0.16
C MET B 822 -0.16 56.11 1.08
N LEU B 823 -0.44 54.82 1.23
CA LEU B 823 -1.18 54.35 2.40
C LEU B 823 -0.26 53.95 3.53
N LEU B 824 0.92 53.42 3.23
CA LEU B 824 1.82 52.85 4.23
C LEU B 824 3.08 53.69 4.45
N ALA B 825 3.06 54.96 4.08
CA ALA B 825 4.19 55.85 4.32
C ALA B 825 3.79 57.14 5.01
N GLY B 826 2.55 57.25 5.45
CA GLY B 826 2.02 58.49 6.00
C GLY B 826 0.96 59.08 5.09
N GLN B 827 0.53 60.28 5.46
CA GLN B 827 -0.34 61.23 4.74
C GLN B 827 -1.69 60.65 4.29
N VAL B 828 -2.05 59.44 4.69
CA VAL B 828 -3.38 58.88 4.53
C VAL B 828 -3.69 58.14 5.83
N HIS B 829 -4.78 58.52 6.50
CA HIS B 829 -5.13 57.90 7.76
C HIS B 829 -6.61 57.55 7.73
N ASP B 830 -7.07 57.01 8.85
CA ASP B 830 -8.46 56.57 8.96
C ASP B 830 -9.42 57.76 8.97
N GLY B 831 -10.56 57.59 8.29
CA GLY B 831 -11.57 58.62 8.20
C GLY B 831 -11.30 59.70 7.17
N ASP B 832 -10.12 59.72 6.56
CA ASP B 832 -9.79 60.76 5.60
C ASP B 832 -10.50 60.50 4.27
N THR B 833 -10.50 61.51 3.41
CA THR B 833 -11.05 61.40 2.07
C THR B 833 -9.93 61.55 1.07
N VAL B 834 -9.84 60.61 0.14
CA VAL B 834 -8.76 60.62 -0.84
C VAL B 834 -9.38 60.84 -2.23
N PRO B 835 -9.40 62.06 -2.73
CA PRO B 835 -9.96 62.31 -4.05
C PRO B 835 -8.95 62.00 -5.15
N VAL B 836 -9.47 61.57 -6.29
CA VAL B 836 -8.65 61.36 -7.47
C VAL B 836 -8.98 62.44 -8.48
N ASN B 837 -7.96 62.86 -9.22
CA ASN B 837 -8.10 63.98 -10.15
C ASN B 837 -7.28 63.68 -11.38
N VAL B 838 -7.79 64.12 -12.52
CA VAL B 838 -7.22 63.76 -13.81
C VAL B 838 -5.97 64.61 -14.03
N SER B 839 -4.81 64.04 -13.73
CA SER B 839 -3.56 64.51 -14.29
C SER B 839 -3.61 64.31 -15.81
N PRO B 840 -2.90 65.16 -16.61
CA PRO B 840 -3.04 65.09 -18.09
C PRO B 840 -2.79 63.74 -18.76
N ASP B 841 -2.09 62.82 -18.10
CA ASP B 841 -2.04 61.44 -18.57
C ASP B 841 -2.64 60.45 -17.58
N ALA B 842 -2.11 60.38 -16.36
CA ALA B 842 -2.51 59.37 -15.39
C ALA B 842 -3.53 59.95 -14.41
N ASP B 843 -3.82 59.20 -13.34
CA ASP B 843 -4.71 59.67 -12.29
C ASP B 843 -3.90 60.10 -11.09
N SER B 844 -4.14 61.30 -10.62
CA SER B 844 -3.40 61.87 -9.51
C SER B 844 -4.10 61.54 -8.19
N LEU B 845 -3.67 62.20 -7.12
CA LEU B 845 -4.25 61.98 -5.81
C LEU B 845 -4.62 63.29 -5.13
N GLN C 159 -21.30 11.55 49.98
CA GLN C 159 -20.18 11.68 50.89
C GLN C 159 -18.90 11.12 50.29
N ALA C 160 -19.04 10.20 49.33
CA ALA C 160 -17.87 9.58 48.71
C ALA C 160 -17.11 10.54 47.82
N LEU C 161 -17.75 11.62 47.36
CA LEU C 161 -17.06 12.62 46.55
C LEU C 161 -16.10 13.47 47.35
N GLN C 162 -16.09 13.36 48.68
CA GLN C 162 -15.11 14.04 49.48
C GLN C 162 -13.71 13.47 49.25
N LYS C 163 -13.63 12.21 48.87
CA LYS C 163 -12.36 11.49 48.85
C LYS C 163 -11.73 11.43 47.46
N TYR C 164 -12.50 11.63 46.39
CA TYR C 164 -11.95 11.58 45.05
C TYR C 164 -12.22 12.86 44.26
N SER C 165 -12.13 14.03 44.90
CA SER C 165 -12.42 15.27 44.20
C SER C 165 -11.82 16.44 44.95
N THR C 166 -11.65 17.53 44.22
CA THR C 166 -11.42 18.84 44.81
C THR C 166 -12.77 19.54 44.94
N ASP C 167 -12.75 20.85 45.20
CA ASP C 167 -13.99 21.60 45.34
C ASP C 167 -13.67 23.05 44.97
N LEU C 168 -13.98 23.43 43.73
CA LEU C 168 -13.66 24.78 43.28
C LEU C 168 -14.50 25.83 43.96
N THR C 169 -15.71 25.49 44.37
CA THR C 169 -16.54 26.47 45.05
C THR C 169 -15.98 26.81 46.41
N ALA C 170 -15.44 25.81 47.11
CA ALA C 170 -14.83 26.03 48.41
C ALA C 170 -13.55 26.85 48.31
N ARG C 171 -12.82 26.74 47.19
CA ARG C 171 -11.68 27.60 46.99
C ARG C 171 -12.08 28.97 46.49
N ALA C 172 -13.22 29.07 45.80
CA ALA C 172 -13.69 30.37 45.35
C ALA C 172 -14.24 31.20 46.48
N ARG C 173 -14.73 30.55 47.54
CA ARG C 173 -15.32 31.28 48.66
C ARG C 173 -14.30 31.91 49.60
N GLU C 174 -13.01 31.88 49.26
CA GLU C 174 -12.01 32.65 49.99
C GLU C 174 -11.16 33.49 49.05
N GLY C 175 -11.63 33.70 47.82
CA GLY C 175 -10.96 34.59 46.90
C GLY C 175 -9.63 34.08 46.36
N LYS C 176 -9.50 32.77 46.20
CA LYS C 176 -8.24 32.16 45.78
C LYS C 176 -8.22 31.84 44.30
N LEU C 177 -8.93 32.62 43.48
CA LEU C 177 -8.97 32.43 42.04
C LEU C 177 -8.66 33.74 41.36
N ASP C 178 -7.91 33.67 40.26
CA ASP C 178 -7.54 34.88 39.52
C ASP C 178 -8.76 35.44 38.82
N PRO C 179 -8.95 36.76 38.86
CA PRO C 179 -10.19 37.35 38.34
C PRO C 179 -10.31 37.24 36.83
N VAL C 180 -11.51 36.89 36.39
CA VAL C 180 -11.80 36.59 35.00
C VAL C 180 -12.50 37.79 34.39
N ILE C 181 -11.85 38.44 33.44
CA ILE C 181 -12.33 39.67 32.86
C ILE C 181 -12.53 39.49 31.37
N GLY C 182 -13.72 39.83 30.90
CA GLY C 182 -14.08 39.65 29.50
C GLY C 182 -15.06 38.51 29.33
N ARG C 183 -15.41 38.30 28.06
CA ARG C 183 -16.08 37.10 27.57
C ARG C 183 -17.45 36.88 28.22
N ASP C 184 -18.37 37.80 27.96
CA ASP C 184 -19.73 37.58 28.44
C ASP C 184 -20.47 36.56 27.60
N ASN C 185 -20.11 36.46 26.31
CA ASN C 185 -20.85 35.62 25.38
C ASN C 185 -20.70 34.13 25.71
N GLU C 186 -19.48 33.71 26.04
CA GLU C 186 -19.26 32.32 26.36
C GLU C 186 -19.89 31.94 27.70
N ILE C 187 -19.90 32.85 28.67
CA ILE C 187 -20.55 32.55 29.94
C ILE C 187 -22.06 32.41 29.75
N ARG C 188 -22.67 33.33 28.97
CA ARG C 188 -24.10 33.21 28.70
C ARG C 188 -24.43 31.96 27.90
N ARG C 189 -23.54 31.56 27.00
CA ARG C 189 -23.76 30.33 26.23
C ARG C 189 -23.66 29.09 27.10
N VAL C 190 -22.73 29.07 28.06
CA VAL C 190 -22.63 27.93 28.96
C VAL C 190 -23.85 27.85 29.88
N VAL C 191 -24.34 28.99 30.36
CA VAL C 191 -25.55 28.98 31.18
C VAL C 191 -26.78 28.58 30.37
N GLN C 192 -26.83 28.96 29.09
CA GLN C 192 -27.92 28.53 28.21
C GLN C 192 -27.90 27.03 27.99
N VAL C 193 -26.74 26.45 27.74
CA VAL C 193 -26.69 25.02 27.42
C VAL C 193 -26.88 24.17 28.68
N LEU C 194 -26.35 24.63 29.82
CA LEU C 194 -26.34 23.79 31.00
C LEU C 194 -27.70 23.69 31.68
N SER C 195 -28.70 24.47 31.25
CA SER C 195 -29.99 24.50 31.92
C SER C 195 -31.12 23.99 31.04
N ARG C 196 -30.83 23.30 29.95
CA ARG C 196 -31.87 22.67 29.16
C ARG C 196 -32.32 21.38 29.85
N ARG C 197 -33.28 20.67 29.23
CA ARG C 197 -33.90 19.56 29.93
C ARG C 197 -33.05 18.30 29.88
N THR C 198 -32.82 17.78 28.67
CA THR C 198 -32.01 16.58 28.51
C THR C 198 -30.80 16.90 27.65
N LYS C 199 -29.79 16.03 27.79
CA LYS C 199 -28.49 16.13 27.10
C LYS C 199 -27.84 17.47 27.44
N ASN C 200 -27.79 17.79 28.73
CA ASN C 200 -27.31 19.10 29.18
C ASN C 200 -25.88 19.00 29.71
N ASN C 201 -24.93 19.00 28.78
CA ASN C 201 -23.51 18.94 29.15
C ASN C 201 -22.60 19.50 28.06
N PRO C 202 -22.12 20.73 28.21
CA PRO C 202 -21.32 21.34 27.16
C PRO C 202 -19.90 20.82 27.17
N VAL C 203 -19.15 21.20 26.13
CA VAL C 203 -17.72 20.93 26.00
C VAL C 203 -17.05 22.18 25.44
N LEU C 204 -16.08 22.71 26.16
CA LEU C 204 -15.33 23.85 25.66
C LEU C 204 -14.22 23.38 24.73
N ILE C 205 -14.09 24.01 23.57
CA ILE C 205 -13.17 23.59 22.53
C ILE C 205 -12.51 24.81 21.93
N GLY C 206 -11.19 24.80 21.89
CA GLY C 206 -10.45 25.86 21.22
C GLY C 206 -8.98 25.49 21.18
N GLU C 207 -8.24 26.25 20.38
CA GLU C 207 -6.79 26.09 20.32
C GLU C 207 -6.19 26.49 21.67
N PRO C 208 -5.09 25.85 22.09
CA PRO C 208 -4.69 25.96 23.50
C PRO C 208 -4.08 27.30 23.85
N GLY C 209 -4.35 27.74 25.06
CA GLY C 209 -3.85 28.99 25.56
C GLY C 209 -4.83 30.13 25.51
N VAL C 210 -5.98 29.96 24.86
CA VAL C 210 -6.90 31.08 24.71
C VAL C 210 -7.77 31.29 25.92
N GLY C 211 -7.73 30.40 26.90
CA GLY C 211 -8.53 30.55 28.09
C GLY C 211 -9.76 29.67 28.00
N LYS C 212 -9.68 28.52 28.60
CA LYS C 212 -10.84 27.64 28.71
C LYS C 212 -11.11 27.24 30.15
N THR C 213 -10.06 27.06 30.94
CA THR C 213 -10.22 26.93 32.38
C THR C 213 -10.72 28.23 32.98
N ALA C 214 -10.31 29.36 32.38
CA ALA C 214 -10.71 30.67 32.89
C ALA C 214 -12.21 30.90 32.78
N ILE C 215 -12.87 30.29 31.80
CA ILE C 215 -14.31 30.44 31.68
C ILE C 215 -15.03 29.69 32.80
N VAL C 216 -14.54 28.50 33.17
CA VAL C 216 -15.19 27.75 34.23
C VAL C 216 -14.92 28.40 35.58
N GLU C 217 -13.72 28.96 35.76
CA GLU C 217 -13.46 29.71 36.99
C GLU C 217 -14.28 31.00 37.04
N GLY C 218 -14.54 31.62 35.89
CA GLY C 218 -15.43 32.77 35.87
C GLY C 218 -16.87 32.40 36.15
N LEU C 219 -17.29 31.22 35.72
CA LEU C 219 -18.62 30.70 36.06
C LEU C 219 -18.74 30.46 37.56
N ALA C 220 -17.68 29.94 38.18
CA ALA C 220 -17.71 29.74 39.62
C ALA C 220 -17.76 31.07 40.36
N GLN C 221 -17.02 32.08 39.87
CA GLN C 221 -17.09 33.42 40.46
C GLN C 221 -18.48 34.00 40.33
N ARG C 222 -19.12 33.79 39.18
CA ARG C 222 -20.43 34.39 38.95
C ARG C 222 -21.51 33.65 39.72
N ILE C 223 -21.31 32.36 40.01
CA ILE C 223 -22.26 31.64 40.86
C ILE C 223 -22.14 32.09 42.31
N VAL C 224 -20.90 32.19 42.82
CA VAL C 224 -20.72 32.58 44.21
C VAL C 224 -21.12 34.04 44.41
N ALA C 225 -20.95 34.88 43.40
CA ALA C 225 -21.51 36.23 43.44
C ALA C 225 -23.03 36.19 43.37
N GLY C 226 -23.58 35.58 42.33
CA GLY C 226 -25.01 35.41 42.24
C GLY C 226 -25.71 36.09 41.07
N ASP C 227 -25.03 36.21 39.94
CA ASP C 227 -25.62 36.87 38.77
C ASP C 227 -26.35 35.90 37.86
N VAL C 228 -26.53 34.66 38.29
CA VAL C 228 -27.08 33.58 37.48
C VAL C 228 -28.60 33.68 37.49
N PRO C 229 -29.34 32.88 36.68
CA PRO C 229 -30.80 32.80 36.88
C PRO C 229 -31.18 32.01 38.12
N GLU C 230 -32.49 31.78 38.26
CA GLU C 230 -33.04 31.23 39.51
C GLU C 230 -32.63 29.77 39.72
N SER C 231 -32.84 28.93 38.72
CA SER C 231 -32.48 27.51 38.86
C SER C 231 -31.05 27.24 38.42
N LEU C 232 -30.12 28.04 38.94
CA LEU C 232 -28.71 27.72 38.89
C LEU C 232 -28.03 28.17 40.17
N ARG C 233 -28.78 28.76 41.09
CA ARG C 233 -28.22 29.33 42.30
C ARG C 233 -27.83 28.24 43.29
N ASP C 234 -26.63 28.37 43.84
CA ASP C 234 -26.12 27.53 44.93
C ASP C 234 -26.07 26.06 44.55
N LYS C 235 -25.29 25.78 43.51
CA LYS C 235 -25.06 24.43 43.01
C LYS C 235 -23.55 24.31 42.85
N THR C 236 -22.89 23.64 43.79
CA THR C 236 -21.44 23.67 43.84
C THR C 236 -20.83 22.83 42.72
N ILE C 237 -19.70 23.31 42.21
CA ILE C 237 -19.02 22.67 41.08
C ILE C 237 -17.94 21.77 41.66
N VAL C 238 -18.19 20.47 41.68
CA VAL C 238 -17.28 19.50 42.24
C VAL C 238 -16.44 18.93 41.10
N ALA C 239 -15.17 19.29 41.05
CA ALA C 239 -14.29 18.86 39.99
C ALA C 239 -13.83 17.43 40.25
N LEU C 240 -14.18 16.53 39.35
CA LEU C 240 -13.83 15.13 39.48
C LEU C 240 -12.39 14.89 39.03
N ASP C 241 -11.98 13.63 39.13
CA ASP C 241 -10.68 13.17 38.67
C ASP C 241 -10.85 11.79 38.04
N LEU C 242 -9.86 11.41 37.24
CA LEU C 242 -9.72 10.04 36.80
C LEU C 242 -8.32 9.50 37.02
N GLY C 243 -7.40 10.33 37.49
CA GLY C 243 -6.08 9.87 37.84
C GLY C 243 -6.07 9.28 39.23
N SER C 244 -6.67 10.00 40.17
CA SER C 244 -6.71 9.55 41.56
C SER C 244 -7.65 8.38 41.76
N MET C 245 -8.56 8.13 40.83
CA MET C 245 -9.54 7.09 41.03
C MET C 245 -9.00 5.71 40.66
N GLU C 254 -12.62 -3.72 41.29
CA GLU C 254 -12.59 -2.60 42.23
C GLU C 254 -12.86 -1.28 41.54
N PHE C 255 -12.33 -1.09 40.32
CA PHE C 255 -12.49 0.17 39.60
C PHE C 255 -13.93 0.45 39.27
N GLU C 256 -14.64 -0.56 38.76
CA GLU C 256 -16.03 -0.37 38.37
C GLU C 256 -16.93 -0.16 39.58
N GLU C 257 -16.59 -0.80 40.70
CA GLU C 257 -17.27 -0.55 41.96
C GLU C 257 -17.09 0.89 42.43
N ARG C 258 -15.86 1.40 42.30
CA ARG C 258 -15.55 2.75 42.74
C ARG C 258 -16.28 3.78 41.88
N LEU C 259 -16.30 3.55 40.57
CA LEU C 259 -17.00 4.45 39.66
C LEU C 259 -18.50 4.40 39.87
N LYS C 260 -19.05 3.22 40.15
CA LYS C 260 -20.48 3.13 40.40
C LYS C 260 -20.85 3.79 41.72
N ALA C 261 -19.95 3.75 42.71
CA ALA C 261 -20.18 4.48 43.95
C ALA C 261 -20.20 5.98 43.70
N VAL C 262 -19.29 6.48 42.86
CA VAL C 262 -19.26 7.90 42.53
C VAL C 262 -20.53 8.32 41.80
N LEU C 263 -20.97 7.51 40.83
CA LEU C 263 -22.16 7.87 40.07
C LEU C 263 -23.42 7.78 40.91
N ASP C 264 -23.48 6.81 41.81
CA ASP C 264 -24.61 6.68 42.72
C ASP C 264 -24.65 7.85 43.69
N ASP C 265 -23.48 8.33 44.13
CA ASP C 265 -23.45 9.47 45.03
C ASP C 265 -23.85 10.75 44.31
N ILE C 266 -23.53 10.87 43.03
CA ILE C 266 -24.00 12.05 42.28
C ILE C 266 -25.51 12.00 42.07
N LYS C 267 -26.02 10.85 41.59
CA LYS C 267 -27.43 10.71 41.29
C LYS C 267 -28.30 10.75 42.55
N ASN C 268 -27.73 10.43 43.71
CA ASN C 268 -28.49 10.45 44.97
C ASN C 268 -28.89 11.87 45.35
N SER C 269 -28.14 12.87 44.90
CA SER C 269 -28.51 14.26 45.15
C SER C 269 -29.65 14.67 44.20
N ALA C 270 -30.07 15.91 44.31
CA ALA C 270 -31.17 16.44 43.50
C ALA C 270 -30.67 17.33 42.38
N GLY C 271 -29.55 16.95 41.75
CA GLY C 271 -28.95 17.81 40.75
C GLY C 271 -28.24 19.00 41.32
N GLN C 272 -27.89 18.95 42.61
CA GLN C 272 -27.23 20.06 43.28
C GLN C 272 -25.75 20.18 42.97
N ILE C 273 -25.21 19.28 42.16
CA ILE C 273 -23.78 19.19 41.90
C ILE C 273 -23.55 19.29 40.41
N ILE C 274 -22.61 20.14 40.00
CA ILE C 274 -22.15 20.23 38.62
C ILE C 274 -20.78 19.59 38.57
N THR C 275 -20.67 18.45 37.92
CA THR C 275 -19.36 17.81 37.80
C THR C 275 -18.53 18.54 36.77
N PHE C 276 -17.22 18.35 36.86
CA PHE C 276 -16.27 19.06 35.99
C PHE C 276 -15.07 18.16 35.74
N ILE C 277 -15.10 17.44 34.62
CA ILE C 277 -13.95 16.64 34.21
C ILE C 277 -13.15 17.49 33.24
N ASP C 278 -12.01 17.98 33.69
CA ASP C 278 -11.09 18.72 32.84
C ASP C 278 -10.21 17.73 32.07
N GLU C 279 -9.98 18.03 30.80
CA GLU C 279 -9.25 17.19 29.84
C GLU C 279 -9.89 15.81 29.74
N LEU C 280 -11.12 15.81 29.22
CA LEU C 280 -11.90 14.59 29.17
C LEU C 280 -11.57 13.70 27.99
N HIS C 281 -10.48 13.95 27.27
CA HIS C 281 -10.13 13.00 26.22
C HIS C 281 -9.47 11.74 26.76
N THR C 282 -9.23 11.66 28.07
CA THR C 282 -8.77 10.45 28.72
C THR C 282 -9.90 9.57 29.20
N ILE C 283 -11.15 9.98 28.98
CA ILE C 283 -12.29 9.25 29.56
C ILE C 283 -12.62 7.99 28.78
N VAL C 284 -12.05 7.84 27.58
CA VAL C 284 -12.31 6.65 26.78
C VAL C 284 -11.60 5.43 27.37
N GLY C 285 -10.36 5.60 27.80
CA GLY C 285 -9.56 4.46 28.23
C GLY C 285 -9.81 3.98 29.64
N MET C 299 -19.93 2.57 31.07
CA MET C 299 -21.06 2.55 31.99
C MET C 299 -21.56 3.95 32.32
N ILE C 300 -20.83 4.99 31.92
CA ILE C 300 -21.31 6.35 32.06
C ILE C 300 -22.19 6.74 30.87
N LYS C 301 -22.22 5.94 29.82
CA LYS C 301 -22.99 6.27 28.63
C LYS C 301 -24.51 6.39 28.82
N PRO C 302 -25.22 5.50 29.55
CA PRO C 302 -26.66 5.77 29.74
C PRO C 302 -26.95 6.94 30.65
N MET C 303 -26.03 7.27 31.56
CA MET C 303 -26.29 8.36 32.49
C MET C 303 -26.21 9.71 31.81
N LEU C 304 -25.44 9.82 30.74
CA LEU C 304 -25.24 11.11 30.08
C LEU C 304 -26.49 11.53 29.33
N ALA C 305 -27.11 10.61 28.59
CA ALA C 305 -28.21 10.98 27.71
C ALA C 305 -29.52 11.21 28.45
N ARG C 306 -29.68 10.63 29.64
CA ARG C 306 -30.91 10.85 30.39
C ARG C 306 -30.96 12.26 30.95
N GLY C 307 -29.82 12.81 31.35
CA GLY C 307 -29.73 14.17 31.77
C GLY C 307 -29.49 14.41 33.24
N GLU C 308 -28.97 13.42 33.96
CA GLU C 308 -28.83 13.57 35.40
C GLU C 308 -27.56 14.34 35.76
N LEU C 309 -26.41 13.81 35.40
CA LEU C 309 -25.14 14.40 35.82
C LEU C 309 -24.73 15.48 34.83
N ARG C 310 -24.55 16.68 35.35
CA ARG C 310 -24.14 17.81 34.52
C ARG C 310 -22.62 17.81 34.43
N LEU C 311 -22.10 17.94 33.22
CA LEU C 311 -20.69 17.73 32.97
C LEU C 311 -20.15 18.84 32.09
N VAL C 312 -19.07 19.47 32.54
CA VAL C 312 -18.41 20.53 31.79
C VAL C 312 -16.98 20.11 31.55
N GLY C 313 -16.51 20.27 30.31
CA GLY C 313 -15.18 19.81 29.95
C GLY C 313 -14.38 20.84 29.20
N ALA C 314 -13.18 20.45 28.80
CA ALA C 314 -12.26 21.32 28.08
C ALA C 314 -11.24 20.46 27.36
N THR C 315 -11.26 20.47 26.04
CA THR C 315 -10.27 19.76 25.26
C THR C 315 -9.53 20.74 24.37
N THR C 316 -8.37 20.32 23.89
CA THR C 316 -7.78 21.02 22.78
C THR C 316 -8.53 20.62 21.52
N LEU C 317 -8.35 21.40 20.48
CA LEU C 317 -9.11 21.17 19.25
C LEU C 317 -8.61 19.95 18.49
N ASP C 318 -7.37 19.54 18.72
CA ASP C 318 -6.75 18.50 17.92
C ASP C 318 -6.48 17.21 18.69
N GLU C 319 -6.73 17.17 19.99
CA GLU C 319 -6.85 15.88 20.68
C GLU C 319 -8.26 15.36 20.61
N TYR C 320 -9.21 16.27 20.37
CA TYR C 320 -10.62 15.92 20.27
C TYR C 320 -10.87 14.98 19.10
N ARG C 321 -10.40 15.35 17.91
CA ARG C 321 -10.64 14.56 16.72
C ARG C 321 -9.82 13.27 16.69
N LYS C 322 -8.87 13.10 17.61
CA LYS C 322 -8.12 11.87 17.70
C LYS C 322 -8.69 10.91 18.74
N HIS C 323 -9.16 11.42 19.87
CA HIS C 323 -9.61 10.49 20.91
C HIS C 323 -11.12 10.34 21.00
N ILE C 324 -11.92 11.34 20.64
CA ILE C 324 -13.35 11.32 20.88
C ILE C 324 -14.14 11.08 19.61
N GLU C 325 -13.79 11.77 18.52
CA GLU C 325 -14.47 11.61 17.24
C GLU C 325 -14.25 10.25 16.59
N LYS C 326 -13.31 9.45 17.12
CA LYS C 326 -13.18 8.06 16.74
C LYS C 326 -14.32 7.20 17.30
N ASP C 327 -15.05 7.71 18.28
CA ASP C 327 -15.97 6.93 19.11
C ASP C 327 -17.37 7.56 19.08
N ALA C 328 -17.90 7.72 17.86
CA ALA C 328 -19.06 8.55 17.52
C ALA C 328 -20.34 8.25 18.31
N ALA C 329 -20.39 7.18 19.09
CA ALA C 329 -21.53 7.01 19.98
C ALA C 329 -21.49 8.01 21.13
N LEU C 330 -20.29 8.34 21.61
CA LEU C 330 -20.17 9.28 22.72
C LEU C 330 -20.47 10.70 22.29
N GLU C 331 -19.83 11.16 21.21
CA GLU C 331 -19.79 12.57 20.87
C GLU C 331 -21.13 13.12 20.42
N ARG C 332 -22.15 12.28 20.26
CA ARG C 332 -23.48 12.80 19.99
C ARG C 332 -24.09 13.41 21.23
N ARG C 333 -23.63 13.00 22.41
CA ARG C 333 -24.18 13.50 23.66
C ARG C 333 -23.48 14.73 24.23
N PHE C 334 -22.91 15.55 23.38
CA PHE C 334 -22.23 16.75 23.86
C PHE C 334 -22.71 17.96 23.07
N GLN C 335 -22.20 19.13 23.45
CA GLN C 335 -22.51 20.39 22.77
C GLN C 335 -21.21 21.16 22.62
N GLN C 336 -20.71 21.25 21.40
CA GLN C 336 -19.42 21.90 21.16
C GLN C 336 -19.59 23.41 21.27
N VAL C 337 -18.85 24.01 22.19
CA VAL C 337 -18.86 25.45 22.39
C VAL C 337 -17.48 25.95 21.99
N TYR C 338 -17.39 26.52 20.78
CA TYR C 338 -16.11 26.97 20.28
C TYR C 338 -15.68 28.22 21.00
N VAL C 339 -14.39 28.33 21.26
CA VAL C 339 -13.80 29.51 21.87
C VAL C 339 -12.65 29.96 20.99
N GLY C 340 -12.74 31.16 20.45
CA GLY C 340 -11.69 31.71 19.63
C GLY C 340 -10.83 32.70 20.39
N GLU C 341 -9.61 32.91 19.89
CA GLU C 341 -8.70 33.84 20.53
C GLU C 341 -9.18 35.28 20.30
N PRO C 342 -8.88 36.19 21.23
CA PRO C 342 -9.25 37.58 21.03
C PRO C 342 -8.25 38.29 20.13
N SER C 343 -8.51 39.57 19.88
CA SER C 343 -7.55 40.43 19.21
C SER C 343 -6.73 41.16 20.26
N VAL C 344 -6.00 42.21 19.85
CA VAL C 344 -5.16 42.95 20.78
C VAL C 344 -6.01 43.81 21.70
N GLU C 345 -7.12 44.35 21.16
CA GLU C 345 -7.92 45.35 21.83
C GLU C 345 -8.57 44.84 23.12
N ASP C 346 -8.90 43.55 23.16
CA ASP C 346 -9.40 42.98 24.40
C ASP C 346 -8.27 42.54 25.33
N THR C 347 -7.12 42.20 24.77
CA THR C 347 -5.98 41.77 25.57
C THR C 347 -5.42 42.92 26.38
N ILE C 348 -5.52 44.14 25.85
CA ILE C 348 -5.11 45.32 26.62
C ILE C 348 -5.99 45.48 27.86
N GLY C 349 -7.28 45.17 27.72
CA GLY C 349 -8.17 45.21 28.87
C GLY C 349 -7.90 44.09 29.86
N ILE C 350 -7.55 42.90 29.35
CA ILE C 350 -7.21 41.78 30.24
C ILE C 350 -5.94 42.09 31.04
N LEU C 351 -4.94 42.67 30.37
CA LEU C 351 -3.70 43.02 31.05
C LEU C 351 -3.88 44.16 32.03
N ARG C 352 -4.79 45.12 31.74
CA ARG C 352 -5.10 46.12 32.75
C ARG C 352 -5.85 45.52 33.92
N GLY C 353 -6.60 44.44 33.69
CA GLY C 353 -7.29 43.80 34.79
C GLY C 353 -6.36 43.04 35.71
N LEU C 354 -5.46 42.25 35.15
CA LEU C 354 -4.61 41.38 35.96
C LEU C 354 -3.32 42.06 36.41
N LYS C 355 -3.26 43.38 36.35
CA LYS C 355 -2.04 44.08 36.71
C LYS C 355 -1.75 43.99 38.21
N ASP C 356 -2.79 43.96 39.03
CA ASP C 356 -2.60 44.07 40.47
C ASP C 356 -2.07 42.79 41.09
N ARG C 357 -2.27 41.64 40.45
CA ARG C 357 -1.93 40.37 41.09
C ARG C 357 -0.42 40.14 41.11
N TYR C 358 0.29 40.58 40.08
CA TYR C 358 1.73 40.34 40.05
C TYR C 358 2.50 41.39 40.82
N GLU C 359 1.90 42.56 41.04
CA GLU C 359 2.51 43.58 41.87
C GLU C 359 2.55 43.19 43.34
N VAL C 360 1.74 42.22 43.75
CA VAL C 360 1.70 41.79 45.14
C VAL C 360 2.65 40.63 45.39
N HIS C 361 2.71 39.68 44.45
CA HIS C 361 3.63 38.55 44.60
C HIS C 361 5.08 38.99 44.46
N HIS C 362 5.39 39.70 43.37
CA HIS C 362 6.66 40.39 43.24
C HIS C 362 6.44 41.82 43.67
N GLY C 363 7.11 42.26 44.73
CA GLY C 363 6.87 43.58 45.28
C GLY C 363 7.42 44.71 44.43
N VAL C 364 6.83 44.90 43.24
CA VAL C 364 7.26 45.92 42.29
C VAL C 364 6.01 46.55 41.68
N ARG C 365 6.16 47.78 41.21
CA ARG C 365 5.09 48.46 40.51
C ARG C 365 5.23 48.26 39.01
N ILE C 366 4.09 48.20 38.33
CA ILE C 366 4.05 48.01 36.89
C ILE C 366 3.33 49.21 36.28
N THR C 367 3.96 49.82 35.26
CA THR C 367 3.45 51.02 34.63
C THR C 367 2.62 50.64 33.41
N ASP C 368 1.44 51.25 33.29
CA ASP C 368 0.52 51.01 32.18
C ASP C 368 1.07 51.53 30.84
N SER C 369 2.13 52.33 30.85
CA SER C 369 2.80 52.67 29.60
C SER C 369 3.45 51.45 28.97
N ALA C 370 4.07 50.61 29.79
CA ALA C 370 4.67 49.38 29.29
C ALA C 370 3.65 48.31 28.99
N LEU C 371 2.46 48.44 29.56
CA LEU C 371 1.44 47.41 29.42
C LEU C 371 0.78 47.45 28.05
N VAL C 372 0.88 48.57 27.34
CA VAL C 372 0.48 48.60 25.94
C VAL C 372 1.51 47.89 25.08
N ALA C 373 2.79 48.14 25.34
CA ALA C 373 3.86 47.61 24.51
C ALA C 373 4.01 46.11 24.67
N ALA C 374 3.78 45.59 25.87
CA ALA C 374 3.91 44.15 26.12
C ALA C 374 2.86 43.31 25.40
N ALA C 375 1.80 43.92 24.88
CA ALA C 375 0.87 43.24 24.01
C ALA C 375 1.02 43.62 22.55
N THR C 376 1.42 44.87 22.25
CA THR C 376 1.63 45.26 20.87
C THR C 376 2.83 44.56 20.27
N LEU C 377 3.97 44.64 20.93
CA LEU C 377 5.24 44.10 20.48
C LEU C 377 5.29 42.58 20.53
N SER C 378 4.36 41.94 21.22
CA SER C 378 4.33 40.48 21.30
C SER C 378 3.46 39.87 20.24
N ASP C 379 3.32 40.51 19.08
CA ASP C 379 2.49 39.94 18.03
C ASP C 379 3.29 39.89 16.75
N ARG C 380 4.17 40.87 16.55
CA ARG C 380 5.01 40.87 15.37
C ARG C 380 6.32 40.11 15.56
N TYR C 381 6.62 39.66 16.77
CA TYR C 381 7.87 38.96 17.05
C TYR C 381 7.67 37.51 17.45
N ILE C 382 6.86 37.24 18.46
CA ILE C 382 6.65 35.88 18.94
C ILE C 382 5.42 35.33 18.25
N THR C 383 5.63 34.53 17.20
CA THR C 383 4.55 34.00 16.39
C THR C 383 4.60 32.49 16.37
N ALA C 384 4.73 31.90 17.55
CA ALA C 384 4.61 30.46 17.69
C ALA C 384 3.49 30.01 18.59
N ARG C 385 3.23 30.70 19.69
CA ARG C 385 2.14 30.37 20.60
C ARG C 385 0.91 31.19 20.21
N PHE C 386 -0.17 30.98 20.93
CA PHE C 386 -1.36 31.80 20.74
C PHE C 386 -1.39 32.94 21.74
N LEU C 387 -2.50 33.66 21.78
CA LEU C 387 -2.66 34.95 22.46
C LEU C 387 -3.09 34.64 23.91
N PRO C 388 -3.82 35.54 24.63
CA PRO C 388 -3.33 36.15 25.89
C PRO C 388 -2.26 35.50 26.76
N ASP C 389 -2.12 34.19 26.87
CA ASP C 389 -1.09 33.66 27.78
C ASP C 389 0.34 34.02 27.38
N LYS C 390 0.58 34.24 26.09
CA LYS C 390 1.89 34.67 25.64
C LYS C 390 2.21 36.09 26.09
N ALA C 391 1.20 36.94 26.21
CA ALA C 391 1.44 38.32 26.64
C ALA C 391 1.33 38.49 28.15
N ILE C 392 1.55 37.43 28.91
CA ILE C 392 1.58 37.51 30.36
C ILE C 392 2.96 37.04 30.83
N ASP C 393 3.55 36.15 30.03
CA ASP C 393 4.90 35.68 30.33
C ASP C 393 5.93 36.80 30.23
N LEU C 394 5.70 37.79 29.37
CA LEU C 394 6.63 38.90 29.25
C LEU C 394 6.61 39.78 30.49
N VAL C 395 5.41 40.10 30.99
CA VAL C 395 5.28 40.89 32.22
C VAL C 395 5.85 40.14 33.40
N ASP C 396 5.63 38.83 33.45
CA ASP C 396 6.14 38.00 34.55
C ASP C 396 7.67 37.94 34.53
N GLU C 397 8.27 37.66 33.38
CA GLU C 397 9.72 37.53 33.35
C GLU C 397 10.41 38.88 33.48
N ALA C 398 9.74 39.98 33.07
CA ALA C 398 10.31 41.30 33.28
C ALA C 398 10.30 41.67 34.76
N ALA C 399 9.22 41.33 35.46
CA ALA C 399 9.18 41.56 36.90
C ALA C 399 10.23 40.73 37.63
N SER C 400 10.48 39.51 37.16
CA SER C 400 11.51 38.66 37.79
C SER C 400 12.91 39.22 37.56
N ARG C 401 13.21 39.67 36.34
CA ARG C 401 14.50 40.29 36.06
C ARG C 401 14.70 41.57 36.87
N LEU C 402 13.61 42.32 37.09
CA LEU C 402 13.74 43.54 37.89
C LEU C 402 13.96 43.21 39.37
N ARG C 403 13.33 42.15 39.88
CA ARG C 403 13.63 41.69 41.24
C ARG C 403 15.08 41.24 41.36
N MET C 404 15.62 40.61 40.32
CA MET C 404 17.03 40.23 40.31
C MET C 404 17.94 41.47 40.36
N GLU C 405 17.60 42.51 39.61
CA GLU C 405 18.40 43.72 39.67
C GLU C 405 18.24 44.50 40.97
N ILE C 406 17.08 44.41 41.63
CA ILE C 406 16.89 45.06 42.93
C ILE C 406 17.37 44.16 44.06
N ASP C 407 17.90 42.98 43.74
CA ASP C 407 18.62 42.19 44.72
C ASP C 407 19.99 42.81 45.00
N LYS C 530 13.99 52.85 37.99
CA LYS C 530 14.27 51.42 37.99
C LYS C 530 13.48 50.71 39.09
N GLU C 531 12.74 51.48 39.88
CA GLU C 531 11.87 50.87 40.88
C GLU C 531 10.56 50.37 40.30
N GLU C 532 10.35 50.54 39.00
CA GLU C 532 9.20 49.96 38.31
C GLU C 532 9.66 49.47 36.95
N VAL C 533 8.88 48.57 36.37
CA VAL C 533 9.17 48.12 35.02
C VAL C 533 8.74 49.19 34.03
N GLY C 534 9.25 49.08 32.81
CA GLY C 534 8.95 50.04 31.78
C GLY C 534 9.08 49.42 30.40
N PRO C 535 8.94 50.23 29.35
CA PRO C 535 8.92 49.68 27.99
C PRO C 535 10.27 49.18 27.49
N ASP C 536 11.35 49.38 28.23
CA ASP C 536 12.65 48.90 27.83
C ASP C 536 12.90 47.44 28.21
N ASP C 537 12.50 47.04 29.41
CA ASP C 537 12.80 45.69 29.88
C ASP C 537 11.95 44.66 29.16
N ILE C 538 10.77 45.06 28.68
CA ILE C 538 9.97 44.20 27.81
C ILE C 538 10.75 43.87 26.54
N ALA C 539 11.38 44.89 25.96
CA ALA C 539 12.22 44.69 24.79
C ALA C 539 13.46 43.88 25.13
N ASP C 540 13.97 44.02 26.34
CA ASP C 540 15.11 43.21 26.78
C ASP C 540 14.75 41.74 26.83
N VAL C 541 13.55 41.43 27.34
CA VAL C 541 13.10 40.04 27.39
C VAL C 541 12.89 39.47 26.00
N VAL C 542 12.24 40.23 25.11
CA VAL C 542 12.00 39.72 23.76
C VAL C 542 13.26 39.77 22.90
N SER C 543 14.33 40.39 23.38
CA SER C 543 15.62 40.20 22.75
C SER C 543 16.27 38.90 23.22
N ALA C 544 16.43 38.77 24.54
CA ALA C 544 17.20 37.66 25.11
C ALA C 544 16.53 36.33 24.86
N TRP C 545 15.22 36.28 24.83
CA TRP C 545 14.52 35.15 24.24
C TRP C 545 14.24 35.49 22.79
N THR C 546 14.38 34.49 21.92
CA THR C 546 14.25 34.48 20.46
C THR C 546 15.35 35.22 19.72
N GLY C 547 16.26 35.88 20.45
CA GLY C 547 17.35 36.61 19.84
C GLY C 547 16.87 37.53 18.74
N ILE C 548 15.83 38.32 19.03
CA ILE C 548 15.28 39.25 18.06
C ILE C 548 15.78 40.68 18.29
N PRO C 549 16.27 40.94 19.50
CA PRO C 549 16.78 42.26 19.86
C PRO C 549 17.81 42.77 18.86
N ALA C 550 18.77 41.92 18.51
CA ALA C 550 19.82 42.28 17.57
C ALA C 550 19.26 42.45 16.16
N GLY C 551 18.25 41.65 15.84
CA GLY C 551 17.63 41.70 14.53
C GLY C 551 16.57 42.78 14.43
N ARG C 552 17.01 44.02 14.22
CA ARG C 552 16.10 45.14 14.11
C ARG C 552 15.58 45.58 15.48
N LEU C 553 16.30 46.50 16.11
CA LEU C 553 15.91 47.01 17.42
C LEU C 553 14.69 47.92 17.32
N LEU C 554 13.51 47.32 17.43
CA LEU C 554 12.27 48.06 17.33
C LEU C 554 11.85 48.11 15.86
N GLU C 555 10.91 47.26 15.47
CA GLU C 555 10.45 47.20 14.09
C GLU C 555 9.03 47.75 13.95
N GLY C 556 8.85 48.67 13.01
CA GLY C 556 7.55 49.27 12.77
C GLY C 556 7.60 50.79 12.71
N GLU C 557 6.72 51.37 11.89
CA GLU C 557 6.67 52.82 11.76
C GLU C 557 6.43 53.26 10.32
N THR C 558 6.16 54.55 10.15
CA THR C 558 5.91 55.14 8.84
C THR C 558 7.19 55.75 8.28
N ALA C 559 8.11 56.13 9.16
CA ALA C 559 9.44 56.52 8.75
C ALA C 559 10.19 55.38 8.09
N LYS C 560 9.93 54.14 8.49
CA LYS C 560 10.54 53.00 7.81
C LYS C 560 9.90 52.78 6.44
N LEU C 561 8.58 52.62 6.40
CA LEU C 561 7.88 52.28 5.17
C LEU C 561 7.88 53.41 4.15
N LEU C 562 8.24 54.63 4.55
CA LEU C 562 8.50 55.67 3.58
C LEU C 562 9.74 55.36 2.76
N ARG C 563 10.76 54.78 3.37
CA ARG C 563 12.01 54.44 2.70
C ARG C 563 12.12 52.91 2.62
N MET C 564 11.53 52.33 1.58
CA MET C 564 11.59 50.89 1.46
C MET C 564 12.05 50.51 0.05
N GLU C 565 11.75 51.36 -0.92
CA GLU C 565 12.32 51.17 -2.25
C GLU C 565 13.82 51.48 -2.25
N ASP C 566 14.29 52.31 -1.31
CA ASP C 566 15.70 52.67 -1.22
C ASP C 566 16.43 51.97 -0.09
N GLU C 567 15.74 51.52 0.95
CA GLU C 567 16.42 50.75 2.00
C GLU C 567 16.76 49.36 1.51
N LEU C 568 15.90 48.80 0.65
CA LEU C 568 16.13 47.45 0.16
C LEU C 568 17.25 47.40 -0.86
N GLY C 569 17.63 48.54 -1.42
CA GLY C 569 18.68 48.61 -2.42
C GLY C 569 20.08 48.39 -1.89
N LYS C 570 20.26 48.28 -0.58
CA LYS C 570 21.58 48.02 -0.03
C LYS C 570 22.01 46.57 -0.18
N ARG C 571 21.11 45.70 -0.62
CA ARG C 571 21.43 44.29 -0.83
C ARG C 571 21.02 43.80 -2.19
N VAL C 572 20.09 44.46 -2.87
CA VAL C 572 19.75 44.13 -4.25
C VAL C 572 20.00 45.37 -5.10
N ILE C 573 20.78 45.21 -6.16
CA ILE C 573 21.14 46.30 -7.05
C ILE C 573 20.33 46.19 -8.33
N GLY C 574 19.78 47.30 -8.79
CA GLY C 574 19.01 47.29 -10.01
C GLY C 574 17.64 46.67 -9.78
N GLN C 575 17.10 46.07 -10.84
CA GLN C 575 15.81 45.37 -10.85
C GLN C 575 14.69 46.30 -10.38
N LYS C 576 14.78 47.57 -10.79
CA LYS C 576 14.05 48.64 -10.13
C LYS C 576 12.55 48.56 -10.37
N ALA C 577 12.14 48.06 -11.53
CA ALA C 577 10.73 47.93 -11.83
C ALA C 577 10.09 46.74 -11.13
N ALA C 578 10.87 45.90 -10.46
CA ALA C 578 10.33 44.76 -9.73
C ALA C 578 10.70 44.83 -8.26
N VAL C 579 11.12 46.01 -7.81
CA VAL C 579 11.08 46.36 -6.40
C VAL C 579 9.98 47.36 -6.10
N THR C 580 9.61 48.20 -7.08
CA THR C 580 8.50 49.13 -6.91
C THR C 580 7.14 48.45 -6.93
N ALA C 581 7.07 47.15 -7.19
CA ALA C 581 5.84 46.41 -7.03
C ALA C 581 5.82 45.56 -5.78
N VAL C 582 6.96 45.00 -5.38
CA VAL C 582 7.04 44.26 -4.12
C VAL C 582 6.94 45.24 -2.95
N SER C 583 7.46 46.44 -3.13
CA SER C 583 7.38 47.53 -2.16
C SER C 583 6.02 48.21 -2.15
N ASP C 584 5.04 47.66 -2.84
CA ASP C 584 3.71 48.23 -2.91
C ASP C 584 2.66 47.35 -2.26
N ALA C 585 2.83 46.03 -2.31
CA ALA C 585 1.93 45.15 -1.59
C ALA C 585 2.17 45.15 -0.09
N VAL C 586 3.24 45.80 0.37
CA VAL C 586 3.45 45.99 1.79
C VAL C 586 2.86 47.31 2.25
N ARG C 587 2.99 48.36 1.45
CA ARG C 587 2.44 49.65 1.84
C ARG C 587 0.91 49.67 1.75
N ARG C 588 0.34 49.02 0.75
CA ARG C 588 -1.11 49.02 0.67
C ARG C 588 -1.75 48.07 1.67
N SER C 589 -0.98 47.15 2.23
CA SER C 589 -1.52 46.27 3.26
C SER C 589 -1.36 46.85 4.65
N ARG C 590 -0.48 47.83 4.82
CA ARG C 590 -0.39 48.55 6.09
C ARG C 590 -1.19 49.83 6.10
N ALA C 591 -1.81 50.21 4.99
CA ALA C 591 -2.71 51.36 5.01
C ALA C 591 -4.15 50.95 5.26
N GLY C 592 -4.51 49.71 4.94
CA GLY C 592 -5.86 49.24 5.17
C GLY C 592 -6.72 49.25 3.92
N VAL C 593 -6.10 49.21 2.75
CA VAL C 593 -6.85 49.22 1.49
C VAL C 593 -6.95 47.81 0.92
N SER C 594 -6.25 46.84 1.50
CA SER C 594 -6.13 45.50 0.96
C SER C 594 -7.46 44.75 1.01
N ASP C 595 -7.57 43.75 0.17
CA ASP C 595 -8.77 42.96 0.07
C ASP C 595 -8.80 41.97 1.24
N PRO C 596 -9.81 42.03 2.12
CA PRO C 596 -9.72 41.29 3.39
C PRO C 596 -9.88 39.79 3.27
N ASN C 597 -10.17 39.25 2.10
CA ASN C 597 -10.12 37.80 1.87
C ASN C 597 -9.34 37.51 0.59
N ARG C 598 -8.02 37.54 0.72
CA ARG C 598 -7.01 37.29 -0.29
C ARG C 598 -5.68 37.38 0.47
N PRO C 599 -4.65 36.64 0.08
CA PRO C 599 -3.31 36.94 0.59
C PRO C 599 -2.89 38.34 0.19
N THR C 600 -2.08 38.97 1.04
CA THR C 600 -1.75 40.38 0.86
C THR C 600 -0.91 40.61 -0.39
N GLY C 601 -0.13 39.63 -0.80
CA GLY C 601 0.52 39.67 -2.09
C GLY C 601 0.91 38.29 -2.55
N ALA C 602 0.51 37.90 -3.75
CA ALA C 602 0.81 36.57 -4.29
C ALA C 602 1.25 36.77 -5.73
N PHE C 603 2.54 37.01 -5.92
CA PHE C 603 3.06 37.34 -7.23
C PHE C 603 4.24 36.45 -7.58
N MET C 604 4.42 36.24 -8.87
CA MET C 604 5.39 35.29 -9.39
C MET C 604 6.40 36.02 -10.26
N PHE C 605 7.67 35.94 -9.92
CA PHE C 605 8.71 36.51 -10.75
C PHE C 605 9.68 35.45 -11.25
N LEU C 606 10.10 35.62 -12.50
CA LEU C 606 10.91 34.66 -13.24
C LEU C 606 11.84 35.42 -14.17
N GLY C 607 12.63 34.69 -14.95
CA GLY C 607 13.62 35.28 -15.80
C GLY C 607 14.80 34.33 -16.01
N PRO C 608 15.95 34.86 -16.41
CA PRO C 608 17.14 34.02 -16.57
C PRO C 608 17.76 33.72 -15.21
N THR C 609 18.83 32.95 -15.22
CA THR C 609 19.45 32.55 -13.97
C THR C 609 20.49 33.56 -13.54
N GLY C 610 20.85 33.48 -12.26
CA GLY C 610 21.90 34.31 -11.71
C GLY C 610 21.59 35.79 -11.69
N VAL C 611 20.35 36.15 -11.35
CA VAL C 611 19.93 37.53 -11.45
C VAL C 611 19.69 38.17 -10.07
N GLY C 612 19.18 37.41 -9.10
CA GLY C 612 18.88 37.97 -7.81
C GLY C 612 17.44 37.71 -7.40
N LYS C 613 16.85 36.65 -7.96
CA LYS C 613 15.45 36.37 -7.69
C LYS C 613 15.21 35.56 -6.44
N THR C 614 16.25 34.96 -5.88
CA THR C 614 16.17 34.35 -4.56
C THR C 614 16.72 35.29 -3.49
N GLU C 615 17.70 36.11 -3.86
CA GLU C 615 18.25 37.10 -2.94
C GLU C 615 17.24 38.18 -2.60
N LEU C 616 16.32 38.48 -3.51
CA LEU C 616 15.27 39.45 -3.20
C LEU C 616 14.28 38.88 -2.19
N ALA C 617 13.90 37.62 -2.37
CA ALA C 617 12.90 37.04 -1.48
C ALA C 617 13.47 36.67 -0.12
N LYS C 618 14.77 36.80 0.09
CA LYS C 618 15.36 36.72 1.42
C LYS C 618 15.71 38.08 1.98
N ALA C 619 15.60 39.14 1.19
CA ALA C 619 15.90 40.48 1.66
C ALA C 619 14.67 41.23 2.12
N LEU C 620 13.49 40.87 1.63
CA LEU C 620 12.26 41.46 2.14
C LEU C 620 11.72 40.65 3.29
N ALA C 621 12.36 39.54 3.63
CA ALA C 621 12.14 38.85 4.88
C ALA C 621 13.17 39.23 5.93
N ASP C 622 13.85 40.36 5.73
CA ASP C 622 14.92 40.75 6.62
C ASP C 622 14.53 41.90 7.53
N PHE C 623 13.82 42.89 7.03
CA PHE C 623 13.40 43.97 7.91
C PHE C 623 11.99 43.76 8.46
N LEU C 624 11.24 42.80 7.93
CA LEU C 624 9.97 42.48 8.56
C LEU C 624 10.15 41.64 9.81
N PHE C 625 11.22 40.84 9.87
CA PHE C 625 11.39 39.87 10.93
C PHE C 625 12.65 40.05 11.75
N ASP C 626 13.56 40.94 11.35
CA ASP C 626 14.88 41.19 11.92
C ASP C 626 15.82 39.99 11.85
N ASP C 627 15.44 38.94 11.12
CA ASP C 627 16.28 37.76 10.90
C ASP C 627 16.17 37.37 9.43
N GLU C 628 16.65 36.19 9.08
CA GLU C 628 16.49 35.71 7.71
C GLU C 628 16.17 34.22 7.65
N ARG C 629 15.89 33.59 8.79
CA ARG C 629 15.62 32.17 8.84
C ARG C 629 14.24 31.85 9.37
N ALA C 630 13.42 32.86 9.62
CA ALA C 630 12.07 32.66 10.14
C ALA C 630 11.02 32.58 9.05
N MET C 631 11.38 32.12 7.85
CA MET C 631 10.44 32.01 6.76
C MET C 631 10.21 30.56 6.39
N VAL C 632 9.05 30.30 5.81
CA VAL C 632 8.66 28.95 5.41
C VAL C 632 9.29 28.71 4.04
N ARG C 633 10.42 28.04 4.01
CA ARG C 633 11.14 27.77 2.78
C ARG C 633 10.96 26.30 2.44
N ILE C 634 9.96 26.02 1.61
CA ILE C 634 9.80 24.70 1.05
C ILE C 634 10.32 24.74 -0.36
N ASP C 635 10.72 23.58 -0.87
CA ASP C 635 11.33 23.50 -2.18
C ASP C 635 10.55 22.47 -2.97
N MET C 636 9.89 22.91 -4.04
CA MET C 636 9.11 22.01 -4.87
C MET C 636 9.91 21.46 -6.03
N SER C 637 11.21 21.32 -5.86
CA SER C 637 12.04 20.66 -6.86
C SER C 637 12.05 19.15 -6.70
N GLU C 638 11.25 18.62 -5.79
CA GLU C 638 11.27 17.22 -5.44
C GLU C 638 9.96 16.50 -5.72
N TYR C 639 8.93 17.23 -6.14
CA TYR C 639 7.59 16.67 -6.24
C TYR C 639 7.31 16.25 -7.68
N GLY C 640 8.13 15.35 -8.18
CA GLY C 640 7.98 14.92 -9.56
C GLY C 640 6.78 14.03 -9.77
N GLU C 641 6.39 13.28 -8.76
CA GLU C 641 5.28 12.34 -8.87
C GLU C 641 4.05 12.85 -8.11
N LYS C 642 2.97 12.11 -8.27
CA LYS C 642 1.64 12.57 -7.92
C LYS C 642 1.26 12.32 -6.46
N HIS C 643 2.15 11.73 -5.67
CA HIS C 643 1.80 11.39 -4.31
C HIS C 643 2.78 11.95 -3.29
N THR C 644 3.46 13.04 -3.61
CA THR C 644 4.16 13.79 -2.58
C THR C 644 3.34 15.00 -2.14
N VAL C 645 2.06 15.02 -2.49
CA VAL C 645 1.12 15.98 -1.92
C VAL C 645 1.03 15.79 -0.42
N ALA C 646 1.06 14.54 0.04
CA ALA C 646 0.76 14.22 1.42
C ALA C 646 1.78 14.72 2.42
N ARG C 647 2.98 15.11 1.98
CA ARG C 647 3.91 15.62 2.97
C ARG C 647 3.63 17.06 3.35
N LEU C 648 2.76 17.75 2.62
CA LEU C 648 2.40 19.14 2.94
C LEU C 648 0.91 19.30 3.21
N ILE C 649 0.16 18.22 3.28
CA ILE C 649 -1.28 18.33 3.46
C ILE C 649 -1.72 17.34 4.52
N GLY C 662 0.86 18.35 8.31
CA GLY C 662 1.64 18.58 7.12
C GLY C 662 2.83 19.47 7.41
N GLN C 663 3.74 19.51 6.45
CA GLN C 663 4.91 20.37 6.62
C GLN C 663 4.60 21.82 6.27
N LEU C 664 3.68 22.04 5.33
CA LEU C 664 3.23 23.39 5.02
C LEU C 664 2.24 23.89 6.06
N THR C 665 1.46 23.00 6.66
CA THR C 665 0.32 23.41 7.45
C THR C 665 0.71 23.79 8.87
N GLU C 666 1.46 22.92 9.54
CA GLU C 666 1.78 23.14 10.95
C GLU C 666 3.02 24.00 11.15
N ALA C 667 3.42 24.77 10.14
CA ALA C 667 4.39 25.83 10.32
C ALA C 667 3.78 27.21 10.16
N VAL C 668 2.50 27.29 9.78
CA VAL C 668 1.79 28.55 9.66
C VAL C 668 0.90 28.80 10.86
N ARG C 669 0.21 27.74 11.32
CA ARG C 669 -0.80 27.84 12.38
C ARG C 669 -0.22 28.31 13.70
N ARG C 670 1.10 28.23 13.87
CA ARG C 670 1.75 28.72 15.07
C ARG C 670 1.89 30.24 15.01
N ARG C 671 2.55 30.74 13.98
CA ARG C 671 2.68 32.19 13.76
C ARG C 671 2.23 32.50 12.35
N PRO C 672 1.02 33.04 12.17
CA PRO C 672 0.44 33.18 10.84
C PRO C 672 0.86 34.45 10.11
N TYR C 673 2.16 34.69 10.04
CA TYR C 673 2.63 35.92 9.41
C TYR C 673 3.87 35.71 8.53
N THR C 674 4.41 34.50 8.47
CA THR C 674 5.65 34.28 7.77
C THR C 674 5.47 34.32 6.26
N VAL C 675 6.47 34.87 5.57
CA VAL C 675 6.55 34.82 4.11
C VAL C 675 6.93 33.41 3.66
N VAL C 676 6.36 32.98 2.54
CA VAL C 676 6.51 31.60 2.07
C VAL C 676 7.18 31.59 0.71
N LEU C 677 8.23 30.79 0.56
CA LEU C 677 8.86 30.57 -0.73
C LEU C 677 8.28 29.36 -1.45
N PHE C 678 8.54 29.29 -2.76
CA PHE C 678 8.26 28.11 -3.57
C PHE C 678 9.32 28.09 -4.66
N ASP C 679 10.38 27.31 -4.46
CA ASP C 679 11.53 27.36 -5.36
C ASP C 679 11.41 26.34 -6.48
N GLU C 680 11.55 26.81 -7.73
CA GLU C 680 11.55 25.99 -8.94
C GLU C 680 10.25 25.19 -9.08
N ILE C 681 9.17 25.93 -9.31
CA ILE C 681 7.86 25.32 -9.42
C ILE C 681 7.64 24.61 -10.75
N GLU C 682 8.61 24.67 -11.67
CA GLU C 682 8.48 24.00 -12.96
C GLU C 682 8.46 22.48 -12.81
N LYS C 683 9.28 21.94 -11.92
CA LYS C 683 9.51 20.51 -11.84
C LYS C 683 8.38 19.76 -11.14
N ALA C 684 7.45 20.47 -10.52
CA ALA C 684 6.32 19.79 -9.90
C ALA C 684 5.40 19.25 -10.99
N HIS C 685 4.89 18.05 -10.77
CA HIS C 685 3.86 17.52 -11.64
C HIS C 685 2.60 18.36 -11.50
N PRO C 686 1.86 18.58 -12.59
CA PRO C 686 0.63 19.39 -12.49
C PRO C 686 -0.51 18.74 -11.70
N ASP C 687 -0.24 18.48 -10.43
CA ASP C 687 -1.21 18.01 -9.45
C ASP C 687 -0.99 18.84 -8.19
N VAL C 688 0.25 19.31 -8.02
CA VAL C 688 0.59 20.16 -6.90
C VAL C 688 -0.01 21.55 -7.10
N PHE C 689 -0.17 21.96 -8.35
CA PHE C 689 -0.84 23.21 -8.67
C PHE C 689 -2.30 23.18 -8.25
N ASP C 690 -2.91 21.99 -8.27
CA ASP C 690 -4.29 21.85 -7.85
C ASP C 690 -4.44 22.06 -6.36
N VAL C 691 -3.47 21.61 -5.58
CA VAL C 691 -3.43 21.91 -4.16
C VAL C 691 -3.25 23.40 -3.96
N LEU C 692 -2.39 24.01 -4.77
CA LEU C 692 -2.07 25.42 -4.63
C LEU C 692 -3.20 26.34 -5.09
N LEU C 693 -4.25 25.79 -5.70
CA LEU C 693 -5.25 26.62 -6.38
C LEU C 693 -6.22 27.26 -5.40
N GLN C 694 -6.51 26.62 -4.26
CA GLN C 694 -7.36 27.24 -3.26
C GLN C 694 -6.57 27.97 -2.19
N VAL C 695 -5.25 27.81 -2.18
CA VAL C 695 -4.40 28.71 -1.40
C VAL C 695 -4.60 30.13 -1.88
N LEU C 696 -4.50 30.33 -3.18
CA LEU C 696 -4.79 31.62 -3.78
C LEU C 696 -6.30 31.83 -3.80
N ASP C 697 -6.72 33.08 -3.58
CA ASP C 697 -8.05 33.61 -3.83
C ASP C 697 -9.10 33.12 -2.82
N GLU C 698 -8.73 32.22 -1.93
CA GLU C 698 -9.55 31.90 -0.76
C GLU C 698 -8.76 32.02 0.52
N GLY C 699 -7.60 31.39 0.59
CA GLY C 699 -6.75 31.49 1.75
C GLY C 699 -6.79 30.32 2.69
N ARG C 700 -7.57 29.29 2.42
CA ARG C 700 -7.65 28.20 3.37
C ARG C 700 -7.58 26.85 2.68
N LEU C 701 -6.98 25.90 3.39
CA LEU C 701 -6.91 24.51 2.99
C LEU C 701 -7.17 23.67 4.23
N THR C 702 -7.22 22.35 4.07
CA THR C 702 -7.50 21.47 5.20
C THR C 702 -6.38 20.44 5.37
N ASP C 703 -6.55 19.60 6.38
CA ASP C 703 -5.65 18.49 6.65
C ASP C 703 -6.48 17.37 7.27
N GLY C 704 -5.81 16.40 7.87
CA GLY C 704 -6.53 15.25 8.42
C GLY C 704 -7.37 15.59 9.63
N HIS C 705 -6.88 16.49 10.48
CA HIS C 705 -7.57 16.82 11.71
C HIS C 705 -8.83 17.64 11.50
N GLY C 706 -8.99 18.23 10.33
CA GLY C 706 -10.22 18.96 10.01
C GLY C 706 -10.21 20.42 10.35
N ARG C 707 -9.06 21.09 10.29
CA ARG C 707 -8.98 22.51 10.59
C ARG C 707 -8.63 23.27 9.31
N THR C 708 -9.20 24.46 9.16
CA THR C 708 -9.01 25.26 7.95
C THR C 708 -8.05 26.39 8.26
N VAL C 709 -6.78 26.17 7.92
CA VAL C 709 -5.73 27.12 8.22
C VAL C 709 -5.77 28.28 7.23
N ASP C 710 -5.78 29.50 7.76
CA ASP C 710 -6.06 30.70 6.97
C ASP C 710 -4.77 31.36 6.50
N PHE C 711 -4.59 31.44 5.19
CA PHE C 711 -3.48 32.18 4.60
C PHE C 711 -3.93 33.57 4.17
N ARG C 712 -4.47 34.35 5.08
CA ARG C 712 -5.07 35.59 4.62
C ARG C 712 -4.11 36.76 4.69
N ASN C 713 -2.98 36.61 5.36
CA ASN C 713 -2.09 37.75 5.53
C ASN C 713 -0.62 37.37 5.46
N THR C 714 -0.28 36.38 4.64
CA THR C 714 1.09 36.06 4.31
C THR C 714 1.40 36.48 2.88
N ILE C 715 2.67 36.59 2.57
CA ILE C 715 3.13 37.07 1.28
C ILE C 715 3.70 35.88 0.52
N LEU C 716 2.92 35.31 -0.38
CA LEU C 716 3.41 34.19 -1.17
C LEU C 716 4.35 34.68 -2.26
N ILE C 717 5.37 33.89 -2.55
CA ILE C 717 6.41 34.24 -3.52
C ILE C 717 6.76 33.00 -4.32
N LEU C 718 6.72 33.13 -5.65
CA LEU C 718 6.95 32.01 -6.56
C LEU C 718 8.14 32.34 -7.45
N THR C 719 9.08 31.40 -7.58
CA THR C 719 10.23 31.59 -8.44
C THR C 719 10.18 30.60 -9.60
N SER C 720 10.88 30.92 -10.68
CA SER C 720 10.91 30.09 -11.88
C SER C 720 12.11 30.47 -12.71
N ASN C 721 12.35 29.69 -13.76
CA ASN C 721 13.43 29.94 -14.72
C ASN C 721 13.00 29.66 -16.14
N LEU C 722 11.71 29.80 -16.44
CA LEU C 722 11.17 29.39 -17.74
C LEU C 722 11.72 30.25 -18.86
N GLY C 723 12.00 29.61 -19.99
CA GLY C 723 12.52 30.31 -21.15
C GLY C 723 13.98 30.69 -21.00
N SER C 724 14.25 31.62 -20.07
CA SER C 724 15.58 32.10 -19.70
C SER C 724 16.30 32.72 -20.91
N GLY C 725 15.73 33.83 -21.37
CA GLY C 725 16.30 34.54 -22.50
C GLY C 725 15.30 34.82 -23.61
N GLY C 726 14.02 34.75 -23.30
CA GLY C 726 12.99 35.12 -24.25
C GLY C 726 13.01 36.61 -24.53
N SER C 727 12.73 36.96 -25.79
CA SER C 727 12.86 38.33 -26.26
C SER C 727 11.89 39.30 -25.59
N ALA C 728 10.62 39.19 -25.93
CA ALA C 728 9.55 39.90 -25.25
C ALA C 728 8.38 38.98 -24.94
N GLU C 729 8.06 38.06 -25.84
CA GLU C 729 6.93 37.16 -25.70
C GLU C 729 7.34 35.71 -25.80
N GLN C 730 8.60 35.43 -26.14
CA GLN C 730 9.10 34.06 -26.13
C GLN C 730 9.12 33.51 -24.71
N VAL C 731 9.48 34.35 -23.74
CA VAL C 731 9.47 33.90 -22.34
C VAL C 731 8.06 33.90 -21.79
N LEU C 732 7.19 34.77 -22.28
CA LEU C 732 5.86 34.87 -21.69
C LEU C 732 4.92 33.80 -22.21
N ALA C 733 5.02 33.45 -23.49
CA ALA C 733 4.18 32.40 -24.04
C ALA C 733 4.62 31.00 -23.64
N ALA C 734 5.82 30.86 -23.07
CA ALA C 734 6.23 29.56 -22.57
C ALA C 734 5.58 29.25 -21.24
N VAL C 735 5.16 30.28 -20.50
CA VAL C 735 4.43 30.09 -19.25
C VAL C 735 3.08 29.45 -19.53
N ARG C 736 2.45 29.86 -20.63
CA ARG C 736 1.14 29.37 -21.04
C ARG C 736 1.16 27.90 -21.44
N ALA C 737 2.34 27.33 -21.68
CA ALA C 737 2.43 25.91 -22.00
C ALA C 737 2.09 25.06 -20.79
N THR C 738 2.85 25.19 -19.71
CA THR C 738 2.68 24.28 -18.58
C THR C 738 1.51 24.69 -17.69
N PHE C 739 1.34 25.99 -17.46
CA PHE C 739 0.30 26.45 -16.55
C PHE C 739 -1.04 26.52 -17.26
N LYS C 740 -2.06 25.90 -16.65
CA LYS C 740 -3.40 26.05 -17.15
C LYS C 740 -3.91 27.47 -16.87
N PRO C 741 -4.79 28.01 -17.71
CA PRO C 741 -5.23 29.41 -17.54
C PRO C 741 -6.03 29.68 -16.28
N GLU C 742 -6.53 28.65 -15.60
CA GLU C 742 -7.15 28.87 -14.30
C GLU C 742 -6.12 29.12 -13.19
N PHE C 743 -4.83 28.95 -13.47
CA PHE C 743 -3.78 29.26 -12.51
C PHE C 743 -3.04 30.55 -12.81
N ILE C 744 -2.94 30.94 -14.07
CA ILE C 744 -2.32 32.21 -14.40
C ILE C 744 -3.22 33.37 -14.00
N ASN C 745 -4.53 33.13 -13.97
CA ASN C 745 -5.48 34.19 -13.68
C ASN C 745 -5.45 34.58 -12.21
N ARG C 746 -5.27 33.60 -11.33
CA ARG C 746 -5.27 33.82 -9.89
C ARG C 746 -4.04 34.53 -9.32
N LEU C 747 -3.01 34.72 -10.14
CA LEU C 747 -1.80 35.38 -9.66
C LEU C 747 -1.95 36.90 -9.74
N ASP C 748 -0.98 37.58 -9.13
CA ASP C 748 -0.81 39.01 -9.28
C ASP C 748 0.08 39.27 -10.50
N ASP C 749 0.63 40.47 -10.58
CA ASP C 749 1.46 40.91 -11.71
C ASP C 749 2.70 40.03 -11.87
N VAL C 750 2.75 39.29 -12.97
CA VAL C 750 3.90 38.45 -13.28
C VAL C 750 5.09 39.34 -13.62
N LEU C 751 6.13 39.26 -12.80
CA LEU C 751 7.29 40.12 -12.96
C LEU C 751 8.38 39.40 -13.76
N ILE C 752 9.01 40.14 -14.65
CA ILE C 752 10.15 39.64 -15.43
C ILE C 752 11.39 40.34 -14.92
N PHE C 753 12.40 39.57 -14.55
CA PHE C 753 13.69 40.17 -14.29
C PHE C 753 14.46 40.27 -15.59
N GLU C 754 15.32 41.28 -15.68
CA GLU C 754 16.20 41.45 -16.83
C GLU C 754 17.52 40.73 -16.56
N GLY C 755 18.52 40.99 -17.38
CA GLY C 755 19.83 40.45 -17.13
C GLY C 755 20.62 41.33 -16.17
N LEU C 756 21.90 41.54 -16.46
CA LEU C 756 22.70 42.50 -15.73
C LEU C 756 23.54 43.32 -16.68
N ASN C 757 23.69 44.58 -16.36
CA ASN C 757 24.46 45.55 -17.11
C ASN C 757 25.85 45.64 -16.52
N PRO C 758 26.91 45.73 -17.33
CA PRO C 758 28.26 45.93 -16.78
C PRO C 758 28.46 47.31 -16.18
N GLU C 759 27.55 48.25 -16.41
CA GLU C 759 27.55 49.49 -15.66
C GLU C 759 27.09 49.26 -14.22
N GLU C 760 26.08 48.41 -14.03
CA GLU C 760 25.56 48.07 -12.71
C GLU C 760 26.16 46.78 -12.16
N LEU C 761 27.42 46.49 -12.47
CA LEU C 761 28.08 45.30 -12.01
C LEU C 761 29.30 45.61 -11.18
N VAL C 762 29.71 46.87 -11.11
CA VAL C 762 30.84 47.25 -10.28
C VAL C 762 30.48 47.13 -8.81
N ARG C 763 29.29 47.57 -8.43
CA ARG C 763 28.92 47.72 -7.03
C ARG C 763 28.70 46.37 -6.34
N ILE C 764 28.42 45.32 -7.13
CA ILE C 764 28.35 43.97 -6.58
C ILE C 764 29.70 43.55 -6.02
N VAL C 765 30.80 43.99 -6.65
CA VAL C 765 32.13 43.70 -6.13
C VAL C 765 32.36 44.41 -4.80
N ASP C 766 31.81 45.61 -4.65
CA ASP C 766 31.88 46.32 -3.38
C ASP C 766 31.14 45.56 -2.29
N ILE C 767 29.95 45.04 -2.62
CA ILE C 767 29.18 44.26 -1.66
C ILE C 767 29.90 42.97 -1.27
N GLN C 768 30.48 42.27 -2.25
CA GLN C 768 31.18 41.02 -1.97
C GLN C 768 32.42 41.25 -1.12
N LEU C 769 33.17 42.32 -1.39
CA LEU C 769 34.36 42.56 -0.58
C LEU C 769 33.99 43.07 0.81
N ALA C 770 32.87 43.78 0.95
CA ALA C 770 32.40 44.14 2.28
C ALA C 770 31.95 42.90 3.05
N GLN C 771 31.38 41.93 2.34
CA GLN C 771 31.00 40.67 2.96
C GLN C 771 32.22 39.90 3.44
N LEU C 772 33.26 39.84 2.61
CA LEU C 772 34.47 39.13 3.01
C LEU C 772 35.22 39.88 4.11
N GLY C 773 35.07 41.20 4.17
CA GLY C 773 35.61 41.95 5.30
C GLY C 773 34.88 41.63 6.59
N LYS C 774 33.55 41.51 6.53
CA LYS C 774 32.81 41.13 7.72
C LYS C 774 33.00 39.67 8.09
N ARG C 775 33.47 38.83 7.17
CA ARG C 775 33.78 37.45 7.56
C ARG C 775 35.05 37.39 8.40
N LEU C 776 36.01 38.27 8.15
CA LEU C 776 37.27 38.24 8.87
C LEU C 776 37.24 39.09 10.14
N ALA C 777 36.07 39.25 10.75
CA ALA C 777 35.96 40.03 11.97
C ALA C 777 36.52 39.31 13.18
N GLN C 778 36.74 37.99 13.10
CA GLN C 778 37.37 37.29 14.21
C GLN C 778 38.84 37.65 14.33
N ARG C 779 39.50 37.86 13.20
CA ARG C 779 40.93 38.10 13.20
C ARG C 779 41.29 39.58 13.28
N ARG C 780 40.27 40.46 13.18
CA ARG C 780 40.43 41.91 13.08
C ARG C 780 41.35 42.27 11.92
N LEU C 781 41.18 41.55 10.81
CA LEU C 781 42.13 41.55 9.72
C LEU C 781 41.56 42.41 8.59
N GLN C 782 41.81 43.70 8.68
CA GLN C 782 41.43 44.61 7.62
C GLN C 782 42.28 44.34 6.38
N LEU C 783 41.67 44.49 5.21
CA LEU C 783 42.38 44.30 3.96
C LEU C 783 42.09 45.45 3.02
N GLN C 784 43.12 45.87 2.29
CA GLN C 784 43.08 47.09 1.51
C GLN C 784 42.98 46.72 0.03
N VAL C 785 41.94 47.23 -0.64
CA VAL C 785 41.69 46.94 -2.04
C VAL C 785 41.73 48.24 -2.81
N SER C 786 42.63 48.34 -3.79
CA SER C 786 42.76 49.55 -4.57
C SER C 786 41.71 49.59 -5.68
N LEU C 787 41.48 50.79 -6.18
CA LEU C 787 40.51 50.97 -7.27
C LEU C 787 40.89 50.33 -8.60
N PRO C 788 42.17 50.27 -9.04
CA PRO C 788 42.43 49.48 -10.27
C PRO C 788 42.15 47.99 -10.13
N ALA C 789 42.42 47.38 -8.98
CA ALA C 789 41.98 46.00 -8.78
C ALA C 789 40.47 45.90 -8.65
N LYS C 790 39.84 46.90 -8.06
CA LYS C 790 38.40 46.88 -7.85
C LYS C 790 37.66 47.02 -9.17
N ARG C 791 38.26 47.65 -10.17
CA ARG C 791 37.70 47.60 -11.51
C ARG C 791 38.28 46.48 -12.35
N TRP C 792 39.39 45.87 -11.92
CA TRP C 792 39.90 44.69 -12.59
C TRP C 792 38.98 43.51 -12.38
N LEU C 793 38.36 43.41 -11.21
CA LEU C 793 37.42 42.33 -10.96
C LEU C 793 36.15 42.44 -11.77
N ALA C 794 35.81 43.63 -12.27
CA ALA C 794 34.58 43.77 -13.03
C ALA C 794 34.72 43.19 -14.43
N GLN C 795 35.89 43.30 -15.04
CA GLN C 795 36.05 42.93 -16.44
C GLN C 795 36.12 41.42 -16.64
N ARG C 796 36.49 40.66 -15.62
CA ARG C 796 36.33 39.23 -15.71
C ARG C 796 34.89 38.80 -15.46
N GLY C 797 34.10 39.66 -14.83
CA GLY C 797 32.66 39.48 -14.78
C GLY C 797 32.09 39.71 -16.15
N PHE C 798 31.69 38.63 -16.81
CA PHE C 798 31.59 38.61 -18.26
C PHE C 798 30.36 37.78 -18.61
N ASP C 799 30.21 37.42 -19.90
CA ASP C 799 29.36 36.44 -20.58
C ASP C 799 27.97 36.31 -19.97
N PRO C 800 27.06 37.28 -20.20
CA PRO C 800 25.77 37.29 -19.50
C PRO C 800 24.83 36.14 -19.84
N VAL C 801 25.31 34.94 -19.56
CA VAL C 801 24.52 33.74 -19.49
C VAL C 801 24.45 33.21 -18.06
N TYR C 802 25.52 33.36 -17.29
CA TYR C 802 25.62 32.77 -15.97
C TYR C 802 25.47 33.79 -14.86
N GLY C 803 25.17 35.05 -15.20
CA GLY C 803 24.85 36.04 -14.21
C GLY C 803 26.05 36.48 -13.38
N ALA C 804 25.76 36.94 -12.17
CA ALA C 804 26.78 37.42 -11.25
C ALA C 804 27.35 36.31 -10.38
N ARG C 805 26.94 35.08 -10.61
CA ARG C 805 27.47 33.95 -9.87
C ARG C 805 28.93 33.61 -10.16
N PRO C 806 29.47 33.69 -11.40
CA PRO C 806 30.91 33.42 -11.55
C PRO C 806 31.81 34.48 -10.93
N LEU C 807 31.30 35.66 -10.62
CA LEU C 807 32.11 36.64 -9.91
C LEU C 807 32.41 36.17 -8.49
N ARG C 808 31.47 35.46 -7.88
CA ARG C 808 31.64 34.96 -6.53
C ARG C 808 32.48 33.70 -6.48
N ARG C 809 32.87 33.17 -7.61
CA ARG C 809 33.98 32.22 -7.69
C ARG C 809 35.27 32.89 -8.07
N LEU C 810 35.18 33.98 -8.83
CA LEU C 810 36.38 34.75 -9.19
C LEU C 810 37.06 35.33 -7.98
N VAL C 811 36.28 35.83 -7.01
CA VAL C 811 36.86 36.41 -5.80
C VAL C 811 37.56 35.33 -4.97
N GLN C 812 36.99 34.14 -4.90
CA GLN C 812 37.64 33.09 -4.15
C GLN C 812 38.77 32.41 -4.90
N GLN C 813 38.87 32.60 -6.21
CA GLN C 813 40.06 32.12 -6.91
C GLN C 813 41.19 33.13 -6.91
N ALA C 814 40.88 34.42 -6.85
CA ALA C 814 41.94 35.43 -6.88
C ALA C 814 42.48 35.74 -5.49
N ILE C 815 41.60 36.18 -4.59
CA ILE C 815 42.06 36.62 -3.28
C ILE C 815 42.21 35.44 -2.34
N GLY C 816 41.20 34.58 -2.27
CA GLY C 816 41.09 33.62 -1.19
C GLY C 816 42.15 32.53 -1.19
N ASP C 817 42.69 32.20 -2.35
CA ASP C 817 43.67 31.11 -2.44
C ASP C 817 45.01 31.52 -1.84
N GLN C 818 45.59 32.59 -2.36
CA GLN C 818 46.89 33.03 -1.85
C GLN C 818 46.77 33.59 -0.44
N LEU C 819 45.61 34.13 -0.07
CA LEU C 819 45.41 34.56 1.31
C LEU C 819 45.33 33.36 2.25
N ALA C 820 44.65 32.31 1.83
CA ALA C 820 44.57 31.12 2.67
C ALA C 820 45.90 30.38 2.72
N LYS C 821 46.75 30.55 1.74
CA LYS C 821 48.09 30.00 1.86
C LYS C 821 48.98 30.86 2.76
N MET C 822 48.89 32.18 2.64
CA MET C 822 49.70 33.08 3.45
C MET C 822 49.12 33.31 4.84
N LEU C 823 48.00 32.68 5.18
CA LEU C 823 47.42 32.87 6.50
C LEU C 823 47.89 31.84 7.49
N LEU C 824 48.17 30.61 7.04
CA LEU C 824 48.48 29.50 7.93
C LEU C 824 49.94 29.05 7.83
N ALA C 825 50.83 29.92 7.34
CA ALA C 825 52.24 29.60 7.28
C ALA C 825 53.12 30.69 7.88
N GLY C 826 52.51 31.68 8.53
CA GLY C 826 53.23 32.84 9.03
C GLY C 826 52.85 34.09 8.26
N GLN C 827 53.57 35.17 8.57
CA GLN C 827 53.60 36.49 7.92
C GLN C 827 52.25 37.18 7.77
N VAL C 828 51.17 36.64 8.35
CA VAL C 828 49.89 37.31 8.49
C VAL C 828 49.39 36.99 9.89
N HIS C 829 49.13 38.01 10.69
CA HIS C 829 48.68 37.79 12.06
C HIS C 829 47.50 38.71 12.34
N ASP C 830 47.00 38.64 13.57
CA ASP C 830 45.84 39.41 13.96
C ASP C 830 46.14 40.90 14.02
N GLY C 831 45.18 41.71 13.57
CA GLY C 831 45.31 43.15 13.54
C GLY C 831 46.09 43.71 12.39
N ASP C 832 46.73 42.86 11.58
CA ASP C 832 47.53 43.34 10.47
C ASP C 832 46.64 43.81 9.32
N THR C 833 47.25 44.51 8.37
CA THR C 833 46.55 44.96 7.18
C THR C 833 47.17 44.26 5.98
N VAL C 834 46.33 43.66 5.14
CA VAL C 834 46.83 42.91 3.99
C VAL C 834 46.35 43.61 2.73
N PRO C 835 47.17 44.44 2.11
CA PRO C 835 46.75 45.12 0.88
C PRO C 835 46.93 44.24 -0.34
N VAL C 836 46.06 44.42 -1.31
CA VAL C 836 46.18 43.74 -2.59
C VAL C 836 46.60 44.76 -3.64
N ASN C 837 47.42 44.30 -4.59
CA ASN C 837 48.00 45.19 -5.58
C ASN C 837 48.04 44.45 -6.90
N VAL C 838 47.84 45.20 -7.98
CA VAL C 838 47.68 44.62 -9.30
C VAL C 838 49.05 44.23 -9.82
N SER C 839 49.39 42.95 -9.67
CA SER C 839 50.42 42.34 -10.49
C SER C 839 49.94 42.36 -11.95
N PRO C 840 50.88 42.42 -12.95
CA PRO C 840 50.46 42.57 -14.36
C PRO C 840 49.46 41.56 -14.92
N ASP C 841 49.32 40.39 -14.31
CA ASP C 841 48.20 39.51 -14.63
C ASP C 841 47.28 39.26 -13.44
N ALA C 842 47.79 38.73 -12.33
CA ALA C 842 46.96 38.32 -11.21
C ALA C 842 46.95 39.39 -10.13
N ASP C 843 46.41 39.07 -8.96
CA ASP C 843 46.41 39.97 -7.83
C ASP C 843 47.47 39.54 -6.83
N SER C 844 48.34 40.48 -6.45
CA SER C 844 49.45 40.19 -5.56
C SER C 844 49.01 40.43 -4.11
N LEU C 845 49.98 40.46 -3.21
CA LEU C 845 49.71 40.67 -1.80
C LEU C 845 50.62 41.75 -1.21
N GLN D 159 11.08 16.54 60.48
CA GLN D 159 12.00 15.64 61.16
C GLN D 159 12.23 14.36 60.36
N ALA D 160 11.26 14.01 59.51
CA ALA D 160 11.36 12.78 58.74
C ALA D 160 12.40 12.87 57.65
N LEU D 161 12.78 14.07 57.23
CA LEU D 161 13.82 14.25 56.23
C LEU D 161 15.21 13.94 56.77
N GLN D 162 15.36 13.73 58.07
CA GLN D 162 16.63 13.30 58.62
C GLN D 162 16.99 11.89 58.17
N LYS D 163 15.97 11.08 57.87
CA LYS D 163 16.16 9.65 57.67
C LYS D 163 16.25 9.27 56.19
N TYR D 164 15.75 10.10 55.29
CA TYR D 164 15.80 9.79 53.86
C TYR D 164 16.50 10.86 53.05
N SER D 165 17.58 11.44 53.57
CA SER D 165 18.26 12.51 52.84
C SER D 165 19.66 12.70 53.37
N THR D 166 20.50 13.31 52.53
CA THR D 166 21.75 13.88 52.97
C THR D 166 21.52 15.35 53.29
N ASP D 167 22.60 16.12 53.46
CA ASP D 167 22.48 17.53 53.77
C ASP D 167 23.73 18.22 53.24
N LEU D 168 23.61 18.83 52.05
CA LEU D 168 24.78 19.45 51.44
C LEU D 168 25.23 20.69 52.19
N THR D 169 24.31 21.38 52.85
CA THR D 169 24.70 22.57 53.58
C THR D 169 25.54 22.20 54.80
N ALA D 170 25.20 21.08 55.45
CA ALA D 170 25.98 20.62 56.59
C ALA D 170 27.36 20.14 56.17
N ARG D 171 27.51 19.62 54.96
CA ARG D 171 28.84 19.26 54.47
C ARG D 171 29.58 20.50 53.96
N ALA D 172 28.86 21.50 53.50
CA ALA D 172 29.51 22.73 53.04
C ALA D 172 30.02 23.55 54.20
N ARG D 173 29.41 23.42 55.37
CA ARG D 173 29.83 24.21 56.53
C ARG D 173 31.10 23.71 57.20
N GLU D 174 31.79 22.73 56.62
CA GLU D 174 33.12 22.35 57.09
C GLU D 174 34.11 22.30 55.93
N GLY D 175 33.79 22.92 54.81
CA GLY D 175 34.71 23.05 53.70
C GLY D 175 35.01 21.76 52.97
N LYS D 176 34.04 20.85 52.89
CA LYS D 176 34.24 19.55 52.28
C LYS D 176 33.73 19.49 50.85
N LEU D 177 33.78 20.61 50.13
CA LEU D 177 33.35 20.67 48.74
C LEU D 177 34.43 21.31 47.91
N ASP D 178 34.63 20.80 46.70
CA ASP D 178 35.66 21.33 45.81
C ASP D 178 35.25 22.70 45.31
N PRO D 179 36.17 23.67 45.29
CA PRO D 179 35.80 25.06 44.97
C PRO D 179 35.37 25.22 43.52
N VAL D 180 34.30 25.99 43.35
CA VAL D 180 33.65 26.18 42.07
C VAL D 180 34.06 27.53 41.52
N ILE D 181 34.78 27.52 40.41
CA ILE D 181 35.36 28.72 39.84
C ILE D 181 34.83 28.92 38.44
N GLY D 182 34.30 30.10 38.17
CA GLY D 182 33.70 30.41 36.90
C GLY D 182 32.19 30.49 37.00
N ARG D 183 31.58 30.77 35.84
CA ARG D 183 30.16 30.60 35.59
C ARG D 183 29.29 31.46 36.51
N ASP D 184 29.41 32.77 36.36
CA ASP D 184 28.51 33.65 37.10
C ASP D 184 27.12 33.67 36.49
N ASN D 185 27.03 33.47 35.18
CA ASN D 185 25.76 33.63 34.47
C ASN D 185 24.76 32.56 34.88
N GLU D 186 25.20 31.31 35.00
CA GLU D 186 24.30 30.24 35.38
C GLU D 186 23.86 30.36 36.84
N ILE D 187 24.75 30.83 37.72
CA ILE D 187 24.35 31.02 39.12
C ILE D 187 23.31 32.13 39.22
N ARG D 188 23.52 33.25 38.52
CA ARG D 188 22.54 34.32 38.52
C ARG D 188 21.22 33.89 37.91
N ARG D 189 21.27 33.03 36.89
CA ARG D 189 20.05 32.53 36.27
C ARG D 189 19.29 31.59 37.20
N VAL D 190 20.00 30.76 37.96
CA VAL D 190 19.33 29.88 38.91
C VAL D 190 18.69 30.69 40.05
N VAL D 191 19.39 31.72 40.52
CA VAL D 191 18.80 32.57 41.57
C VAL D 191 17.61 33.36 41.04
N GLN D 192 17.65 33.77 39.77
CA GLN D 192 16.52 34.44 39.15
C GLN D 192 15.30 33.54 39.05
N VAL D 193 15.49 32.29 38.62
CA VAL D 193 14.35 31.41 38.42
C VAL D 193 13.81 30.89 39.74
N LEU D 194 14.67 30.64 40.72
CA LEU D 194 14.24 30.00 41.94
C LEU D 194 13.47 30.93 42.88
N SER D 195 13.41 32.22 42.58
CA SER D 195 12.78 33.18 43.48
C SER D 195 11.54 33.85 42.87
N ARG D 196 10.99 33.30 41.80
CA ARG D 196 9.73 33.80 41.28
C ARG D 196 8.57 33.29 42.14
N ARG D 197 7.34 33.66 41.79
CA ARG D 197 6.23 33.38 42.68
C ARG D 197 5.74 31.94 42.55
N THR D 198 5.25 31.57 41.38
CA THR D 198 4.77 30.21 41.14
C THR D 198 5.59 29.56 40.05
N LYS D 199 5.54 28.21 40.05
CA LYS D 199 6.27 27.35 39.13
C LYS D 199 7.77 27.63 39.23
N ASN D 200 8.28 27.65 40.46
CA ASN D 200 9.67 28.04 40.72
C ASN D 200 10.54 26.81 40.95
N ASN D 201 10.94 26.16 39.86
CA ASN D 201 11.80 24.99 39.96
C ASN D 201 12.60 24.73 38.68
N PRO D 202 13.87 25.11 38.63
CA PRO D 202 14.63 24.98 37.40
C PRO D 202 15.08 23.54 37.18
N VAL D 203 15.64 23.30 35.99
CA VAL D 203 16.25 22.04 35.62
C VAL D 203 17.53 22.35 34.85
N LEU D 204 18.66 21.84 35.32
CA LEU D 204 19.91 22.02 34.60
C LEU D 204 20.03 20.95 33.52
N ILE D 205 20.40 21.37 32.31
CA ILE D 205 20.43 20.50 31.14
C ILE D 205 21.67 20.80 30.33
N GLY D 206 22.45 19.77 30.04
CA GLY D 206 23.59 19.91 29.17
C GLY D 206 24.18 18.55 28.87
N GLU D 207 25.07 18.52 27.88
CA GLU D 207 25.80 17.32 27.57
C GLU D 207 26.72 16.95 28.74
N PRO D 208 26.95 15.65 28.99
CA PRO D 208 27.52 15.26 30.28
C PRO D 208 29.00 15.58 30.40
N GLY D 209 29.40 15.94 31.60
CA GLY D 209 30.77 16.26 31.90
C GLY D 209 31.06 17.74 31.95
N VAL D 210 30.12 18.59 31.54
CA VAL D 210 30.43 20.02 31.49
C VAL D 210 30.29 20.72 32.82
N GLY D 211 29.80 20.02 33.84
CA GLY D 211 29.65 20.61 35.14
C GLY D 211 28.21 21.03 35.37
N LYS D 212 27.46 20.20 36.03
CA LYS D 212 26.10 20.54 36.43
C LYS D 212 25.89 20.36 37.91
N THR D 213 26.52 19.34 38.51
CA THR D 213 26.56 19.24 39.96
C THR D 213 27.40 20.37 40.54
N ALA D 214 28.41 20.82 39.79
CA ALA D 214 29.29 21.89 40.25
C ALA D 214 28.55 23.20 40.42
N ILE D 215 27.51 23.45 39.63
CA ILE D 215 26.74 24.67 39.79
C ILE D 215 25.93 24.65 41.08
N VAL D 216 25.36 23.50 41.43
CA VAL D 216 24.57 23.42 42.66
C VAL D 216 25.48 23.48 43.88
N GLU D 217 26.67 22.87 43.77
CA GLU D 217 27.63 23.01 44.87
C GLU D 217 28.16 24.44 44.98
N GLY D 218 28.29 25.14 43.85
CA GLY D 218 28.64 26.56 43.91
C GLY D 218 27.55 27.41 44.50
N LEU D 219 26.30 27.05 44.24
CA LEU D 219 25.17 27.74 44.88
C LEU D 219 25.16 27.53 46.38
N ALA D 220 25.51 26.32 46.82
CA ALA D 220 25.59 26.06 48.26
C ALA D 220 26.73 26.85 48.89
N GLN D 221 27.87 26.94 48.19
CA GLN D 221 28.99 27.76 48.67
C GLN D 221 28.58 29.23 48.77
N ARG D 222 27.83 29.72 47.78
CA ARG D 222 27.48 31.12 47.77
C ARG D 222 26.39 31.43 48.79
N ILE D 223 25.55 30.45 49.13
CA ILE D 223 24.57 30.66 50.20
C ILE D 223 25.26 30.68 51.56
N VAL D 224 26.16 29.74 51.81
CA VAL D 224 26.83 29.69 53.11
C VAL D 224 27.78 30.89 53.27
N ALA D 225 28.35 31.38 52.17
CA ALA D 225 29.08 32.64 52.22
C ALA D 225 28.13 33.81 52.45
N GLY D 226 27.13 33.96 51.58
CA GLY D 226 26.13 34.99 51.78
C GLY D 226 26.04 36.06 50.73
N ASP D 227 26.33 35.74 49.47
CA ASP D 227 26.29 36.72 48.39
C ASP D 227 24.93 36.78 47.71
N VAL D 228 23.93 36.12 48.27
CA VAL D 228 22.61 35.95 47.66
C VAL D 228 21.78 37.20 47.96
N PRO D 229 20.58 37.37 47.37
CA PRO D 229 19.68 38.44 47.86
C PRO D 229 19.04 38.11 49.20
N GLU D 230 18.11 38.97 49.61
CA GLU D 230 17.58 38.93 50.98
C GLU D 230 16.73 37.69 51.22
N SER D 231 15.76 37.43 50.34
CA SER D 231 14.89 36.27 50.52
C SER D 231 15.45 35.03 49.84
N LEU D 232 16.72 34.74 50.11
CA LEU D 232 17.30 33.45 49.80
C LEU D 232 18.30 33.08 50.89
N ARG D 233 18.47 33.92 51.91
CA ARG D 233 19.48 33.72 52.93
C ARG D 233 19.02 32.65 53.90
N ASP D 234 19.95 31.73 54.21
CA ASP D 234 19.80 30.69 55.24
C ASP D 234 18.60 29.79 54.96
N LYS D 235 18.66 29.11 53.82
CA LYS D 235 17.65 28.15 53.39
C LYS D 235 18.42 26.92 52.95
N THR D 236 18.47 25.89 53.80
CA THR D 236 19.37 24.76 53.57
C THR D 236 18.88 23.89 52.42
N ILE D 237 19.83 23.37 51.66
CA ILE D 237 19.54 22.54 50.49
C ILE D 237 19.59 21.08 50.92
N VAL D 238 18.42 20.49 51.08
CA VAL D 238 18.31 19.11 51.53
C VAL D 238 18.15 18.24 50.30
N ALA D 239 19.20 17.47 49.97
CA ALA D 239 19.18 16.63 48.79
C ALA D 239 18.39 15.35 49.07
N LEU D 240 17.31 15.17 48.33
CA LEU D 240 16.46 14.01 48.51
C LEU D 240 17.05 12.79 47.82
N ASP D 241 16.33 11.68 47.92
CA ASP D 241 16.66 10.44 47.25
C ASP D 241 15.37 9.79 46.78
N LEU D 242 15.52 8.86 45.84
CA LEU D 242 14.45 7.94 45.49
C LEU D 242 14.92 6.50 45.48
N GLY D 243 16.20 6.25 45.69
CA GLY D 243 16.68 4.90 45.81
C GLY D 243 16.48 4.38 47.22
N SER D 244 16.85 5.20 48.21
CA SER D 244 16.72 4.80 49.59
C SER D 244 15.28 4.78 50.07
N MET D 245 14.38 5.44 49.35
CA MET D 245 13.00 5.53 49.82
C MET D 245 12.19 4.30 49.46
N GLU D 254 2.76 1.23 51.50
CA GLU D 254 3.82 1.79 52.33
C GLU D 254 4.59 2.89 51.59
N PHE D 255 4.82 2.72 50.29
CA PHE D 255 5.58 3.70 49.53
C PHE D 255 4.87 5.04 49.45
N GLU D 256 3.58 5.02 49.17
CA GLU D 256 2.82 6.25 49.03
C GLU D 256 2.67 6.96 50.37
N GLU D 257 2.56 6.18 51.46
CA GLU D 257 2.59 6.75 52.80
C GLU D 257 3.91 7.44 53.11
N ARG D 258 5.01 6.81 52.72
CA ARG D 258 6.33 7.36 52.98
C ARG D 258 6.54 8.66 52.20
N LEU D 259 6.12 8.66 50.94
CA LEU D 259 6.26 9.85 50.11
C LEU D 259 5.35 10.98 50.61
N LYS D 260 4.15 10.64 51.08
CA LYS D 260 3.27 11.68 51.61
C LYS D 260 3.80 12.24 52.92
N ALA D 261 4.48 11.40 53.72
CA ALA D 261 5.14 11.90 54.92
C ALA D 261 6.26 12.87 54.57
N VAL D 262 7.03 12.57 53.53
CA VAL D 262 8.10 13.45 53.08
C VAL D 262 7.55 14.78 52.59
N LEU D 263 6.48 14.72 51.79
CA LEU D 263 5.91 15.95 51.23
C LEU D 263 5.24 16.79 52.31
N ASP D 264 4.60 16.14 53.28
CA ASP D 264 4.00 16.84 54.40
C ASP D 264 5.06 17.51 55.26
N ASP D 265 6.21 16.85 55.42
CA ASP D 265 7.28 17.43 56.21
C ASP D 265 7.91 18.61 55.50
N ILE D 266 7.97 18.58 54.17
CA ILE D 266 8.48 19.73 53.43
C ILE D 266 7.50 20.90 53.52
N LYS D 267 6.22 20.64 53.24
CA LYS D 267 5.20 21.69 53.23
C LYS D 267 4.94 22.25 54.62
N ASN D 268 5.24 21.49 55.68
CA ASN D 268 5.03 21.97 57.04
C ASN D 268 5.95 23.12 57.38
N SER D 269 7.12 23.20 56.74
CA SER D 269 8.02 24.33 56.93
C SER D 269 7.49 25.55 56.19
N ALA D 270 8.23 26.65 56.28
CA ALA D 270 7.85 27.91 55.66
C ALA D 270 8.64 28.18 54.39
N GLY D 271 8.90 27.15 53.60
CA GLY D 271 9.75 27.32 52.45
C GLY D 271 11.21 27.44 52.77
N GLN D 272 11.61 27.00 53.97
CA GLN D 272 12.99 27.10 54.41
C GLN D 272 13.91 26.06 53.82
N ILE D 273 13.38 25.16 52.99
CA ILE D 273 14.13 24.02 52.47
C ILE D 273 14.07 24.06 50.95
N ILE D 274 15.22 23.89 50.32
CA ILE D 274 15.32 23.74 48.87
C ILE D 274 15.63 22.28 48.60
N THR D 275 14.68 21.55 48.03
CA THR D 275 14.94 20.16 47.72
C THR D 275 15.83 20.06 46.49
N PHE D 276 16.48 18.91 46.34
CA PHE D 276 17.45 18.71 45.26
C PHE D 276 17.42 17.25 44.85
N ILE D 277 16.65 16.94 43.82
CA ILE D 277 16.63 15.59 43.25
C ILE D 277 17.60 15.59 42.08
N ASP D 278 18.74 14.95 42.28
CA ASP D 278 19.71 14.79 41.20
C ASP D 278 19.33 13.58 40.36
N GLU D 279 19.48 13.72 39.04
CA GLU D 279 19.09 12.73 38.04
C GLU D 279 17.59 12.39 38.16
N LEU D 280 16.77 13.40 37.89
CA LEU D 280 15.34 13.25 38.09
C LEU D 280 14.63 12.56 36.94
N HIS D 281 15.34 11.95 36.00
CA HIS D 281 14.63 11.19 34.98
C HIS D 281 14.14 9.85 35.49
N THR D 282 14.45 9.48 36.73
CA THR D 282 13.90 8.30 37.37
C THR D 282 12.62 8.59 38.12
N ILE D 283 12.15 9.84 38.12
CA ILE D 283 11.01 10.21 38.96
C ILE D 283 9.69 9.76 38.35
N VAL D 284 9.69 9.36 37.08
CA VAL D 284 8.46 8.90 36.44
C VAL D 284 8.04 7.54 36.98
N GLY D 285 8.99 6.63 37.15
CA GLY D 285 8.65 5.26 37.50
C GLY D 285 8.38 5.00 38.97
N MET D 299 1.49 11.87 42.42
CA MET D 299 0.97 12.64 43.53
C MET D 299 1.81 13.86 43.84
N ILE D 300 2.99 13.98 43.23
CA ILE D 300 3.80 15.19 43.36
C ILE D 300 3.37 16.23 42.34
N LYS D 301 2.53 15.88 41.38
CA LYS D 301 2.11 16.80 40.33
C LYS D 301 1.34 18.03 40.80
N PRO D 302 0.35 17.96 41.72
CA PRO D 302 -0.27 19.22 42.15
C PRO D 302 0.64 20.08 43.01
N MET D 303 1.61 19.47 43.70
CA MET D 303 2.47 20.25 44.58
C MET D 303 3.46 21.11 43.80
N LEU D 304 3.81 20.67 42.58
CA LEU D 304 4.81 21.40 41.80
C LEU D 304 4.27 22.71 41.28
N ALA D 305 3.05 22.70 40.75
CA ALA D 305 2.53 23.86 40.06
C ALA D 305 2.05 24.95 41.02
N ARG D 306 1.71 24.60 42.25
CA ARG D 306 1.28 25.61 43.21
C ARG D 306 2.46 26.47 43.67
N GLY D 307 3.63 25.88 43.80
CA GLY D 307 4.84 26.62 44.08
C GLY D 307 5.43 26.41 45.46
N GLU D 308 5.09 25.32 46.15
CA GLU D 308 5.55 25.15 47.52
C GLU D 308 6.97 24.62 47.56
N LEU D 309 7.19 23.42 47.02
CA LEU D 309 8.47 22.75 47.14
C LEU D 309 9.39 23.21 46.03
N ARG D 310 10.53 23.76 46.40
CA ARG D 310 11.52 24.22 45.43
C ARG D 310 12.41 23.04 45.05
N LEU D 311 12.59 22.85 43.75
CA LEU D 311 13.22 21.64 43.25
C LEU D 311 14.26 22.00 42.20
N VAL D 312 15.48 21.50 42.38
CA VAL D 312 16.57 21.73 41.45
C VAL D 312 17.05 20.37 40.96
N GLY D 313 17.24 20.23 39.65
CA GLY D 313 17.60 18.95 39.08
C GLY D 313 18.76 19.05 38.11
N ALA D 314 19.10 17.91 37.52
CA ALA D 314 20.19 17.81 36.57
C ALA D 314 20.01 16.56 35.75
N THR D 315 19.77 16.72 34.45
CA THR D 315 19.66 15.59 33.55
C THR D 315 20.70 15.70 32.46
N THR D 316 20.98 14.59 31.81
CA THR D 316 21.68 14.68 30.54
C THR D 316 20.70 15.15 29.49
N LEU D 317 21.23 15.61 28.37
CA LEU D 317 20.38 16.18 27.34
C LEU D 317 19.59 15.11 26.60
N ASP D 318 20.05 13.87 26.61
CA ASP D 318 19.46 12.82 25.80
C ASP D 318 18.75 11.74 26.60
N GLU D 319 18.81 11.77 27.92
CA GLU D 319 17.86 11.00 28.71
C GLU D 319 16.59 11.78 28.96
N TYR D 320 16.69 13.10 28.82
CA TYR D 320 15.56 14.00 29.03
C TYR D 320 14.47 13.73 28.01
N ARG D 321 14.83 13.73 26.73
CA ARG D 321 13.84 13.54 25.67
C ARG D 321 13.34 12.11 25.58
N LYS D 322 13.93 11.17 26.31
CA LYS D 322 13.42 9.82 26.35
C LYS D 322 12.52 9.57 27.55
N HIS D 323 12.83 10.12 28.71
CA HIS D 323 12.03 9.79 29.88
C HIS D 323 11.02 10.87 30.28
N ILE D 324 11.27 12.13 30.00
CA ILE D 324 10.44 13.23 30.51
C ILE D 324 9.55 13.82 29.43
N GLU D 325 10.11 14.08 28.25
CA GLU D 325 9.35 14.64 27.14
C GLU D 325 8.30 13.70 26.57
N LYS D 326 8.33 12.43 26.95
CA LYS D 326 7.25 11.49 26.68
C LYS D 326 6.00 11.79 27.51
N ASP D 327 6.14 12.57 28.58
CA ASP D 327 5.12 12.73 29.62
C ASP D 327 4.78 14.20 29.81
N ALA D 328 4.36 14.85 28.70
CA ALA D 328 4.26 16.30 28.53
C ALA D 328 3.41 17.03 29.57
N ALA D 329 2.67 16.32 30.43
CA ALA D 329 2.02 17.01 31.54
C ALA D 329 3.03 17.48 32.57
N LEU D 330 4.10 16.71 32.79
CA LEU D 330 5.10 17.08 33.78
C LEU D 330 5.96 18.23 33.30
N GLU D 331 6.50 18.13 32.09
CA GLU D 331 7.57 19.01 31.64
C GLU D 331 7.11 20.44 31.41
N ARG D 332 5.83 20.74 31.52
CA ARG D 332 5.38 22.11 31.47
C ARG D 332 5.73 22.84 32.76
N ARG D 333 5.88 22.11 33.84
CA ARG D 333 6.17 22.72 35.14
C ARG D 333 7.65 22.86 35.48
N PHE D 334 8.48 23.02 34.45
CA PHE D 334 9.90 23.19 34.71
C PHE D 334 10.43 24.39 33.93
N GLN D 335 11.72 24.68 34.11
CA GLN D 335 12.39 25.77 33.41
C GLN D 335 13.75 25.24 32.96
N GLN D 336 13.91 25.04 31.66
CA GLN D 336 15.13 24.47 31.13
C GLN D 336 16.24 25.51 31.15
N VAL D 337 17.31 25.22 31.87
CA VAL D 337 18.46 26.09 31.95
C VAL D 337 19.60 25.37 31.25
N TYR D 338 19.89 25.77 30.01
CA TYR D 338 20.91 25.10 29.24
C TYR D 338 22.28 25.47 29.76
N VAL D 339 23.18 24.51 29.77
CA VAL D 339 24.57 24.71 30.15
C VAL D 339 25.45 24.19 29.04
N GLY D 340 26.24 25.06 28.44
CA GLY D 340 27.15 24.67 27.39
C GLY D 340 28.57 24.53 27.90
N GLU D 341 29.37 23.77 27.15
CA GLU D 341 30.76 23.57 27.53
C GLU D 341 31.56 24.85 27.29
N PRO D 342 32.61 25.08 28.07
CA PRO D 342 33.45 26.26 27.84
C PRO D 342 34.44 26.00 26.71
N SER D 343 35.23 27.02 26.42
CA SER D 343 36.36 26.89 25.52
C SER D 343 37.62 26.59 26.33
N VAL D 344 38.79 26.71 25.71
CA VAL D 344 40.05 26.42 26.39
C VAL D 344 40.37 27.53 27.39
N GLU D 345 40.03 28.77 27.04
CA GLU D 345 40.47 29.95 27.77
C GLU D 345 39.89 30.00 29.18
N ASP D 346 38.70 29.45 29.39
CA ASP D 346 38.18 29.37 30.75
C ASP D 346 38.68 28.13 31.47
N THR D 347 39.00 27.06 30.73
CA THR D 347 39.48 25.83 31.33
C THR D 347 40.86 26.02 31.93
N ILE D 348 41.66 26.92 31.34
CA ILE D 348 42.97 27.24 31.92
C ILE D 348 42.79 27.89 33.28
N GLY D 349 41.75 28.72 33.42
CA GLY D 349 41.45 29.32 34.71
C GLY D 349 40.93 28.31 35.72
N ILE D 350 40.11 27.36 35.25
CA ILE D 350 39.60 26.31 36.13
C ILE D 350 40.75 25.43 36.64
N LEU D 351 41.68 25.08 35.76
CA LEU D 351 42.81 24.26 36.16
C LEU D 351 43.76 25.01 37.07
N ARG D 352 43.92 26.33 36.87
CA ARG D 352 44.70 27.09 37.85
C ARG D 352 43.99 27.18 39.18
N GLY D 353 42.66 27.11 39.18
CA GLY D 353 41.94 27.15 40.44
C GLY D 353 42.07 25.86 41.23
N LEU D 354 41.89 24.72 40.56
CA LEU D 354 41.86 23.44 41.25
C LEU D 354 43.23 22.81 41.40
N LYS D 355 44.30 23.58 41.24
CA LYS D 355 45.64 23.03 41.30
C LYS D 355 46.01 22.60 42.71
N ASP D 356 45.51 23.31 43.72
CA ASP D 356 45.96 23.07 45.08
C ASP D 356 45.39 21.80 45.69
N ARG D 357 44.26 21.31 45.18
CA ARG D 357 43.59 20.20 45.84
C ARG D 357 44.31 18.88 45.59
N TYR D 358 44.89 18.70 44.42
CA TYR D 358 45.56 17.43 44.12
C TYR D 358 46.98 17.40 44.65
N GLU D 359 47.58 18.57 44.90
CA GLU D 359 48.89 18.64 45.52
C GLU D 359 48.86 18.22 46.97
N VAL D 360 47.70 18.21 47.61
CA VAL D 360 47.59 17.83 49.00
C VAL D 360 47.30 16.35 49.15
N HIS D 361 46.43 15.80 48.30
CA HIS D 361 46.12 14.38 48.36
C HIS D 361 47.30 13.54 47.90
N HIS D 362 47.84 13.85 46.72
CA HIS D 362 49.12 13.30 46.30
C HIS D 362 50.18 14.32 46.65
N GLY D 363 51.11 13.95 47.53
CA GLY D 363 52.10 14.90 48.01
C GLY D 363 53.16 15.26 46.99
N VAL D 364 52.75 15.95 45.92
CA VAL D 364 53.63 16.35 44.83
C VAL D 364 53.27 17.77 44.42
N ARG D 365 54.23 18.46 43.83
CA ARG D 365 54.00 19.79 43.31
C ARG D 365 53.65 19.72 41.83
N ILE D 366 52.81 20.64 41.39
CA ILE D 366 52.38 20.71 40.00
C ILE D 366 52.78 22.07 39.44
N THR D 367 53.45 22.06 38.29
CA THR D 367 53.97 23.27 37.67
C THR D 367 52.97 23.80 36.66
N ASP D 368 52.71 25.11 36.72
CA ASP D 368 51.78 25.79 35.83
C ASP D 368 52.27 25.84 34.39
N SER D 369 53.53 25.49 34.12
CA SER D 369 53.98 25.32 32.74
C SER D 369 53.30 24.12 32.10
N ALA D 370 53.16 23.03 32.85
CA ALA D 370 52.46 21.85 32.35
C ALA D 370 50.97 22.03 32.32
N LEU D 371 50.45 22.97 33.09
CA LEU D 371 49.02 23.13 33.23
C LEU D 371 48.41 23.82 32.02
N VAL D 372 49.22 24.50 31.22
CA VAL D 372 48.75 24.98 29.92
C VAL D 372 48.66 23.83 28.94
N ALA D 373 49.67 22.96 28.94
CA ALA D 373 49.73 21.89 27.95
C ALA D 373 48.69 20.83 28.20
N ALA D 374 48.35 20.57 29.47
CA ALA D 374 47.36 19.54 29.79
C ALA D 374 45.94 19.91 29.35
N ALA D 375 45.69 21.17 29.00
CA ALA D 375 44.45 21.57 28.38
C ALA D 375 44.57 21.85 26.89
N THR D 376 45.73 22.32 26.43
CA THR D 376 45.91 22.55 25.00
C THR D 376 45.97 21.24 24.23
N LEU D 377 46.85 20.34 24.66
CA LEU D 377 47.10 19.07 24.02
C LEU D 377 45.96 18.08 24.17
N SER D 378 45.02 18.33 25.08
CA SER D 378 43.87 17.44 25.27
C SER D 378 42.69 17.85 24.44
N ASP D 379 42.90 18.48 23.30
CA ASP D 379 41.77 18.89 22.47
C ASP D 379 41.98 18.36 21.07
N ARG D 380 43.23 18.31 20.63
CA ARG D 380 43.53 17.77 19.31
C ARG D 380 43.75 16.27 19.31
N TYR D 381 43.79 15.62 20.48
CA TYR D 381 44.04 14.19 20.55
C TYR D 381 42.86 13.41 21.09
N ILE D 382 42.33 13.78 22.26
CA ILE D 382 41.25 13.03 22.87
C ILE D 382 39.95 13.73 22.48
N THR D 383 39.27 13.18 21.48
CA THR D 383 38.06 13.77 20.93
C THR D 383 36.91 12.80 21.01
N ALA D 384 36.73 12.21 22.20
CA ALA D 384 35.56 11.40 22.45
C ALA D 384 34.70 11.91 23.60
N ARG D 385 35.28 12.42 24.67
CA ARG D 385 34.54 12.97 25.78
C ARG D 385 34.36 14.48 25.57
N PHE D 386 33.70 15.12 26.52
CA PHE D 386 33.58 16.57 26.49
C PHE D 386 34.64 17.19 27.38
N LEU D 387 34.55 18.49 27.58
CA LEU D 387 35.59 19.35 28.18
C LEU D 387 35.35 19.34 29.70
N PRO D 388 35.73 20.39 30.49
CA PRO D 388 36.73 20.25 31.57
C PRO D 388 37.02 18.93 32.26
N ASP D 389 36.10 17.99 32.45
CA ASP D 389 36.46 16.78 33.18
C ASP D 389 37.52 15.93 32.49
N LYS D 390 37.61 16.00 31.16
CA LYS D 390 38.65 15.30 30.43
C LYS D 390 40.03 15.89 30.70
N ALA D 391 40.12 17.20 30.95
CA ALA D 391 41.41 17.81 31.22
C ALA D 391 41.75 17.84 32.70
N ILE D 392 41.19 16.93 33.49
CA ILE D 392 41.52 16.81 34.90
C ILE D 392 42.06 15.40 35.13
N ASP D 393 41.59 14.47 34.30
CA ASP D 393 42.08 13.10 34.37
C ASP D 393 43.55 12.99 33.99
N LEU D 394 44.03 13.88 33.13
CA LEU D 394 45.43 13.85 32.73
C LEU D 394 46.33 14.29 33.88
N VAL D 395 45.95 15.36 34.58
CA VAL D 395 46.71 15.83 35.74
C VAL D 395 46.68 14.79 36.86
N ASP D 396 45.53 14.14 37.04
CA ASP D 396 45.38 13.12 38.07
C ASP D 396 46.24 11.90 37.78
N GLU D 397 46.18 11.38 36.56
CA GLU D 397 46.94 10.17 36.27
C GLU D 397 48.43 10.46 36.15
N ALA D 398 48.81 11.70 35.79
CA ALA D 398 50.22 12.05 35.79
C ALA D 398 50.77 12.13 37.21
N ALA D 399 49.99 12.69 38.13
CA ALA D 399 50.41 12.71 39.53
C ALA D 399 50.52 11.30 40.09
N SER D 400 49.62 10.41 39.68
CA SER D 400 49.69 9.02 40.17
C SER D 400 50.92 8.29 39.64
N ARG D 401 51.23 8.47 38.35
CA ARG D 401 52.45 7.87 37.78
C ARG D 401 53.69 8.43 38.44
N LEU D 402 53.68 9.71 38.80
CA LEU D 402 54.85 10.28 39.46
C LEU D 402 54.98 9.76 40.89
N ARG D 403 53.87 9.53 41.59
CA ARG D 403 53.94 8.88 42.89
C ARG D 403 54.48 7.46 42.78
N MET D 404 54.12 6.76 41.70
CA MET D 404 54.67 5.43 41.45
C MET D 404 56.18 5.47 41.23
N GLU D 405 56.66 6.47 40.49
CA GLU D 405 58.10 6.58 40.29
C GLU D 405 58.84 7.06 41.54
N ILE D 406 58.19 7.84 42.41
CA ILE D 406 58.82 8.25 43.66
C ILE D 406 58.61 7.20 44.75
N ASP D 407 57.94 6.10 44.43
CA ASP D 407 57.94 4.94 45.31
C ASP D 407 59.30 4.23 45.28
N LYS D 530 62.30 15.84 38.80
CA LYS D 530 61.34 14.74 38.85
C LYS D 530 60.52 14.80 40.13
N GLU D 531 60.82 15.77 40.99
CA GLU D 531 60.01 15.97 42.18
C GLU D 531 58.73 16.73 41.90
N GLU D 532 58.50 17.14 40.66
CA GLU D 532 57.24 17.75 40.26
C GLU D 532 56.88 17.23 38.87
N VAL D 533 55.61 17.34 38.53
CA VAL D 533 55.18 16.98 37.18
C VAL D 533 55.59 18.08 36.20
N GLY D 534 55.58 17.74 34.93
CA GLY D 534 55.97 18.67 33.90
C GLY D 534 55.32 18.33 32.58
N PRO D 535 55.69 19.06 31.52
CA PRO D 535 55.01 18.87 30.23
C PRO D 535 55.33 17.56 29.51
N ASP D 536 56.26 16.77 30.03
CA ASP D 536 56.59 15.49 29.41
C ASP D 536 55.67 14.36 29.85
N ASP D 537 55.33 14.30 31.14
CA ASP D 537 54.53 13.19 31.64
C ASP D 537 53.09 13.28 31.18
N ILE D 538 52.62 14.50 30.90
CA ILE D 538 51.31 14.68 30.27
C ILE D 538 51.30 14.01 28.91
N ALA D 539 52.37 14.20 28.13
CA ALA D 539 52.50 13.54 26.85
C ALA D 539 52.66 12.04 27.00
N ASP D 540 53.30 11.60 28.09
CA ASP D 540 53.43 10.17 28.36
C ASP D 540 52.06 9.53 28.60
N VAL D 541 51.19 10.23 29.33
CA VAL D 541 49.85 9.71 29.59
C VAL D 541 49.03 9.66 28.30
N VAL D 542 49.09 10.74 27.50
CA VAL D 542 48.31 10.75 26.28
C VAL D 542 48.94 9.88 25.19
N SER D 543 50.15 9.38 25.40
CA SER D 543 50.65 8.33 24.55
C SER D 543 50.12 6.98 24.97
N ALA D 544 50.34 6.63 26.26
CA ALA D 544 50.04 5.29 26.75
C ALA D 544 48.54 4.99 26.74
N TRP D 545 47.72 6.01 26.96
CA TRP D 545 46.32 5.91 26.61
C TRP D 545 46.16 6.48 25.22
N THR D 546 45.30 5.85 24.42
CA THR D 546 44.95 6.11 23.01
C THR D 546 46.06 5.78 22.02
N GLY D 547 47.23 5.40 22.51
CA GLY D 547 48.35 5.07 21.65
C GLY D 547 48.58 6.15 20.60
N ILE D 548 48.48 7.40 21.02
CA ILE D 548 48.68 8.53 20.11
C ILE D 548 50.04 9.18 20.33
N PRO D 549 51.01 8.39 20.76
CA PRO D 549 52.36 8.89 21.04
C PRO D 549 53.24 9.02 19.80
N ALA D 550 53.44 7.91 19.10
CA ALA D 550 54.26 7.90 17.89
C ALA D 550 53.81 8.98 16.90
N GLY D 551 52.51 9.01 16.63
CA GLY D 551 51.94 9.96 15.71
C GLY D 551 52.25 11.42 16.05
N ARG D 552 53.39 11.91 15.57
CA ARG D 552 53.80 13.28 15.83
C ARG D 552 53.90 13.54 17.33
N LEU D 553 55.13 13.58 17.83
CA LEU D 553 55.37 13.82 19.26
C LEU D 553 55.51 15.31 19.56
N LEU D 554 54.44 16.06 19.32
CA LEU D 554 54.45 17.50 19.56
C LEU D 554 54.57 18.28 18.25
N GLU D 555 53.42 18.68 17.70
CA GLU D 555 53.39 19.45 16.46
C GLU D 555 52.82 20.83 16.72
N GLY D 556 51.71 21.13 16.06
CA GLY D 556 51.05 22.42 16.22
C GLY D 556 51.96 23.61 16.09
N GLU D 557 52.52 23.81 14.90
CA GLU D 557 53.43 24.92 14.67
C GLU D 557 53.39 25.42 13.22
N THR D 558 53.95 26.59 13.00
CA THR D 558 54.01 27.18 11.66
C THR D 558 55.03 26.43 10.81
N ALA D 559 56.21 26.18 11.40
CA ALA D 559 57.26 25.45 10.69
C ALA D 559 56.72 24.21 9.99
N LYS D 560 55.68 23.58 10.55
CA LYS D 560 55.06 22.46 9.85
C LYS D 560 54.25 22.93 8.67
N LEU D 561 53.29 23.84 8.91
CA LEU D 561 52.36 24.28 7.86
C LEU D 561 53.02 25.10 6.78
N LEU D 562 54.25 25.57 7.00
CA LEU D 562 55.02 26.14 5.90
C LEU D 562 55.39 25.07 4.88
N ARG D 563 55.70 23.86 5.33
CA ARG D 563 56.08 22.76 4.46
C ARG D 563 54.98 21.70 4.49
N MET D 564 53.97 21.89 3.63
CA MET D 564 52.88 20.92 3.63
C MET D 564 52.61 20.46 2.20
N GLU D 565 52.87 21.34 1.23
CA GLU D 565 52.84 20.91 -0.17
C GLU D 565 54.00 19.98 -0.48
N ASP D 566 55.10 20.05 0.27
CA ASP D 566 56.26 19.21 0.04
C ASP D 566 56.41 18.09 1.06
N GLU D 567 55.83 18.22 2.25
CA GLU D 567 55.87 17.12 3.21
C GLU D 567 54.92 16.02 2.78
N LEU D 568 53.81 16.38 2.15
CA LEU D 568 52.82 15.39 1.75
C LEU D 568 53.28 14.61 0.53
N GLY D 569 54.28 15.12 -0.18
CA GLY D 569 54.79 14.46 -1.38
C GLY D 569 55.59 13.20 -1.13
N LYS D 570 55.87 12.86 0.13
CA LYS D 570 56.60 11.63 0.44
C LYS D 570 55.72 10.40 0.32
N ARG D 571 54.41 10.56 0.15
CA ARG D 571 53.51 9.42 0.00
C ARG D 571 52.62 9.56 -1.22
N VAL D 572 52.41 10.76 -1.74
CA VAL D 572 51.68 10.95 -2.99
C VAL D 572 52.62 11.64 -3.98
N ILE D 573 52.77 11.05 -5.16
CA ILE D 573 53.66 11.57 -6.18
C ILE D 573 52.83 12.22 -7.26
N GLY D 574 53.25 13.41 -7.70
CA GLY D 574 52.53 14.12 -8.74
C GLY D 574 51.25 14.72 -8.19
N GLN D 575 50.25 14.86 -9.07
CA GLN D 575 48.93 15.40 -8.76
C GLN D 575 49.02 16.79 -8.16
N LYS D 576 49.98 17.58 -8.68
CA LYS D 576 50.47 18.75 -7.98
C LYS D 576 49.43 19.86 -7.91
N ALA D 577 48.57 19.97 -8.93
CA ALA D 577 47.53 20.98 -8.92
C ALA D 577 46.37 20.65 -8.00
N ALA D 578 46.33 19.44 -7.44
CA ALA D 578 45.28 19.05 -6.52
C ALA D 578 45.85 18.66 -5.16
N VAL D 579 47.09 19.06 -4.91
CA VAL D 579 47.60 19.18 -3.56
C VAL D 579 47.76 20.63 -3.13
N THR D 580 47.96 21.55 -4.07
CA THR D 580 48.02 22.97 -3.77
C THR D 580 46.66 23.57 -3.47
N ALA D 581 45.58 22.81 -3.60
CA ALA D 581 44.27 23.25 -3.13
C ALA D 581 43.86 22.59 -1.83
N VAL D 582 44.22 21.33 -1.62
CA VAL D 582 43.96 20.68 -0.35
C VAL D 582 44.85 21.27 0.73
N SER D 583 46.06 21.65 0.35
CA SER D 583 47.01 22.32 1.22
C SER D 583 46.70 23.79 1.45
N ASP D 584 45.54 24.25 1.02
CA ASP D 584 45.14 25.63 1.17
C ASP D 584 43.94 25.80 2.07
N ALA D 585 43.04 24.83 2.11
CA ALA D 585 41.94 24.88 3.06
C ALA D 585 42.39 24.55 4.48
N VAL D 586 43.63 24.11 4.65
CA VAL D 586 44.18 23.92 5.99
C VAL D 586 44.91 25.18 6.45
N ARG D 587 45.63 25.84 5.55
CA ARG D 587 46.35 27.05 5.93
C ARG D 587 45.41 28.22 6.14
N ARG D 588 44.36 28.33 5.33
CA ARG D 588 43.45 29.45 5.54
C ARG D 588 42.52 29.23 6.73
N SER D 589 42.40 28.00 7.21
CA SER D 589 41.60 27.74 8.39
C SER D 589 42.41 27.85 9.67
N ARG D 590 43.73 27.80 9.58
CA ARG D 590 44.58 28.06 10.72
C ARG D 590 45.07 29.51 10.79
N ALA D 591 44.75 30.33 9.80
CA ALA D 591 45.07 31.74 9.90
C ALA D 591 43.92 32.54 10.47
N GLY D 592 42.69 32.05 10.34
CA GLY D 592 41.54 32.76 10.86
C GLY D 592 40.79 33.54 9.82
N VAL D 593 40.90 33.17 8.55
CA VAL D 593 40.21 33.86 7.48
C VAL D 593 38.96 33.08 7.05
N SER D 594 38.77 31.87 7.57
CA SER D 594 37.71 30.98 7.13
C SER D 594 36.34 31.51 7.51
N ASP D 595 35.33 31.02 6.79
CA ASP D 595 33.97 31.44 7.00
C ASP D 595 33.43 30.71 8.23
N PRO D 596 33.02 31.41 9.29
CA PRO D 596 32.76 30.75 10.58
C PRO D 596 31.50 29.92 10.62
N ASN D 597 30.67 29.92 9.58
CA ASN D 597 29.56 28.98 9.47
C ASN D 597 29.57 28.32 8.09
N ARG D 598 30.44 27.32 7.95
CA ARG D 598 30.69 26.49 6.78
C ARG D 598 31.71 25.46 7.25
N PRO D 599 31.72 24.24 6.72
CA PRO D 599 32.87 23.38 6.94
C PRO D 599 34.12 23.99 6.34
N THR D 600 35.26 23.69 6.96
CA THR D 600 36.50 24.36 6.59
C THR D 600 36.96 24.01 5.20
N GLY D 601 36.62 22.81 4.72
CA GLY D 601 36.81 22.48 3.33
C GLY D 601 35.91 21.33 2.92
N ALA D 602 35.13 21.52 1.86
CA ALA D 602 34.21 20.49 1.38
C ALA D 602 34.34 20.42 -0.13
N PHE D 603 35.28 19.61 -0.59
CA PHE D 603 35.62 19.56 -2.01
C PHE D 603 35.59 18.13 -2.50
N MET D 604 35.31 17.97 -3.78
CA MET D 604 35.07 16.68 -4.40
C MET D 604 36.09 16.48 -5.51
N PHE D 605 36.88 15.42 -5.42
CA PHE D 605 37.79 15.08 -6.50
C PHE D 605 37.49 13.71 -7.08
N LEU D 606 37.64 13.62 -8.40
CA LEU D 606 37.27 12.47 -9.20
C LEU D 606 38.25 12.34 -10.35
N GLY D 607 38.03 11.35 -11.21
CA GLY D 607 38.93 11.05 -12.29
C GLY D 607 38.90 9.58 -12.65
N PRO D 608 39.94 9.08 -13.31
CA PRO D 608 40.00 7.65 -13.64
C PRO D 608 40.42 6.86 -12.41
N THR D 609 40.48 5.54 -12.56
CA THR D 609 40.81 4.70 -11.43
C THR D 609 42.30 4.50 -11.30
N GLY D 610 42.71 4.06 -10.12
CA GLY D 610 44.11 3.74 -9.86
C GLY D 610 45.04 4.93 -9.91
N VAL D 611 44.62 6.06 -9.36
CA VAL D 611 45.38 7.28 -9.49
C VAL D 611 45.98 7.73 -8.16
N GLY D 612 45.29 7.54 -7.05
CA GLY D 612 45.76 8.00 -5.77
C GLY D 612 44.77 8.88 -5.07
N LYS D 613 43.48 8.71 -5.39
CA LYS D 613 42.46 9.56 -4.84
C LYS D 613 41.93 9.10 -3.50
N THR D 614 42.22 7.87 -3.10
CA THR D 614 41.97 7.42 -1.75
C THR D 614 43.23 7.49 -0.90
N GLU D 615 44.39 7.32 -1.53
CA GLU D 615 45.66 7.44 -0.81
C GLU D 615 45.93 8.86 -0.37
N LEU D 616 45.40 9.85 -1.10
CA LEU D 616 45.55 11.23 -0.67
C LEU D 616 44.70 11.52 0.55
N ALA D 617 43.46 11.03 0.56
CA ALA D 617 42.58 11.31 1.68
C ALA D 617 42.92 10.52 2.93
N LYS D 618 43.87 9.59 2.86
CA LYS D 618 44.42 8.96 4.05
C LYS D 618 45.79 9.50 4.41
N ALA D 619 46.36 10.35 3.57
CA ALA D 619 47.66 10.94 3.86
C ALA D 619 47.56 12.31 4.49
N LEU D 620 46.47 13.03 4.28
CA LEU D 620 46.25 14.28 4.96
C LEU D 620 45.51 14.07 6.26
N ALA D 621 45.14 12.83 6.57
CA ALA D 621 44.72 12.43 7.89
C ALA D 621 45.84 11.79 8.67
N ASP D 622 47.08 12.01 8.24
CA ASP D 622 48.22 11.37 8.87
C ASP D 622 49.02 12.31 9.74
N PHE D 623 49.24 13.55 9.31
CA PHE D 623 49.97 14.47 10.16
C PHE D 623 49.06 15.34 10.99
N LEU D 624 47.76 15.35 10.71
CA LEU D 624 46.84 16.05 11.59
C LEU D 624 46.57 15.25 12.85
N PHE D 625 46.62 13.92 12.77
CA PHE D 625 46.19 13.06 13.86
C PHE D 625 47.27 12.13 14.39
N ASP D 626 48.43 12.06 13.73
CA ASP D 626 49.56 11.16 14.02
C ASP D 626 49.21 9.67 13.86
N ASP D 627 48.03 9.36 13.32
CA ASP D 627 47.60 8.00 13.03
C ASP D 627 46.96 7.97 11.66
N GLU D 628 46.29 6.88 11.31
CA GLU D 628 45.56 6.84 10.06
C GLU D 628 44.22 6.12 10.19
N ARG D 629 43.78 5.82 11.40
CA ARG D 629 42.55 5.10 11.63
C ARG D 629 41.55 5.90 12.45
N ALA D 630 41.85 7.15 12.77
CA ALA D 630 40.98 7.99 13.56
C ALA D 630 40.06 8.85 12.71
N MET D 631 39.69 8.39 11.52
CA MET D 631 38.82 9.15 10.65
C MET D 631 37.50 8.42 10.46
N VAL D 632 36.47 9.19 10.14
CA VAL D 632 35.13 8.65 9.93
C VAL D 632 35.07 8.17 8.50
N ARG D 633 35.25 6.88 8.31
CA ARG D 633 35.27 6.27 6.98
C ARG D 633 33.95 5.51 6.81
N ILE D 634 32.97 6.17 6.23
CA ILE D 634 31.76 5.49 5.82
C ILE D 634 31.84 5.26 4.33
N ASP D 635 31.11 4.27 3.85
CA ASP D 635 31.16 3.88 2.45
C ASP D 635 29.74 3.89 1.93
N MET D 636 29.47 4.78 0.99
CA MET D 636 28.14 4.88 0.40
C MET D 636 27.99 4.03 -0.84
N SER D 637 28.71 2.94 -0.92
CA SER D 637 28.54 1.98 -2.01
C SER D 637 27.43 0.98 -1.71
N GLU D 638 26.70 1.17 -0.62
CA GLU D 638 25.71 0.21 -0.17
C GLU D 638 24.31 0.78 -0.13
N TYR D 639 24.14 2.07 -0.40
CA TYR D 639 22.86 2.74 -0.18
C TYR D 639 22.10 2.83 -1.49
N GLY D 640 21.82 1.67 -2.07
CA GLY D 640 21.14 1.64 -3.35
C GLY D 640 19.67 2.00 -3.24
N GLU D 641 19.05 1.72 -2.10
CA GLU D 641 17.63 1.97 -1.91
C GLU D 641 17.41 3.15 -0.97
N LYS D 642 16.14 3.52 -0.84
CA LYS D 642 15.74 4.79 -0.27
C LYS D 642 15.60 4.77 1.23
N HIS D 643 15.85 3.64 1.88
CA HIS D 643 15.63 3.55 3.32
C HIS D 643 16.87 3.07 4.07
N THR D 644 18.05 3.28 3.53
CA THR D 644 19.27 3.14 4.32
C THR D 644 19.76 4.48 4.81
N VAL D 645 18.91 5.52 4.73
CA VAL D 645 19.17 6.79 5.39
C VAL D 645 19.26 6.58 6.89
N ALA D 646 18.42 5.72 7.44
CA ALA D 646 18.25 5.60 8.88
C ALA D 646 19.45 5.04 9.60
N ARG D 647 20.41 4.43 8.90
CA ARG D 647 21.56 3.95 9.64
C ARG D 647 22.56 5.05 9.94
N LEU D 648 22.41 6.23 9.35
CA LEU D 648 23.30 7.36 9.62
C LEU D 648 22.56 8.56 10.16
N ILE D 649 21.29 8.43 10.48
CA ILE D 649 20.51 9.58 10.91
C ILE D 649 19.69 9.17 12.13
N GLY D 662 22.78 7.49 15.23
CA GLY D 662 23.21 7.17 13.89
C GLY D 662 24.68 6.81 13.86
N GLN D 663 25.10 6.23 12.75
CA GLN D 663 26.50 5.88 12.60
C GLN D 663 27.34 7.08 12.21
N LEU D 664 26.76 8.00 11.44
CA LEU D 664 27.46 9.25 11.12
C LEU D 664 27.43 10.23 12.29
N THR D 665 26.38 10.18 13.10
CA THR D 665 26.14 11.24 14.06
C THR D 665 26.95 11.04 15.34
N GLU D 666 26.88 9.86 15.92
CA GLU D 666 27.51 9.62 17.21
C GLU D 666 28.97 9.20 17.09
N ALA D 667 29.61 9.49 15.96
CA ALA D 667 31.05 9.42 15.85
C ALA D 667 31.69 10.79 15.69
N VAL D 668 30.89 11.84 15.57
CA VAL D 668 31.39 13.20 15.49
C VAL D 668 31.25 13.93 16.82
N ARG D 669 30.12 13.73 17.50
CA ARG D 669 29.77 14.45 18.73
C ARG D 669 30.75 14.17 19.86
N ARG D 670 31.53 13.10 19.77
CA ARG D 670 32.54 12.81 20.77
C ARG D 670 33.77 13.68 20.56
N ARG D 671 34.36 13.62 19.37
CA ARG D 671 35.51 14.46 19.00
C ARG D 671 35.19 15.15 17.70
N PRO D 672 34.81 16.42 17.71
CA PRO D 672 34.31 17.10 16.52
C PRO D 672 35.39 17.66 15.61
N TYR D 673 36.37 16.83 15.27
CA TYR D 673 37.46 17.32 14.45
C TYR D 673 37.91 16.34 13.37
N THR D 674 37.31 15.16 13.31
CA THR D 674 37.77 14.13 12.38
C THR D 674 37.41 14.45 10.94
N VAL D 675 38.31 14.11 10.03
CA VAL D 675 38.04 14.16 8.59
C VAL D 675 37.12 13.02 8.20
N VAL D 676 36.21 13.28 7.26
CA VAL D 676 35.16 12.33 6.88
C VAL D 676 35.32 11.95 5.42
N LEU D 677 35.33 10.65 5.14
CA LEU D 677 35.30 10.15 3.76
C LEU D 677 33.88 9.90 3.29
N PHE D 678 33.74 9.78 1.96
CA PHE D 678 32.51 9.31 1.33
C PHE D 678 32.94 8.61 0.05
N ASP D 679 33.03 7.29 0.09
CA ASP D 679 33.62 6.53 -1.01
C ASP D 679 32.55 6.07 -1.98
N GLU D 680 32.76 6.39 -3.28
CA GLU D 680 31.90 5.99 -4.39
C GLU D 680 30.46 6.46 -4.19
N ILE D 681 30.30 7.79 -4.28
CA ILE D 681 29.00 8.40 -4.06
C ILE D 681 28.07 8.25 -5.27
N GLU D 682 28.54 7.65 -6.36
CA GLU D 682 27.70 7.43 -7.54
C GLU D 682 26.56 6.46 -7.25
N LYS D 683 26.84 5.40 -6.50
CA LYS D 683 25.89 4.30 -6.35
C LYS D 683 24.77 4.60 -5.38
N ALA D 684 24.84 5.70 -4.64
CA ALA D 684 23.75 6.06 -3.77
C ALA D 684 22.56 6.53 -4.59
N HIS D 685 21.37 6.13 -4.17
CA HIS D 685 20.16 6.65 -4.76
C HIS D 685 20.05 8.13 -4.46
N PRO D 686 19.55 8.94 -5.39
CA PRO D 686 19.43 10.40 -5.12
C PRO D 686 18.39 10.76 -4.07
N ASP D 687 18.58 10.26 -2.85
CA ASP D 687 17.83 10.60 -1.67
C ASP D 687 18.84 10.84 -0.56
N VAL D 688 19.99 10.18 -0.68
CA VAL D 688 21.07 10.37 0.28
C VAL D 688 21.71 11.72 0.09
N PHE D 689 21.68 12.24 -1.14
CA PHE D 689 22.16 13.58 -1.43
C PHE D 689 21.32 14.63 -0.72
N ASP D 690 20.04 14.33 -0.53
CA ASP D 690 19.14 15.25 0.17
C ASP D 690 19.50 15.35 1.64
N VAL D 691 19.91 14.23 2.25
CA VAL D 691 20.43 14.28 3.61
C VAL D 691 21.72 15.08 3.64
N LEU D 692 22.56 14.89 2.62
CA LEU D 692 23.86 15.54 2.58
C LEU D 692 23.77 17.03 2.28
N LEU D 693 22.58 17.53 1.93
CA LEU D 693 22.47 18.89 1.40
C LEU D 693 22.55 19.95 2.49
N GLN D 694 22.10 19.65 3.71
CA GLN D 694 22.23 20.60 4.81
C GLN D 694 23.48 20.36 5.64
N VAL D 695 24.18 19.25 5.40
CA VAL D 695 25.54 19.10 5.90
C VAL D 695 26.41 20.22 5.35
N LEU D 696 26.38 20.40 4.05
CA LEU D 696 27.06 21.51 3.42
C LEU D 696 26.29 22.79 3.68
N ASP D 697 27.03 23.88 3.87
CA ASP D 697 26.56 25.27 3.85
C ASP D 697 25.73 25.65 5.09
N GLU D 698 25.43 24.70 5.95
CA GLU D 698 24.92 25.02 7.28
C GLU D 698 25.74 24.36 8.37
N GLY D 699 25.99 23.06 8.27
CA GLY D 699 26.82 22.37 9.21
C GLY D 699 26.08 21.55 10.25
N ARG D 700 24.76 21.51 10.22
CA ARG D 700 24.06 20.78 11.26
C ARG D 700 22.94 19.92 10.69
N LEU D 701 22.73 18.79 11.34
CA LEU D 701 21.64 17.87 11.06
C LEU D 701 21.08 17.42 12.39
N THR D 702 20.02 16.62 12.36
CA THR D 702 19.39 16.15 13.59
C THR D 702 19.32 14.64 13.62
N ASP D 703 18.78 14.13 14.71
CA ASP D 703 18.54 12.70 14.88
C ASP D 703 17.29 12.54 15.75
N GLY D 704 17.09 11.34 16.30
CA GLY D 704 15.88 11.10 17.06
C GLY D 704 15.85 11.84 18.38
N HIS D 705 16.99 11.96 19.05
CA HIS D 705 17.05 12.58 20.36
C HIS D 705 16.87 14.09 20.33
N GLY D 706 16.98 14.71 19.16
CA GLY D 706 16.72 16.13 19.03
C GLY D 706 17.90 17.04 19.25
N ARG D 707 19.11 16.59 18.90
CA ARG D 707 20.31 17.42 19.06
C ARG D 707 20.85 17.75 17.67
N THR D 708 21.37 18.98 17.53
CA THR D 708 21.86 19.47 16.25
C THR D 708 23.39 19.43 16.26
N VAL D 709 23.93 18.36 15.71
CA VAL D 709 25.37 18.14 15.70
C VAL D 709 26.03 19.02 14.65
N ASP D 710 27.06 19.76 15.06
CA ASP D 710 27.64 20.81 14.24
C ASP D 710 28.86 20.31 13.48
N PHE D 711 28.78 20.35 12.15
CA PHE D 711 29.92 20.04 11.29
C PHE D 711 30.61 21.32 10.84
N ARG D 712 31.04 22.15 11.78
CA ARG D 712 31.53 23.44 11.34
C ARG D 712 33.03 23.46 11.11
N ASN D 713 33.74 22.43 11.56
CA ASN D 713 35.19 22.48 11.45
C ASN D 713 35.80 21.11 11.12
N THR D 714 35.09 20.31 10.33
CA THR D 714 35.65 19.09 9.77
C THR D 714 35.87 19.27 8.28
N ILE D 715 36.69 18.39 7.71
CA ILE D 715 37.09 18.49 6.32
C ILE D 715 36.39 17.36 5.57
N LEU D 716 35.30 17.67 4.89
CA LEU D 716 34.60 16.67 4.11
C LEU D 716 35.35 16.38 2.82
N ILE D 717 35.32 15.12 2.40
CA ILE D 717 36.04 14.65 1.23
C ILE D 717 35.16 13.68 0.47
N LEU D 718 34.98 13.91 -0.82
CA LEU D 718 34.10 13.12 -1.67
C LEU D 718 34.91 12.50 -2.79
N THR D 719 34.75 11.20 -3.03
CA THR D 719 35.43 10.53 -4.12
C THR D 719 34.43 10.06 -5.15
N SER D 720 34.90 9.84 -6.38
CA SER D 720 34.05 9.40 -7.48
C SER D 720 34.93 8.81 -8.57
N ASN D 721 34.27 8.23 -9.58
CA ASN D 721 34.95 7.67 -10.73
C ASN D 721 34.19 7.94 -12.03
N LEU D 722 33.45 9.05 -12.07
CA LEU D 722 32.55 9.32 -13.19
C LEU D 722 33.32 9.57 -14.48
N GLY D 723 32.80 9.06 -15.58
CA GLY D 723 33.43 9.23 -16.87
C GLY D 723 34.66 8.35 -17.05
N SER D 724 35.71 8.65 -16.28
CA SER D 724 36.98 7.92 -16.22
C SER D 724 37.65 7.88 -17.60
N GLY D 725 38.06 9.08 -18.03
CA GLY D 725 38.73 9.21 -19.31
C GLY D 725 38.12 10.25 -20.22
N GLY D 726 37.32 11.15 -19.64
CA GLY D 726 36.79 12.26 -20.41
C GLY D 726 37.88 13.25 -20.81
N SER D 727 37.73 13.81 -22.01
CA SER D 727 38.76 14.63 -22.61
C SER D 727 39.03 15.93 -21.85
N ALA D 728 38.10 16.85 -21.92
CA ALA D 728 38.10 18.05 -21.10
C ALA D 728 36.74 18.33 -20.49
N GLU D 729 35.67 18.06 -21.23
CA GLU D 729 34.32 18.32 -20.78
C GLU D 729 33.44 17.09 -20.84
N GLN D 730 33.94 15.99 -21.41
CA GLN D 730 33.21 14.74 -21.37
C GLN D 730 33.08 14.22 -19.94
N VAL D 731 34.13 14.39 -19.13
CA VAL D 731 34.04 13.97 -17.75
C VAL D 731 33.28 14.98 -16.91
N LEU D 732 33.31 16.25 -17.30
CA LEU D 732 32.68 17.28 -16.47
C LEU D 732 31.18 17.35 -16.69
N ALA D 733 30.73 17.18 -17.93
CA ALA D 733 29.30 17.20 -18.21
C ALA D 733 28.59 15.92 -17.79
N ALA D 734 29.33 14.86 -17.47
CA ALA D 734 28.70 13.66 -16.94
C ALA D 734 28.30 13.83 -15.49
N VAL D 735 28.99 14.74 -14.77
CA VAL D 735 28.63 15.05 -13.39
C VAL D 735 27.25 15.69 -13.35
N ARG D 736 26.95 16.54 -14.32
CA ARG D 736 25.70 17.26 -14.42
C ARG D 736 24.51 16.35 -14.69
N ALA D 737 24.75 15.10 -15.11
CA ALA D 737 23.67 14.15 -15.32
C ALA D 737 23.03 13.74 -14.00
N THR D 738 23.82 13.15 -13.11
CA THR D 738 23.25 12.58 -11.90
C THR D 738 23.00 13.64 -10.82
N PHE D 739 23.93 14.58 -10.68
CA PHE D 739 23.82 15.58 -9.62
C PHE D 739 22.90 16.72 -10.05
N LYS D 740 21.92 17.03 -9.21
CA LYS D 740 21.10 18.20 -9.44
C LYS D 740 21.93 19.46 -9.19
N PRO D 741 21.63 20.56 -9.88
CA PRO D 741 22.46 21.78 -9.74
C PRO D 741 22.41 22.44 -8.37
N GLU D 742 21.45 22.09 -7.52
CA GLU D 742 21.48 22.56 -6.15
C GLU D 742 22.52 21.84 -5.30
N PHE D 743 23.14 20.78 -5.80
CA PHE D 743 24.20 20.09 -5.10
C PHE D 743 25.59 20.39 -5.65
N ILE D 744 25.70 20.68 -6.95
CA ILE D 744 27.00 21.05 -7.50
C ILE D 744 27.39 22.45 -7.02
N ASN D 745 26.41 23.29 -6.72
CA ASN D 745 26.69 24.67 -6.33
C ASN D 745 27.29 24.75 -4.93
N ARG D 746 26.82 23.89 -4.04
CA ARG D 746 27.26 23.89 -2.64
C ARG D 746 28.68 23.35 -2.39
N LEU D 747 29.30 22.78 -3.41
CA LEU D 747 30.64 22.23 -3.24
C LEU D 747 31.70 23.32 -3.42
N ASP D 748 32.92 22.97 -3.07
CA ASP D 748 34.09 23.77 -3.38
C ASP D 748 34.61 23.38 -4.76
N ASP D 749 35.86 23.74 -5.06
CA ASP D 749 36.47 23.51 -6.35
C ASP D 749 36.54 22.02 -6.69
N VAL D 750 35.81 21.61 -7.71
CA VAL D 750 35.81 20.23 -8.17
C VAL D 750 37.15 19.93 -8.81
N LEU D 751 37.90 19.00 -8.22
CA LEU D 751 39.24 18.69 -8.68
C LEU D 751 39.21 17.49 -9.61
N ILE D 752 40.00 17.56 -10.67
CA ILE D 752 40.17 16.47 -11.62
C ILE D 752 41.57 15.92 -11.42
N PHE D 753 41.68 14.62 -11.19
CA PHE D 753 42.99 14.00 -11.26
C PHE D 753 43.29 13.60 -12.69
N GLU D 754 44.57 13.61 -13.03
CA GLU D 754 45.02 13.17 -14.34
C GLU D 754 45.35 11.68 -14.27
N GLY D 755 46.00 11.16 -15.30
CA GLY D 755 46.46 9.78 -15.26
C GLY D 755 47.79 9.66 -14.57
N LEU D 756 48.69 8.86 -15.13
CA LEU D 756 50.06 8.79 -14.64
C LEU D 756 51.02 8.78 -15.82
N ASN D 757 52.12 9.43 -15.63
CA ASN D 757 53.20 9.54 -16.60
C ASN D 757 54.25 8.49 -16.31
N PRO D 758 54.80 7.82 -17.33
CA PRO D 758 55.91 6.88 -17.08
C PRO D 758 57.20 7.54 -16.65
N GLU D 759 57.31 8.87 -16.77
CA GLU D 759 58.40 9.59 -16.13
C GLU D 759 58.21 9.64 -14.62
N GLU D 760 56.97 9.85 -14.16
CA GLU D 760 56.66 9.90 -12.74
C GLU D 760 56.15 8.56 -12.22
N LEU D 761 56.65 7.46 -12.75
CA LEU D 761 56.23 6.14 -12.32
C LEU D 761 57.39 5.32 -11.79
N VAL D 762 58.62 5.82 -11.90
CA VAL D 762 59.77 5.12 -11.35
C VAL D 762 59.73 5.17 -9.84
N ARG D 763 59.40 6.32 -9.27
CA ARG D 763 59.56 6.55 -7.84
C ARG D 763 58.53 5.79 -7.01
N ILE D 764 57.41 5.40 -7.63
CA ILE D 764 56.44 4.53 -6.96
C ILE D 764 57.06 3.18 -6.66
N VAL D 765 57.95 2.70 -7.52
CA VAL D 765 58.66 1.45 -7.26
C VAL D 765 59.60 1.60 -6.06
N ASP D 766 60.20 2.78 -5.91
CA ASP D 766 61.03 3.05 -4.74
C ASP D 766 60.20 3.01 -3.46
N ILE D 767 59.01 3.62 -3.51
CA ILE D 767 58.12 3.60 -2.35
C ILE D 767 57.66 2.19 -2.00
N GLN D 768 57.30 1.40 -3.02
CA GLN D 768 56.83 0.03 -2.78
C GLN D 768 57.94 -0.85 -2.22
N LEU D 769 59.17 -0.70 -2.71
CA LEU D 769 60.23 -1.53 -2.18
C LEU D 769 60.68 -1.06 -0.80
N ALA D 770 60.54 0.24 -0.50
CA ALA D 770 60.77 0.70 0.86
C ALA D 770 59.71 0.17 1.81
N GLN D 771 58.47 0.04 1.32
CA GLN D 771 57.40 -0.54 2.10
C GLN D 771 57.66 -2.01 2.40
N LEU D 772 58.11 -2.76 1.38
CA LEU D 772 58.39 -4.18 1.61
C LEU D 772 59.64 -4.37 2.46
N GLY D 773 60.57 -3.41 2.43
CA GLY D 773 61.68 -3.45 3.36
C GLY D 773 61.24 -3.23 4.79
N LYS D 774 60.31 -2.29 5.00
CA LYS D 774 59.79 -2.09 6.35
C LYS D 774 58.87 -3.21 6.80
N ARG D 775 58.34 -4.01 5.87
CA ARG D 775 57.56 -5.17 6.31
C ARG D 775 58.46 -6.26 6.89
N LEU D 776 59.68 -6.40 6.37
CA LEU D 776 60.58 -7.44 6.82
C LEU D 776 61.44 -7.01 8.00
N ALA D 777 60.97 -6.07 8.82
CA ALA D 777 61.72 -5.61 9.97
C ALA D 777 61.75 -6.62 11.10
N GLN D 778 60.87 -7.62 11.09
CA GLN D 778 60.94 -8.66 12.11
C GLN D 778 62.15 -9.55 11.90
N ARG D 779 62.50 -9.81 10.65
CA ARG D 779 63.57 -10.75 10.34
C ARG D 779 64.92 -10.07 10.22
N ARG D 780 64.94 -8.73 10.26
CA ARG D 780 66.13 -7.91 10.00
C ARG D 780 66.75 -8.27 8.66
N LEU D 781 65.89 -8.48 7.67
CA LEU D 781 66.27 -9.10 6.41
C LEU D 781 66.35 -8.01 5.35
N GLN D 782 67.51 -7.36 5.29
CA GLN D 782 67.75 -6.40 4.23
C GLN D 782 67.84 -7.10 2.89
N LEU D 783 67.36 -6.42 1.85
CA LEU D 783 67.40 -6.96 0.51
C LEU D 783 67.92 -5.90 -0.45
N GLN D 784 68.74 -6.34 -1.40
CA GLN D 784 69.49 -5.45 -2.28
C GLN D 784 68.86 -5.46 -3.66
N VAL D 785 68.48 -4.29 -4.15
CA VAL D 785 67.83 -4.15 -5.44
C VAL D 785 68.70 -3.26 -6.31
N SER D 786 69.13 -3.79 -7.45
CA SER D 786 69.99 -3.02 -8.35
C SER D 786 69.16 -2.11 -9.22
N LEU D 787 69.83 -1.09 -9.77
CA LEU D 787 69.16 -0.14 -10.66
C LEU D 787 68.65 -0.71 -11.98
N PRO D 788 69.30 -1.67 -12.66
CA PRO D 788 68.64 -2.27 -13.84
C PRO D 788 67.35 -3.01 -13.52
N ALA D 789 67.27 -3.72 -12.39
CA ALA D 789 66.00 -4.30 -11.99
C ALA D 789 65.01 -3.23 -11.57
N LYS D 790 65.50 -2.16 -10.95
CA LYS D 790 64.63 -1.11 -10.46
C LYS D 790 64.02 -0.33 -11.61
N ARG D 791 64.68 -0.27 -12.76
CA ARG D 791 64.04 0.26 -13.95
C ARG D 791 63.38 -0.82 -14.79
N TRP D 792 63.69 -2.10 -14.54
CA TRP D 792 62.98 -3.18 -15.20
C TRP D 792 61.54 -3.27 -14.70
N LEU D 793 61.32 -2.96 -13.43
CA LEU D 793 59.96 -2.97 -12.90
C LEU D 793 59.10 -1.85 -13.47
N ALA D 794 59.70 -0.79 -13.98
CA ALA D 794 58.90 0.31 -14.49
C ALA D 794 58.27 -0.03 -15.83
N GLN D 795 58.97 -0.79 -16.67
CA GLN D 795 58.52 -1.02 -18.04
C GLN D 795 57.37 -2.01 -18.12
N ARG D 796 57.22 -2.88 -17.13
CA ARG D 796 56.01 -3.68 -17.07
C ARG D 796 54.84 -2.88 -16.49
N GLY D 797 55.13 -1.78 -15.80
CA GLY D 797 54.11 -0.82 -15.45
C GLY D 797 53.66 -0.10 -16.70
N PHE D 798 52.46 -0.42 -17.17
CA PHE D 798 52.11 -0.22 -18.55
C PHE D 798 50.65 0.21 -18.58
N ASP D 799 50.04 0.22 -19.79
CA ASP D 799 48.63 0.31 -20.19
C ASP D 799 47.78 1.23 -19.31
N PRO D 800 47.92 2.56 -19.45
CA PRO D 800 47.27 3.49 -18.49
C PRO D 800 45.74 3.49 -18.54
N VAL D 801 45.18 2.32 -18.26
CA VAL D 801 43.79 2.15 -17.93
C VAL D 801 43.62 1.73 -16.48
N TYR D 802 44.54 0.93 -15.96
CA TYR D 802 44.41 0.34 -14.64
C TYR D 802 45.30 1.01 -13.61
N GLY D 803 46.02 2.07 -13.98
CA GLY D 803 46.77 2.85 -13.04
C GLY D 803 48.00 2.15 -12.50
N ALA D 804 48.41 2.55 -11.31
CA ALA D 804 49.58 1.98 -10.65
C ALA D 804 49.25 0.76 -9.83
N ARG D 805 48.01 0.30 -9.86
CA ARG D 805 47.63 -0.91 -9.15
C ARG D 805 48.22 -2.21 -9.69
N PRO D 806 48.37 -2.45 -11.02
CA PRO D 806 49.04 -3.69 -11.43
C PRO D 806 50.51 -3.76 -11.10
N LEU D 807 51.16 -2.64 -10.79
CA LEU D 807 52.54 -2.69 -10.34
C LEU D 807 52.64 -3.36 -8.97
N ARG D 808 51.64 -3.17 -8.13
CA ARG D 808 51.63 -3.76 -6.80
C ARG D 808 51.19 -5.20 -6.80
N ARG D 809 50.81 -5.74 -7.95
CA ARG D 809 50.75 -7.18 -8.16
C ARG D 809 51.99 -7.70 -8.86
N LEU D 810 52.64 -6.85 -9.67
CA LEU D 810 53.88 -7.23 -10.33
C LEU D 810 54.98 -7.50 -9.32
N VAL D 811 55.06 -6.67 -8.27
CA VAL D 811 56.09 -6.86 -7.25
C VAL D 811 55.87 -8.17 -6.49
N GLN D 812 54.62 -8.51 -6.22
CA GLN D 812 54.38 -9.76 -5.51
C GLN D 812 54.41 -10.98 -6.42
N GLN D 813 54.36 -10.80 -7.74
CA GLN D 813 54.60 -11.95 -8.61
C GLN D 813 56.07 -12.16 -8.92
N ALA D 814 56.87 -11.10 -8.91
CA ALA D 814 58.28 -11.25 -9.23
C ALA D 814 59.12 -11.60 -8.01
N ILE D 815 59.10 -10.73 -7.00
CA ILE D 815 59.97 -10.92 -5.84
C ILE D 815 59.34 -11.89 -4.86
N GLY D 816 58.07 -11.68 -4.52
CA GLY D 816 57.47 -12.33 -3.36
C GLY D 816 57.30 -13.83 -3.47
N ASP D 817 57.17 -14.35 -4.69
CA ASP D 817 56.93 -15.77 -4.88
C ASP D 817 58.18 -16.59 -4.59
N GLN D 818 59.27 -16.30 -5.30
CA GLN D 818 60.49 -17.05 -5.10
C GLN D 818 61.12 -16.74 -3.75
N LEU D 819 60.88 -15.54 -3.20
CA LEU D 819 61.34 -15.25 -1.86
C LEU D 819 60.58 -16.05 -0.82
N ALA D 820 59.26 -16.18 -1.01
CA ALA D 820 58.46 -16.96 -0.07
C ALA D 820 58.74 -18.45 -0.21
N LYS D 821 59.22 -18.89 -1.37
CA LYS D 821 59.65 -20.28 -1.46
C LYS D 821 61.02 -20.49 -0.83
N MET D 822 61.95 -19.56 -1.04
CA MET D 822 63.29 -19.66 -0.49
C MET D 822 63.37 -19.23 0.96
N LEU D 823 62.27 -18.80 1.57
CA LEU D 823 62.30 -18.38 2.96
C LEU D 823 62.00 -19.50 3.91
N LEU D 824 61.15 -20.46 3.53
CA LEU D 824 60.67 -21.50 4.43
C LEU D 824 61.22 -22.87 4.07
N ALA D 825 62.32 -22.95 3.35
CA ALA D 825 62.95 -24.22 3.03
C ALA D 825 64.44 -24.25 3.36
N GLY D 826 64.94 -23.21 4.01
CA GLY D 826 66.36 -23.06 4.27
C GLY D 826 66.94 -21.90 3.48
N GLN D 827 68.26 -21.77 3.55
CA GLN D 827 69.16 -20.90 2.80
C GLN D 827 68.82 -19.40 2.87
N VAL D 828 67.85 -18.99 3.70
CA VAL D 828 67.60 -17.59 4.03
C VAL D 828 67.32 -17.56 5.52
N HIS D 829 68.09 -16.79 6.27
CA HIS D 829 67.91 -16.71 7.71
C HIS D 829 67.93 -15.26 8.14
N ASP D 830 67.81 -15.06 9.45
CA ASP D 830 67.74 -13.71 9.99
C ASP D 830 69.08 -12.98 9.86
N GLY D 831 69.01 -11.70 9.55
CA GLY D 831 70.19 -10.87 9.38
C GLY D 831 70.87 -10.99 8.04
N ASP D 832 70.47 -11.93 7.20
CA ASP D 832 71.12 -12.13 5.91
C ASP D 832 70.70 -11.04 4.93
N THR D 833 71.43 -10.95 3.83
CA THR D 833 71.11 -10.02 2.75
C THR D 833 70.73 -10.82 1.52
N VAL D 834 69.59 -10.49 0.92
CA VAL D 834 69.10 -11.23 -0.23
C VAL D 834 69.09 -10.29 -1.43
N PRO D 835 70.12 -10.31 -2.27
CA PRO D 835 70.13 -9.44 -3.44
C PRO D 835 69.34 -10.03 -4.59
N VAL D 836 68.76 -9.15 -5.39
CA VAL D 836 68.07 -9.55 -6.60
C VAL D 836 68.90 -9.11 -7.79
N ASN D 837 68.87 -9.93 -8.84
CA ASN D 837 69.71 -9.71 -10.00
C ASN D 837 68.92 -10.09 -11.24
N VAL D 838 69.17 -9.35 -12.32
CA VAL D 838 68.36 -9.46 -13.52
C VAL D 838 68.82 -10.70 -14.28
N SER D 839 68.09 -11.80 -14.09
CA SER D 839 68.10 -12.90 -15.04
C SER D 839 67.54 -12.37 -16.36
N PRO D 840 67.97 -12.95 -17.53
CA PRO D 840 67.55 -12.39 -18.85
C PRO D 840 66.06 -12.23 -19.10
N ASP D 841 65.20 -12.94 -18.37
CA ASP D 841 63.77 -12.62 -18.39
C ASP D 841 63.24 -12.20 -17.03
N ALA D 842 63.37 -13.03 -16.01
CA ALA D 842 62.75 -12.78 -14.71
C ALA D 842 63.78 -12.19 -13.75
N ASP D 843 63.43 -12.10 -12.47
CA ASP D 843 64.33 -11.62 -11.44
C ASP D 843 64.85 -12.82 -10.64
N SER D 844 66.17 -12.91 -10.52
CA SER D 844 66.81 -14.01 -9.85
C SER D 844 67.00 -13.68 -8.37
N LEU D 845 67.80 -14.49 -7.68
CA LEU D 845 68.07 -14.29 -6.27
C LEU D 845 69.56 -14.34 -5.96
N GLN E 159 35.02 -6.13 64.02
CA GLN E 159 35.01 -7.47 64.57
C GLN E 159 34.06 -8.40 63.82
N ALA E 160 33.06 -7.80 63.17
CA ALA E 160 32.05 -8.59 62.45
C ALA E 160 32.63 -9.22 61.19
N LEU E 161 33.72 -8.68 60.66
CA LEU E 161 34.37 -9.27 59.50
C LEU E 161 35.07 -10.58 59.79
N GLN E 162 35.20 -10.95 61.06
CA GLN E 162 35.76 -12.25 61.41
C GLN E 162 34.84 -13.38 60.97
N LYS E 163 33.54 -13.11 60.89
CA LYS E 163 32.54 -14.14 60.73
C LYS E 163 32.08 -14.31 59.29
N TYR E 164 32.27 -13.31 58.43
CA TYR E 164 31.84 -13.41 57.04
C TYR E 164 32.98 -13.16 56.07
N SER E 165 34.18 -13.65 56.36
CA SER E 165 35.32 -13.41 55.48
C SER E 165 36.42 -14.42 55.74
N THR E 166 37.29 -14.57 54.76
CA THR E 166 38.58 -15.20 54.94
C THR E 166 39.60 -14.11 55.23
N ASP E 167 40.89 -14.45 55.16
CA ASP E 167 41.94 -13.48 55.42
C ASP E 167 43.17 -13.93 54.64
N LEU E 168 43.39 -13.34 53.46
CA LEU E 168 44.51 -13.75 52.63
C LEU E 168 45.84 -13.37 53.23
N THR E 169 45.89 -12.30 54.00
CA THR E 169 47.15 -11.90 54.61
C THR E 169 47.58 -12.91 55.66
N ALA E 170 46.62 -13.43 56.42
CA ALA E 170 46.92 -14.43 57.44
C ALA E 170 47.36 -15.75 56.81
N ARG E 171 46.87 -16.08 55.62
CA ARG E 171 47.37 -17.25 54.93
C ARG E 171 48.69 -16.98 54.23
N ALA E 172 48.94 -15.73 53.86
CA ALA E 172 50.22 -15.39 53.23
C ALA E 172 51.34 -15.37 54.25
N ARG E 173 51.04 -15.10 55.50
CA ARG E 173 52.08 -15.03 56.53
C ARG E 173 52.58 -16.38 56.99
N GLU E 174 52.18 -17.48 56.36
CA GLU E 174 52.80 -18.78 56.62
C GLU E 174 53.21 -19.45 55.32
N GLY E 175 53.32 -18.69 54.23
CA GLY E 175 53.84 -19.21 52.98
C GLY E 175 52.93 -20.18 52.27
N LYS E 176 51.61 -20.02 52.40
CA LYS E 176 50.66 -20.96 51.84
C LYS E 176 50.07 -20.47 50.52
N LEU E 177 50.85 -19.71 49.75
CA LEU E 177 50.42 -19.21 48.45
C LEU E 177 51.47 -19.55 47.41
N ASP E 178 51.01 -19.90 46.22
CA ASP E 178 51.94 -20.25 45.14
C ASP E 178 52.66 -19.01 44.65
N PRO E 179 53.97 -19.08 44.40
CA PRO E 179 54.74 -17.88 44.09
C PRO E 179 54.39 -17.29 42.74
N VAL E 180 54.28 -15.97 42.72
CA VAL E 180 53.82 -15.23 41.55
C VAL E 180 55.03 -14.63 40.87
N ILE E 181 55.31 -15.08 39.66
CA ILE E 181 56.51 -14.68 38.95
C ILE E 181 56.12 -14.01 37.64
N GLY E 182 56.64 -12.82 37.41
CA GLY E 182 56.32 -12.03 36.24
C GLY E 182 55.45 -10.85 36.59
N ARG E 183 55.10 -10.09 35.54
CA ARG E 183 54.04 -9.09 35.54
C ARG E 183 54.28 -7.97 36.55
N ASP E 184 55.35 -7.21 36.32
CA ASP E 184 55.56 -6.04 37.16
C ASP E 184 54.61 -4.90 36.80
N ASN E 185 54.20 -4.82 35.53
CA ASN E 185 53.42 -3.71 35.05
C ASN E 185 52.03 -3.67 35.67
N GLU E 186 51.39 -4.82 35.79
CA GLU E 186 50.05 -4.87 36.36
C GLU E 186 50.08 -4.60 37.87
N ILE E 187 51.13 -5.05 38.56
CA ILE E 187 51.24 -4.76 39.99
C ILE E 187 51.44 -3.28 40.22
N ARG E 188 52.33 -2.65 39.43
CA ARG E 188 52.53 -1.20 39.55
C ARG E 188 51.27 -0.43 39.19
N ARG E 189 50.50 -0.92 38.22
CA ARG E 189 49.27 -0.26 37.85
C ARG E 189 48.21 -0.38 38.94
N VAL E 190 48.14 -1.52 39.61
CA VAL E 190 47.19 -1.68 40.71
C VAL E 190 47.57 -0.79 41.88
N VAL E 191 48.86 -0.69 42.19
CA VAL E 191 49.30 0.19 43.27
C VAL E 191 49.07 1.66 42.91
N GLN E 192 49.22 2.03 41.63
CA GLN E 192 48.93 3.38 41.19
C GLN E 192 47.45 3.72 41.34
N VAL E 193 46.56 2.82 40.94
CA VAL E 193 45.14 3.13 40.99
C VAL E 193 44.60 3.09 42.41
N LEU E 194 45.11 2.18 43.24
CA LEU E 194 44.52 1.97 44.55
C LEU E 194 44.88 3.06 45.55
N SER E 195 45.79 3.97 45.20
CA SER E 195 46.27 4.98 46.15
C SER E 195 45.91 6.39 45.74
N ARG E 196 44.98 6.57 44.80
CA ARG E 196 44.49 7.90 44.48
C ARG E 196 43.51 8.36 45.56
N ARG E 197 42.96 9.56 45.39
CA ARG E 197 42.18 10.15 46.47
C ARG E 197 40.76 9.61 46.51
N THR E 198 39.98 9.85 45.45
CA THR E 198 38.62 9.36 45.38
C THR E 198 38.47 8.43 44.19
N LYS E 199 37.41 7.61 44.28
CA LYS E 199 37.07 6.59 43.29
C LYS E 199 38.24 5.61 43.11
N ASN E 200 38.77 5.12 44.24
CA ASN E 200 39.97 4.30 44.22
C ASN E 200 39.62 2.82 44.37
N ASN E 201 39.20 2.21 43.27
CA ASN E 201 38.87 0.79 43.27
C ASN E 201 38.98 0.15 41.89
N PRO E 202 40.07 -0.56 41.60
CA PRO E 202 40.26 -1.12 40.27
C PRO E 202 39.41 -2.36 40.05
N VAL E 203 39.40 -2.82 38.80
CA VAL E 203 38.76 -4.07 38.38
C VAL E 203 39.70 -4.76 37.40
N LEU E 204 40.09 -5.99 37.69
CA LEU E 204 40.89 -6.75 36.75
C LEU E 204 40.00 -7.43 35.73
N ILE E 205 40.37 -7.32 34.46
CA ILE E 205 39.55 -7.78 33.34
C ILE E 205 40.44 -8.45 32.32
N GLY E 206 40.10 -9.68 31.96
CA GLY E 206 40.80 -10.37 30.89
C GLY E 206 40.09 -11.65 30.57
N GLU E 207 40.48 -12.26 29.45
CA GLU E 207 39.96 -13.56 29.08
C GLU E 207 40.44 -14.60 30.09
N PRO E 208 39.63 -15.63 30.36
CA PRO E 208 39.88 -16.46 31.55
C PRO E 208 41.06 -17.38 31.40
N GLY E 209 41.77 -17.57 32.51
CA GLY E 209 42.93 -18.43 32.55
C GLY E 209 44.25 -17.71 32.46
N VAL E 210 44.25 -16.40 32.18
CA VAL E 210 45.52 -15.71 32.01
C VAL E 210 46.16 -15.29 33.30
N GLY E 211 45.48 -15.47 34.42
CA GLY E 211 46.02 -15.09 35.70
C GLY E 211 45.47 -13.76 36.16
N LYS E 212 44.47 -13.79 36.98
CA LYS E 212 43.94 -12.58 37.58
C LYS E 212 43.87 -12.68 39.08
N THR E 213 43.59 -13.87 39.61
CA THR E 213 43.76 -14.11 41.04
C THR E 213 45.24 -14.08 41.41
N ALA E 214 46.10 -14.48 40.48
CA ALA E 214 47.54 -14.51 40.73
C ALA E 214 48.10 -13.12 40.96
N ILE E 215 47.52 -12.10 40.34
CA ILE E 215 47.99 -10.73 40.56
C ILE E 215 47.66 -10.27 41.96
N VAL E 216 46.47 -10.60 42.47
CA VAL E 216 46.11 -10.18 43.82
C VAL E 216 46.90 -10.96 44.86
N GLU E 217 47.17 -12.23 44.59
CA GLU E 217 48.04 -12.98 45.50
C GLU E 217 49.48 -12.48 45.44
N GLY E 218 49.93 -12.01 44.27
CA GLY E 218 51.24 -11.37 44.21
C GLY E 218 51.30 -10.05 44.93
N LEU E 219 50.19 -9.30 44.91
CA LEU E 219 50.10 -8.07 45.69
C LEU E 219 50.16 -8.36 47.17
N ALA E 220 49.51 -9.44 47.62
CA ALA E 220 49.59 -9.80 49.03
C ALA E 220 51.00 -10.23 49.41
N GLN E 221 51.69 -10.96 48.52
CA GLN E 221 53.08 -11.32 48.76
C GLN E 221 53.96 -10.09 48.85
N ARG E 222 53.72 -9.11 47.99
CA ARG E 222 54.56 -7.93 47.97
C ARG E 222 54.27 -7.00 49.14
N ILE E 223 53.04 -7.04 49.66
CA ILE E 223 52.75 -6.26 50.87
C ILE E 223 53.40 -6.90 52.09
N VAL E 224 53.28 -8.22 52.23
CA VAL E 224 53.87 -8.88 53.40
C VAL E 224 55.39 -8.85 53.34
N ALA E 225 55.96 -8.86 52.14
CA ALA E 225 57.39 -8.60 52.00
C ALA E 225 57.72 -7.15 52.32
N GLY E 226 57.09 -6.22 51.63
CA GLY E 226 57.26 -4.81 51.94
C GLY E 226 57.87 -3.94 50.87
N ASP E 227 57.63 -4.26 49.60
CA ASP E 227 58.18 -3.48 48.50
C ASP E 227 57.28 -2.34 48.06
N VAL E 228 56.22 -2.08 48.81
CA VAL E 228 55.18 -1.11 48.45
C VAL E 228 55.65 0.29 48.82
N PRO E 229 54.93 1.38 48.43
CA PRO E 229 55.26 2.68 49.01
C PRO E 229 54.81 2.83 50.46
N GLU E 230 54.95 4.05 50.97
CA GLU E 230 54.78 4.29 52.41
C GLU E 230 53.34 4.12 52.85
N SER E 231 52.40 4.78 52.18
CA SER E 231 50.99 4.66 52.56
C SER E 231 50.30 3.51 51.86
N LEU E 232 50.92 2.34 51.92
CA LEU E 232 50.25 1.09 51.58
C LEU E 232 50.75 -0.01 52.51
N ARG E 233 51.66 0.30 53.42
CA ARG E 233 52.29 -0.69 54.28
C ARG E 233 51.33 -1.14 55.36
N ASP E 234 51.25 -2.46 55.56
CA ASP E 234 50.52 -3.12 56.65
C ASP E 234 49.04 -2.76 56.63
N LYS E 235 48.39 -3.13 55.53
CA LYS E 235 46.96 -2.94 55.32
C LYS E 235 46.43 -4.28 54.83
N THR E 236 45.80 -5.05 55.71
CA THR E 236 45.48 -6.44 55.39
C THR E 236 44.34 -6.52 54.38
N ILE E 237 44.42 -7.51 53.50
CA ILE E 237 43.44 -7.70 52.43
C ILE E 237 42.42 -8.71 52.92
N VAL E 238 41.25 -8.23 53.31
CA VAL E 238 40.19 -9.07 53.84
C VAL E 238 39.25 -9.40 52.71
N ALA E 239 39.28 -10.65 52.25
CA ALA E 239 38.44 -11.07 51.13
C ALA E 239 37.02 -11.32 51.60
N LEU E 240 36.08 -10.54 51.06
CA LEU E 240 34.69 -10.66 51.45
C LEU E 240 34.02 -11.82 50.72
N ASP E 241 32.74 -12.00 51.01
CA ASP E 241 31.90 -12.99 50.36
C ASP E 241 30.52 -12.39 50.14
N LEU E 242 29.77 -13.00 49.24
CA LEU E 242 28.34 -12.75 49.13
C LEU E 242 27.53 -14.02 49.12
N GLY E 243 28.18 -15.18 49.12
CA GLY E 243 27.46 -16.44 49.22
C GLY E 243 27.15 -16.75 50.67
N SER E 244 28.16 -16.59 51.53
CA SER E 244 27.99 -16.89 52.95
C SER E 244 27.14 -15.85 53.66
N MET E 245 26.96 -14.68 53.07
CA MET E 245 26.24 -13.63 53.77
C MET E 245 24.73 -13.77 53.60
N GLU E 254 16.77 -8.79 57.38
CA GLU E 254 17.98 -9.31 57.99
C GLU E 254 19.20 -9.11 57.09
N PHE E 255 19.01 -9.28 55.77
CA PHE E 255 20.13 -9.15 54.83
C PHE E 255 20.70 -7.74 54.81
N GLU E 256 19.83 -6.74 54.75
CA GLU E 256 20.28 -5.36 54.68
C GLU E 256 20.91 -4.93 56.00
N GLU E 257 20.42 -5.44 57.12
CA GLU E 257 21.07 -5.23 58.42
C GLU E 257 22.46 -5.82 58.45
N ARG E 258 22.62 -7.02 57.92
CA ARG E 258 23.91 -7.69 57.92
C ARG E 258 24.91 -6.95 57.04
N LEU E 259 24.47 -6.50 55.88
CA LEU E 259 25.33 -5.75 54.98
C LEU E 259 25.70 -4.39 55.57
N LYS E 260 24.76 -3.74 56.26
CA LYS E 260 25.08 -2.46 56.87
C LYS E 260 26.03 -2.63 58.05
N ALA E 261 25.94 -3.76 58.75
CA ALA E 261 26.92 -4.06 59.80
C ALA E 261 28.31 -4.25 59.21
N VAL E 262 28.40 -4.93 58.07
CA VAL E 262 29.69 -5.14 57.41
C VAL E 262 30.28 -3.80 56.95
N LEU E 263 29.45 -2.95 56.34
CA LEU E 263 29.95 -1.67 55.83
C LEU E 263 30.33 -0.73 56.97
N ASP E 264 29.57 -0.75 58.06
CA ASP E 264 29.89 0.04 59.23
C ASP E 264 31.20 -0.43 59.87
N ASP E 265 31.43 -1.74 59.86
CA ASP E 265 32.68 -2.25 60.43
C ASP E 265 33.87 -1.90 59.55
N ILE E 266 33.68 -1.84 58.23
CA ILE E 266 34.78 -1.40 57.36
C ILE E 266 35.05 0.08 57.56
N LYS E 267 34.02 0.91 57.51
CA LYS E 267 34.17 2.36 57.62
C LYS E 267 34.65 2.79 59.01
N ASN E 268 34.42 1.98 60.04
CA ASN E 268 34.85 2.30 61.40
C ASN E 268 36.37 2.30 61.51
N SER E 269 37.05 1.54 60.68
CA SER E 269 38.50 1.56 60.65
C SER E 269 39.00 2.82 59.95
N ALA E 270 40.32 2.95 59.86
CA ALA E 270 40.96 4.12 59.25
C ALA E 270 41.47 3.82 57.85
N GLY E 271 40.72 3.04 57.08
CA GLY E 271 41.21 2.62 55.78
C GLY E 271 42.27 1.55 55.86
N GLN E 272 42.37 0.85 56.99
CA GLN E 272 43.38 -0.17 57.18
C GLN E 272 43.06 -1.48 56.48
N ILE E 273 41.93 -1.59 55.81
CA ILE E 273 41.46 -2.83 55.24
C ILE E 273 41.21 -2.61 53.75
N ILE E 274 41.73 -3.53 52.94
CA ILE E 274 41.45 -3.56 51.50
C ILE E 274 40.49 -4.72 51.25
N THR E 275 39.26 -4.41 50.90
CA THR E 275 38.32 -5.46 50.61
C THR E 275 38.62 -6.09 49.26
N PHE E 276 38.12 -7.31 49.05
CA PHE E 276 38.42 -8.07 47.84
C PHE E 276 37.21 -8.95 47.52
N ILE E 277 36.34 -8.46 46.65
CA ILE E 277 35.22 -9.24 46.17
C ILE E 277 35.66 -9.88 44.85
N ASP E 278 35.92 -11.17 44.87
CA ASP E 278 36.24 -11.90 43.66
C ASP E 278 34.95 -12.31 42.97
N GLU E 279 34.96 -12.20 41.64
CA GLU E 279 33.80 -12.44 40.76
C GLU E 279 32.62 -11.54 41.16
N LEU E 280 32.84 -10.25 40.98
CA LEU E 280 31.86 -9.27 41.42
C LEU E 280 30.71 -9.06 40.45
N HIS E 281 30.55 -9.90 39.44
CA HIS E 281 29.37 -9.76 38.60
C HIS E 281 28.11 -10.29 39.25
N THR E 282 28.21 -10.90 40.43
CA THR E 282 27.06 -11.29 41.22
C THR E 282 26.58 -10.21 42.16
N ILE E 283 27.25 -9.05 42.17
CA ILE E 283 26.93 -8.03 43.18
C ILE E 283 25.68 -7.25 42.82
N VAL E 284 25.18 -7.39 41.59
CA VAL E 284 23.97 -6.69 41.20
C VAL E 284 22.74 -7.30 41.87
N GLY E 285 22.67 -8.62 41.93
CA GLY E 285 21.46 -9.28 42.40
C GLY E 285 21.32 -9.39 43.90
N MET E 299 22.74 -0.08 48.13
CA MET E 299 23.16 0.70 49.27
C MET E 299 24.68 0.82 49.36
N ILE E 300 25.41 0.07 48.56
CA ILE E 300 26.85 0.21 48.49
C ILE E 300 27.25 1.31 47.51
N LYS E 301 26.29 1.81 46.72
CA LYS E 301 26.58 2.83 45.71
C LYS E 301 27.11 4.16 46.25
N PRO E 302 26.57 4.77 47.32
CA PRO E 302 27.21 6.01 47.79
C PRO E 302 28.56 5.78 48.44
N MET E 303 28.81 4.60 48.98
CA MET E 303 30.08 4.36 49.66
C MET E 303 31.23 4.23 48.67
N LEU E 304 30.95 3.82 47.45
CA LEU E 304 32.01 3.59 46.47
C LEU E 304 32.59 4.91 45.98
N ALA E 305 31.74 5.87 45.66
CA ALA E 305 32.20 7.09 45.02
C ALA E 305 32.87 8.06 45.98
N ARG E 306 32.57 7.97 47.29
CA ARG E 306 33.22 8.85 48.24
C ARG E 306 34.68 8.47 48.44
N GLY E 307 34.98 7.18 48.41
CA GLY E 307 36.35 6.71 48.44
C GLY E 307 36.76 6.00 49.70
N GLU E 308 35.82 5.48 50.49
CA GLU E 308 36.19 4.89 51.76
C GLU E 308 36.68 3.46 51.60
N LEU E 309 35.82 2.58 51.09
CA LEU E 309 36.14 1.16 51.03
C LEU E 309 36.89 0.87 49.74
N ARG E 310 38.09 0.32 49.89
CA ARG E 310 38.92 -0.03 48.74
C ARG E 310 38.52 -1.43 48.28
N LEU E 311 38.29 -1.57 46.98
CA LEU E 311 37.70 -2.77 46.43
C LEU E 311 38.47 -3.22 45.21
N VAL E 312 38.88 -4.48 45.20
CA VAL E 312 39.60 -5.08 44.09
C VAL E 312 38.79 -6.27 43.59
N GLY E 313 38.61 -6.37 42.28
CA GLY E 313 37.77 -7.41 41.72
C GLY E 313 38.43 -8.14 40.56
N ALA E 314 37.67 -9.06 39.99
CA ALA E 314 38.16 -9.86 38.87
C ALA E 314 36.96 -10.45 38.15
N THR E 315 36.74 -10.04 36.91
CA THR E 315 35.68 -10.60 36.10
C THR E 315 36.26 -11.21 34.85
N THR E 316 35.49 -12.08 34.22
CA THR E 316 35.81 -12.42 32.85
C THR E 316 35.39 -11.27 31.96
N LEU E 317 35.91 -11.27 30.74
CA LEU E 317 35.66 -10.15 29.84
C LEU E 317 34.24 -10.16 29.30
N ASP E 318 33.58 -11.31 29.29
CA ASP E 318 32.29 -11.47 28.65
C ASP E 318 31.13 -11.70 29.61
N GLU E 319 31.39 -11.86 30.91
CA GLU E 319 30.32 -11.71 31.88
C GLU E 319 30.16 -10.27 32.30
N TYR E 320 31.22 -9.48 32.09
CA TYR E 320 31.22 -8.07 32.44
C TYR E 320 30.18 -7.30 31.63
N ARG E 321 30.21 -7.45 30.31
CA ARG E 321 29.29 -6.73 29.45
C ARG E 321 27.86 -7.25 29.53
N LYS E 322 27.63 -8.38 30.18
CA LYS E 322 26.27 -8.87 30.38
C LYS E 322 25.70 -8.46 31.73
N HIS E 323 26.49 -8.46 32.79
CA HIS E 323 25.90 -8.18 34.09
C HIS E 323 26.16 -6.77 34.60
N ILE E 324 27.24 -6.11 34.21
CA ILE E 324 27.63 -4.82 34.81
C ILE E 324 27.37 -3.66 33.86
N GLU E 325 27.74 -3.80 32.59
CA GLU E 325 27.53 -2.75 31.61
C GLU E 325 26.06 -2.50 31.27
N LYS E 326 25.16 -3.38 31.72
CA LYS E 326 23.73 -3.14 31.67
C LYS E 326 23.30 -2.08 32.68
N ASP E 327 24.14 -1.79 33.67
CA ASP E 327 23.77 -1.02 34.87
C ASP E 327 24.71 0.17 35.03
N ALA E 328 24.77 1.01 33.99
CA ALA E 328 25.80 2.03 33.76
C ALA E 328 25.98 3.05 34.90
N ALA E 329 25.11 3.08 35.90
CA ALA E 329 25.38 3.91 37.06
C ALA E 329 26.52 3.33 37.89
N LEU E 330 26.64 2.00 37.95
CA LEU E 330 27.69 1.39 38.74
C LEU E 330 29.05 1.53 38.07
N GLU E 331 29.13 1.17 36.79
CA GLU E 331 30.41 0.97 36.11
C GLU E 331 31.18 2.26 35.90
N ARG E 332 30.60 3.41 36.21
CA ARG E 332 31.37 4.65 36.16
C ARG E 332 32.34 4.74 37.33
N ARG E 333 32.04 4.03 38.42
CA ARG E 333 32.87 4.07 39.62
C ARG E 333 33.97 3.01 39.68
N PHE E 334 34.46 2.57 38.53
CA PHE E 334 35.53 1.59 38.52
C PHE E 334 36.66 2.04 37.61
N GLN E 335 37.71 1.23 37.56
CA GLN E 335 38.86 1.48 36.69
C GLN E 335 39.24 0.16 36.04
N GLN E 336 39.00 0.04 34.75
CA GLN E 336 39.25 -1.20 34.04
C GLN E 336 40.75 -1.38 33.82
N VAL E 337 41.30 -2.45 34.36
CA VAL E 337 42.71 -2.77 34.20
C VAL E 337 42.77 -4.03 33.35
N TYR E 338 43.08 -3.86 32.07
CA TYR E 338 43.09 -4.99 31.16
C TYR E 338 44.31 -5.85 31.43
N VAL E 339 44.14 -7.16 31.32
CA VAL E 339 45.23 -8.11 31.46
C VAL E 339 45.21 -9.01 30.24
N GLY E 340 46.28 -9.00 29.47
CA GLY E 340 46.40 -9.84 28.30
C GLY E 340 47.26 -11.05 28.56
N GLU E 341 47.07 -12.07 27.73
CA GLU E 341 47.86 -13.29 27.87
C GLU E 341 49.30 -13.05 27.44
N PRO E 342 50.25 -13.77 28.00
CA PRO E 342 51.64 -13.62 27.58
C PRO E 342 51.91 -14.43 26.31
N SER E 343 53.14 -14.35 25.84
CA SER E 343 53.61 -15.20 24.76
C SER E 343 54.29 -16.43 25.37
N VAL E 344 55.02 -17.18 24.54
CA VAL E 344 55.69 -18.39 25.03
C VAL E 344 56.89 -18.02 25.89
N GLU E 345 57.57 -16.92 25.54
CA GLU E 345 58.86 -16.56 26.12
C GLU E 345 58.75 -16.25 27.61
N ASP E 346 57.61 -15.71 28.05
CA ASP E 346 57.42 -15.50 29.48
C ASP E 346 56.89 -16.75 30.17
N THR E 347 56.17 -17.61 29.43
CA THR E 347 55.63 -18.82 30.00
C THR E 347 56.73 -19.81 30.35
N ILE E 348 57.82 -19.78 29.58
CA ILE E 348 58.97 -20.62 29.92
C ILE E 348 59.57 -20.20 31.26
N GLY E 349 59.57 -18.89 31.53
CA GLY E 349 60.03 -18.41 32.82
C GLY E 349 59.08 -18.75 33.95
N ILE E 350 57.77 -18.70 33.68
CA ILE E 350 56.78 -19.08 34.69
C ILE E 350 56.90 -20.56 35.04
N LEU E 351 57.09 -21.41 34.03
CA LEU E 351 57.24 -22.84 34.26
C LEU E 351 58.54 -23.17 34.96
N ARG E 352 59.62 -22.42 34.68
CA ARG E 352 60.84 -22.62 35.46
C ARG E 352 60.66 -22.14 36.89
N GLY E 353 59.77 -21.18 37.12
CA GLY E 353 59.53 -20.74 38.48
C GLY E 353 58.75 -21.75 39.30
N LEU E 354 57.66 -22.28 38.74
CA LEU E 354 56.77 -23.15 39.49
C LEU E 354 57.17 -24.61 39.43
N LYS E 355 58.41 -24.90 39.05
CA LYS E 355 58.84 -26.29 38.90
C LYS E 355 58.95 -26.98 40.25
N ASP E 356 59.33 -26.24 41.29
CA ASP E 356 59.64 -26.87 42.57
C ASP E 356 58.40 -27.32 43.32
N ARG E 357 57.24 -26.72 43.05
CA ARG E 357 56.07 -27.00 43.87
C ARG E 357 55.47 -28.37 43.57
N TYR E 358 55.53 -28.81 42.32
CA TYR E 358 54.94 -30.10 41.98
C TYR E 358 55.89 -31.25 42.26
N GLU E 359 57.19 -30.98 42.34
CA GLU E 359 58.17 -31.99 42.71
C GLU E 359 58.04 -32.39 44.18
N VAL E 360 57.39 -31.57 44.99
CA VAL E 360 57.25 -31.86 46.42
C VAL E 360 55.95 -32.61 46.69
N HIS E 361 54.86 -32.23 46.02
CA HIS E 361 53.59 -32.90 46.20
C HIS E 361 53.62 -34.30 45.60
N HIS E 362 54.02 -34.40 44.34
CA HIS E 362 54.34 -35.68 43.73
C HIS E 362 55.84 -35.87 43.84
N GLY E 363 56.27 -36.90 44.56
CA GLY E 363 57.69 -37.08 44.82
C GLY E 363 58.48 -37.56 43.60
N VAL E 364 58.59 -36.69 42.60
CA VAL E 364 59.28 -36.99 41.36
C VAL E 364 60.08 -35.77 40.94
N ARG E 365 61.13 -36.00 40.16
CA ARG E 365 61.92 -34.91 39.62
C ARG E 365 61.43 -34.55 38.23
N ILE E 366 61.54 -33.27 37.89
CA ILE E 366 61.12 -32.76 36.59
C ILE E 366 62.32 -32.13 35.90
N THR E 367 62.56 -32.53 34.66
CA THR E 367 63.72 -32.10 33.90
C THR E 367 63.34 -30.89 33.05
N ASP E 368 64.20 -29.86 33.09
CA ASP E 368 63.99 -28.62 32.33
C ASP E 368 64.12 -28.82 30.83
N SER E 369 64.62 -29.97 30.37
CA SER E 369 64.55 -30.29 28.94
C SER E 369 63.12 -30.48 28.48
N ALA E 370 62.31 -31.15 29.30
CA ALA E 370 60.89 -31.34 28.99
C ALA E 370 60.10 -30.08 29.20
N LEU E 371 60.61 -29.16 30.01
CA LEU E 371 59.85 -27.98 30.38
C LEU E 371 59.81 -26.96 29.26
N VAL E 372 60.72 -27.05 28.30
CA VAL E 372 60.59 -26.26 27.08
C VAL E 372 59.51 -26.84 26.18
N ALA E 373 59.48 -28.16 26.06
CA ALA E 373 58.56 -28.81 25.13
C ALA E 373 57.12 -28.72 25.61
N ALA E 374 56.90 -28.77 26.92
CA ALA E 374 55.54 -28.69 27.47
C ALA E 374 54.87 -27.34 27.25
N ALA E 375 55.62 -26.31 26.88
CA ALA E 375 55.04 -25.04 26.46
C ALA E 375 55.12 -24.82 24.97
N THR E 376 56.14 -25.35 24.29
CA THR E 376 56.23 -25.19 22.85
C THR E 376 55.15 -26.01 22.15
N LEU E 377 55.07 -27.29 22.47
CA LEU E 377 54.16 -28.23 21.85
C LEU E 377 52.71 -28.02 22.25
N SER E 378 52.45 -27.24 23.29
CA SER E 378 51.08 -26.96 23.72
C SER E 378 50.52 -25.71 23.09
N ASP E 379 50.97 -25.35 21.89
CA ASP E 379 50.45 -24.16 21.26
C ASP E 379 49.97 -24.52 19.86
N ARG E 380 50.65 -25.46 19.22
CA ARG E 380 50.23 -25.90 17.89
C ARG E 380 49.22 -27.03 17.93
N TYR E 381 48.93 -27.59 19.10
CA TYR E 381 48.00 -28.72 19.21
C TYR E 381 46.74 -28.37 19.99
N ILE E 382 46.87 -27.86 21.21
CA ILE E 382 45.70 -27.57 22.04
C ILE E 382 45.37 -26.10 21.83
N THR E 383 44.37 -25.84 20.99
CA THR E 383 43.98 -24.48 20.63
C THR E 383 42.52 -24.25 20.96
N ALA E 384 42.14 -24.60 22.18
CA ALA E 384 40.82 -24.27 22.68
C ALA E 384 40.84 -23.39 23.92
N ARG E 385 41.75 -23.62 24.86
CA ARG E 385 41.88 -22.80 26.05
C ARG E 385 42.88 -21.68 25.80
N PHE E 386 43.09 -20.86 26.80
CA PHE E 386 44.13 -19.84 26.72
C PHE E 386 45.40 -20.31 27.39
N LEU E 387 46.36 -19.43 27.54
CA LEU E 387 47.75 -19.74 27.90
C LEU E 387 47.84 -19.70 29.44
N PRO E 388 48.99 -19.40 30.10
CA PRO E 388 49.67 -20.35 31.00
C PRO E 388 48.95 -21.49 31.70
N ASP E 389 47.68 -21.42 32.09
CA ASP E 389 47.09 -22.54 32.81
C ASP E 389 47.00 -23.83 31.99
N LYS E 390 46.93 -23.71 30.67
CA LYS E 390 46.94 -24.88 29.80
C LYS E 390 48.28 -25.58 29.80
N ALA E 391 49.37 -24.84 29.96
CA ALA E 391 50.70 -25.44 29.97
C ALA E 391 51.15 -25.82 31.38
N ILE E 392 50.23 -26.07 32.29
CA ILE E 392 50.56 -26.54 33.63
C ILE E 392 49.85 -27.87 33.83
N ASP E 393 48.71 -28.04 33.15
CA ASP E 393 47.98 -29.30 33.20
C ASP E 393 48.77 -30.43 32.58
N LEU E 394 49.63 -30.14 31.60
CA LEU E 394 50.43 -31.19 30.98
C LEU E 394 51.49 -31.70 31.94
N VAL E 395 52.19 -30.79 32.63
CA VAL E 395 53.19 -31.19 33.62
C VAL E 395 52.54 -31.94 34.77
N ASP E 396 51.35 -31.50 35.18
CA ASP E 396 50.64 -32.15 36.29
C ASP E 396 50.20 -33.56 35.91
N GLU E 397 49.58 -33.73 34.74
CA GLU E 397 49.10 -35.05 34.38
C GLU E 397 50.24 -35.99 33.99
N ALA E 398 51.36 -35.44 33.52
CA ALA E 398 52.52 -36.28 33.26
C ALA E 398 53.14 -36.79 34.55
N ALA E 399 53.22 -35.93 35.57
CA ALA E 399 53.70 -36.37 36.87
C ALA E 399 52.78 -37.42 37.48
N SER E 400 51.46 -37.27 37.27
CA SER E 400 50.53 -38.26 37.81
C SER E 400 50.66 -39.61 37.11
N ARG E 401 50.80 -39.61 35.78
CA ARG E 401 51.02 -40.86 35.05
C ARG E 401 52.33 -41.51 35.45
N LEU E 402 53.36 -40.71 35.75
CA LEU E 402 54.63 -41.29 36.18
C LEU E 402 54.52 -41.88 37.58
N ARG E 403 53.76 -41.24 38.47
CA ARG E 403 53.49 -41.85 39.78
C ARG E 403 52.73 -43.16 39.65
N MET E 404 51.81 -43.23 38.69
CA MET E 404 51.10 -44.48 38.41
C MET E 404 52.05 -45.58 37.93
N GLU E 405 53.01 -45.22 37.07
CA GLU E 405 53.96 -46.23 36.62
C GLU E 405 54.98 -46.61 37.69
N ILE E 406 55.30 -45.70 38.62
CA ILE E 406 56.19 -46.03 39.72
C ILE E 406 55.42 -46.65 40.89
N ASP E 407 54.11 -46.83 40.74
CA ASP E 407 53.36 -47.66 41.68
C ASP E 407 53.66 -49.14 41.45
N LYS E 530 63.45 -43.30 33.96
CA LYS E 530 62.01 -43.30 34.22
C LYS E 530 61.73 -42.76 35.63
N GLU E 531 62.80 -42.45 36.38
CA GLU E 531 62.61 -41.82 37.68
C GLU E 531 62.34 -40.33 37.58
N GLU E 532 62.33 -39.76 36.38
CA GLU E 532 61.94 -38.38 36.16
C GLU E 532 61.12 -38.30 34.88
N VAL E 533 60.35 -37.23 34.76
CA VAL E 533 59.61 -37.02 33.53
C VAL E 533 60.56 -36.51 32.44
N GLY E 534 60.11 -36.61 31.20
CA GLY E 534 60.90 -36.21 30.07
C GLY E 534 60.04 -35.79 28.91
N PRO E 535 60.66 -35.51 27.76
CA PRO E 535 59.90 -34.97 26.62
C PRO E 535 59.00 -35.99 25.93
N ASP E 536 59.06 -37.26 26.31
CA ASP E 536 58.20 -38.27 25.72
C ASP E 536 56.82 -38.34 26.37
N ASP E 537 56.76 -38.25 27.69
CA ASP E 537 55.47 -38.42 28.38
C ASP E 537 54.57 -37.22 28.17
N ILE E 538 55.17 -36.04 27.91
CA ILE E 538 54.39 -34.88 27.52
C ILE E 538 53.66 -35.15 26.20
N ALA E 539 54.36 -35.77 25.25
CA ALA E 539 53.76 -36.18 24.00
C ALA E 539 52.74 -37.28 24.19
N ASP E 540 52.96 -38.15 25.17
CA ASP E 540 51.99 -39.20 25.49
C ASP E 540 50.68 -38.59 25.99
N VAL E 541 50.77 -37.56 26.83
CA VAL E 541 49.57 -36.90 27.34
C VAL E 541 48.84 -36.19 26.22
N VAL E 542 49.57 -35.45 25.37
CA VAL E 542 48.90 -34.73 24.29
C VAL E 542 48.48 -35.66 23.16
N SER E 543 48.89 -36.92 23.18
CA SER E 543 48.27 -37.90 22.31
C SER E 543 46.97 -38.41 22.90
N ALA E 544 47.04 -38.92 24.13
CA ALA E 544 45.89 -39.60 24.74
C ALA E 544 44.73 -38.66 25.00
N TRP E 545 45.02 -37.41 25.31
CA TRP E 545 44.02 -36.38 25.21
C TRP E 545 44.15 -35.74 23.83
N THR E 546 43.00 -35.42 23.22
CA THR E 546 42.76 -34.86 21.90
C THR E 546 43.06 -35.81 20.74
N GLY E 547 43.59 -37.00 21.04
CA GLY E 547 43.91 -37.97 20.02
C GLY E 547 44.69 -37.37 18.87
N ILE E 548 45.92 -36.94 19.14
CA ILE E 548 46.77 -36.34 18.13
C ILE E 548 48.25 -36.51 18.48
N PRO E 549 48.55 -37.53 19.28
CA PRO E 549 49.93 -37.79 19.70
C PRO E 549 50.59 -38.85 18.81
N ALA E 550 49.77 -39.68 18.16
CA ALA E 550 50.29 -40.73 17.29
C ALA E 550 50.57 -40.19 15.88
N GLY E 551 49.56 -39.58 15.28
CA GLY E 551 49.69 -39.02 13.94
C GLY E 551 50.81 -38.01 13.85
N ARG E 552 52.01 -38.48 13.52
CA ARG E 552 53.17 -37.61 13.39
C ARG E 552 53.82 -37.36 14.75
N LEU E 553 55.02 -37.90 14.94
CA LEU E 553 55.75 -37.73 16.19
C LEU E 553 56.65 -36.50 16.15
N LEU E 554 56.04 -35.33 16.00
CA LEU E 554 56.78 -34.08 15.95
C LEU E 554 57.85 -34.12 14.87
N GLU E 555 57.45 -34.48 13.65
CA GLU E 555 58.37 -34.57 12.52
C GLU E 555 58.24 -33.35 11.61
N GLY E 556 57.84 -32.23 12.19
CA GLY E 556 57.67 -31.00 11.42
C GLY E 556 58.94 -30.17 11.38
N GLU E 557 59.68 -30.29 10.28
CA GLU E 557 60.92 -29.53 10.11
C GLU E 557 61.06 -29.01 8.68
N THR E 558 62.30 -28.90 8.22
CA THR E 558 62.56 -28.42 6.87
C THR E 558 62.60 -29.56 5.89
N ALA E 559 62.90 -30.77 6.37
CA ALA E 559 62.77 -31.97 5.57
C ALA E 559 61.32 -32.22 5.17
N LYS E 560 60.36 -31.83 6.01
CA LYS E 560 58.95 -31.95 5.62
C LYS E 560 58.60 -30.91 4.56
N LEU E 561 58.83 -29.63 4.87
CA LEU E 561 58.42 -28.54 3.99
C LEU E 561 59.18 -28.48 2.69
N LEU E 562 60.30 -29.19 2.60
CA LEU E 562 60.93 -29.37 1.30
C LEU E 562 60.07 -30.22 0.37
N ARG E 563 59.40 -31.23 0.91
CA ARG E 563 58.54 -32.12 0.13
C ARG E 563 57.08 -31.86 0.54
N MET E 564 56.46 -30.89 -0.11
CA MET E 564 55.07 -30.59 0.24
C MET E 564 54.23 -30.52 -1.03
N GLU E 565 54.85 -30.13 -2.14
CA GLU E 565 54.17 -30.24 -3.42
C GLU E 565 54.01 -31.69 -3.85
N ASP E 566 54.87 -32.58 -3.36
CA ASP E 566 54.81 -34.00 -3.70
C ASP E 566 54.24 -34.88 -2.60
N GLU E 567 54.30 -34.44 -1.33
CA GLU E 567 53.66 -35.21 -0.27
C GLU E 567 52.15 -35.08 -0.33
N LEU E 568 51.67 -33.92 -0.76
CA LEU E 568 50.24 -33.68 -0.82
C LEU E 568 49.59 -34.41 -1.98
N GLY E 569 50.39 -34.85 -2.96
CA GLY E 569 49.88 -35.55 -4.13
C GLY E 569 49.40 -36.96 -3.87
N LYS E 570 49.59 -37.48 -2.67
CA LYS E 570 49.10 -38.82 -2.35
C LYS E 570 47.60 -38.86 -2.11
N ARG E 571 46.95 -37.71 -2.04
CA ARG E 571 45.51 -37.65 -1.84
C ARG E 571 44.81 -36.75 -2.85
N VAL E 572 45.53 -35.82 -3.49
CA VAL E 572 44.98 -35.03 -4.57
C VAL E 572 45.83 -35.28 -5.81
N ILE E 573 45.18 -35.65 -6.91
CA ILE E 573 45.85 -35.96 -8.16
C ILE E 573 45.64 -34.80 -9.12
N GLY E 574 46.72 -34.40 -9.79
CA GLY E 574 46.63 -33.31 -10.74
C GLY E 574 46.51 -31.98 -10.03
N GLN E 575 45.85 -31.03 -10.70
CA GLN E 575 45.59 -29.68 -10.20
C GLN E 575 46.89 -28.97 -9.83
N LYS E 576 47.93 -29.21 -10.64
CA LYS E 576 49.30 -28.96 -10.22
C LYS E 576 49.60 -27.47 -10.09
N ALA E 577 48.97 -26.64 -10.91
CA ALA E 577 49.18 -25.21 -10.83
C ALA E 577 48.46 -24.57 -9.65
N ALA E 578 47.63 -25.31 -8.94
CA ALA E 578 46.93 -24.78 -7.78
C ALA E 578 47.26 -25.58 -6.52
N VAL E 579 48.34 -26.35 -6.58
CA VAL E 579 49.03 -26.81 -5.40
C VAL E 579 50.36 -26.10 -5.22
N THR E 580 51.00 -25.64 -6.30
CA THR E 580 52.22 -24.86 -6.21
C THR E 580 51.99 -23.43 -5.71
N ALA E 581 50.75 -23.02 -5.52
CA ALA E 581 50.47 -21.76 -4.85
C ALA E 581 50.01 -21.93 -3.42
N VAL E 582 49.27 -22.99 -3.12
CA VAL E 582 48.89 -23.27 -1.74
C VAL E 582 50.12 -23.74 -0.96
N SER E 583 51.02 -24.43 -1.63
CA SER E 583 52.29 -24.87 -1.08
C SER E 583 53.32 -23.76 -1.00
N ASP E 584 52.93 -22.53 -1.23
CA ASP E 584 53.84 -21.39 -1.19
C ASP E 584 53.49 -20.42 -0.09
N ALA E 585 52.22 -20.27 0.26
CA ALA E 585 51.86 -19.45 1.41
C ALA E 585 52.19 -20.13 2.73
N VAL E 586 52.58 -21.39 2.71
CA VAL E 586 53.05 -22.06 3.92
C VAL E 586 54.56 -21.93 4.04
N ARG E 587 55.29 -22.03 2.93
CA ARG E 587 56.74 -21.92 2.99
C ARG E 587 57.18 -20.48 3.22
N ARG E 588 56.49 -19.51 2.64
CA ARG E 588 56.90 -18.14 2.88
C ARG E 588 56.48 -17.63 4.25
N SER E 589 55.55 -18.32 4.90
CA SER E 589 55.17 -17.93 6.25
C SER E 589 56.01 -18.61 7.32
N ARG E 590 56.69 -19.70 6.96
CA ARG E 590 57.65 -20.31 7.86
C ARG E 590 59.08 -19.85 7.62
N ALA E 591 59.32 -19.02 6.62
CA ALA E 591 60.64 -18.44 6.45
C ALA E 591 60.75 -17.09 7.13
N GLY E 592 59.64 -16.39 7.33
CA GLY E 592 59.67 -15.10 7.97
C GLY E 592 59.61 -13.93 7.02
N VAL E 593 59.09 -14.14 5.81
CA VAL E 593 59.00 -13.08 4.83
C VAL E 593 57.58 -12.51 4.78
N SER E 594 56.63 -13.14 5.47
CA SER E 594 55.23 -12.79 5.40
C SER E 594 54.95 -11.41 5.97
N ASP E 595 53.84 -10.84 5.55
CA ASP E 595 53.43 -9.52 5.99
C ASP E 595 52.84 -9.64 7.38
N PRO E 596 53.41 -8.97 8.40
CA PRO E 596 53.04 -9.27 9.79
C PRO E 596 51.67 -8.76 10.20
N ASN E 597 50.96 -8.02 9.35
CA ASN E 597 49.55 -7.68 9.62
C ASN E 597 48.72 -7.97 8.36
N ARG E 598 48.40 -9.24 8.19
CA ARG E 598 47.62 -9.84 7.12
C ARG E 598 47.49 -11.31 7.50
N PRO E 599 46.40 -12.00 7.15
CA PRO E 599 46.42 -13.45 7.24
C PRO E 599 47.48 -14.03 6.32
N THR E 600 48.03 -15.17 6.72
CA THR E 600 49.19 -15.73 6.02
C THR E 600 48.84 -16.19 4.61
N GLY E 601 47.60 -16.59 4.40
CA GLY E 601 47.12 -16.81 3.05
C GLY E 601 45.61 -16.74 3.00
N ALA E 602 45.07 -15.93 2.10
CA ALA E 602 43.62 -15.76 1.97
C ALA E 602 43.29 -15.79 0.49
N PHE E 603 43.07 -16.99 -0.05
CA PHE E 603 42.90 -17.16 -1.47
C PHE E 603 41.64 -17.95 -1.75
N MET E 604 41.05 -17.70 -2.92
CA MET E 604 39.75 -18.25 -3.29
C MET E 604 39.91 -19.07 -4.55
N PHE E 605 39.55 -20.35 -4.48
CA PHE E 605 39.55 -21.19 -5.66
C PHE E 605 38.17 -21.71 -5.99
N LEU E 606 37.88 -21.77 -7.28
CA LEU E 606 36.56 -22.09 -7.82
C LEU E 606 36.75 -22.85 -9.13
N GLY E 607 35.65 -23.20 -9.77
CA GLY E 607 35.67 -24.00 -10.97
C GLY E 607 34.41 -24.82 -11.11
N PRO E 608 34.44 -25.89 -11.91
CA PRO E 608 33.28 -26.77 -12.03
C PRO E 608 33.17 -27.67 -10.82
N THR E 609 32.13 -28.51 -10.81
CA THR E 609 31.91 -29.36 -9.66
C THR E 609 32.64 -30.69 -9.82
N GLY E 610 32.79 -31.38 -8.70
CA GLY E 610 33.39 -32.71 -8.70
C GLY E 610 34.85 -32.73 -9.09
N VAL E 611 35.63 -31.77 -8.62
CA VAL E 611 37.01 -31.64 -9.07
C VAL E 611 38.01 -31.96 -7.97
N GLY E 612 37.72 -31.60 -6.72
CA GLY E 612 38.65 -31.83 -5.64
C GLY E 612 38.94 -30.57 -4.87
N LYS E 613 38.00 -29.62 -4.90
CA LYS E 613 38.22 -28.33 -4.27
C LYS E 613 37.87 -28.31 -2.80
N THR E 614 37.15 -29.31 -2.31
CA THR E 614 36.96 -29.50 -0.88
C THR E 614 37.93 -30.53 -0.33
N GLU E 615 38.31 -31.50 -1.16
CA GLU E 615 39.30 -32.51 -0.75
C GLU E 615 40.67 -31.90 -0.57
N LEU E 616 40.99 -30.84 -1.30
CA LEU E 616 42.27 -30.17 -1.10
C LEU E 616 42.29 -29.42 0.22
N ALA E 617 41.20 -28.73 0.56
CA ALA E 617 41.18 -27.95 1.78
C ALA E 617 41.03 -28.80 3.03
N LYS E 618 40.83 -30.10 2.89
CA LYS E 618 40.91 -31.02 4.01
C LYS E 618 42.20 -31.82 4.01
N ALA E 619 43.01 -31.70 2.96
CA ALA E 619 44.27 -32.41 2.89
C ALA E 619 45.45 -31.57 3.34
N LEU E 620 45.34 -30.25 3.26
CA LEU E 620 46.36 -29.38 3.80
C LEU E 620 46.08 -29.04 5.24
N ALA E 621 44.96 -29.50 5.78
CA ALA E 621 44.72 -29.52 7.21
C ALA E 621 45.03 -30.87 7.81
N ASP E 622 45.81 -31.68 7.12
CA ASP E 622 46.09 -33.03 7.58
C ASP E 622 47.49 -33.18 8.13
N PHE E 623 48.50 -32.58 7.50
CA PHE E 623 49.84 -32.69 8.04
C PHE E 623 50.19 -31.51 8.93
N LEU E 624 49.40 -30.44 8.92
CA LEU E 624 49.64 -29.37 9.86
C LEU E 624 49.14 -29.73 11.25
N PHE E 625 48.10 -30.56 11.35
CA PHE E 625 47.43 -30.84 12.60
C PHE E 625 47.43 -32.29 13.02
N ASP E 626 47.88 -33.20 12.16
CA ASP E 626 47.87 -34.66 12.32
C ASP E 626 46.47 -35.26 12.44
N ASP E 627 45.42 -34.46 12.20
CA ASP E 627 44.04 -34.91 12.20
C ASP E 627 43.33 -34.30 11.00
N GLU E 628 42.01 -34.38 10.95
CA GLU E 628 41.28 -33.71 9.89
C GLU E 628 39.98 -33.09 10.39
N ARG E 629 39.78 -33.03 11.69
CA ARG E 629 38.56 -32.49 12.27
C ARG E 629 38.81 -31.29 13.17
N ALA E 630 40.05 -30.81 13.25
CA ALA E 630 40.39 -29.67 14.08
C ALA E 630 40.36 -28.36 13.32
N MET E 631 39.51 -28.24 12.31
CA MET E 631 39.42 -27.02 11.54
C MET E 631 38.05 -26.38 11.73
N VAL E 632 38.00 -25.07 11.52
CA VAL E 632 36.77 -24.30 11.69
C VAL E 632 36.02 -24.43 10.37
N ARG E 633 35.05 -25.33 10.32
CA ARG E 633 34.28 -25.58 9.10
C ARG E 633 32.89 -24.99 9.32
N ILE E 634 32.72 -23.76 8.86
CA ILE E 634 31.40 -23.16 8.82
C ILE E 634 30.93 -23.23 7.38
N ASP E 635 29.62 -23.21 7.22
CA ASP E 635 29.01 -23.35 5.90
C ASP E 635 28.09 -22.17 5.68
N MET E 636 28.43 -21.34 4.70
CA MET E 636 27.62 -20.17 4.40
C MET E 636 26.57 -20.44 3.34
N SER E 637 26.09 -21.68 3.26
CA SER E 637 24.99 -22.02 2.37
C SER E 637 23.64 -21.76 3.02
N GLU E 638 23.63 -21.15 4.20
CA GLU E 638 22.41 -20.97 4.97
C GLU E 638 22.07 -19.52 5.23
N TYR E 639 22.93 -18.60 4.83
CA TYR E 639 22.79 -17.20 5.21
C TYR E 639 22.12 -16.41 4.09
N GLY E 640 20.91 -16.84 3.74
CA GLY E 640 20.21 -16.21 2.65
C GLY E 640 19.69 -14.83 2.99
N GLU E 641 19.38 -14.60 4.27
CA GLU E 641 18.82 -13.34 4.72
C GLU E 641 19.84 -12.53 5.51
N LYS E 642 19.44 -11.31 5.85
CA LYS E 642 20.35 -10.28 6.31
C LYS E 642 20.60 -10.30 7.80
N HIS E 643 20.00 -11.25 8.54
CA HIS E 643 20.14 -11.25 9.98
C HIS E 643 20.63 -12.58 10.52
N THR E 644 21.35 -13.36 9.73
CA THR E 644 22.11 -14.47 10.26
C THR E 644 23.56 -14.11 10.46
N VAL E 645 23.88 -12.81 10.40
CA VAL E 645 25.18 -12.31 10.82
C VAL E 645 25.42 -12.63 12.28
N ALA E 646 24.38 -12.53 13.10
CA ALA E 646 24.53 -12.58 14.54
C ALA E 646 24.94 -13.94 15.07
N ARG E 647 24.84 -15.01 14.28
CA ARG E 647 25.28 -16.27 14.83
C ARG E 647 26.78 -16.44 14.76
N LEU E 648 27.50 -15.56 14.06
CA LEU E 648 28.95 -15.63 13.99
C LEU E 648 29.62 -14.36 14.50
N ILE E 649 28.86 -13.45 15.09
CA ILE E 649 29.43 -12.18 15.51
C ILE E 649 28.92 -11.87 16.91
N GLY E 662 30.07 -15.62 19.51
CA GLY E 662 29.74 -16.03 18.17
C GLY E 662 30.30 -17.41 17.89
N GLN E 663 29.82 -18.00 16.80
CA GLN E 663 30.30 -19.32 16.42
C GLN E 663 31.63 -19.23 15.70
N LEU E 664 31.86 -18.15 14.94
CA LEU E 664 33.16 -17.93 14.33
C LEU E 664 34.19 -17.42 15.33
N THR E 665 33.75 -16.69 16.34
CA THR E 665 34.67 -15.95 17.18
C THR E 665 35.26 -16.83 18.28
N GLU E 666 34.42 -17.52 19.02
CA GLU E 666 34.89 -18.29 20.17
C GLU E 666 35.36 -19.68 19.80
N ALA E 667 35.69 -19.92 18.53
CA ALA E 667 36.42 -21.11 18.15
C ALA E 667 37.83 -20.79 17.67
N VAL E 668 38.19 -19.51 17.59
CA VAL E 668 39.52 -19.08 17.22
C VAL E 668 40.32 -18.66 18.43
N ARG E 669 39.69 -17.93 19.35
CA ARG E 669 40.34 -17.33 20.51
C ARG E 669 40.94 -18.36 21.45
N ARG E 670 40.52 -19.62 21.34
CA ARG E 670 41.08 -20.69 22.14
C ARG E 670 42.43 -21.13 21.57
N ARG E 671 42.43 -21.54 20.30
CA ARG E 671 43.67 -21.92 19.60
C ARG E 671 43.72 -21.13 18.30
N PRO E 672 44.53 -20.09 18.22
CA PRO E 672 44.50 -19.18 17.08
C PRO E 672 45.34 -19.62 15.90
N TYR E 673 45.17 -20.87 15.48
CA TYR E 673 45.99 -21.38 14.39
C TYR E 673 45.21 -22.23 13.38
N THR E 674 43.92 -22.44 13.61
CA THR E 674 43.17 -23.35 12.76
C THR E 674 42.87 -22.74 11.40
N VAL E 675 42.91 -23.60 10.37
CA VAL E 675 42.46 -23.22 9.04
C VAL E 675 40.94 -23.13 9.00
N VAL E 676 40.41 -22.17 8.23
CA VAL E 676 38.99 -21.87 8.21
C VAL E 676 38.43 -22.10 6.82
N LEU E 677 37.34 -22.86 6.71
CA LEU E 677 36.63 -23.01 5.45
C LEU E 677 35.50 -22.00 5.33
N PHE E 678 35.01 -21.84 4.09
CA PHE E 678 33.80 -21.09 3.79
C PHE E 678 33.19 -21.75 2.56
N ASP E 679 32.21 -22.61 2.75
CA ASP E 679 31.69 -23.43 1.68
C ASP E 679 30.51 -22.76 1.01
N GLU E 680 30.57 -22.64 -0.32
CA GLU E 680 29.51 -22.10 -1.18
C GLU E 680 29.11 -20.68 -0.75
N ILE E 681 30.04 -19.76 -0.98
CA ILE E 681 29.85 -18.37 -0.59
C ILE E 681 28.93 -17.62 -1.54
N GLU E 682 28.46 -18.26 -2.60
CA GLU E 682 27.54 -17.63 -3.56
C GLU E 682 26.19 -17.31 -2.91
N LYS E 683 25.68 -18.23 -2.10
CA LYS E 683 24.31 -18.15 -1.61
C LYS E 683 24.14 -17.15 -0.48
N ALA E 684 25.22 -16.62 0.07
CA ALA E 684 25.10 -15.61 1.10
C ALA E 684 24.60 -14.31 0.48
N HIS E 685 23.70 -13.64 1.19
CA HIS E 685 23.28 -12.32 0.78
C HIS E 685 24.47 -11.36 0.90
N PRO E 686 24.62 -10.39 0.00
CA PRO E 686 25.75 -9.46 0.09
C PRO E 686 25.69 -8.50 1.27
N ASP E 687 25.69 -9.07 2.48
CA ASP E 687 25.81 -8.35 3.73
C ASP E 687 26.82 -9.12 4.57
N VAL E 688 26.93 -10.41 4.31
CA VAL E 688 27.90 -11.25 4.99
C VAL E 688 29.31 -10.93 4.48
N PHE E 689 29.41 -10.49 3.23
CA PHE E 689 30.67 -10.05 2.67
C PHE E 689 31.18 -8.81 3.38
N ASP E 690 30.27 -7.98 3.89
CA ASP E 690 30.65 -6.79 4.62
C ASP E 690 31.27 -7.13 5.96
N VAL E 691 30.77 -8.18 6.61
CA VAL E 691 31.41 -8.68 7.81
C VAL E 691 32.77 -9.25 7.47
N LEU E 692 32.87 -9.94 6.34
CA LEU E 692 34.12 -10.58 5.93
C LEU E 692 35.17 -9.58 5.46
N LEU E 693 34.81 -8.31 5.30
CA LEU E 693 35.70 -7.36 4.63
C LEU E 693 36.83 -6.88 5.52
N GLN E 694 36.62 -6.81 6.84
CA GLN E 694 37.70 -6.45 7.74
C GLN E 694 38.41 -7.66 8.32
N VAL E 695 37.88 -8.86 8.10
CA VAL E 695 38.65 -10.07 8.33
C VAL E 695 39.90 -10.06 7.47
N LEU E 696 39.72 -9.81 6.18
CA LEU E 696 40.84 -9.63 5.28
C LEU E 696 41.47 -8.27 5.52
N ASP E 697 42.81 -8.22 5.40
CA ASP E 697 43.62 -7.02 5.30
C ASP E 697 43.74 -6.23 6.60
N GLU E 698 43.02 -6.65 7.64
CA GLU E 698 43.28 -6.17 8.99
C GLU E 698 43.50 -7.31 9.96
N GLY E 699 42.58 -8.27 9.98
CA GLY E 699 42.72 -9.43 10.83
C GLY E 699 41.91 -9.41 12.10
N ARG E 700 41.11 -8.38 12.35
CA ARG E 700 40.38 -8.36 13.60
C ARG E 700 38.94 -7.93 13.39
N LEU E 701 38.06 -8.49 14.23
CA LEU E 701 36.66 -8.14 14.29
C LEU E 701 36.28 -8.08 15.77
N THR E 702 35.05 -7.70 16.06
CA THR E 702 34.61 -7.60 17.45
C THR E 702 33.38 -8.45 17.69
N ASP E 703 32.91 -8.41 18.93
CA ASP E 703 31.70 -9.09 19.34
C ASP E 703 31.07 -8.26 20.46
N GLY E 704 30.14 -8.86 21.20
CA GLY E 704 29.43 -8.11 22.23
C GLY E 704 30.31 -7.76 23.41
N HIS E 705 31.20 -8.65 23.79
CA HIS E 705 32.02 -8.45 24.97
C HIS E 705 33.09 -7.39 24.78
N GLY E 706 33.39 -7.01 23.54
CA GLY E 706 34.34 -5.95 23.27
C GLY E 706 35.77 -6.37 23.11
N ARG E 707 36.03 -7.57 22.59
CA ARG E 707 37.39 -8.03 22.38
C ARG E 707 37.66 -8.15 20.88
N THR E 708 38.88 -7.83 20.48
CA THR E 708 39.25 -7.81 19.06
C THR E 708 40.09 -9.05 18.76
N VAL E 709 39.41 -10.08 18.26
CA VAL E 709 40.07 -11.35 18.00
C VAL E 709 40.89 -11.27 16.71
N ASP E 710 42.16 -11.68 16.80
CA ASP E 710 43.13 -11.45 15.74
C ASP E 710 43.24 -12.65 14.82
N PHE E 711 42.92 -12.45 13.55
CA PHE E 711 43.12 -13.46 12.52
C PHE E 711 44.42 -13.21 11.76
N ARG E 712 45.54 -13.15 12.47
CA ARG E 712 46.73 -12.72 11.77
C ARG E 712 47.55 -13.89 11.24
N ASN E 713 47.24 -15.11 11.66
CA ASN E 713 48.08 -16.23 11.25
C ASN E 713 47.26 -17.50 11.00
N THR E 714 46.06 -17.35 10.48
CA THR E 714 45.27 -18.47 9.99
C THR E 714 45.19 -18.42 8.48
N ILE E 715 44.84 -19.54 7.87
CA ILE E 715 44.81 -19.68 6.42
C ILE E 715 43.36 -19.73 6.00
N LEU E 716 42.82 -18.61 5.53
CA LEU E 716 41.45 -18.59 5.05
C LEU E 716 41.35 -19.25 3.69
N ILE E 717 40.24 -19.95 3.46
CA ILE E 717 40.01 -20.70 2.23
C ILE E 717 38.55 -20.52 1.82
N LEU E 718 38.34 -20.12 0.56
CA LEU E 718 37.02 -19.82 0.04
C LEU E 718 36.74 -20.74 -1.14
N THR E 719 35.56 -21.36 -1.15
CA THR E 719 35.17 -22.23 -2.26
C THR E 719 33.98 -21.61 -2.99
N SER E 720 33.79 -22.03 -4.24
CA SER E 720 32.71 -21.52 -5.07
C SER E 720 32.49 -22.46 -6.23
N ASN E 721 31.43 -22.21 -7.00
CA ASN E 721 31.10 -22.98 -8.19
C ASN E 721 30.60 -22.10 -9.31
N LEU E 722 31.03 -20.84 -9.36
CA LEU E 722 30.48 -19.87 -10.29
C LEU E 722 30.81 -20.22 -11.73
N GLY E 723 29.86 -20.02 -12.62
CA GLY E 723 30.05 -20.31 -14.03
C GLY E 723 30.01 -21.80 -14.34
N SER E 724 31.03 -22.52 -13.85
CA SER E 724 31.18 -23.97 -13.94
C SER E 724 31.21 -24.42 -15.42
N GLY E 725 32.28 -23.99 -16.09
CA GLY E 725 32.48 -24.33 -17.47
C GLY E 725 32.74 -23.15 -18.37
N GLY E 726 33.14 -22.03 -17.78
CA GLY E 726 33.53 -20.88 -18.56
C GLY E 726 34.83 -21.11 -19.30
N SER E 727 34.92 -20.56 -20.52
CA SER E 727 36.01 -20.84 -21.43
C SER E 727 37.36 -20.35 -20.92
N ALA E 728 37.55 -19.04 -20.92
CA ALA E 728 38.69 -18.40 -20.28
C ALA E 728 38.28 -17.21 -19.44
N GLU E 729 37.30 -16.44 -19.91
CA GLU E 729 36.83 -15.24 -19.23
C GLU E 729 35.35 -15.29 -18.94
N GLN E 730 34.64 -16.29 -19.44
CA GLN E 730 33.23 -16.46 -19.08
C GLN E 730 33.08 -16.79 -17.61
N VAL E 731 33.99 -17.59 -17.06
CA VAL E 731 33.94 -17.89 -15.64
C VAL E 731 34.50 -16.74 -14.81
N LEU E 732 35.44 -15.98 -15.37
CA LEU E 732 36.08 -14.94 -14.58
C LEU E 732 35.23 -13.68 -14.49
N ALA E 733 34.55 -13.32 -15.58
CA ALA E 733 33.70 -12.14 -15.56
C ALA E 733 32.38 -12.37 -14.83
N ALA E 734 32.04 -13.63 -14.52
CA ALA E 734 30.85 -13.88 -13.72
C ALA E 734 31.10 -13.59 -12.26
N VAL E 735 32.36 -13.65 -11.82
CA VAL E 735 32.73 -13.30 -10.46
C VAL E 735 32.46 -11.82 -10.21
N ARG E 736 32.74 -10.99 -11.21
CA ARG E 736 32.58 -9.55 -11.15
C ARG E 736 31.11 -9.14 -11.04
N ALA E 737 30.18 -10.03 -11.33
CA ALA E 737 28.77 -9.72 -11.18
C ALA E 737 28.38 -9.58 -9.72
N THR E 738 28.56 -10.64 -8.93
CA THR E 738 28.07 -10.61 -7.56
C THR E 738 29.02 -9.88 -6.63
N PHE E 739 30.32 -10.06 -6.79
CA PHE E 739 31.30 -9.48 -5.88
C PHE E 739 31.57 -8.03 -6.26
N LYS E 740 31.46 -7.13 -5.29
CA LYS E 740 31.86 -5.76 -5.50
C LYS E 740 33.39 -5.69 -5.60
N PRO E 741 33.93 -4.73 -6.36
CA PRO E 741 35.39 -4.67 -6.56
C PRO E 741 36.20 -4.36 -5.32
N GLU E 742 35.58 -3.87 -4.24
CA GLU E 742 36.30 -3.74 -2.98
C GLU E 742 36.51 -5.06 -2.28
N PHE E 743 35.91 -6.15 -2.76
CA PHE E 743 36.12 -7.48 -2.19
C PHE E 743 37.02 -8.35 -3.05
N ILE E 744 37.02 -8.16 -4.37
CA ILE E 744 37.92 -8.92 -5.22
C ILE E 744 39.35 -8.45 -5.03
N ASN E 745 39.52 -7.18 -4.65
CA ASN E 745 40.87 -6.62 -4.52
C ASN E 745 41.59 -7.17 -3.30
N ARG E 746 40.85 -7.38 -2.21
CA ARG E 746 41.42 -7.86 -0.95
C ARG E 746 41.86 -9.32 -0.93
N LEU E 747 41.53 -10.08 -1.97
CA LEU E 747 41.90 -11.49 -2.01
C LEU E 747 43.31 -11.67 -2.55
N ASP E 748 43.82 -12.88 -2.41
CA ASP E 748 45.05 -13.30 -3.06
C ASP E 748 44.71 -13.83 -4.45
N ASP E 749 45.63 -14.58 -5.05
CA ASP E 749 45.50 -15.11 -6.40
C ASP E 749 44.28 -16.03 -6.54
N VAL E 750 43.30 -15.59 -7.32
CA VAL E 750 42.10 -16.38 -7.58
C VAL E 750 42.48 -17.58 -8.44
N LEU E 751 42.31 -18.77 -7.90
CA LEU E 751 42.73 -19.99 -8.57
C LEU E 751 41.54 -20.61 -9.30
N ILE E 752 41.80 -21.10 -10.50
CA ILE E 752 40.81 -21.81 -11.30
C ILE E 752 41.21 -23.28 -11.34
N PHE E 753 40.29 -24.15 -10.96
CA PHE E 753 40.55 -25.56 -11.20
C PHE E 753 40.07 -25.92 -12.61
N GLU E 754 40.72 -26.91 -13.19
CA GLU E 754 40.32 -27.41 -14.49
C GLU E 754 39.35 -28.57 -14.30
N GLY E 755 39.07 -29.31 -15.36
CA GLY E 755 38.25 -30.50 -15.22
C GLY E 755 39.07 -31.70 -14.82
N LEU E 756 38.81 -32.85 -15.43
CA LEU E 756 39.66 -34.02 -15.23
C LEU E 756 39.91 -34.69 -16.56
N ASN E 757 41.10 -35.20 -16.71
CA ASN E 757 41.58 -35.91 -17.88
C ASN E 757 41.41 -37.40 -17.67
N PRO E 758 40.95 -38.16 -18.68
CA PRO E 758 40.90 -39.62 -18.54
C PRO E 758 42.26 -40.28 -18.47
N GLU E 759 43.33 -39.57 -18.80
CA GLU E 759 44.68 -40.06 -18.51
C GLU E 759 44.96 -40.01 -17.01
N GLU E 760 44.52 -38.95 -16.33
CA GLU E 760 44.70 -38.78 -14.90
C GLU E 760 43.49 -39.22 -14.11
N LEU E 761 42.78 -40.23 -14.58
CA LEU E 761 41.59 -40.72 -13.90
C LEU E 761 41.73 -42.19 -13.50
N VAL E 762 42.79 -42.86 -13.94
CA VAL E 762 43.02 -44.24 -13.54
C VAL E 762 43.39 -44.31 -12.07
N ARG E 763 44.25 -43.40 -11.62
CA ARG E 763 44.85 -43.51 -10.29
C ARG E 763 43.86 -43.22 -9.18
N ILE E 764 42.77 -42.51 -9.49
CA ILE E 764 41.70 -42.31 -8.53
C ILE E 764 41.04 -43.64 -8.17
N VAL E 765 40.97 -44.57 -9.13
CA VAL E 765 40.44 -45.90 -8.85
C VAL E 765 41.36 -46.65 -7.91
N ASP E 766 42.68 -46.45 -8.04
CA ASP E 766 43.63 -47.04 -7.12
C ASP E 766 43.44 -46.52 -5.72
N ILE E 767 43.22 -45.20 -5.59
CA ILE E 767 42.98 -44.59 -4.28
C ILE E 767 41.68 -45.10 -3.65
N GLN E 768 40.61 -45.21 -4.46
CA GLN E 768 39.32 -45.67 -3.95
C GLN E 768 39.39 -47.13 -3.50
N LEU E 769 40.08 -47.97 -4.27
CA LEU E 769 40.16 -49.37 -3.85
C LEU E 769 41.10 -49.55 -2.67
N ALA E 770 42.12 -48.70 -2.53
CA ALA E 770 42.93 -48.73 -1.32
C ALA E 770 42.11 -48.28 -0.12
N GLN E 771 41.21 -47.32 -0.32
CA GLN E 771 40.32 -46.88 0.75
C GLN E 771 39.38 -48.00 1.18
N LEU E 772 38.80 -48.72 0.20
CA LEU E 772 37.89 -49.80 0.55
C LEU E 772 38.65 -50.99 1.15
N GLY E 773 39.92 -51.14 0.80
CA GLY E 773 40.73 -52.14 1.48
C GLY E 773 41.00 -51.78 2.93
N LYS E 774 41.26 -50.50 3.20
CA LYS E 774 41.44 -50.08 4.59
C LYS E 774 40.13 -50.06 5.36
N ARG E 775 38.98 -50.04 4.68
CA ARG E 775 37.73 -50.14 5.41
C ARG E 775 37.51 -51.55 5.94
N LEU E 776 37.96 -52.56 5.21
CA LEU E 776 37.76 -53.95 5.61
C LEU E 776 38.88 -54.48 6.51
N ALA E 777 39.53 -53.60 7.27
CA ALA E 777 40.58 -54.04 8.17
C ALA E 777 40.07 -54.76 9.40
N GLN E 778 38.77 -54.66 9.70
CA GLN E 778 38.23 -55.41 10.82
C GLN E 778 38.16 -56.90 10.48
N ARG E 779 37.86 -57.22 9.24
CA ARG E 779 37.67 -58.61 8.85
C ARG E 779 38.93 -59.27 8.35
N ARG E 780 40.01 -58.50 8.20
CA ARG E 780 41.28 -58.93 7.60
C ARG E 780 41.04 -59.51 6.22
N LEU E 781 40.15 -58.88 5.47
CA LEU E 781 39.59 -59.43 4.26
C LEU E 781 40.25 -58.75 3.06
N GLN E 782 41.39 -59.30 2.67
CA GLN E 782 42.06 -58.82 1.47
C GLN E 782 41.25 -59.19 0.25
N LEU E 783 41.26 -58.31 -0.75
CA LEU E 783 40.55 -58.55 -1.99
C LEU E 783 41.47 -58.25 -3.17
N GLN E 784 41.37 -59.09 -4.20
CA GLN E 784 42.29 -59.08 -5.32
C GLN E 784 41.61 -58.47 -6.53
N VAL E 785 42.20 -57.42 -7.09
CA VAL E 785 41.64 -56.70 -8.23
C VAL E 785 42.63 -56.80 -9.37
N SER E 786 42.21 -57.37 -10.49
CA SER E 786 43.08 -57.51 -11.64
C SER E 786 43.14 -56.22 -12.44
N LEU E 787 44.19 -56.11 -13.25
CA LEU E 787 44.36 -54.92 -14.09
C LEU E 787 43.31 -54.75 -15.20
N PRO E 788 42.77 -55.78 -15.86
CA PRO E 788 41.65 -55.51 -16.78
C PRO E 788 40.40 -54.95 -16.11
N ALA E 789 40.05 -55.42 -14.90
CA ALA E 789 38.97 -54.77 -14.18
C ALA E 789 39.34 -53.38 -13.71
N LYS E 790 40.62 -53.20 -13.34
CA LYS E 790 41.08 -51.91 -12.84
C LYS E 790 41.07 -50.86 -13.94
N ARG E 791 41.23 -51.26 -15.20
CA ARG E 791 41.00 -50.33 -16.29
C ARG E 791 39.58 -50.37 -16.82
N TRP E 792 38.81 -51.40 -16.46
CA TRP E 792 37.40 -51.42 -16.81
C TRP E 792 36.62 -50.38 -16.03
N LEU E 793 37.04 -50.12 -14.78
CA LEU E 793 36.37 -49.09 -13.99
C LEU E 793 36.64 -47.69 -14.51
N ALA E 794 37.70 -47.49 -15.28
CA ALA E 794 38.01 -46.15 -15.76
C ALA E 794 37.06 -45.73 -16.88
N GLN E 795 36.67 -46.67 -17.73
CA GLN E 795 35.92 -46.33 -18.93
C GLN E 795 34.47 -46.00 -18.64
N ARG E 796 33.91 -46.49 -17.54
CA ARG E 796 32.61 -46.00 -17.11
C ARG E 796 32.71 -44.65 -16.43
N GLY E 797 33.91 -44.27 -15.96
CA GLY E 797 34.18 -42.92 -15.54
C GLY E 797 34.20 -42.02 -16.76
N PHE E 798 33.16 -41.23 -16.93
CA PHE E 798 32.79 -40.71 -18.23
C PHE E 798 32.31 -39.27 -18.01
N ASP E 799 31.69 -38.68 -19.05
CA ASP E 799 30.86 -37.47 -19.17
C ASP E 799 31.31 -36.32 -18.26
N PRO E 800 32.41 -35.62 -18.60
CA PRO E 800 32.99 -34.63 -17.67
C PRO E 800 32.12 -33.41 -17.40
N VAL E 801 30.93 -33.69 -16.86
CA VAL E 801 30.09 -32.71 -16.22
C VAL E 801 30.00 -32.95 -14.73
N TYR E 802 30.00 -34.21 -14.30
CA TYR E 802 29.77 -34.56 -12.91
C TYR E 802 31.04 -34.97 -12.19
N GLY E 803 32.20 -34.87 -12.85
CA GLY E 803 33.47 -35.08 -12.20
C GLY E 803 33.73 -36.54 -11.84
N ALA E 804 34.56 -36.72 -10.82
CA ALA E 804 34.92 -38.05 -10.35
C ALA E 804 33.96 -38.59 -9.31
N ARG E 805 32.89 -37.88 -9.02
CA ARG E 805 31.88 -38.35 -8.09
C ARG E 805 31.06 -39.55 -8.56
N PRO E 806 30.65 -39.70 -9.84
CA PRO E 806 29.95 -40.95 -10.21
C PRO E 806 30.81 -42.18 -10.19
N LEU E 807 32.14 -42.06 -10.17
CA LEU E 807 32.98 -43.23 -10.01
C LEU E 807 32.82 -43.83 -8.62
N ARG E 808 32.61 -42.99 -7.62
CA ARG E 808 32.45 -43.44 -6.25
C ARG E 808 31.05 -43.96 -5.97
N ARG E 809 30.15 -43.87 -6.94
CA ARG E 809 28.93 -44.68 -6.93
C ARG E 809 29.06 -45.91 -7.80
N LEU E 810 29.90 -45.84 -8.83
CA LEU E 810 30.16 -47.01 -9.66
C LEU E 810 30.81 -48.14 -8.88
N VAL E 811 31.75 -47.79 -7.99
CA VAL E 811 32.41 -48.82 -7.19
C VAL E 811 31.44 -49.48 -6.23
N GLN E 812 30.52 -48.72 -5.65
CA GLN E 812 29.55 -49.32 -4.75
C GLN E 812 28.41 -50.01 -5.47
N GLN E 813 28.21 -49.75 -6.76
CA GLN E 813 27.24 -50.54 -7.50
C GLN E 813 27.84 -51.81 -8.09
N ALA E 814 29.13 -51.83 -8.38
CA ALA E 814 29.74 -53.01 -8.97
C ALA E 814 30.21 -54.00 -7.91
N ILE E 815 31.12 -53.55 -7.04
CA ILE E 815 31.73 -54.45 -6.08
C ILE E 815 30.84 -54.62 -4.86
N GLY E 816 30.36 -53.50 -4.29
CA GLY E 816 29.79 -53.52 -2.96
C GLY E 816 28.48 -54.26 -2.83
N ASP E 817 27.71 -54.37 -3.92
CA ASP E 817 26.40 -55.01 -3.86
C ASP E 817 26.52 -56.52 -3.72
N GLN E 818 27.21 -57.15 -4.68
CA GLN E 818 27.36 -58.59 -4.63
C GLN E 818 28.28 -59.02 -3.49
N LEU E 819 29.21 -58.17 -3.08
CA LEU E 819 30.02 -58.48 -1.90
C LEU E 819 29.18 -58.43 -0.63
N ALA E 820 28.30 -57.44 -0.52
CA ALA E 820 27.44 -57.37 0.65
C ALA E 820 26.39 -58.45 0.66
N LYS E 821 26.05 -59.00 -0.50
CA LYS E 821 25.17 -60.17 -0.49
C LYS E 821 25.93 -61.44 -0.14
N MET E 822 27.15 -61.60 -0.66
CA MET E 822 27.94 -62.79 -0.38
C MET E 822 28.67 -62.72 0.94
N LEU E 823 28.53 -61.64 1.70
CA LEU E 823 29.21 -61.53 2.99
C LEU E 823 28.37 -62.04 4.13
N LEU E 824 27.04 -61.89 4.06
CA LEU E 824 26.16 -62.22 5.17
C LEU E 824 25.29 -63.45 4.90
N ALA E 825 25.70 -64.31 3.98
CA ALA E 825 24.97 -65.54 3.72
C ALA E 825 25.88 -66.77 3.74
N GLY E 826 27.13 -66.60 4.13
CA GLY E 826 28.11 -67.66 4.06
C GLY E 826 29.18 -67.37 3.02
N GLN E 827 30.04 -68.36 2.80
CA GLN E 827 31.07 -68.48 1.76
C GLN E 827 32.07 -67.32 1.70
N VAL E 828 32.04 -66.39 2.64
CA VAL E 828 33.08 -65.37 2.83
C VAL E 828 33.29 -65.25 4.33
N HIS E 829 34.51 -65.48 4.79
CA HIS E 829 34.80 -65.41 6.21
C HIS E 829 36.06 -64.59 6.43
N ASP E 830 36.46 -64.48 7.70
CA ASP E 830 37.61 -63.67 8.05
C ASP E 830 38.91 -64.30 7.55
N GLY E 831 39.82 -63.44 7.08
CA GLY E 831 41.10 -63.88 6.57
C GLY E 831 41.08 -64.38 5.14
N ASP E 832 39.92 -64.54 4.53
CA ASP E 832 39.83 -65.07 3.19
C ASP E 832 40.22 -64.00 2.17
N THR E 833 40.45 -64.44 0.94
CA THR E 833 40.76 -63.53 -0.17
C THR E 833 39.62 -63.61 -1.17
N VAL E 834 39.10 -62.45 -1.55
CA VAL E 834 37.97 -62.41 -2.48
C VAL E 834 38.43 -61.73 -3.76
N PRO E 835 38.80 -62.49 -4.79
CA PRO E 835 39.23 -61.88 -6.04
C PRO E 835 38.04 -61.50 -6.91
N VAL E 836 38.23 -60.44 -7.69
CA VAL E 836 37.24 -60.03 -8.66
C VAL E 836 37.78 -60.32 -10.05
N ASN E 837 36.88 -60.70 -10.94
CA ASN E 837 37.26 -61.15 -12.27
C ASN E 837 36.22 -60.63 -13.26
N VAL E 838 36.70 -60.29 -14.46
CA VAL E 838 35.88 -59.61 -15.44
C VAL E 838 34.97 -60.65 -16.10
N SER E 839 33.74 -60.74 -15.61
CA SER E 839 32.66 -61.33 -16.39
C SER E 839 32.44 -60.46 -17.63
N PRO E 840 31.97 -61.03 -18.78
CA PRO E 840 31.87 -60.27 -20.03
C PRO E 840 31.09 -58.94 -20.00
N ASP E 841 30.21 -58.76 -19.02
CA ASP E 841 29.65 -57.43 -18.78
C ASP E 841 29.99 -56.86 -17.41
N ALA E 842 29.64 -57.56 -16.33
CA ALA E 842 29.80 -57.03 -14.99
C ALA E 842 31.07 -57.57 -14.34
N ASP E 843 31.23 -57.35 -13.04
CA ASP E 843 32.37 -57.88 -12.30
C ASP E 843 31.90 -59.07 -11.47
N SER E 844 32.61 -60.18 -11.61
CA SER E 844 32.25 -61.42 -10.94
C SER E 844 32.97 -61.50 -9.60
N LEU E 845 32.93 -62.67 -8.98
CA LEU E 845 33.57 -62.89 -7.69
C LEU E 845 34.45 -64.13 -7.70
N GLN F 159 15.51 -38.53 3.20
CA GLN F 159 14.51 -39.16 4.06
C GLN F 159 13.22 -38.35 4.11
N ALA F 160 13.33 -37.04 3.84
CA ALA F 160 12.17 -36.17 3.90
C ALA F 160 11.20 -36.42 2.75
N LEU F 161 11.66 -37.03 1.66
CA LEU F 161 10.79 -37.36 0.55
C LEU F 161 9.84 -38.50 0.86
N GLN F 162 10.03 -39.19 1.99
CA GLN F 162 9.09 -40.22 2.39
C GLN F 162 7.73 -39.61 2.75
N LYS F 163 7.73 -38.36 3.20
CA LYS F 163 6.56 -37.75 3.81
C LYS F 163 5.76 -36.89 2.83
N TYR F 164 6.36 -36.43 1.73
CA TYR F 164 5.65 -35.60 0.78
C TYR F 164 5.69 -36.17 -0.63
N SER F 165 5.57 -37.49 -0.77
CA SER F 165 5.63 -38.09 -2.10
C SER F 165 5.03 -39.48 -2.08
N THR F 166 4.64 -39.93 -3.27
CA THR F 166 4.36 -41.34 -3.51
C THR F 166 5.64 -41.99 -4.04
N ASP F 167 5.52 -43.20 -4.58
CA ASP F 167 6.68 -43.90 -5.10
C ASP F 167 6.18 -44.86 -6.18
N LEU F 168 6.29 -44.44 -7.44
CA LEU F 168 5.77 -45.26 -8.53
C LEU F 168 6.57 -46.52 -8.74
N THR F 169 7.86 -46.50 -8.41
CA THR F 169 8.68 -47.69 -8.57
C THR F 169 8.26 -48.77 -7.58
N ALA F 170 7.92 -48.35 -6.35
CA ALA F 170 7.46 -49.30 -5.35
C ALA F 170 6.10 -49.88 -5.69
N ARG F 171 5.26 -49.14 -6.40
CA ARG F 171 4.00 -49.71 -6.86
C ARG F 171 4.20 -50.53 -8.13
N ALA F 172 5.22 -50.22 -8.92
CA ALA F 172 5.50 -51.00 -10.11
C ALA F 172 6.11 -52.35 -9.76
N ARG F 173 6.79 -52.44 -8.63
CA ARG F 173 7.45 -53.69 -8.24
C ARG F 173 6.49 -54.75 -7.70
N GLU F 174 5.18 -54.51 -7.74
CA GLU F 174 4.21 -55.55 -7.43
C GLU F 174 3.17 -55.68 -8.53
N GLY F 175 3.44 -55.14 -9.71
CA GLY F 175 2.57 -55.31 -10.86
C GLY F 175 1.26 -54.58 -10.78
N LYS F 176 1.23 -53.42 -10.12
CA LYS F 176 0.00 -52.67 -9.91
C LYS F 176 -0.17 -51.54 -10.92
N LEU F 177 0.34 -51.70 -12.12
CA LEU F 177 0.21 -50.71 -13.17
C LEU F 177 -0.32 -51.37 -14.43
N ASP F 178 -1.19 -50.66 -15.15
CA ASP F 178 -1.76 -51.20 -16.36
C ASP F 178 -0.72 -51.26 -17.47
N PRO F 179 -0.65 -52.35 -18.22
CA PRO F 179 0.44 -52.53 -19.18
C PRO F 179 0.37 -51.55 -20.33
N VAL F 180 1.54 -51.02 -20.68
CA VAL F 180 1.67 -49.96 -21.67
C VAL F 180 2.17 -50.60 -22.96
N ILE F 181 1.33 -50.55 -23.99
CA ILE F 181 1.61 -51.22 -25.25
C ILE F 181 1.64 -50.19 -26.37
N GLY F 182 2.71 -50.19 -27.14
CA GLY F 182 2.91 -49.24 -28.20
C GLY F 182 3.97 -48.22 -27.86
N ARG F 183 4.18 -47.31 -28.81
CA ARG F 183 4.91 -46.06 -28.61
C ARG F 183 6.36 -46.27 -28.18
N ASP F 184 7.14 -46.87 -29.07
CA ASP F 184 8.56 -46.98 -28.78
C ASP F 184 9.28 -45.66 -28.99
N ASN F 185 8.79 -44.83 -29.90
CA ASN F 185 9.47 -43.61 -30.28
C ASN F 185 9.52 -42.60 -29.14
N GLU F 186 8.41 -42.44 -28.44
CA GLU F 186 8.38 -41.49 -27.33
C GLU F 186 9.20 -41.97 -26.15
N ILE F 187 9.24 -43.29 -25.90
CA ILE F 187 10.08 -43.79 -24.81
C ILE F 187 11.56 -43.57 -25.14
N ARG F 188 11.96 -43.86 -26.39
CA ARG F 188 13.35 -43.63 -26.77
C ARG F 188 13.70 -42.15 -26.74
N ARG F 189 12.74 -41.29 -27.08
CA ARG F 189 12.99 -39.85 -27.03
C ARG F 189 13.13 -39.35 -25.60
N VAL F 190 12.34 -39.89 -24.67
CA VAL F 190 12.47 -39.50 -23.27
C VAL F 190 13.80 -39.97 -22.70
N VAL F 191 14.22 -41.18 -23.05
CA VAL F 191 15.53 -41.68 -22.58
C VAL F 191 16.67 -40.87 -23.19
N GLN F 192 16.52 -40.43 -24.45
CA GLN F 192 17.53 -39.58 -25.07
C GLN F 192 17.65 -38.23 -24.39
N VAL F 193 16.51 -37.60 -24.06
CA VAL F 193 16.58 -36.26 -23.48
C VAL F 193 17.00 -36.31 -22.02
N LEU F 194 16.58 -37.34 -21.29
CA LEU F 194 16.81 -37.36 -19.85
C LEU F 194 18.25 -37.69 -19.48
N SER F 195 19.10 -38.06 -20.44
CA SER F 195 20.46 -38.50 -20.12
C SER F 195 21.51 -37.58 -20.73
N ARG F 196 21.15 -36.38 -21.16
CA ARG F 196 22.15 -35.41 -21.58
C ARG F 196 22.82 -34.77 -20.37
N ARG F 197 23.75 -33.85 -20.60
CA ARG F 197 24.57 -33.36 -19.50
C ARG F 197 23.85 -32.30 -18.68
N THR F 198 23.52 -31.18 -19.31
CA THR F 198 22.82 -30.11 -18.62
C THR F 198 21.48 -29.84 -19.28
N LYS F 199 20.59 -29.21 -18.52
CA LYS F 199 19.21 -28.88 -18.91
C LYS F 199 18.47 -30.16 -19.31
N ASN F 200 18.56 -31.18 -18.45
CA ASN F 200 18.01 -32.50 -18.76
C ASN F 200 16.68 -32.71 -18.05
N ASN F 201 15.62 -32.16 -18.63
CA ASN F 201 14.28 -32.32 -18.08
C ASN F 201 13.18 -32.14 -19.12
N PRO F 202 12.61 -33.21 -19.64
CA PRO F 202 11.62 -33.08 -20.70
C PRO F 202 10.26 -32.66 -20.15
N VAL F 203 9.36 -32.36 -21.08
CA VAL F 203 7.96 -32.05 -20.80
C VAL F 203 7.10 -32.73 -21.86
N LEU F 204 6.18 -33.58 -21.44
CA LEU F 204 5.26 -34.20 -22.37
C LEU F 204 4.10 -33.26 -22.65
N ILE F 205 3.75 -33.10 -23.92
CA ILE F 205 2.76 -32.13 -24.37
C ILE F 205 1.90 -32.77 -25.45
N GLY F 206 0.59 -32.72 -25.25
CA GLY F 206 -0.33 -33.18 -26.27
C GLY F 206 -1.75 -32.85 -25.87
N GLU F 207 -2.65 -32.99 -26.82
CA GLU F 207 -4.07 -32.82 -26.54
C GLU F 207 -4.54 -33.93 -25.59
N PRO F 208 -5.49 -33.66 -24.70
CA PRO F 208 -5.73 -34.56 -23.57
C PRO F 208 -6.43 -35.85 -23.97
N GLY F 209 -6.04 -36.92 -23.29
CA GLY F 209 -6.61 -38.22 -23.54
C GLY F 209 -5.76 -39.12 -24.40
N VAL F 210 -4.69 -38.61 -25.01
CA VAL F 210 -3.92 -39.43 -25.92
C VAL F 210 -2.91 -40.33 -25.23
N GLY F 211 -2.75 -40.18 -23.92
CA GLY F 211 -1.82 -41.00 -23.19
C GLY F 211 -0.53 -40.25 -22.94
N LYS F 212 -0.41 -39.66 -21.79
CA LYS F 212 0.84 -39.02 -21.38
C LYS F 212 1.32 -39.54 -20.04
N THR F 213 0.40 -39.86 -19.13
CA THR F 213 0.77 -40.60 -17.93
C THR F 213 1.20 -42.01 -18.28
N ALA F 214 0.61 -42.57 -19.35
CA ALA F 214 0.94 -43.92 -19.77
C ALA F 214 2.38 -44.06 -20.22
N ILE F 215 2.96 -43.00 -20.77
CA ILE F 215 4.36 -43.05 -21.18
C ILE F 215 5.29 -43.11 -19.98
N VAL F 216 4.97 -42.36 -18.92
CA VAL F 216 5.82 -42.38 -17.73
C VAL F 216 5.66 -43.69 -16.99
N GLU F 217 4.45 -44.25 -16.98
CA GLU F 217 4.28 -45.57 -16.38
C GLU F 217 4.95 -46.66 -17.22
N GLY F 218 5.00 -46.49 -18.55
CA GLY F 218 5.76 -47.40 -19.37
C GLY F 218 7.26 -47.29 -19.16
N LEU F 219 7.74 -46.07 -18.89
CA LEU F 219 9.14 -45.87 -18.54
C LEU F 219 9.48 -46.56 -17.22
N ALA F 220 8.56 -46.49 -16.25
CA ALA F 220 8.80 -47.18 -14.98
C ALA F 220 8.81 -48.68 -15.17
N GLN F 221 7.91 -49.20 -16.02
CA GLN F 221 7.92 -50.63 -16.34
C GLN F 221 9.22 -51.05 -17.01
N ARG F 222 9.72 -50.21 -17.90
CA ARG F 222 10.92 -50.57 -18.65
C ARG F 222 12.17 -50.42 -17.78
N ILE F 223 12.14 -49.55 -16.77
CA ILE F 223 13.26 -49.47 -15.84
C ILE F 223 13.28 -50.68 -14.92
N VAL F 224 12.11 -51.05 -14.36
CA VAL F 224 12.07 -52.18 -13.45
C VAL F 224 12.35 -53.49 -14.19
N ALA F 225 11.96 -53.58 -15.47
CA ALA F 225 12.37 -54.69 -16.29
C ALA F 225 13.87 -54.63 -16.58
N GLY F 226 14.34 -53.53 -17.14
CA GLY F 226 15.77 -53.34 -17.35
C GLY F 226 16.23 -53.23 -18.79
N ASP F 227 15.40 -52.65 -19.67
CA ASP F 227 15.77 -52.51 -21.08
C ASP F 227 16.47 -51.19 -21.36
N VAL F 228 16.83 -50.44 -20.33
CA VAL F 228 17.37 -49.09 -20.44
C VAL F 228 18.88 -49.18 -20.73
N PRO F 229 19.57 -48.08 -21.05
CA PRO F 229 21.04 -48.15 -21.08
C PRO F 229 21.67 -48.22 -19.70
N GLU F 230 23.00 -48.13 -19.65
CA GLU F 230 23.75 -48.42 -18.44
C GLU F 230 23.52 -47.37 -17.36
N SER F 231 23.69 -46.09 -17.71
CA SER F 231 23.51 -45.03 -16.72
C SER F 231 22.06 -44.54 -16.67
N LEU F 232 21.13 -45.48 -16.58
CA LEU F 232 19.76 -45.18 -16.20
C LEU F 232 19.21 -46.30 -15.33
N ARG F 233 20.02 -47.32 -15.05
CA ARG F 233 19.55 -48.49 -14.32
C ARG F 233 19.41 -48.18 -12.84
N ASP F 234 18.28 -48.60 -12.27
CA ASP F 234 17.99 -48.55 -10.84
C ASP F 234 18.05 -47.13 -10.29
N LYS F 235 17.18 -46.29 -10.82
CA LYS F 235 17.03 -44.90 -10.41
C LYS F 235 15.53 -44.70 -10.22
N THR F 236 15.07 -44.71 -8.98
CA THR F 236 13.63 -44.74 -8.71
C THR F 236 12.97 -43.41 -9.03
N ILE F 237 11.74 -43.49 -9.53
CA ILE F 237 10.99 -42.30 -9.94
C ILE F 237 10.08 -41.91 -8.78
N VAL F 238 10.48 -40.87 -8.06
CA VAL F 238 9.74 -40.40 -6.91
C VAL F 238 8.84 -39.26 -7.35
N ALA F 239 7.54 -39.52 -7.40
CA ALA F 239 6.57 -38.54 -7.86
C ALA F 239 6.29 -37.53 -6.75
N LEU F 240 6.62 -36.28 -7.01
CA LEU F 240 6.43 -35.22 -6.02
C LEU F 240 4.98 -34.76 -6.01
N ASP F 241 4.72 -33.79 -5.14
CA ASP F 241 3.42 -33.13 -5.04
C ASP F 241 3.65 -31.65 -4.77
N LEU F 242 2.61 -30.86 -5.03
CA LEU F 242 2.55 -29.49 -4.56
C LEU F 242 1.25 -29.19 -3.84
N GLY F 243 0.32 -30.12 -3.80
CA GLY F 243 -0.89 -29.94 -3.04
C GLY F 243 -0.67 -30.28 -1.59
N SER F 244 -0.02 -31.42 -1.35
CA SER F 244 0.24 -31.87 0.01
C SER F 244 1.32 -31.05 0.70
N MET F 245 2.12 -30.30 -0.05
CA MET F 245 3.21 -29.58 0.56
C MET F 245 2.77 -28.24 1.15
N GLU F 254 7.39 -21.00 6.50
CA GLU F 254 7.37 -22.45 6.61
C GLU F 254 7.40 -23.13 5.25
N PHE F 255 6.71 -22.56 4.26
CA PHE F 255 6.65 -23.16 2.93
C PHE F 255 8.00 -23.21 2.26
N GLU F 256 8.73 -22.09 2.31
CA GLU F 256 10.04 -22.02 1.67
C GLU F 256 11.05 -22.92 2.37
N GLU F 257 10.94 -23.04 3.69
CA GLU F 257 11.75 -24.00 4.44
C GLU F 257 11.47 -25.43 4.02
N ARG F 258 10.19 -25.76 3.82
CA ARG F 258 9.81 -27.12 3.44
C ARG F 258 10.32 -27.45 2.04
N LEU F 259 10.18 -26.49 1.12
CA LEU F 259 10.66 -26.70 -0.23
C LEU F 259 12.18 -26.80 -0.29
N LYS F 260 12.88 -26.00 0.53
CA LYS F 260 14.34 -26.09 0.55
C LYS F 260 14.80 -27.40 1.17
N ALA F 261 14.04 -27.94 2.13
CA ALA F 261 14.34 -29.26 2.66
C ALA F 261 14.18 -30.34 1.60
N VAL F 262 13.13 -30.23 0.77
CA VAL F 262 12.91 -31.19 -0.30
C VAL F 262 14.03 -31.12 -1.33
N LEU F 263 14.43 -29.90 -1.72
CA LEU F 263 15.46 -29.74 -2.74
C LEU F 263 16.82 -30.18 -2.21
N ASP F 264 17.10 -29.91 -0.93
CA ASP F 264 18.34 -30.35 -0.31
C ASP F 264 18.39 -31.87 -0.23
N ASP F 265 17.25 -32.50 0.03
CA ASP F 265 17.22 -33.96 0.11
C ASP F 265 17.39 -34.59 -1.27
N ILE F 266 16.90 -33.92 -2.32
CA ILE F 266 17.13 -34.43 -3.67
C ILE F 266 18.60 -34.28 -4.05
N LYS F 267 19.16 -33.09 -3.86
CA LYS F 267 20.54 -32.80 -4.25
C LYS F 267 21.55 -33.58 -3.41
N ASN F 268 21.17 -34.00 -2.20
CA ASN F 268 22.07 -34.75 -1.34
C ASN F 268 22.38 -36.12 -1.91
N SER F 269 21.48 -36.68 -2.72
CA SER F 269 21.73 -37.94 -3.38
C SER F 269 22.70 -37.72 -4.57
N ALA F 270 23.00 -38.81 -5.27
CA ALA F 270 23.92 -38.77 -6.40
C ALA F 270 23.18 -38.82 -7.73
N GLY F 271 22.05 -38.14 -7.83
CA GLY F 271 21.25 -38.24 -9.04
C GLY F 271 20.49 -39.55 -9.14
N GLN F 272 20.32 -40.25 -8.03
CA GLN F 272 19.65 -41.54 -8.02
C GLN F 272 18.14 -41.43 -8.10
N ILE F 273 17.58 -40.23 -8.14
CA ILE F 273 16.15 -40.01 -8.06
C ILE F 273 15.72 -39.20 -9.28
N ILE F 274 14.66 -39.65 -9.93
CA ILE F 274 14.02 -38.91 -11.01
C ILE F 274 12.71 -38.36 -10.47
N THR F 275 12.64 -37.04 -10.31
CA THR F 275 11.41 -36.45 -9.83
C THR F 275 10.38 -36.43 -10.94
N PHE F 276 9.11 -36.31 -10.54
CA PHE F 276 8.00 -36.39 -11.49
C PHE F 276 6.87 -35.49 -10.97
N ILE F 277 6.83 -34.26 -11.45
CA ILE F 277 5.72 -33.36 -11.15
C ILE F 277 4.72 -33.47 -12.28
N ASP F 278 3.60 -34.13 -12.01
CA ASP F 278 2.52 -34.22 -12.97
C ASP F 278 1.65 -32.97 -12.86
N GLU F 279 1.23 -32.46 -14.03
CA GLU F 279 0.48 -31.21 -14.19
C GLU F 279 1.24 -30.03 -13.57
N LEU F 280 2.38 -29.74 -14.20
CA LEU F 280 3.27 -28.72 -13.65
C LEU F 280 2.88 -27.31 -14.03
N HIS F 281 1.69 -27.08 -14.58
CA HIS F 281 1.30 -25.70 -14.81
C HIS F 281 0.85 -25.00 -13.53
N THR F 282 0.79 -25.69 -12.41
CA THR F 282 0.54 -25.09 -11.11
C THR F 282 1.81 -24.66 -10.41
N ILE F 283 2.97 -24.88 -11.01
CA ILE F 283 4.24 -24.64 -10.32
C ILE F 283 4.59 -23.15 -10.28
N VAL F 284 3.90 -22.33 -11.06
CA VAL F 284 4.17 -20.89 -11.05
C VAL F 284 3.67 -20.25 -9.75
N GLY F 285 2.48 -20.63 -9.30
CA GLY F 285 1.86 -19.95 -8.18
C GLY F 285 2.34 -20.39 -6.81
N MET F 299 12.65 -20.16 -6.50
CA MET F 299 13.88 -20.70 -5.94
C MET F 299 14.28 -22.02 -6.57
N ILE F 300 13.41 -22.62 -7.37
CA ILE F 300 13.76 -23.81 -8.12
C ILE F 300 14.43 -23.45 -9.44
N LYS F 301 14.42 -22.17 -9.82
CA LYS F 301 14.98 -21.75 -11.10
C LYS F 301 16.49 -21.97 -11.25
N PRO F 302 17.37 -21.69 -10.28
CA PRO F 302 18.79 -22.02 -10.51
C PRO F 302 19.07 -23.51 -10.51
N MET F 303 18.25 -24.30 -9.82
CA MET F 303 18.52 -25.73 -9.75
C MET F 303 18.21 -26.43 -11.06
N LEU F 304 17.31 -25.88 -11.85
CA LEU F 304 16.90 -26.53 -13.10
C LEU F 304 18.00 -26.46 -14.15
N ALA F 305 18.60 -25.28 -14.30
CA ALA F 305 19.53 -25.07 -15.40
C ALA F 305 20.89 -25.69 -15.16
N ARG F 306 21.27 -25.91 -13.90
CA ARG F 306 22.55 -26.54 -13.62
C ARG F 306 22.54 -28.02 -14.00
N GLY F 307 21.42 -28.69 -13.80
CA GLY F 307 21.24 -30.05 -14.25
C GLY F 307 21.15 -31.09 -13.16
N GLU F 308 20.84 -30.71 -11.93
CA GLU F 308 20.87 -31.68 -10.83
C GLU F 308 19.59 -32.50 -10.79
N LEU F 309 18.45 -31.85 -10.59
CA LEU F 309 17.19 -32.56 -10.38
C LEU F 309 16.56 -32.87 -11.73
N ARG F 310 16.33 -34.14 -11.99
CA ARG F 310 15.70 -34.57 -13.22
C ARG F 310 14.19 -34.50 -13.05
N LEU F 311 13.51 -33.89 -14.01
CA LEU F 311 12.11 -33.55 -13.86
C LEU F 311 11.35 -33.94 -15.12
N VAL F 312 10.27 -34.71 -14.95
CA VAL F 312 9.42 -35.13 -16.05
C VAL F 312 8.02 -34.62 -15.77
N GLY F 313 7.37 -34.04 -16.77
CA GLY F 313 6.07 -33.43 -16.58
C GLY F 313 5.08 -33.83 -17.64
N ALA F 314 3.88 -33.26 -17.53
CA ALA F 314 2.80 -33.54 -18.47
C ALA F 314 1.79 -32.43 -18.38
N THR F 315 1.64 -31.66 -19.45
CA THR F 315 0.63 -30.60 -19.50
C THR F 315 -0.32 -30.87 -20.66
N THR F 316 -1.47 -30.25 -20.60
CA THR F 316 -2.27 -30.16 -21.80
C THR F 316 -1.65 -29.10 -22.70
N LEU F 317 -2.04 -29.12 -23.96
CA LEU F 317 -1.42 -28.22 -24.93
C LEU F 317 -1.89 -26.79 -24.75
N ASP F 318 -3.05 -26.58 -24.13
CA ASP F 318 -3.65 -25.27 -24.06
C ASP F 318 -3.69 -24.66 -22.66
N GLU F 319 -3.27 -25.41 -21.64
CA GLU F 319 -2.94 -24.76 -20.37
C GLU F 319 -1.50 -24.31 -20.35
N TYR F 320 -0.68 -24.91 -21.22
CA TYR F 320 0.72 -24.58 -21.34
C TYR F 320 0.92 -23.13 -21.77
N ARG F 321 0.27 -22.75 -22.85
CA ARG F 321 0.43 -21.40 -23.39
C ARG F 321 -0.26 -20.34 -22.53
N LYS F 322 -1.05 -20.73 -21.55
CA LYS F 322 -1.65 -19.76 -20.64
C LYS F 322 -0.86 -19.61 -19.35
N HIS F 323 -0.30 -20.68 -18.81
CA HIS F 323 0.37 -20.55 -17.52
C HIS F 323 1.88 -20.50 -17.61
N ILE F 324 2.52 -21.10 -18.60
CA ILE F 324 3.97 -21.24 -18.63
C ILE F 324 4.60 -20.29 -19.64
N GLU F 325 4.05 -20.22 -20.86
CA GLU F 325 4.57 -19.35 -21.90
C GLU F 325 4.41 -17.86 -21.59
N LYS F 326 3.64 -17.51 -20.57
CA LYS F 326 3.59 -16.16 -20.03
C LYS F 326 4.88 -15.80 -19.28
N ASP F 327 5.68 -16.80 -18.89
CA ASP F 327 6.77 -16.66 -17.94
C ASP F 327 8.07 -17.16 -18.56
N ALA F 328 8.43 -16.57 -19.71
CA ALA F 328 9.45 -17.06 -20.65
C ALA F 328 10.84 -17.30 -20.06
N ALA F 329 11.12 -16.88 -18.82
CA ALA F 329 12.36 -17.27 -18.20
C ALA F 329 12.36 -18.75 -17.85
N LEU F 330 11.21 -19.30 -17.47
CA LEU F 330 11.14 -20.71 -17.09
C LEU F 330 11.23 -21.61 -18.31
N GLU F 331 10.42 -21.35 -19.34
CA GLU F 331 10.19 -22.28 -20.42
C GLU F 331 11.40 -22.48 -21.32
N ARG F 332 12.48 -21.71 -21.12
CA ARG F 332 13.69 -21.97 -21.85
C ARG F 332 14.40 -23.21 -21.32
N ARG F 333 14.14 -23.56 -20.06
CA ARG F 333 14.79 -24.70 -19.43
C ARG F 333 14.04 -26.03 -19.57
N PHE F 334 13.28 -26.19 -20.64
CA PHE F 334 12.56 -27.44 -20.84
C PHE F 334 12.81 -27.96 -22.24
N GLN F 335 12.24 -29.12 -22.53
CA GLN F 335 12.32 -29.75 -23.86
C GLN F 335 10.94 -30.27 -24.20
N GLN F 336 10.28 -29.63 -25.16
CA GLN F 336 8.92 -30.00 -25.51
C GLN F 336 8.94 -31.30 -26.32
N VAL F 337 8.28 -32.32 -25.81
CA VAL F 337 8.16 -33.61 -26.48
C VAL F 337 6.70 -33.76 -26.88
N TYR F 338 6.40 -33.52 -28.14
CA TYR F 338 5.03 -33.56 -28.60
C TYR F 338 4.56 -35.01 -28.67
N VAL F 339 3.31 -35.24 -28.31
CA VAL F 339 2.69 -36.55 -28.42
C VAL F 339 1.39 -36.39 -29.18
N GLY F 340 1.27 -37.10 -30.30
CA GLY F 340 0.07 -37.05 -31.12
C GLY F 340 -1.19 -37.35 -30.35
N GLU F 341 -1.89 -38.43 -30.73
CA GLU F 341 -3.11 -38.81 -30.04
C GLU F 341 -3.74 -40.12 -30.53
N PRO F 342 -4.47 -40.06 -31.63
CA PRO F 342 -5.60 -40.96 -31.88
C PRO F 342 -5.20 -42.38 -32.27
N SER F 343 -6.20 -43.27 -32.32
CA SER F 343 -5.99 -44.67 -32.68
C SER F 343 -7.10 -45.55 -32.10
N VAL F 344 -7.54 -46.53 -32.87
CA VAL F 344 -8.60 -47.44 -32.42
C VAL F 344 -8.04 -48.82 -32.14
N GLU F 345 -7.04 -49.24 -32.94
CA GLU F 345 -6.55 -50.60 -32.95
C GLU F 345 -5.91 -50.99 -31.62
N ASP F 346 -5.28 -50.04 -30.92
CA ASP F 346 -4.76 -50.34 -29.60
C ASP F 346 -5.83 -50.20 -28.52
N THR F 347 -6.83 -49.35 -28.76
CA THR F 347 -7.89 -49.14 -27.77
C THR F 347 -8.76 -50.38 -27.66
N ILE F 348 -8.91 -51.14 -28.75
CA ILE F 348 -9.63 -52.41 -28.69
C ILE F 348 -8.91 -53.39 -27.77
N GLY F 349 -7.57 -53.37 -27.80
CA GLY F 349 -6.81 -54.20 -26.89
C GLY F 349 -6.90 -53.74 -25.45
N ILE F 350 -6.92 -52.43 -25.24
CA ILE F 350 -7.07 -51.88 -23.89
C ILE F 350 -8.42 -52.25 -23.30
N LEU F 351 -9.47 -52.15 -24.11
CA LEU F 351 -10.81 -52.50 -23.65
C LEU F 351 -10.97 -53.98 -23.42
N ARG F 352 -10.30 -54.83 -24.21
CA ARG F 352 -10.30 -56.25 -23.90
C ARG F 352 -9.51 -56.55 -22.64
N GLY F 353 -8.54 -55.71 -22.31
CA GLY F 353 -7.80 -55.93 -21.08
C GLY F 353 -8.60 -55.57 -19.84
N LEU F 354 -9.25 -54.42 -19.85
CA LEU F 354 -9.93 -53.92 -18.66
C LEU F 354 -11.36 -54.40 -18.56
N LYS F 355 -11.73 -55.45 -19.29
CA LYS F 355 -13.10 -55.93 -19.28
C LYS F 355 -13.48 -56.56 -17.96
N ASP F 356 -12.52 -57.22 -17.30
CA ASP F 356 -12.83 -58.00 -16.12
C ASP F 356 -13.10 -57.15 -14.89
N ARG F 357 -12.60 -55.92 -14.86
CA ARG F 357 -12.69 -55.14 -13.62
C ARG F 357 -14.10 -54.60 -13.39
N TYR F 358 -14.82 -54.26 -14.46
CA TYR F 358 -16.16 -53.71 -14.29
C TYR F 358 -17.20 -54.79 -14.13
N GLU F 359 -16.90 -56.01 -14.59
CA GLU F 359 -17.79 -57.14 -14.38
C GLU F 359 -17.86 -57.57 -12.92
N VAL F 360 -16.88 -57.17 -12.12
CA VAL F 360 -16.84 -57.56 -10.71
C VAL F 360 -17.52 -56.51 -9.84
N HIS F 361 -17.29 -55.23 -10.14
CA HIS F 361 -17.93 -54.17 -9.37
C HIS F 361 -19.43 -54.11 -9.64
N HIS F 362 -19.81 -54.06 -10.91
CA HIS F 362 -21.19 -54.26 -11.31
C HIS F 362 -21.33 -55.71 -11.71
N GLY F 363 -22.17 -56.45 -10.99
CA GLY F 363 -22.28 -57.88 -11.23
C GLY F 363 -23.01 -58.24 -12.51
N VAL F 364 -22.39 -57.91 -13.66
CA VAL F 364 -22.97 -58.16 -14.97
C VAL F 364 -21.86 -58.65 -15.89
N ARG F 365 -22.26 -59.37 -16.93
CA ARG F 365 -21.32 -59.82 -17.94
C ARG F 365 -21.29 -58.85 -19.10
N ILE F 366 -20.11 -58.71 -19.72
CA ILE F 366 -19.92 -57.81 -20.85
C ILE F 366 -19.46 -58.64 -22.04
N THR F 367 -20.12 -58.48 -23.17
CA THR F 367 -19.86 -59.25 -24.37
C THR F 367 -18.88 -58.49 -25.26
N ASP F 368 -17.87 -59.21 -25.75
CA ASP F 368 -16.84 -58.65 -26.63
C ASP F 368 -17.38 -58.25 -28.00
N SER F 369 -18.60 -58.66 -28.35
CA SER F 369 -19.22 -58.13 -29.56
C SER F 369 -19.53 -56.65 -29.42
N ALA F 370 -20.00 -56.24 -28.24
CA ALA F 370 -20.27 -54.83 -27.98
C ALA F 370 -19.00 -54.05 -27.75
N LEU F 371 -17.91 -54.72 -27.41
CA LEU F 371 -16.69 -54.04 -27.04
C LEU F 371 -15.95 -53.51 -28.25
N VAL F 372 -16.25 -54.04 -29.44
CA VAL F 372 -15.76 -53.43 -30.67
C VAL F 372 -16.54 -52.16 -30.98
N ALA F 373 -17.86 -52.20 -30.80
CA ALA F 373 -18.71 -51.07 -31.18
C ALA F 373 -18.52 -49.89 -30.24
N ALA F 374 -18.26 -50.15 -28.95
CA ALA F 374 -18.08 -49.07 -27.99
C ALA F 374 -16.82 -48.26 -28.23
N ALA F 375 -15.89 -48.74 -29.05
CA ALA F 375 -14.76 -47.94 -29.48
C ALA F 375 -14.88 -47.46 -30.92
N THR F 376 -15.54 -48.22 -31.80
CA THR F 376 -15.72 -47.77 -33.17
C THR F 376 -16.68 -46.60 -33.24
N LEU F 377 -17.86 -46.76 -32.65
CA LEU F 377 -18.92 -45.78 -32.69
C LEU F 377 -18.63 -44.54 -31.84
N SER F 378 -17.63 -44.60 -30.97
CA SER F 378 -17.28 -43.45 -30.14
C SER F 378 -16.21 -42.59 -30.77
N ASP F 379 -16.14 -42.56 -32.10
CA ASP F 379 -15.13 -41.74 -32.75
C ASP F 379 -15.79 -40.84 -33.76
N ARG F 380 -16.86 -41.33 -34.39
CA ARG F 380 -17.58 -40.51 -35.35
C ARG F 380 -18.68 -39.69 -34.71
N TYR F 381 -18.97 -39.87 -33.43
CA TYR F 381 -20.04 -39.15 -32.77
C TYR F 381 -19.54 -38.22 -31.68
N ILE F 382 -18.76 -38.72 -30.72
CA ILE F 382 -18.30 -37.89 -29.61
C ILE F 382 -16.92 -37.37 -29.99
N THR F 383 -16.86 -36.12 -30.44
CA THR F 383 -15.63 -35.52 -30.92
C THR F 383 -15.35 -34.26 -30.14
N ALA F 384 -15.41 -34.35 -28.81
CA ALA F 384 -14.98 -33.27 -27.96
C ALA F 384 -13.85 -33.64 -27.01
N ARG F 385 -13.84 -34.84 -26.45
CA ARG F 385 -12.78 -35.30 -25.59
C ARG F 385 -11.74 -36.05 -26.41
N PHE F 386 -10.71 -36.52 -25.74
CA PHE F 386 -9.72 -37.37 -26.40
C PHE F 386 -10.02 -38.83 -26.16
N LEU F 387 -9.12 -39.70 -26.55
CA LEU F 387 -9.32 -41.16 -26.66
C LEU F 387 -8.94 -41.77 -25.30
N PRO F 388 -8.49 -43.04 -25.19
CA PRO F 388 -9.20 -44.08 -24.41
C PRO F 388 -10.15 -43.75 -23.27
N ASP F 389 -10.01 -42.70 -22.48
CA ASP F 389 -10.95 -42.50 -21.38
C ASP F 389 -12.38 -42.25 -21.82
N LYS F 390 -12.57 -41.70 -23.02
CA LYS F 390 -13.91 -41.51 -23.56
C LYS F 390 -14.57 -42.83 -23.91
N ALA F 391 -13.81 -43.84 -24.31
CA ALA F 391 -14.38 -45.13 -24.64
C ALA F 391 -14.43 -46.08 -23.45
N ILE F 392 -14.47 -45.56 -22.24
CA ILE F 392 -14.62 -46.38 -21.04
C ILE F 392 -15.88 -45.91 -20.32
N ASP F 393 -16.20 -44.62 -20.50
CA ASP F 393 -17.42 -44.08 -19.92
C ASP F 393 -18.67 -44.70 -20.53
N LEU F 394 -18.60 -45.12 -21.79
CA LEU F 394 -19.75 -45.75 -22.43
C LEU F 394 -20.03 -47.13 -21.83
N VAL F 395 -18.98 -47.93 -21.64
CA VAL F 395 -19.12 -49.24 -21.02
C VAL F 395 -19.60 -49.11 -19.59
N ASP F 396 -19.09 -48.11 -18.87
CA ASP F 396 -19.47 -47.88 -17.48
C ASP F 396 -20.94 -47.47 -17.36
N GLU F 397 -21.37 -46.50 -18.17
CA GLU F 397 -22.76 -46.04 -18.05
C GLU F 397 -23.73 -47.05 -18.61
N ALA F 398 -23.31 -47.88 -19.56
CA ALA F 398 -24.18 -48.95 -20.05
C ALA F 398 -24.37 -50.02 -18.98
N ALA F 399 -23.30 -50.38 -18.26
CA ALA F 399 -23.43 -51.33 -17.16
C ALA F 399 -24.31 -50.77 -16.06
N SER F 400 -24.23 -49.45 -15.80
CA SER F 400 -25.08 -48.85 -14.77
C SER F 400 -26.56 -48.86 -15.17
N ARG F 401 -26.86 -48.53 -16.43
CA ARG F 401 -28.23 -48.59 -16.91
C ARG F 401 -28.77 -50.01 -16.88
N LEU F 402 -27.91 -51.00 -17.14
CA LEU F 402 -28.37 -52.38 -17.10
C LEU F 402 -28.63 -52.83 -15.66
N ARG F 403 -27.81 -52.38 -14.71
CA ARG F 403 -28.10 -52.64 -13.30
C ARG F 403 -29.42 -51.99 -12.87
N MET F 404 -29.71 -50.80 -13.40
CA MET F 404 -31.00 -50.16 -13.13
C MET F 404 -32.16 -50.98 -13.67
N GLU F 405 -32.00 -51.54 -14.88
CA GLU F 405 -33.08 -52.36 -15.41
C GLU F 405 -33.20 -53.72 -14.73
N ILE F 406 -32.10 -54.26 -14.19
CA ILE F 406 -32.16 -55.51 -13.44
C ILE F 406 -32.51 -55.25 -11.97
N ASP F 407 -32.72 -53.99 -11.60
CA ASP F 407 -33.32 -53.69 -10.30
C ASP F 407 -34.82 -54.03 -10.31
N LYS F 530 -30.76 -60.02 -21.87
CA LYS F 530 -30.71 -58.78 -21.11
C LYS F 530 -29.86 -58.96 -19.85
N GLU F 531 -29.38 -60.17 -19.62
CA GLU F 531 -28.48 -60.41 -18.50
C GLU F 531 -27.05 -59.99 -18.80
N GLU F 532 -26.78 -59.51 -20.01
CA GLU F 532 -25.48 -58.95 -20.36
C GLU F 532 -25.70 -57.73 -21.23
N VAL F 533 -24.69 -56.87 -21.30
CA VAL F 533 -24.78 -55.73 -22.20
C VAL F 533 -24.52 -56.19 -23.63
N GLY F 534 -24.90 -55.34 -24.58
CA GLY F 534 -24.76 -55.66 -25.97
C GLY F 534 -24.63 -54.40 -26.81
N PRO F 535 -24.60 -54.56 -28.14
CA PRO F 535 -24.36 -53.40 -29.01
C PRO F 535 -25.51 -52.41 -29.09
N ASP F 536 -26.66 -52.71 -28.51
CA ASP F 536 -27.78 -51.80 -28.53
C ASP F 536 -27.72 -50.74 -27.42
N ASP F 537 -27.33 -51.14 -26.21
CA ASP F 537 -27.35 -50.20 -25.10
C ASP F 537 -26.22 -49.17 -25.21
N ILE F 538 -25.14 -49.53 -25.90
CA ILE F 538 -24.10 -48.56 -26.23
C ILE F 538 -24.68 -47.45 -27.10
N ALA F 539 -25.48 -47.83 -28.09
CA ALA F 539 -26.17 -46.86 -28.93
C ALA F 539 -27.21 -46.08 -28.15
N ASP F 540 -27.84 -46.71 -27.16
CA ASP F 540 -28.79 -46.01 -26.30
C ASP F 540 -28.09 -44.91 -25.50
N VAL F 541 -26.90 -45.19 -24.99
CA VAL F 541 -26.15 -44.19 -24.23
C VAL F 541 -25.72 -43.05 -25.14
N VAL F 542 -25.19 -43.38 -26.32
CA VAL F 542 -24.74 -42.31 -27.22
C VAL F 542 -25.90 -41.60 -27.89
N SER F 543 -27.13 -42.10 -27.75
CA SER F 543 -28.28 -41.31 -28.13
C SER F 543 -28.65 -40.34 -27.01
N ALA F 544 -28.87 -40.89 -25.80
CA ALA F 544 -29.41 -40.09 -24.70
C ALA F 544 -28.44 -39.02 -24.24
N TRP F 545 -27.14 -39.28 -24.33
CA TRP F 545 -26.17 -38.21 -24.27
C TRP F 545 -25.87 -37.79 -25.70
N THR F 546 -25.70 -36.49 -25.91
CA THR F 546 -25.46 -35.75 -27.15
C THR F 546 -26.65 -35.72 -28.11
N GLY F 547 -27.72 -36.42 -27.78
CA GLY F 547 -28.90 -36.45 -28.62
C GLY F 547 -28.54 -36.75 -30.07
N ILE F 548 -27.64 -37.71 -30.26
CA ILE F 548 -27.21 -38.10 -31.59
C ILE F 548 -28.17 -39.11 -32.22
N PRO F 549 -28.93 -39.80 -31.38
CA PRO F 549 -29.89 -40.80 -31.86
C PRO F 549 -31.00 -40.17 -32.68
N ALA F 550 -31.41 -38.97 -32.31
CA ALA F 550 -32.47 -38.27 -33.03
C ALA F 550 -32.16 -38.18 -34.52
N GLY F 551 -30.95 -37.75 -34.85
CA GLY F 551 -30.53 -37.62 -36.23
C GLY F 551 -29.89 -38.89 -36.76
N ARG F 552 -30.65 -39.65 -37.55
CA ARG F 552 -30.16 -40.90 -38.13
C ARG F 552 -30.53 -42.09 -37.27
N LEU F 553 -29.90 -42.20 -36.11
CA LEU F 553 -30.16 -43.30 -35.18
C LEU F 553 -29.51 -44.59 -35.66
N LEU F 554 -28.20 -44.53 -35.90
CA LEU F 554 -27.46 -45.69 -36.36
C LEU F 554 -27.65 -45.92 -37.85
N GLU F 555 -27.83 -44.83 -38.59
CA GLU F 555 -28.03 -44.91 -40.04
C GLU F 555 -26.70 -44.99 -40.77
N GLY F 556 -26.31 -46.20 -41.15
CA GLY F 556 -25.07 -46.42 -41.86
C GLY F 556 -24.93 -47.83 -42.38
N GLU F 557 -24.81 -47.97 -43.70
CA GLU F 557 -24.67 -49.28 -44.32
C GLU F 557 -24.93 -49.19 -45.83
N THR F 558 -24.60 -50.28 -46.53
CA THR F 558 -24.80 -50.33 -47.97
C THR F 558 -26.24 -49.99 -48.35
N ALA F 559 -27.18 -50.44 -47.52
CA ALA F 559 -28.59 -50.18 -47.76
C ALA F 559 -28.91 -48.69 -47.79
N LYS F 560 -28.17 -47.88 -47.01
CA LYS F 560 -28.36 -46.43 -47.09
C LYS F 560 -27.78 -45.88 -48.39
N LEU F 561 -26.50 -46.13 -48.64
CA LEU F 561 -25.80 -45.56 -49.78
C LEU F 561 -26.28 -46.09 -51.11
N LEU F 562 -27.04 -47.18 -51.12
CA LEU F 562 -27.73 -47.59 -52.34
C LEU F 562 -28.82 -46.59 -52.70
N ARG F 563 -29.51 -46.04 -51.72
CA ARG F 563 -30.58 -45.08 -51.93
C ARG F 563 -30.13 -43.70 -51.42
N MET F 564 -29.44 -42.96 -52.28
CA MET F 564 -28.97 -41.65 -51.85
C MET F 564 -29.35 -40.61 -52.89
N GLU F 565 -29.44 -41.01 -54.15
CA GLU F 565 -30.00 -40.12 -55.17
C GLU F 565 -31.50 -39.92 -54.96
N ASP F 566 -32.18 -40.87 -54.31
CA ASP F 566 -33.61 -40.78 -54.07
C ASP F 566 -33.96 -40.42 -52.63
N GLU F 567 -33.08 -40.69 -51.66
CA GLU F 567 -33.35 -40.26 -50.30
C GLU F 567 -33.18 -38.76 -50.16
N LEU F 568 -32.25 -38.19 -50.91
CA LEU F 568 -31.99 -36.76 -50.81
C LEU F 568 -33.07 -35.95 -51.48
N GLY F 569 -33.89 -36.57 -52.33
CA GLY F 569 -34.94 -35.89 -53.04
C GLY F 569 -36.13 -35.48 -52.19
N LYS F 570 -36.17 -35.88 -50.92
CA LYS F 570 -37.26 -35.48 -50.04
C LYS F 570 -37.13 -34.04 -49.57
N ARG F 571 -36.00 -33.40 -49.82
CA ARG F 571 -35.80 -32.01 -49.43
C ARG F 571 -35.33 -31.14 -50.58
N VAL F 572 -34.75 -31.71 -51.62
CA VAL F 572 -34.40 -30.97 -52.83
C VAL F 572 -35.14 -31.59 -54.00
N ILE F 573 -35.88 -30.76 -54.74
CA ILE F 573 -36.68 -31.22 -55.87
C ILE F 573 -35.96 -30.83 -57.16
N GLY F 574 -35.89 -31.77 -58.10
CA GLY F 574 -35.26 -31.49 -59.37
C GLY F 574 -33.75 -31.48 -59.22
N GLN F 575 -33.10 -30.70 -60.08
CA GLN F 575 -31.64 -30.50 -60.10
C GLN F 575 -30.91 -31.83 -60.26
N LYS F 576 -31.49 -32.72 -61.07
CA LYS F 576 -31.17 -34.14 -61.02
C LYS F 576 -29.77 -34.43 -61.51
N ALA F 577 -29.29 -33.65 -62.47
CA ALA F 577 -27.94 -33.85 -62.98
C ALA F 577 -26.85 -33.33 -62.05
N ALA F 578 -27.23 -32.64 -60.97
CA ALA F 578 -26.26 -32.14 -60.01
C ALA F 578 -26.54 -32.71 -58.62
N VAL F 579 -27.33 -33.78 -58.56
CA VAL F 579 -27.33 -34.67 -57.41
C VAL F 579 -26.67 -35.99 -57.75
N THR F 580 -26.69 -36.42 -59.02
CA THR F 580 -26.00 -37.62 -59.43
C THR F 580 -24.48 -37.46 -59.49
N ALA F 581 -23.97 -36.26 -59.27
CA ALA F 581 -22.53 -36.07 -59.11
C ALA F 581 -22.12 -35.88 -57.67
N VAL F 582 -22.95 -35.21 -56.86
CA VAL F 582 -22.67 -35.10 -55.43
C VAL F 582 -22.85 -36.44 -54.75
N SER F 583 -23.80 -37.24 -55.24
CA SER F 583 -24.06 -38.59 -54.78
C SER F 583 -23.05 -39.59 -55.30
N ASP F 584 -21.98 -39.14 -55.94
CA ASP F 584 -20.97 -40.02 -56.48
C ASP F 584 -19.62 -39.85 -55.80
N ALA F 585 -19.30 -38.66 -55.32
CA ALA F 585 -18.09 -38.49 -54.54
C ALA F 585 -18.22 -39.05 -53.13
N VAL F 586 -19.41 -39.46 -52.73
CA VAL F 586 -19.59 -40.15 -51.46
C VAL F 586 -19.50 -41.65 -51.65
N ARG F 587 -20.05 -42.17 -52.74
CA ARG F 587 -20.00 -43.61 -52.96
C ARG F 587 -18.61 -44.06 -53.38
N ARG F 588 -17.90 -43.27 -54.17
CA ARG F 588 -16.56 -43.69 -54.54
C ARG F 588 -15.55 -43.48 -53.43
N SER F 589 -15.88 -42.70 -52.42
CA SER F 589 -14.99 -42.55 -51.28
C SER F 589 -15.26 -43.57 -50.19
N ARG F 590 -16.43 -44.20 -50.20
CA ARG F 590 -16.70 -45.32 -49.31
C ARG F 590 -16.44 -46.67 -49.94
N ALA F 591 -16.07 -46.73 -51.22
CA ALA F 591 -15.65 -47.99 -51.81
C ALA F 591 -14.15 -48.19 -51.74
N GLY F 592 -13.38 -47.11 -51.63
CA GLY F 592 -11.94 -47.24 -51.55
C GLY F 592 -11.24 -46.99 -52.86
N VAL F 593 -11.86 -46.27 -53.78
CA VAL F 593 -11.26 -45.98 -55.08
C VAL F 593 -10.68 -44.57 -55.10
N SER F 594 -10.94 -43.77 -54.06
CA SER F 594 -10.58 -42.37 -54.04
C SER F 594 -9.07 -42.17 -54.01
N ASP F 595 -8.66 -40.99 -54.43
CA ASP F 595 -7.24 -40.64 -54.46
C ASP F 595 -6.79 -40.30 -53.06
N PRO F 596 -5.82 -41.02 -52.49
CA PRO F 596 -5.54 -40.91 -51.05
C PRO F 596 -4.84 -39.62 -50.64
N ASN F 597 -4.45 -38.75 -51.57
CA ASN F 597 -3.98 -37.42 -51.23
C ASN F 597 -4.68 -36.39 -52.13
N ARG F 598 -5.90 -36.06 -51.74
CA ARG F 598 -6.82 -35.11 -52.36
C ARG F 598 -8.03 -35.08 -51.42
N PRO F 599 -8.73 -33.97 -51.29
CA PRO F 599 -10.05 -34.03 -50.65
C PRO F 599 -10.99 -34.92 -51.44
N THR F 600 -11.92 -35.56 -50.73
CA THR F 600 -12.75 -36.58 -51.34
C THR F 600 -13.69 -36.00 -52.38
N GLY F 601 -14.09 -34.75 -52.22
CA GLY F 601 -14.78 -34.05 -53.28
C GLY F 601 -14.67 -32.55 -53.10
N ALA F 602 -14.23 -31.85 -54.13
CA ALA F 602 -14.05 -30.40 -54.08
C ALA F 602 -14.63 -29.82 -55.36
N PHE F 603 -15.92 -29.54 -55.35
CA PHE F 603 -16.63 -29.12 -56.55
C PHE F 603 -17.40 -27.84 -56.29
N MET F 604 -17.58 -27.06 -57.35
CA MET F 604 -18.16 -25.73 -57.26
C MET F 604 -19.42 -25.69 -58.11
N PHE F 605 -20.55 -25.37 -57.49
CA PHE F 605 -21.77 -25.18 -58.25
C PHE F 605 -22.32 -23.77 -58.11
N LEU F 606 -22.85 -23.26 -59.22
CA LEU F 606 -23.29 -21.88 -59.36
C LEU F 606 -24.50 -21.85 -60.28
N GLY F 607 -25.01 -20.65 -60.55
CA GLY F 607 -26.21 -20.49 -61.34
C GLY F 607 -26.96 -19.23 -60.94
N PRO F 608 -28.24 -19.16 -61.25
CA PRO F 608 -29.05 -18.01 -60.84
C PRO F 608 -29.41 -18.12 -59.37
N THR F 609 -30.12 -17.12 -58.86
CA THR F 609 -30.47 -17.11 -57.45
C THR F 609 -31.79 -17.83 -57.22
N GLY F 610 -32.01 -18.19 -55.96
CA GLY F 610 -33.26 -18.80 -55.54
C GLY F 610 -33.51 -20.17 -56.14
N VAL F 611 -32.48 -21.00 -56.21
CA VAL F 611 -32.60 -22.27 -56.90
C VAL F 611 -32.52 -23.46 -55.94
N GLY F 612 -31.71 -23.38 -54.89
CA GLY F 612 -31.55 -24.50 -53.98
C GLY F 612 -30.10 -24.88 -53.81
N LYS F 613 -29.19 -23.93 -54.05
CA LYS F 613 -27.77 -24.24 -54.01
C LYS F 613 -27.17 -24.14 -52.62
N THR F 614 -27.88 -23.54 -51.68
CA THR F 614 -27.49 -23.61 -50.27
C THR F 614 -28.28 -24.67 -49.54
N GLU F 615 -29.52 -24.92 -49.97
CA GLU F 615 -30.33 -25.98 -49.38
C GLU F 615 -29.77 -27.35 -49.68
N LEU F 616 -29.09 -27.52 -50.81
CA LEU F 616 -28.45 -28.80 -51.10
C LEU F 616 -27.26 -29.04 -50.20
N ALA F 617 -26.45 -28.01 -49.97
CA ALA F 617 -25.26 -28.19 -49.16
C ALA F 617 -25.55 -28.28 -47.67
N LYS F 618 -26.80 -28.08 -47.26
CA LYS F 618 -27.22 -28.37 -45.90
C LYS F 618 -28.02 -29.66 -45.81
N ALA F 619 -28.36 -30.27 -46.94
CA ALA F 619 -29.10 -31.51 -46.95
C ALA F 619 -28.21 -32.73 -47.06
N LEU F 620 -27.02 -32.59 -47.62
CA LEU F 620 -26.05 -33.68 -47.64
C LEU F 620 -25.17 -33.64 -46.41
N ALA F 621 -25.34 -32.64 -45.56
CA ALA F 621 -24.80 -32.64 -44.21
C ALA F 621 -25.83 -33.08 -43.20
N ASP F 622 -26.89 -33.74 -43.63
CA ASP F 622 -27.97 -34.12 -42.75
C ASP F 622 -27.97 -35.60 -42.43
N PHE F 623 -27.71 -36.46 -43.40
CA PHE F 623 -27.66 -37.88 -43.08
C PHE F 623 -26.25 -38.37 -42.80
N LEU F 624 -25.23 -37.56 -43.09
CA LEU F 624 -23.89 -37.94 -42.68
C LEU F 624 -23.67 -37.69 -41.19
N PHE F 625 -24.36 -36.71 -40.62
CA PHE F 625 -24.10 -36.27 -39.26
C PHE F 625 -25.27 -36.37 -38.32
N ASP F 626 -26.48 -36.69 -38.82
CA ASP F 626 -27.75 -36.73 -38.12
C ASP F 626 -28.19 -35.38 -37.55
N ASP F 627 -27.49 -34.29 -37.90
CA ASP F 627 -27.84 -32.93 -37.49
C ASP F 627 -27.69 -32.02 -38.70
N GLU F 628 -27.72 -30.71 -38.49
CA GLU F 628 -27.48 -29.78 -39.58
C GLU F 628 -26.64 -28.58 -39.17
N ARG F 629 -26.08 -28.61 -37.96
CA ARG F 629 -25.30 -27.50 -37.44
C ARG F 629 -23.87 -27.89 -37.14
N ALA F 630 -23.46 -29.11 -37.46
CA ALA F 630 -22.10 -29.58 -37.19
C ALA F 630 -21.18 -29.38 -38.39
N MET F 631 -21.41 -28.37 -39.21
CA MET F 631 -20.57 -28.12 -40.36
C MET F 631 -19.85 -26.80 -40.20
N VAL F 632 -18.71 -26.69 -40.89
CA VAL F 632 -17.89 -25.48 -40.84
C VAL F 632 -18.46 -24.52 -41.86
N ARG F 633 -19.27 -23.58 -41.39
CA ARG F 633 -19.92 -22.61 -42.27
C ARG F 633 -19.23 -21.28 -42.08
N ILE F 634 -18.26 -21.00 -42.94
CA ILE F 634 -17.65 -19.68 -42.98
C ILE F 634 -18.24 -18.97 -44.17
N ASP F 635 -18.22 -17.65 -44.13
CA ASP F 635 -18.83 -16.83 -45.16
C ASP F 635 -17.78 -15.86 -45.67
N MET F 636 -17.39 -16.01 -46.93
CA MET F 636 -16.40 -15.14 -47.53
C MET F 636 -17.01 -13.94 -48.20
N SER F 637 -18.15 -13.47 -47.72
CA SER F 637 -18.75 -12.24 -48.21
C SER F 637 -18.20 -11.02 -47.50
N GLU F 638 -17.18 -11.19 -46.66
CA GLU F 638 -16.67 -10.13 -45.83
C GLU F 638 -15.21 -9.82 -46.09
N TYR F 639 -14.56 -10.57 -46.96
CA TYR F 639 -13.11 -10.48 -47.12
C TYR F 639 -12.78 -9.61 -48.33
N GLY F 640 -13.25 -8.36 -48.28
CA GLY F 640 -13.04 -7.47 -49.40
C GLY F 640 -11.62 -6.99 -49.52
N GLU F 641 -10.90 -6.90 -48.41
CA GLU F 641 -9.54 -6.41 -48.40
C GLU F 641 -8.54 -7.53 -48.15
N LYS F 642 -7.27 -7.17 -48.25
CA LYS F 642 -6.18 -8.13 -48.38
C LYS F 642 -5.65 -8.64 -47.06
N HIS F 643 -6.20 -8.19 -45.94
CA HIS F 643 -5.67 -8.57 -44.64
C HIS F 643 -6.71 -9.18 -43.72
N THR F 644 -7.77 -9.76 -44.26
CA THR F 644 -8.63 -10.62 -43.47
C THR F 644 -8.29 -12.08 -43.68
N VAL F 645 -7.13 -12.36 -44.28
CA VAL F 645 -6.57 -13.70 -44.32
C VAL F 645 -6.32 -14.20 -42.90
N ALA F 646 -5.86 -13.32 -42.02
CA ALA F 646 -5.36 -13.71 -40.71
C ALA F 646 -6.44 -14.22 -39.78
N ARG F 647 -7.72 -14.01 -40.07
CA ARG F 647 -8.70 -14.56 -39.16
C ARG F 647 -8.95 -16.04 -39.41
N LEU F 648 -8.45 -16.60 -40.50
CA LEU F 648 -8.61 -18.02 -40.79
C LEU F 648 -7.28 -18.74 -40.91
N ILE F 649 -6.18 -18.09 -40.61
CA ILE F 649 -4.87 -18.70 -40.80
C ILE F 649 -4.02 -18.44 -39.56
N GLY F 662 -6.55 -20.08 -35.96
CA GLY F 662 -7.42 -19.53 -36.96
C GLY F 662 -8.84 -20.05 -36.77
N GLN F 663 -9.76 -19.41 -37.46
CA GLN F 663 -11.15 -19.84 -37.37
C GLN F 663 -11.42 -21.02 -38.30
N LEU F 664 -10.73 -21.10 -39.42
CA LEU F 664 -10.82 -22.28 -40.29
C LEU F 664 -10.02 -23.45 -39.74
N THR F 665 -8.93 -23.16 -39.03
CA THR F 665 -7.98 -24.21 -38.71
C THR F 665 -8.39 -25.00 -37.48
N GLU F 666 -8.71 -24.31 -36.39
CA GLU F 666 -8.99 -24.99 -35.13
C GLU F 666 -10.45 -25.41 -35.01
N ALA F 667 -11.17 -25.53 -36.12
CA ALA F 667 -12.45 -26.21 -36.14
C ALA F 667 -12.40 -27.50 -36.92
N VAL F 668 -11.28 -27.81 -37.56
CA VAL F 668 -11.10 -29.07 -38.28
C VAL F 668 -10.27 -30.05 -37.47
N ARG F 669 -9.22 -29.56 -36.81
CA ARG F 669 -8.25 -30.39 -36.10
C ARG F 669 -8.88 -31.17 -34.94
N ARG F 670 -10.05 -30.76 -34.50
CA ARG F 670 -10.77 -31.48 -33.44
C ARG F 670 -11.46 -32.70 -34.02
N ARG F 671 -12.32 -32.51 -35.02
CA ARG F 671 -13.00 -33.60 -35.71
C ARG F 671 -12.78 -33.42 -37.20
N PRO F 672 -11.88 -34.18 -37.80
CA PRO F 672 -11.47 -33.93 -39.20
C PRO F 672 -12.38 -34.57 -40.23
N TYR F 673 -13.68 -34.35 -40.10
CA TYR F 673 -14.61 -34.99 -41.03
C TYR F 673 -15.73 -34.05 -41.49
N THR F 674 -15.79 -32.83 -40.99
CA THR F 674 -16.92 -31.95 -41.29
C THR F 674 -16.87 -31.42 -42.71
N VAL F 675 -18.03 -31.29 -43.32
CA VAL F 675 -18.18 -30.61 -44.61
C VAL F 675 -18.03 -29.11 -44.42
N VAL F 676 -17.42 -28.44 -45.40
CA VAL F 676 -17.07 -27.02 -45.29
C VAL F 676 -17.80 -26.25 -46.38
N LEU F 677 -18.48 -25.17 -46.00
CA LEU F 677 -19.07 -24.25 -46.96
C LEU F 677 -18.13 -23.10 -47.29
N PHE F 678 -18.43 -22.41 -48.39
CA PHE F 678 -17.78 -21.15 -48.75
C PHE F 678 -18.83 -20.34 -49.52
N ASP F 679 -19.50 -19.43 -48.83
CA ASP F 679 -20.65 -18.76 -49.42
C ASP F 679 -20.23 -17.45 -50.08
N GLU F 680 -20.63 -17.28 -51.35
CA GLU F 680 -20.40 -16.08 -52.15
C GLU F 680 -18.92 -15.73 -52.25
N ILE F 681 -18.20 -16.60 -52.97
CA ILE F 681 -16.76 -16.45 -53.12
C ILE F 681 -16.38 -15.36 -54.12
N GLU F 682 -17.35 -14.72 -54.76
CA GLU F 682 -17.08 -13.65 -55.70
C GLU F 682 -16.48 -12.43 -55.02
N LYS F 683 -17.00 -12.07 -53.84
CA LYS F 683 -16.67 -10.82 -53.19
C LYS F 683 -15.30 -10.82 -52.53
N ALA F 684 -14.66 -11.97 -52.42
CA ALA F 684 -13.33 -12.00 -51.85
C ALA F 684 -12.34 -11.39 -52.83
N HIS F 685 -11.41 -10.61 -52.30
CA HIS F 685 -10.31 -10.11 -53.10
C HIS F 685 -9.45 -11.28 -53.55
N PRO F 686 -8.91 -11.24 -54.78
CA PRO F 686 -8.07 -12.36 -55.24
C PRO F 686 -6.73 -12.49 -54.53
N ASP F 687 -6.79 -12.71 -53.21
CA ASP F 687 -5.65 -13.02 -52.36
C ASP F 687 -6.09 -14.19 -51.48
N VAL F 688 -7.39 -14.26 -51.24
CA VAL F 688 -7.95 -15.36 -50.46
C VAL F 688 -7.93 -16.65 -51.28
N PHE F 689 -8.00 -16.52 -52.60
CA PHE F 689 -7.88 -17.67 -53.50
C PHE F 689 -6.48 -18.26 -53.40
N ASP F 690 -5.48 -17.44 -53.12
CA ASP F 690 -4.12 -17.92 -52.98
C ASP F 690 -3.96 -18.77 -51.73
N VAL F 691 -4.64 -18.40 -50.65
CA VAL F 691 -4.69 -19.26 -49.47
C VAL F 691 -5.40 -20.55 -49.79
N LEU F 692 -6.47 -20.46 -50.57
CA LEU F 692 -7.28 -21.62 -50.90
C LEU F 692 -6.60 -22.57 -51.88
N LEU F 693 -5.47 -22.17 -52.46
CA LEU F 693 -4.89 -22.89 -53.58
C LEU F 693 -4.17 -24.16 -53.14
N GLN F 694 -3.58 -24.19 -51.94
CA GLN F 694 -2.96 -25.40 -51.44
C GLN F 694 -3.89 -26.22 -50.56
N VAL F 695 -5.06 -25.67 -50.22
CA VAL F 695 -6.13 -26.49 -49.67
C VAL F 695 -6.50 -27.58 -50.66
N LEU F 696 -6.76 -27.18 -51.90
CA LEU F 696 -7.00 -28.12 -52.97
C LEU F 696 -5.68 -28.76 -53.37
N ASP F 697 -5.75 -30.05 -53.74
CA ASP F 697 -4.72 -30.82 -54.42
C ASP F 697 -3.50 -31.14 -53.56
N GLU F 698 -3.45 -30.63 -52.34
CA GLU F 698 -2.50 -31.10 -51.34
C GLU F 698 -3.19 -31.50 -50.06
N GLY F 699 -4.02 -30.63 -49.51
CA GLY F 699 -4.78 -30.93 -48.33
C GLY F 699 -4.24 -30.34 -47.05
N ARG F 700 -3.15 -29.58 -47.09
CA ARG F 700 -2.61 -29.07 -45.84
C ARG F 700 -2.23 -27.62 -45.94
N LEU F 701 -2.38 -26.91 -44.82
CA LEU F 701 -1.97 -25.54 -44.67
C LEU F 701 -1.33 -25.42 -43.29
N THR F 702 -0.82 -24.24 -42.97
CA THR F 702 -0.15 -24.04 -41.67
C THR F 702 -0.80 -22.89 -40.92
N ASP F 703 -0.26 -22.64 -39.73
CA ASP F 703 -0.67 -21.53 -38.89
C ASP F 703 0.55 -21.09 -38.09
N GLY F 704 0.33 -20.31 -37.03
CA GLY F 704 1.45 -19.78 -36.28
C GLY F 704 2.19 -20.83 -35.48
N HIS F 705 1.46 -21.80 -34.94
CA HIS F 705 2.06 -22.81 -34.08
C HIS F 705 2.90 -23.82 -34.85
N GLY F 706 2.77 -23.89 -36.17
CA GLY F 706 3.61 -24.75 -36.97
C GLY F 706 3.08 -26.15 -37.19
N ARG F 707 1.77 -26.34 -37.25
CA ARG F 707 1.18 -27.65 -37.49
C ARG F 707 0.49 -27.65 -38.85
N THR F 708 0.58 -28.78 -39.54
CA THR F 708 0.03 -28.90 -40.89
C THR F 708 -1.27 -29.69 -40.83
N VAL F 709 -2.38 -28.96 -40.78
CA VAL F 709 -3.68 -29.58 -40.64
C VAL F 709 -4.14 -30.17 -41.97
N ASP F 710 -4.55 -31.44 -41.95
CA ASP F 710 -4.78 -32.22 -43.16
C ASP F 710 -6.26 -32.19 -43.55
N PHE F 711 -6.54 -31.65 -44.73
CA PHE F 711 -7.87 -31.69 -45.31
C PHE F 711 -7.99 -32.84 -46.30
N ARG F 712 -7.72 -34.05 -45.87
CA ARG F 712 -7.66 -35.10 -46.87
C ARG F 712 -8.97 -35.83 -47.04
N ASN F 713 -9.93 -35.63 -46.13
CA ASN F 713 -11.16 -36.40 -46.21
C ASN F 713 -12.38 -35.58 -45.82
N THR F 714 -12.39 -34.30 -46.14
CA THR F 714 -13.57 -33.46 -46.03
C THR F 714 -14.10 -33.12 -47.42
N ILE F 715 -15.35 -32.69 -47.47
CA ILE F 715 -16.03 -32.42 -48.72
C ILE F 715 -16.16 -30.91 -48.85
N LEU F 716 -15.29 -30.28 -49.62
CA LEU F 716 -15.38 -28.85 -49.83
C LEU F 716 -16.50 -28.53 -50.80
N ILE F 717 -17.18 -27.41 -50.56
CA ILE F 717 -18.34 -26.97 -51.34
C ILE F 717 -18.25 -25.48 -51.54
N LEU F 718 -18.35 -25.04 -52.80
CA LEU F 718 -18.21 -23.64 -53.17
C LEU F 718 -19.50 -23.18 -53.84
N THR F 719 -20.02 -22.03 -53.42
CA THR F 719 -21.21 -21.47 -54.03
C THR F 719 -20.87 -20.16 -54.73
N SER F 720 -21.71 -19.77 -55.67
CA SER F 720 -21.51 -18.55 -56.45
C SER F 720 -22.83 -18.14 -57.10
N ASN F 721 -22.83 -16.97 -57.71
CA ASN F 721 -23.97 -16.46 -58.44
C ASN F 721 -23.56 -15.74 -59.72
N LEU F 722 -22.44 -16.14 -60.31
CA LEU F 722 -21.88 -15.42 -61.44
C LEU F 722 -22.77 -15.52 -62.67
N GLY F 723 -22.87 -14.41 -63.40
CA GLY F 723 -23.69 -14.36 -64.59
C GLY F 723 -25.17 -14.30 -64.30
N SER F 724 -25.71 -15.39 -63.74
CA SER F 724 -27.10 -15.55 -63.30
C SER F 724 -28.07 -15.35 -64.47
N GLY F 725 -27.99 -16.28 -65.42
CA GLY F 725 -28.84 -16.23 -66.58
C GLY F 725 -28.11 -16.32 -67.90
N GLY F 726 -26.86 -16.79 -67.85
CA GLY F 726 -26.12 -17.02 -69.08
C GLY F 726 -26.69 -18.18 -69.87
N SER F 727 -26.64 -18.04 -71.20
CA SER F 727 -27.30 -18.96 -72.10
C SER F 727 -26.71 -20.37 -72.05
N ALA F 728 -25.53 -20.53 -72.59
CA ALA F 728 -24.75 -21.76 -72.46
C ALA F 728 -23.31 -21.47 -72.09
N GLU F 729 -22.73 -20.41 -72.63
CA GLU F 729 -21.34 -20.05 -72.40
C GLU F 729 -21.19 -18.64 -71.87
N GLN F 730 -22.28 -17.87 -71.82
CA GLN F 730 -22.23 -16.55 -71.20
C GLN F 730 -21.95 -16.67 -69.71
N VAL F 731 -22.54 -17.68 -69.06
CA VAL F 731 -22.27 -17.87 -67.64
C VAL F 731 -20.92 -18.54 -67.42
N LEU F 732 -20.46 -19.36 -68.38
CA LEU F 732 -19.24 -20.10 -68.17
C LEU F 732 -18.01 -19.26 -68.43
N ALA F 733 -18.06 -18.39 -69.44
CA ALA F 733 -16.91 -17.54 -69.73
C ALA F 733 -16.79 -16.37 -68.77
N ALA F 734 -17.81 -16.10 -67.95
CA ALA F 734 -17.68 -15.08 -66.93
C ALA F 734 -16.86 -15.58 -65.74
N VAL F 735 -16.82 -16.90 -65.54
CA VAL F 735 -15.98 -17.49 -64.50
C VAL F 735 -14.52 -17.24 -64.80
N ARG F 736 -14.16 -17.33 -66.07
CA ARG F 736 -12.79 -17.15 -66.55
C ARG F 736 -12.28 -15.72 -66.36
N ALA F 737 -13.18 -14.76 -66.13
CA ALA F 737 -12.76 -13.39 -65.88
C ALA F 737 -12.05 -13.26 -64.54
N THR F 738 -12.74 -13.61 -63.45
CA THR F 738 -12.18 -13.35 -62.13
C THR F 738 -11.18 -14.43 -61.71
N PHE F 739 -11.48 -15.69 -62.02
CA PHE F 739 -10.64 -16.79 -61.58
C PHE F 739 -9.47 -16.98 -62.53
N LYS F 740 -8.26 -17.01 -61.97
CA LYS F 740 -7.09 -17.34 -62.76
C LYS F 740 -7.14 -18.84 -63.12
N PRO F 741 -6.57 -19.22 -64.27
CA PRO F 741 -6.68 -20.62 -64.72
C PRO F 741 -5.95 -21.63 -63.85
N GLU F 742 -5.06 -21.19 -62.96
CA GLU F 742 -4.49 -22.11 -61.99
C GLU F 742 -5.45 -22.46 -60.87
N PHE F 743 -6.61 -21.81 -60.78
CA PHE F 743 -7.62 -22.15 -59.80
C PHE F 743 -8.80 -22.89 -60.39
N ILE F 744 -9.13 -22.66 -61.66
CA ILE F 744 -10.21 -23.43 -62.29
C ILE F 744 -9.77 -24.86 -62.54
N ASN F 745 -8.46 -25.07 -62.72
CA ASN F 745 -7.96 -26.40 -63.03
C ASN F 745 -8.04 -27.34 -61.83
N ARG F 746 -7.78 -26.80 -60.65
CA ARG F 746 -7.77 -27.60 -59.42
C ARG F 746 -9.13 -28.06 -58.90
N LEU F 747 -10.21 -27.56 -59.50
CA LEU F 747 -11.54 -27.94 -59.05
C LEU F 747 -11.98 -29.24 -59.71
N ASP F 748 -13.08 -29.79 -59.20
CA ASP F 748 -13.78 -30.89 -59.82
C ASP F 748 -14.78 -30.33 -60.84
N ASP F 749 -15.74 -31.15 -61.24
CA ASP F 749 -16.74 -30.80 -62.25
C ASP F 749 -17.58 -29.59 -61.81
N VAL F 750 -17.43 -28.48 -62.53
CA VAL F 750 -18.19 -27.28 -62.26
C VAL F 750 -19.65 -27.53 -62.65
N LEU F 751 -20.54 -27.47 -61.66
CA LEU F 751 -21.94 -27.78 -61.88
C LEU F 751 -22.73 -26.50 -62.10
N ILE F 752 -23.65 -26.55 -63.05
CA ILE F 752 -24.57 -25.46 -63.34
C ILE F 752 -25.95 -25.87 -62.87
N PHE F 753 -26.57 -25.06 -62.03
CA PHE F 753 -27.98 -25.28 -61.75
C PHE F 753 -28.82 -24.58 -62.81
N GLU F 754 -29.98 -25.14 -63.07
CA GLU F 754 -30.93 -24.53 -64.00
C GLU F 754 -31.87 -23.62 -63.21
N GLY F 755 -32.95 -23.19 -63.84
CA GLY F 755 -33.95 -22.42 -63.13
C GLY F 755 -34.95 -23.32 -62.43
N LEU F 756 -36.23 -22.98 -62.51
CA LEU F 756 -37.28 -23.86 -62.02
C LEU F 756 -38.42 -23.90 -63.00
N ASN F 757 -39.01 -25.05 -63.15
CA ASN F 757 -40.14 -25.34 -64.01
C ASN F 757 -41.42 -25.23 -63.21
N PRO F 758 -42.47 -24.63 -63.77
CA PRO F 758 -43.77 -24.62 -63.07
C PRO F 758 -44.43 -25.99 -62.98
N GLU F 759 -43.94 -26.98 -63.73
CA GLU F 759 -44.35 -28.36 -63.50
C GLU F 759 -43.75 -28.90 -62.21
N GLU F 760 -42.49 -28.56 -61.93
CA GLU F 760 -41.79 -28.99 -60.72
C GLU F 760 -41.83 -27.93 -59.63
N LEU F 761 -42.91 -27.17 -59.55
CA LEU F 761 -43.05 -26.13 -58.54
C LEU F 761 -44.25 -26.36 -57.64
N VAL F 762 -45.10 -27.35 -57.96
CA VAL F 762 -46.23 -27.66 -57.11
C VAL F 762 -45.76 -28.28 -55.81
N ARG F 763 -44.78 -29.19 -55.89
CA ARG F 763 -44.41 -30.01 -54.74
C ARG F 763 -43.67 -29.22 -53.67
N ILE F 764 -43.07 -28.08 -54.05
CA ILE F 764 -42.46 -27.19 -53.07
C ILE F 764 -43.53 -26.63 -52.14
N VAL F 765 -44.74 -26.40 -52.63
CA VAL F 765 -45.84 -25.96 -51.78
C VAL F 765 -46.22 -27.04 -50.79
N ASP F 766 -46.14 -28.31 -51.21
CA ASP F 766 -46.40 -29.42 -50.30
C ASP F 766 -45.36 -29.46 -49.19
N ILE F 767 -44.09 -29.24 -49.54
CA ILE F 767 -43.02 -29.22 -48.55
C ILE F 767 -43.19 -28.05 -47.57
N GLN F 768 -43.54 -26.87 -48.08
CA GLN F 768 -43.70 -25.70 -47.22
C GLN F 768 -44.88 -25.86 -46.28
N LEU F 769 -45.98 -26.43 -46.75
CA LEU F 769 -47.11 -26.61 -45.86
C LEU F 769 -46.89 -27.74 -44.87
N ALA F 770 -46.10 -28.74 -45.24
CA ALA F 770 -45.70 -29.76 -44.26
C ALA F 770 -44.78 -29.16 -43.20
N GLN F 771 -43.93 -28.22 -43.61
CA GLN F 771 -43.07 -27.52 -42.67
C GLN F 771 -43.89 -26.68 -41.68
N LEU F 772 -44.90 -25.96 -42.19
CA LEU F 772 -45.73 -25.14 -41.31
C LEU F 772 -46.62 -26.02 -40.44
N GLY F 773 -46.97 -27.20 -40.91
CA GLY F 773 -47.67 -28.15 -40.05
C GLY F 773 -46.79 -28.65 -38.91
N LYS F 774 -45.53 -28.93 -39.20
CA LYS F 774 -44.62 -29.34 -38.14
C LYS F 774 -44.23 -28.19 -37.23
N ARG F 775 -44.42 -26.93 -37.65
CA ARG F 775 -44.17 -25.83 -36.74
C ARG F 775 -45.26 -25.73 -35.68
N LEU F 776 -46.49 -26.08 -36.03
CA LEU F 776 -47.62 -25.96 -35.11
C LEU F 776 -47.82 -27.22 -34.27
N ALA F 777 -46.75 -27.98 -34.02
CA ALA F 777 -46.85 -29.19 -33.21
C ALA F 777 -47.03 -28.90 -31.74
N GLN F 778 -46.75 -27.68 -31.29
CA GLN F 778 -47.00 -27.35 -29.90
C GLN F 778 -48.49 -27.26 -29.61
N ARG F 779 -49.25 -26.75 -30.57
CA ARG F 779 -50.67 -26.51 -30.35
C ARG F 779 -51.54 -27.69 -30.76
N ARG F 780 -50.92 -28.72 -31.37
CA ARG F 780 -51.63 -29.87 -31.97
C ARG F 780 -52.68 -29.40 -32.95
N LEU F 781 -52.32 -28.38 -33.73
CA LEU F 781 -53.28 -27.63 -34.53
C LEU F 781 -53.14 -28.07 -35.98
N GLN F 782 -53.85 -29.14 -36.32
CA GLN F 782 -53.90 -29.57 -37.70
C GLN F 782 -54.67 -28.57 -38.54
N LEU F 783 -54.24 -28.40 -39.78
CA LEU F 783 -54.91 -27.49 -40.69
C LEU F 783 -55.12 -28.17 -42.03
N GLN F 784 -56.28 -27.92 -42.63
CA GLN F 784 -56.75 -28.63 -43.80
C GLN F 784 -56.62 -27.73 -45.03
N VAL F 785 -55.88 -28.20 -46.03
CA VAL F 785 -55.64 -27.45 -47.25
C VAL F 785 -56.20 -28.23 -48.42
N SER F 786 -57.14 -27.63 -49.15
CA SER F 786 -57.75 -28.29 -50.28
C SER F 786 -56.87 -28.19 -51.51
N LEU F 787 -57.13 -29.09 -52.47
CA LEU F 787 -56.36 -29.08 -53.72
C LEU F 787 -56.57 -27.86 -54.61
N PRO F 788 -57.76 -27.23 -54.72
CA PRO F 788 -57.80 -25.95 -55.48
C PRO F 788 -56.97 -24.84 -54.88
N ALA F 789 -56.91 -24.71 -53.55
CA ALA F 789 -55.99 -23.75 -52.95
C ALA F 789 -54.55 -24.18 -53.12
N LYS F 790 -54.30 -25.49 -53.08
CA LYS F 790 -52.94 -26.00 -53.19
C LYS F 790 -52.38 -25.79 -54.59
N ARG F 791 -53.24 -25.74 -55.60
CA ARG F 791 -52.79 -25.31 -56.92
C ARG F 791 -52.97 -23.82 -57.15
N TRP F 792 -53.75 -23.14 -56.30
CA TRP F 792 -53.83 -21.69 -56.37
C TRP F 792 -52.52 -21.05 -55.93
N LEU F 793 -51.84 -21.66 -54.98
CA LEU F 793 -50.55 -21.13 -54.54
C LEU F 793 -49.46 -21.27 -55.59
N ALA F 794 -49.63 -22.19 -56.54
CA ALA F 794 -48.59 -22.37 -57.55
C ALA F 794 -48.58 -21.25 -58.57
N GLN F 795 -49.77 -20.73 -58.91
CA GLN F 795 -49.86 -19.78 -60.01
C GLN F 795 -49.38 -18.38 -59.63
N ARG F 796 -49.38 -18.04 -58.35
CA ARG F 796 -48.71 -16.82 -57.94
C ARG F 796 -47.20 -17.02 -57.85
N GLY F 797 -46.73 -18.27 -57.77
CA GLY F 797 -45.33 -18.58 -57.95
C GLY F 797 -44.98 -18.38 -59.41
N PHE F 798 -44.25 -17.31 -59.69
CA PHE F 798 -44.25 -16.72 -61.02
C PHE F 798 -42.82 -16.24 -61.29
N ASP F 799 -42.64 -15.44 -62.35
CA ASP F 799 -41.53 -14.59 -62.79
C ASP F 799 -40.15 -15.17 -62.48
N PRO F 800 -39.68 -16.18 -63.25
CA PRO F 800 -38.45 -16.89 -62.88
C PRO F 800 -37.17 -16.05 -62.97
N VAL F 801 -37.16 -15.00 -62.17
CA VAL F 801 -35.98 -14.25 -61.83
C VAL F 801 -35.62 -14.42 -60.36
N TYR F 802 -36.61 -14.53 -59.49
CA TYR F 802 -36.40 -14.55 -58.06
C TYR F 802 -36.57 -15.93 -57.46
N GLY F 803 -36.78 -16.95 -58.28
CA GLY F 803 -36.79 -18.31 -57.81
C GLY F 803 -38.00 -18.65 -56.98
N ALA F 804 -37.84 -19.65 -56.12
CA ALA F 804 -38.90 -20.12 -55.24
C ALA F 804 -38.95 -19.36 -53.93
N ARG F 805 -38.13 -18.34 -53.77
CA ARG F 805 -38.16 -17.52 -52.57
C ARG F 805 -39.41 -16.65 -52.40
N PRO F 806 -40.02 -16.04 -53.44
CA PRO F 806 -41.27 -15.30 -53.18
C PRO F 806 -42.45 -16.18 -52.82
N LEU F 807 -42.38 -17.48 -53.08
CA LEU F 807 -43.46 -18.36 -52.62
C LEU F 807 -43.47 -18.46 -51.10
N ARG F 808 -42.29 -18.40 -50.48
CA ARG F 808 -42.18 -18.49 -49.03
C ARG F 808 -42.48 -17.17 -48.35
N ARG F 809 -42.73 -16.11 -49.11
CA ARG F 809 -43.41 -14.94 -48.59
C ARG F 809 -44.88 -14.94 -48.92
N LEU F 810 -45.26 -15.59 -50.02
CA LEU F 810 -46.66 -15.72 -50.39
C LEU F 810 -47.43 -16.51 -49.35
N VAL F 811 -46.83 -17.58 -48.82
CA VAL F 811 -47.50 -18.39 -47.81
C VAL F 811 -47.70 -17.61 -46.52
N GLN F 812 -46.72 -16.80 -46.15
CA GLN F 812 -46.89 -16.01 -44.93
C GLN F 812 -47.74 -14.77 -45.13
N GLN F 813 -47.99 -14.35 -46.37
CA GLN F 813 -48.96 -13.27 -46.57
C GLN F 813 -50.38 -13.78 -46.70
N ALA F 814 -50.57 -15.01 -47.19
CA ALA F 814 -51.92 -15.53 -47.37
C ALA F 814 -52.44 -16.20 -46.09
N ILE F 815 -51.75 -17.23 -45.64
CA ILE F 815 -52.24 -18.02 -44.52
C ILE F 815 -51.89 -17.35 -43.19
N GLY F 816 -50.62 -16.96 -43.04
CA GLY F 816 -50.10 -16.62 -41.72
C GLY F 816 -50.67 -15.37 -41.10
N ASP F 817 -51.13 -14.43 -41.92
CA ASP F 817 -51.64 -13.17 -41.40
C ASP F 817 -52.99 -13.34 -40.71
N GLN F 818 -53.97 -13.85 -41.46
CA GLN F 818 -55.30 -14.05 -40.88
C GLN F 818 -55.30 -15.15 -39.84
N LEU F 819 -54.40 -16.12 -39.95
CA LEU F 819 -54.28 -17.12 -38.90
C LEU F 819 -53.71 -16.52 -37.63
N ALA F 820 -52.71 -15.66 -37.75
CA ALA F 820 -52.15 -15.01 -36.58
C ALA F 820 -53.10 -14.00 -35.98
N LYS F 821 -54.02 -13.48 -36.76
CA LYS F 821 -55.06 -12.63 -36.16
C LYS F 821 -56.14 -13.46 -35.47
N MET F 822 -56.54 -14.57 -36.09
CA MET F 822 -57.56 -15.43 -35.51
C MET F 822 -57.04 -16.38 -34.45
N LEU F 823 -55.74 -16.33 -34.15
CA LEU F 823 -55.18 -17.22 -33.16
C LEU F 823 -55.18 -16.60 -31.77
N LEU F 824 -55.01 -15.30 -31.67
CA LEU F 824 -54.83 -14.61 -30.40
C LEU F 824 -56.03 -13.74 -30.02
N ALA F 825 -57.19 -13.99 -30.59
CA ALA F 825 -58.40 -13.26 -30.23
C ALA F 825 -59.56 -14.17 -29.90
N GLY F 826 -59.33 -15.46 -29.81
CA GLY F 826 -60.38 -16.45 -29.63
C GLY F 826 -60.56 -17.31 -30.86
N GLN F 827 -61.60 -18.14 -30.83
CA GLN F 827 -62.16 -18.98 -31.89
C GLN F 827 -61.17 -19.93 -32.57
N VAL F 828 -59.94 -20.05 -32.07
CA VAL F 828 -58.99 -21.09 -32.46
C VAL F 828 -58.31 -21.55 -31.18
N HIS F 829 -58.40 -22.84 -30.88
CA HIS F 829 -57.81 -23.37 -29.65
C HIS F 829 -57.04 -24.63 -29.98
N ASP F 830 -56.47 -25.24 -28.94
CA ASP F 830 -55.65 -26.41 -29.12
C ASP F 830 -56.48 -27.62 -29.56
N GLY F 831 -55.91 -28.42 -30.45
CA GLY F 831 -56.58 -29.60 -30.97
C GLY F 831 -57.58 -29.34 -32.06
N ASP F 832 -57.91 -28.09 -32.35
CA ASP F 832 -58.91 -27.79 -33.37
C ASP F 832 -58.32 -27.98 -34.76
N THR F 833 -59.20 -28.00 -35.76
CA THR F 833 -58.81 -28.10 -37.15
C THR F 833 -59.21 -26.81 -37.85
N VAL F 834 -58.26 -26.20 -38.56
CA VAL F 834 -58.51 -24.93 -39.22
C VAL F 834 -58.40 -25.15 -40.73
N PRO F 835 -59.51 -25.36 -41.43
CA PRO F 835 -59.45 -25.54 -42.87
C PRO F 835 -59.38 -24.23 -43.61
N VAL F 836 -58.70 -24.25 -44.75
CA VAL F 836 -58.64 -23.10 -45.64
C VAL F 836 -59.47 -23.40 -46.87
N ASN F 837 -60.13 -22.36 -47.38
CA ASN F 837 -61.06 -22.51 -48.49
C ASN F 837 -60.92 -21.32 -49.41
N VAL F 838 -61.08 -21.58 -50.70
CA VAL F 838 -60.79 -20.59 -51.73
C VAL F 838 -61.95 -19.59 -51.77
N SER F 839 -61.79 -18.47 -51.09
CA SER F 839 -62.57 -17.28 -51.39
C SER F 839 -62.23 -16.83 -52.82
N PRO F 840 -63.18 -16.18 -53.55
CA PRO F 840 -62.95 -15.85 -54.97
C PRO F 840 -61.68 -15.07 -55.32
N ASP F 841 -61.08 -14.37 -54.36
CA ASP F 841 -59.74 -13.83 -54.56
C ASP F 841 -58.71 -14.40 -53.59
N ALA F 842 -58.92 -14.25 -52.29
CA ALA F 842 -57.93 -14.62 -51.30
C ALA F 842 -58.24 -15.99 -50.71
N ASP F 843 -57.55 -16.37 -49.65
CA ASP F 843 -57.81 -17.63 -48.95
C ASP F 843 -58.57 -17.34 -47.67
N SER F 844 -59.68 -18.03 -47.49
CA SER F 844 -60.55 -17.82 -46.34
C SER F 844 -60.15 -18.76 -45.22
N LEU F 845 -61.00 -18.86 -44.19
CA LEU F 845 -60.73 -19.72 -43.05
C LEU F 845 -61.93 -20.59 -42.72
#